data_6MNL
#
_entry.id   6MNL
#
loop_
_entity.id
_entity.type
_entity.pdbx_description
1 polymer 'FOXO3a peptide'
2 polymer 'Bromodomain-containing protein 4'
#
loop_
_entity_poly.entity_id
_entity_poly.type
_entity_poly.pdbx_seq_one_letter_code
_entity_poly.pdbx_strand_id
1 'polypeptide(L)' NPDGG(ALY)SG(ALY)APRRRAV A
2 'polypeptide(L)'
;KDVPDSQQHPAPEKSSKVSEQLKCCSGILKEMFAKKHAAYAWPFYKPVDVEALGLHDYCDIIKHPMDMSTIKSKLEAREY
RDAQEFGADVRLMFSNCYKYNPPDHEVVAMARKLQDVFEMRFAKMPDE
;
B
#
# COMPACT_ATOMS: atom_id res chain seq x y z
N ASN A 1 29.86 -3.63 4.62
CA ASN A 1 28.49 -3.71 4.04
C ASN A 1 27.56 -2.70 4.73
N PRO A 2 26.78 -1.95 3.94
CA PRO A 2 25.86 -0.95 4.48
C PRO A 2 24.57 -1.57 5.01
N ASP A 3 24.66 -2.14 6.20
CA ASP A 3 23.48 -2.72 6.85
C ASP A 3 22.72 -1.63 7.60
N GLY A 4 21.58 -1.98 8.17
CA GLY A 4 20.77 -0.99 8.87
C GLY A 4 19.89 -0.18 7.93
N GLY A 5 19.54 -0.78 6.80
CA GLY A 5 18.66 -0.13 5.86
C GLY A 5 18.80 -0.68 4.46
N SER A 7 20.13 -0.15 1.67
CA SER A 7 21.19 0.44 0.87
C SER A 7 21.62 -0.53 -0.24
N GLY A 8 20.82 -0.60 -1.30
CA GLY A 8 21.13 -1.47 -2.41
C GLY A 8 20.02 -1.54 -3.43
N ALA A 10 18.36 -0.31 -7.42
CA ALA A 10 18.78 -0.05 -8.78
C ALA A 10 17.90 1.02 -9.42
N PRO A 11 18.17 2.29 -9.12
CA PRO A 11 17.35 3.41 -9.59
C PRO A 11 17.64 3.75 -11.05
N ARG A 12 18.80 4.33 -11.30
CA ARG A 12 19.21 4.67 -12.65
C ARG A 12 20.43 3.85 -13.03
N ARG A 13 21.50 4.05 -12.27
CA ARG A 13 22.76 3.38 -12.50
C ARG A 13 23.69 3.67 -11.33
N ARG A 14 23.73 2.77 -10.36
CA ARG A 14 24.57 2.98 -9.19
C ARG A 14 26.04 2.86 -9.57
N ALA A 15 26.66 4.00 -9.83
CA ALA A 15 28.06 4.07 -10.21
C ALA A 15 28.61 5.46 -9.92
N VAL A 16 27.96 6.47 -10.47
CA VAL A 16 28.36 7.85 -10.26
C VAL A 16 27.14 8.74 -10.02
N LYS B 1 -24.26 1.06 26.24
CA LYS B 1 -24.37 0.46 24.89
C LYS B 1 -25.52 1.07 24.12
N ASP B 2 -25.30 1.34 22.85
CA ASP B 2 -26.30 1.94 22.00
C ASP B 2 -26.35 1.20 20.66
N VAL B 3 -27.55 0.85 20.22
CA VAL B 3 -27.70 0.14 18.96
C VAL B 3 -27.90 1.13 17.82
N PRO B 4 -27.06 1.04 16.77
CA PRO B 4 -27.15 1.90 15.61
C PRO B 4 -28.33 1.55 14.71
N ASP B 5 -29.46 2.20 14.94
CA ASP B 5 -30.64 1.98 14.14
C ASP B 5 -30.43 2.51 12.73
N SER B 6 -29.57 3.51 12.61
CA SER B 6 -29.20 4.05 11.32
C SER B 6 -27.85 3.48 10.91
N GLN B 7 -27.85 2.65 9.87
CA GLN B 7 -26.64 1.96 9.42
C GLN B 7 -25.85 2.81 8.44
N GLN B 8 -25.91 4.12 8.62
CA GLN B 8 -25.23 5.09 7.74
C GLN B 8 -25.82 5.06 6.33
N HIS B 9 -25.58 3.98 5.61
CA HIS B 9 -26.09 3.82 4.27
C HIS B 9 -26.84 2.50 4.15
N PRO B 10 -28.17 2.54 4.30
CA PRO B 10 -29.01 1.34 4.19
C PRO B 10 -28.91 0.72 2.80
N ALA B 11 -28.38 -0.49 2.74
CA ALA B 11 -28.19 -1.17 1.48
C ALA B 11 -29.00 -2.46 1.44
N PRO B 12 -29.49 -2.83 0.25
CA PRO B 12 -30.22 -4.09 0.06
C PRO B 12 -29.27 -5.29 0.05
N GLU B 13 -29.83 -6.50 0.06
CA GLU B 13 -29.05 -7.73 0.09
C GLU B 13 -28.26 -7.85 1.40
N LYS B 14 -27.11 -7.22 1.47
CA LYS B 14 -26.26 -7.33 2.64
C LYS B 14 -25.56 -6.02 2.95
N SER B 15 -24.61 -5.63 2.11
CA SER B 15 -23.84 -4.42 2.33
C SER B 15 -23.22 -3.90 1.03
N SER B 16 -24.07 -3.31 0.20
CA SER B 16 -23.64 -2.80 -1.10
C SER B 16 -22.55 -1.73 -0.96
N LYS B 17 -22.64 -0.94 0.10
CA LYS B 17 -21.72 0.17 0.34
C LYS B 17 -20.28 -0.31 0.41
N VAL B 18 -20.01 -1.25 1.30
CA VAL B 18 -18.66 -1.76 1.48
C VAL B 18 -18.08 -2.28 0.17
N SER B 19 -18.89 -3.02 -0.58
CA SER B 19 -18.45 -3.60 -1.83
C SER B 19 -18.03 -2.52 -2.83
N GLU B 20 -18.77 -1.41 -2.88
CA GLU B 20 -18.50 -0.38 -3.87
C GLU B 20 -17.21 0.36 -3.54
N GLN B 21 -16.98 0.60 -2.25
CA GLN B 21 -15.75 1.24 -1.80
C GLN B 21 -14.53 0.35 -2.06
N LEU B 22 -14.60 -0.93 -1.68
CA LEU B 22 -13.49 -1.86 -1.91
C LEU B 22 -13.17 -2.00 -3.39
N LYS B 23 -14.21 -2.04 -4.22
CA LYS B 23 -14.02 -2.14 -5.66
C LYS B 23 -13.22 -0.94 -6.18
N CYS B 24 -13.43 0.23 -5.57
CA CYS B 24 -12.67 1.42 -5.94
C CYS B 24 -11.20 1.23 -5.56
N CYS B 25 -10.98 0.53 -4.45
CA CYS B 25 -9.63 0.27 -3.96
C CYS B 25 -8.89 -0.68 -4.92
N SER B 26 -9.65 -1.60 -5.51
CA SER B 26 -9.11 -2.49 -6.53
C SER B 26 -8.65 -1.67 -7.73
N GLY B 27 -9.48 -0.70 -8.10
CA GLY B 27 -9.15 0.22 -9.17
C GLY B 27 -7.82 0.93 -8.92
N ILE B 28 -7.55 1.21 -7.65
CA ILE B 28 -6.32 1.89 -7.28
C ILE B 28 -5.11 0.98 -7.50
N LEU B 29 -5.11 -0.22 -6.89
CA LEU B 29 -3.99 -1.14 -7.02
C LEU B 29 -3.79 -1.57 -8.46
N LYS B 30 -4.89 -1.72 -9.21
CA LYS B 30 -4.81 -2.05 -10.63
C LYS B 30 -3.98 -1.02 -11.38
N GLU B 31 -4.16 0.24 -11.02
CA GLU B 31 -3.40 1.31 -11.65
C GLU B 31 -1.99 1.37 -11.10
N MET B 32 -1.84 1.13 -9.79
CA MET B 32 -0.54 1.19 -9.15
C MET B 32 0.35 0.05 -9.64
N PHE B 33 -0.25 -0.95 -10.28
CA PHE B 33 0.49 -2.05 -10.90
C PHE B 33 0.77 -1.77 -12.38
N ALA B 34 0.17 -0.72 -12.91
CA ALA B 34 0.35 -0.38 -14.32
C ALA B 34 1.78 0.08 -14.57
N LYS B 35 2.25 -0.18 -15.79
CA LYS B 35 3.65 -0.01 -16.16
C LYS B 35 4.12 1.43 -15.96
N LYS B 36 3.20 2.37 -16.03
CA LYS B 36 3.51 3.77 -15.80
C LYS B 36 3.98 4.01 -14.37
N HIS B 37 3.50 3.20 -13.45
CA HIS B 37 3.91 3.34 -12.05
C HIS B 37 5.00 2.33 -11.74
N ALA B 38 5.26 1.43 -12.70
CA ALA B 38 6.20 0.34 -12.50
C ALA B 38 7.63 0.83 -12.65
N ALA B 39 7.78 2.06 -13.11
CA ALA B 39 9.09 2.67 -13.29
C ALA B 39 9.81 2.83 -11.97
N TYR B 40 9.04 3.07 -10.91
CA TYR B 40 9.60 3.32 -9.59
C TYR B 40 8.98 2.46 -8.49
N ALA B 41 7.75 1.99 -8.69
CA ALA B 41 7.06 1.23 -7.65
C ALA B 41 7.34 -0.26 -7.75
N TRP B 42 8.25 -0.63 -8.65
CA TRP B 42 8.61 -2.04 -8.85
C TRP B 42 9.01 -2.75 -7.55
N PRO B 43 9.79 -2.12 -6.61
CA PRO B 43 10.12 -2.76 -5.33
C PRO B 43 8.90 -3.01 -4.43
N PHE B 44 7.82 -2.26 -4.63
CA PHE B 44 6.62 -2.41 -3.79
C PHE B 44 5.66 -3.45 -4.34
N TYR B 45 5.75 -3.75 -5.65
CA TYR B 45 4.87 -4.76 -6.26
C TYR B 45 5.02 -6.10 -5.55
N LYS B 46 6.25 -6.48 -5.28
CA LYS B 46 6.55 -7.76 -4.67
C LYS B 46 7.43 -7.56 -3.45
N PRO B 47 7.33 -8.44 -2.45
CA PRO B 47 8.20 -8.40 -1.27
C PRO B 47 9.69 -8.29 -1.66
N VAL B 48 10.35 -7.28 -1.12
CA VAL B 48 11.77 -7.02 -1.41
C VAL B 48 12.61 -8.28 -1.24
N ASP B 49 13.43 -8.57 -2.24
CA ASP B 49 14.41 -9.64 -2.14
C ASP B 49 15.57 -9.17 -1.26
N VAL B 50 15.52 -9.57 -0.01
CA VAL B 50 16.48 -9.13 1.00
C VAL B 50 17.91 -9.54 0.65
N GLU B 51 18.04 -10.61 -0.12
CA GLU B 51 19.33 -11.15 -0.49
C GLU B 51 20.05 -10.22 -1.46
N ALA B 52 19.27 -9.66 -2.39
CA ALA B 52 19.78 -8.78 -3.43
C ALA B 52 20.50 -7.55 -2.85
N LEU B 53 19.86 -6.87 -1.91
CA LEU B 53 20.48 -5.69 -1.30
C LEU B 53 21.53 -6.11 -0.29
N GLY B 54 21.32 -7.28 0.31
CA GLY B 54 22.20 -7.75 1.34
C GLY B 54 21.88 -7.13 2.69
N LEU B 55 20.60 -7.08 3.03
CA LEU B 55 20.19 -6.55 4.33
C LEU B 55 20.52 -7.56 5.41
N HIS B 56 20.63 -7.10 6.65
CA HIS B 56 20.93 -8.00 7.76
C HIS B 56 19.97 -7.75 8.92
N ASP B 57 18.93 -6.95 8.67
CA ASP B 57 18.02 -6.57 9.73
C ASP B 57 16.71 -5.99 9.18
N TYR B 58 15.91 -6.83 8.51
CA TYR B 58 14.60 -6.39 8.04
C TYR B 58 13.54 -6.76 9.06
N CYS B 59 13.68 -7.94 9.64
CA CYS B 59 12.67 -8.48 10.54
C CYS B 59 12.82 -7.86 11.92
N ASP B 60 14.01 -7.34 12.19
CA ASP B 60 14.31 -6.69 13.45
C ASP B 60 13.65 -5.32 13.53
N ILE B 61 13.35 -4.72 12.39
CA ILE B 61 12.70 -3.41 12.36
C ILE B 61 11.27 -3.53 11.86
N ILE B 62 11.12 -4.13 10.69
CA ILE B 62 9.84 -4.26 10.02
C ILE B 62 8.98 -5.32 10.71
N LYS B 63 8.16 -4.90 11.66
CA LYS B 63 7.32 -5.83 12.41
C LYS B 63 6.01 -6.08 11.70
N HIS B 64 5.62 -5.16 10.84
CA HIS B 64 4.37 -5.27 10.08
C HIS B 64 4.65 -5.10 8.58
N PRO B 65 5.30 -6.09 7.93
CA PRO B 65 5.56 -6.02 6.49
C PRO B 65 4.30 -6.21 5.66
N MET B 66 4.23 -5.47 4.56
CA MET B 66 3.12 -5.59 3.62
C MET B 66 3.68 -5.42 2.21
N ASP B 67 3.02 -6.01 1.22
CA ASP B 67 3.44 -5.86 -0.18
C ASP B 67 2.22 -5.78 -1.08
N MET B 68 2.38 -5.10 -2.20
CA MET B 68 1.28 -4.77 -3.09
C MET B 68 0.64 -6.02 -3.72
N SER B 69 1.40 -7.09 -3.80
CA SER B 69 0.86 -8.37 -4.28
C SER B 69 -0.10 -8.96 -3.25
N THR B 70 0.37 -9.14 -2.03
CA THR B 70 -0.43 -9.74 -0.96
C THR B 70 -1.69 -8.92 -0.66
N ILE B 71 -1.55 -7.60 -0.53
CA ILE B 71 -2.68 -6.74 -0.23
C ILE B 71 -3.80 -6.88 -1.27
N LYS B 72 -3.43 -6.91 -2.56
CA LYS B 72 -4.41 -7.07 -3.62
C LYS B 72 -5.11 -8.42 -3.52
N SER B 73 -4.35 -9.46 -3.17
CA SER B 73 -4.87 -10.80 -2.98
C SER B 73 -6.05 -10.81 -1.99
N LYS B 74 -5.82 -10.19 -0.83
CA LYS B 74 -6.82 -10.14 0.23
C LYS B 74 -8.03 -9.33 -0.23
N LEU B 75 -7.76 -8.32 -1.04
CA LEU B 75 -8.81 -7.51 -1.61
C LEU B 75 -9.66 -8.33 -2.59
N GLU B 76 -9.00 -9.14 -3.43
CA GLU B 76 -9.72 -9.99 -4.37
C GLU B 76 -10.58 -11.01 -3.63
N ALA B 77 -10.13 -11.39 -2.45
CA ALA B 77 -10.87 -12.33 -1.61
C ALA B 77 -11.97 -11.61 -0.85
N ARG B 78 -11.83 -10.28 -0.81
CA ARG B 78 -12.78 -9.39 -0.13
C ARG B 78 -12.81 -9.66 1.36
N GLU B 79 -11.64 -9.89 1.94
CA GLU B 79 -11.52 -10.09 3.38
C GLU B 79 -11.47 -8.75 4.08
N TYR B 80 -11.36 -7.68 3.29
CA TYR B 80 -11.34 -6.33 3.82
C TYR B 80 -12.73 -5.88 4.24
N ARG B 81 -12.81 -5.24 5.39
CA ARG B 81 -14.09 -4.84 5.95
C ARG B 81 -14.53 -3.48 5.42
N ASP B 82 -13.58 -2.67 4.95
CA ASP B 82 -13.93 -1.41 4.29
C ASP B 82 -12.70 -0.67 3.77
N ALA B 83 -12.92 0.54 3.27
CA ALA B 83 -11.86 1.32 2.63
C ALA B 83 -10.80 1.77 3.62
N GLN B 84 -11.20 2.06 4.86
CA GLN B 84 -10.27 2.52 5.89
C GLN B 84 -9.14 1.52 6.05
N GLU B 85 -9.49 0.26 5.97
CA GLU B 85 -8.54 -0.82 6.14
C GLU B 85 -7.55 -0.86 4.99
N PHE B 86 -8.06 -0.81 3.76
CA PHE B 86 -7.20 -0.83 2.57
C PHE B 86 -6.11 0.23 2.65
N GLY B 87 -6.49 1.45 3.00
CA GLY B 87 -5.54 2.54 3.04
C GLY B 87 -4.48 2.32 4.09
N ALA B 88 -4.86 1.65 5.16
CA ALA B 88 -3.96 1.39 6.26
C ALA B 88 -2.78 0.51 5.82
N ASP B 89 -3.07 -0.67 5.29
CA ASP B 89 -2.01 -1.60 4.90
C ASP B 89 -1.16 -1.10 3.74
N VAL B 90 -1.71 -0.26 2.86
CA VAL B 90 -0.89 0.34 1.82
C VAL B 90 0.14 1.28 2.44
N ARG B 91 -0.28 2.04 3.46
CA ARG B 91 0.59 3.00 4.09
C ARG B 91 1.55 2.27 5.04
N LEU B 92 1.20 1.04 5.37
CA LEU B 92 2.04 0.16 6.19
C LEU B 92 3.39 -0.04 5.51
N MET B 93 3.36 -0.59 4.30
CA MET B 93 4.59 -0.85 3.56
C MET B 93 5.29 0.44 3.16
N PHE B 94 4.54 1.49 2.85
CA PHE B 94 5.15 2.77 2.53
C PHE B 94 5.89 3.33 3.75
N SER B 95 5.29 3.22 4.92
CA SER B 95 5.90 3.73 6.14
C SER B 95 7.00 2.78 6.64
N ASN B 96 7.01 1.55 6.12
CA ASN B 96 8.04 0.58 6.46
C ASN B 96 9.41 1.08 6.02
N CYS B 97 9.51 1.52 4.77
CA CYS B 97 10.77 2.07 4.27
C CYS B 97 11.05 3.41 4.97
N TYR B 98 10.02 4.12 5.38
CA TYR B 98 10.18 5.45 5.99
C TYR B 98 10.92 5.38 7.33
N LYS B 99 10.56 4.43 8.18
CA LYS B 99 11.19 4.33 9.50
C LYS B 99 12.53 3.61 9.43
N TYR B 100 12.67 2.68 8.49
CA TYR B 100 13.86 1.87 8.41
C TYR B 100 14.91 2.50 7.49
N ASN B 101 14.47 3.41 6.64
CA ASN B 101 15.37 4.12 5.73
C ASN B 101 15.26 5.62 5.93
N PRO B 102 16.37 6.35 5.86
CA PRO B 102 16.37 7.81 5.95
C PRO B 102 15.58 8.44 4.81
N PRO B 103 14.85 9.54 5.09
CA PRO B 103 13.89 10.14 4.15
C PRO B 103 14.49 10.69 2.85
N ASP B 104 15.81 10.72 2.76
CA ASP B 104 16.46 11.18 1.53
C ASP B 104 16.91 9.97 0.69
N HIS B 105 16.59 8.78 1.17
CA HIS B 105 17.02 7.55 0.50
C HIS B 105 16.04 7.15 -0.62
N GLU B 106 16.55 6.33 -1.54
CA GLU B 106 15.84 5.95 -2.76
C GLU B 106 14.39 5.49 -2.54
N VAL B 107 14.20 4.34 -1.88
CA VAL B 107 12.87 3.73 -1.78
C VAL B 107 11.86 4.69 -1.18
N VAL B 108 12.30 5.46 -0.19
CA VAL B 108 11.38 6.36 0.50
C VAL B 108 11.03 7.54 -0.39
N ALA B 109 11.94 7.87 -1.31
CA ALA B 109 11.70 8.91 -2.29
C ALA B 109 10.73 8.42 -3.35
N MET B 110 10.83 7.15 -3.72
CA MET B 110 9.90 6.55 -4.66
C MET B 110 8.53 6.42 -4.02
N ALA B 111 8.52 6.00 -2.76
CA ALA B 111 7.28 5.88 -2.00
C ALA B 111 6.64 7.24 -1.80
N ARG B 112 7.48 8.27 -1.68
CA ARG B 112 7.01 9.63 -1.48
C ARG B 112 6.08 10.07 -2.60
N LYS B 113 6.44 9.74 -3.84
CA LYS B 113 5.60 10.09 -4.98
C LYS B 113 4.46 9.08 -5.15
N LEU B 114 4.67 7.83 -4.73
CA LEU B 114 3.57 6.85 -4.73
C LEU B 114 2.48 7.30 -3.76
N GLN B 115 2.91 7.71 -2.58
CA GLN B 115 2.05 8.30 -1.56
C GLN B 115 1.21 9.42 -2.15
N ASP B 116 1.80 10.20 -3.05
CA ASP B 116 1.10 11.29 -3.73
C ASP B 116 -0.08 10.76 -4.54
N VAL B 117 0.21 9.97 -5.58
CA VAL B 117 -0.84 9.41 -6.43
C VAL B 117 -1.82 8.56 -5.62
N PHE B 118 -1.31 7.79 -4.67
CA PHE B 118 -2.14 6.97 -3.80
C PHE B 118 -3.14 7.82 -3.01
N GLU B 119 -2.64 8.91 -2.43
CA GLU B 119 -3.48 9.79 -1.62
C GLU B 119 -4.64 10.35 -2.45
N MET B 120 -4.34 10.77 -3.67
CA MET B 120 -5.35 11.33 -4.56
C MET B 120 -6.30 10.22 -5.01
N ARG B 121 -5.73 9.07 -5.34
CA ARG B 121 -6.51 7.91 -5.76
C ARG B 121 -7.49 7.47 -4.68
N PHE B 122 -7.06 7.53 -3.42
CA PHE B 122 -7.92 7.15 -2.30
C PHE B 122 -8.93 8.25 -1.98
N ALA B 123 -8.65 9.45 -2.47
CA ALA B 123 -9.55 10.58 -2.29
C ALA B 123 -10.78 10.44 -3.19
N LYS B 124 -10.74 9.50 -4.13
CA LYS B 124 -11.85 9.24 -5.05
C LYS B 124 -12.89 8.31 -4.42
N MET B 125 -13.19 8.52 -3.14
CA MET B 125 -14.19 7.70 -2.44
C MET B 125 -15.57 8.37 -2.48
N PRO B 126 -16.50 7.86 -3.31
CA PRO B 126 -17.89 8.29 -3.24
C PRO B 126 -18.61 7.69 -2.03
N ASP B 127 -19.63 8.38 -1.59
CA ASP B 127 -20.43 7.94 -0.45
C ASP B 127 -21.74 7.31 -0.90
N GLU B 128 -22.32 7.85 -1.98
CA GLU B 128 -23.53 7.32 -2.56
C GLU B 128 -23.45 7.31 -4.08
N ASN A 1 28.49 -3.83 13.43
CA ASN A 1 27.93 -2.49 13.72
C ASN A 1 26.42 -2.51 13.54
N PRO A 2 25.66 -2.03 14.56
CA PRO A 2 24.19 -2.00 14.51
C PRO A 2 23.65 -0.90 13.62
N ASP A 3 23.80 -1.06 12.31
CA ASP A 3 23.28 -0.09 11.36
C ASP A 3 22.29 -0.77 10.42
N GLY A 4 21.14 -0.12 10.22
CA GLY A 4 20.13 -0.70 9.38
C GLY A 4 19.77 0.21 8.22
N GLY A 5 19.47 -0.39 7.08
CA GLY A 5 19.08 0.39 5.91
C GLY A 5 19.09 -0.44 4.65
N SER A 7 20.41 -0.48 1.76
CA SER A 7 21.49 -0.02 0.90
C SER A 7 21.39 -0.61 -0.51
N GLY A 8 21.28 0.26 -1.50
CA GLY A 8 21.17 -0.18 -2.87
C GLY A 8 20.03 0.50 -3.60
N ALA A 10 18.67 1.26 -7.64
CA ALA A 10 18.88 2.29 -8.64
C ALA A 10 17.62 2.49 -9.48
N PRO A 11 17.13 3.73 -9.59
CA PRO A 11 15.91 4.04 -10.32
C PRO A 11 16.10 4.03 -11.83
N ARG A 12 15.05 3.71 -12.56
CA ARG A 12 15.10 3.65 -14.01
C ARG A 12 13.83 4.23 -14.60
N ARG A 13 13.98 5.16 -15.53
CA ARG A 13 12.84 5.72 -16.25
C ARG A 13 12.35 4.73 -17.30
N ARG A 14 11.74 3.65 -16.81
CA ARG A 14 11.29 2.54 -17.64
C ARG A 14 10.07 2.94 -18.46
N ALA A 15 10.31 3.75 -19.47
CA ALA A 15 9.25 4.21 -20.37
C ALA A 15 9.86 4.73 -21.66
N VAL A 16 11.10 5.18 -21.59
CA VAL A 16 11.80 5.71 -22.75
C VAL A 16 12.48 4.58 -23.52
N LYS B 1 -28.32 19.02 10.01
CA LYS B 1 -27.50 18.54 8.87
C LYS B 1 -26.55 17.44 9.34
N ASP B 2 -25.63 17.04 8.46
CA ASP B 2 -24.62 16.03 8.77
C ASP B 2 -25.27 14.71 9.19
N VAL B 3 -26.24 14.27 8.42
CA VAL B 3 -26.94 13.02 8.70
C VAL B 3 -26.98 12.12 7.46
N PRO B 4 -25.99 11.22 7.34
CA PRO B 4 -25.91 10.26 6.24
C PRO B 4 -27.02 9.23 6.31
N ASP B 5 -27.78 9.09 5.23
CA ASP B 5 -28.89 8.15 5.19
C ASP B 5 -28.38 6.73 5.06
N SER B 6 -28.99 5.82 5.83
CA SER B 6 -28.61 4.41 5.81
C SER B 6 -27.14 4.23 6.17
N GLN B 7 -26.67 5.01 7.15
CA GLN B 7 -25.28 4.95 7.57
C GLN B 7 -24.97 3.62 8.25
N GLN B 8 -25.98 3.07 8.91
CA GLN B 8 -25.86 1.77 9.53
C GLN B 8 -27.03 0.89 9.08
N HIS B 9 -26.98 0.46 7.84
CA HIS B 9 -28.03 -0.36 7.26
C HIS B 9 -27.46 -1.16 6.08
N PRO B 10 -26.86 -2.33 6.36
CA PRO B 10 -26.28 -3.17 5.32
C PRO B 10 -27.35 -3.83 4.45
N ALA B 11 -27.08 -3.90 3.16
CA ALA B 11 -28.02 -4.51 2.22
C ALA B 11 -28.09 -6.01 2.42
N PRO B 12 -29.30 -6.59 2.41
CA PRO B 12 -29.52 -8.03 2.64
C PRO B 12 -28.88 -8.92 1.57
N GLU B 13 -27.60 -9.23 1.74
CA GLU B 13 -26.84 -10.02 0.79
C GLU B 13 -25.39 -10.06 1.25
N LYS B 14 -24.88 -8.89 1.64
CA LYS B 14 -23.52 -8.74 2.15
C LYS B 14 -23.37 -7.36 2.75
N SER B 15 -23.50 -6.35 1.89
CA SER B 15 -23.43 -4.95 2.30
C SER B 15 -23.69 -4.05 1.10
N SER B 16 -23.25 -4.52 -0.07
CA SER B 16 -23.46 -3.83 -1.35
C SER B 16 -22.64 -2.54 -1.44
N LYS B 17 -23.05 -1.52 -0.69
CA LYS B 17 -22.39 -0.21 -0.73
C LYS B 17 -20.92 -0.34 -0.38
N VAL B 18 -20.65 -0.94 0.78
CA VAL B 18 -19.28 -1.10 1.26
C VAL B 18 -18.43 -1.91 0.27
N SER B 19 -19.07 -2.84 -0.44
CA SER B 19 -18.36 -3.68 -1.38
C SER B 19 -17.88 -2.86 -2.59
N GLU B 20 -18.60 -1.78 -2.89
CA GLU B 20 -18.28 -0.95 -4.04
C GLU B 20 -17.07 -0.09 -3.73
N GLN B 21 -17.04 0.45 -2.52
CA GLN B 21 -15.85 1.16 -2.04
C GLN B 21 -14.60 0.29 -2.20
N LEU B 22 -14.70 -0.99 -1.82
CA LEU B 22 -13.59 -1.92 -1.95
C LEU B 22 -13.22 -2.14 -3.42
N LYS B 23 -14.24 -2.26 -4.28
CA LYS B 23 -14.00 -2.40 -5.72
C LYS B 23 -13.21 -1.21 -6.26
N CYS B 24 -13.53 -0.01 -5.76
CA CYS B 24 -12.80 1.19 -6.17
C CYS B 24 -11.34 1.09 -5.74
N CYS B 25 -11.10 0.47 -4.58
CA CYS B 25 -9.75 0.26 -4.09
C CYS B 25 -9.00 -0.71 -5.00
N SER B 26 -9.72 -1.68 -5.56
CA SER B 26 -9.16 -2.60 -6.53
C SER B 26 -8.69 -1.81 -7.75
N GLY B 27 -9.53 -0.85 -8.14
CA GLY B 27 -9.21 0.06 -9.23
C GLY B 27 -7.90 0.80 -8.99
N ILE B 28 -7.63 1.13 -7.74
CA ILE B 28 -6.42 1.86 -7.39
C ILE B 28 -5.19 0.96 -7.54
N LEU B 29 -5.24 -0.24 -6.98
CA LEU B 29 -4.10 -1.16 -7.10
C LEU B 29 -3.86 -1.57 -8.54
N LYS B 30 -4.93 -1.74 -9.31
CA LYS B 30 -4.81 -2.01 -10.74
C LYS B 30 -3.97 -0.93 -11.42
N GLU B 31 -4.16 0.31 -10.98
CA GLU B 31 -3.46 1.44 -11.55
C GLU B 31 -2.03 1.55 -10.99
N MET B 32 -1.86 1.22 -9.71
CA MET B 32 -0.54 1.29 -9.09
C MET B 32 0.39 0.23 -9.68
N PHE B 33 -0.20 -0.81 -10.29
CA PHE B 33 0.56 -1.84 -10.99
C PHE B 33 0.70 -1.54 -12.47
N ALA B 34 0.11 -0.43 -12.92
CA ALA B 34 0.14 -0.07 -14.33
C ALA B 34 1.57 0.20 -14.78
N LYS B 35 1.80 -0.05 -16.07
CA LYS B 35 3.13 0.01 -16.67
C LYS B 35 3.79 1.38 -16.47
N LYS B 36 2.97 2.41 -16.34
CA LYS B 36 3.46 3.76 -16.13
C LYS B 36 4.04 3.94 -14.72
N HIS B 37 3.55 3.16 -13.77
CA HIS B 37 4.02 3.27 -12.39
C HIS B 37 5.10 2.24 -12.12
N ALA B 38 5.34 1.38 -13.10
CA ALA B 38 6.28 0.28 -12.93
C ALA B 38 7.72 0.74 -13.07
N ALA B 39 7.90 2.02 -13.37
CA ALA B 39 9.22 2.59 -13.55
C ALA B 39 9.95 2.72 -12.22
N TYR B 40 9.19 2.98 -11.17
CA TYR B 40 9.77 3.26 -9.86
C TYR B 40 9.15 2.41 -8.74
N ALA B 41 7.91 1.97 -8.92
CA ALA B 41 7.23 1.25 -7.85
C ALA B 41 7.49 -0.25 -7.96
N TRP B 42 8.39 -0.65 -8.86
CA TRP B 42 8.73 -2.05 -9.04
C TRP B 42 9.18 -2.75 -7.73
N PRO B 43 9.92 -2.08 -6.80
CA PRO B 43 10.25 -2.68 -5.50
C PRO B 43 9.01 -2.98 -4.63
N PHE B 44 7.93 -2.20 -4.81
CA PHE B 44 6.74 -2.36 -3.99
C PHE B 44 5.75 -3.37 -4.58
N TYR B 45 5.87 -3.67 -5.87
CA TYR B 45 4.99 -4.65 -6.51
C TYR B 45 5.10 -6.00 -5.83
N LYS B 46 6.33 -6.42 -5.57
CA LYS B 46 6.59 -7.69 -4.94
C LYS B 46 7.52 -7.49 -3.75
N PRO B 47 7.29 -8.25 -2.64
CA PRO B 47 8.09 -8.15 -1.42
C PRO B 47 9.60 -8.15 -1.70
N VAL B 48 10.29 -7.15 -1.15
CA VAL B 48 11.73 -7.01 -1.31
C VAL B 48 12.47 -8.31 -0.97
N ASP B 49 13.32 -8.74 -1.90
CA ASP B 49 14.19 -9.85 -1.67
C ASP B 49 15.32 -9.42 -0.74
N VAL B 50 15.09 -9.56 0.56
CA VAL B 50 16.02 -9.10 1.59
C VAL B 50 17.44 -9.62 1.36
N GLU B 51 17.54 -10.84 0.85
CA GLU B 51 18.83 -11.46 0.60
C GLU B 51 19.65 -10.70 -0.44
N ALA B 52 18.97 -9.90 -1.26
CA ALA B 52 19.62 -9.14 -2.32
C ALA B 52 20.45 -8.00 -1.75
N LEU B 53 19.90 -7.28 -0.78
CA LEU B 53 20.61 -6.14 -0.20
C LEU B 53 21.32 -6.56 1.08
N GLY B 54 21.01 -7.77 1.55
CA GLY B 54 21.65 -8.31 2.73
C GLY B 54 21.30 -7.56 3.99
N LEU B 55 20.03 -7.22 4.13
CA LEU B 55 19.56 -6.40 5.24
C LEU B 55 19.74 -7.12 6.57
N HIS B 56 19.36 -8.41 6.58
CA HIS B 56 19.51 -9.29 7.74
C HIS B 56 18.52 -8.96 8.86
N ASP B 57 18.30 -7.67 9.11
CA ASP B 57 17.39 -7.26 10.18
C ASP B 57 16.15 -6.55 9.63
N TYR B 58 15.33 -7.29 8.89
CA TYR B 58 14.08 -6.73 8.41
C TYR B 58 12.99 -6.93 9.45
N CYS B 59 12.96 -8.12 10.06
CA CYS B 59 11.91 -8.46 11.00
C CYS B 59 12.16 -7.78 12.34
N ASP B 60 13.42 -7.42 12.59
CA ASP B 60 13.82 -6.72 13.79
C ASP B 60 13.17 -5.34 13.86
N ILE B 61 13.00 -4.73 12.70
CA ILE B 61 12.38 -3.41 12.63
C ILE B 61 10.95 -3.53 12.11
N ILE B 62 10.82 -4.15 10.96
CA ILE B 62 9.55 -4.26 10.26
C ILE B 62 8.70 -5.39 10.88
N LYS B 63 7.92 -5.04 11.88
CA LYS B 63 7.05 -6.01 12.55
C LYS B 63 5.77 -6.21 11.74
N HIS B 64 5.37 -5.18 11.02
CA HIS B 64 4.15 -5.22 10.21
C HIS B 64 4.47 -4.96 8.74
N PRO B 65 5.12 -5.93 8.03
CA PRO B 65 5.39 -5.80 6.59
C PRO B 65 4.14 -5.95 5.73
N MET B 66 4.11 -5.25 4.62
CA MET B 66 3.04 -5.37 3.65
C MET B 66 3.64 -5.24 2.25
N ASP B 67 2.95 -5.78 1.25
CA ASP B 67 3.39 -5.65 -0.14
C ASP B 67 2.17 -5.58 -1.04
N MET B 68 2.33 -4.92 -2.18
CA MET B 68 1.20 -4.60 -3.04
C MET B 68 0.59 -5.85 -3.71
N SER B 69 1.38 -6.91 -3.85
CA SER B 69 0.84 -8.17 -4.35
C SER B 69 -0.09 -8.80 -3.31
N THR B 70 0.40 -8.98 -2.10
CA THR B 70 -0.37 -9.59 -1.02
C THR B 70 -1.62 -8.77 -0.67
N ILE B 71 -1.49 -7.44 -0.62
CA ILE B 71 -2.63 -6.59 -0.29
C ILE B 71 -3.76 -6.77 -1.30
N LYS B 72 -3.43 -6.89 -2.58
CA LYS B 72 -4.44 -7.10 -3.61
C LYS B 72 -5.10 -8.46 -3.44
N SER B 73 -4.29 -9.47 -3.10
CA SER B 73 -4.78 -10.82 -2.83
C SER B 73 -5.89 -10.80 -1.79
N LYS B 74 -5.64 -10.13 -0.66
CA LYS B 74 -6.60 -10.05 0.43
C LYS B 74 -7.84 -9.28 0.00
N LEU B 75 -7.64 -8.31 -0.87
CA LEU B 75 -8.74 -7.55 -1.46
C LEU B 75 -9.59 -8.43 -2.36
N GLU B 76 -8.96 -9.26 -3.19
CA GLU B 76 -9.67 -10.19 -4.05
C GLU B 76 -10.39 -11.25 -3.23
N ALA B 77 -9.79 -11.61 -2.10
CA ALA B 77 -10.39 -12.58 -1.19
C ALA B 77 -11.47 -11.94 -0.35
N ARG B 78 -11.52 -10.61 -0.43
CA ARG B 78 -12.59 -9.80 0.15
C ARG B 78 -12.61 -9.93 1.65
N GLU B 79 -11.43 -10.14 2.21
CA GLU B 79 -11.28 -10.21 3.64
C GLU B 79 -11.37 -8.82 4.24
N TYR B 80 -11.36 -7.82 3.35
CA TYR B 80 -11.46 -6.43 3.79
C TYR B 80 -12.88 -6.05 4.09
N ARG B 81 -13.06 -5.37 5.22
CA ARG B 81 -14.38 -4.96 5.65
C ARG B 81 -14.73 -3.60 5.06
N ASP B 82 -13.73 -2.73 4.95
CA ASP B 82 -13.99 -1.35 4.51
C ASP B 82 -12.76 -0.70 3.87
N ALA B 83 -12.97 0.50 3.34
CA ALA B 83 -11.91 1.23 2.64
C ALA B 83 -10.83 1.72 3.59
N GLN B 84 -11.19 1.92 4.86
CA GLN B 84 -10.23 2.39 5.86
C GLN B 84 -9.13 1.37 6.03
N GLU B 85 -9.52 0.10 6.06
CA GLU B 85 -8.57 -0.99 6.15
C GLU B 85 -7.58 -0.96 5.00
N PHE B 86 -8.10 -0.91 3.77
CA PHE B 86 -7.26 -0.89 2.57
C PHE B 86 -6.21 0.22 2.66
N GLY B 87 -6.64 1.43 2.95
CA GLY B 87 -5.73 2.57 3.00
C GLY B 87 -4.65 2.40 4.04
N ALA B 88 -4.97 1.66 5.09
CA ALA B 88 -4.03 1.42 6.17
C ALA B 88 -2.84 0.60 5.68
N ASP B 89 -3.09 -0.62 5.21
CA ASP B 89 -2.00 -1.52 4.83
C ASP B 89 -1.15 -0.98 3.68
N VAL B 90 -1.71 -0.15 2.80
CA VAL B 90 -0.89 0.48 1.76
C VAL B 90 0.14 1.42 2.41
N ARG B 91 -0.31 2.15 3.42
CA ARG B 91 0.55 3.14 4.08
C ARG B 91 1.50 2.42 5.03
N LEU B 92 1.15 1.19 5.36
CA LEU B 92 1.98 0.33 6.20
C LEU B 92 3.33 0.08 5.56
N MET B 93 3.32 -0.46 4.35
CA MET B 93 4.56 -0.75 3.65
C MET B 93 5.30 0.52 3.26
N PHE B 94 4.56 1.58 2.92
CA PHE B 94 5.20 2.85 2.61
C PHE B 94 5.93 3.41 3.83
N SER B 95 5.35 3.25 5.02
CA SER B 95 5.99 3.74 6.24
C SER B 95 7.07 2.78 6.74
N ASN B 96 7.09 1.56 6.19
CA ASN B 96 8.11 0.58 6.54
C ASN B 96 9.48 1.04 6.06
N CYS B 97 9.58 1.39 4.78
CA CYS B 97 10.82 1.93 4.25
C CYS B 97 11.14 3.27 4.92
N TYR B 98 10.10 3.99 5.33
CA TYR B 98 10.29 5.32 5.94
C TYR B 98 11.07 5.25 7.25
N LYS B 99 10.63 4.41 8.18
CA LYS B 99 11.26 4.36 9.50
C LYS B 99 12.55 3.56 9.50
N TYR B 100 12.74 2.72 8.51
CA TYR B 100 13.91 1.85 8.47
C TYR B 100 14.97 2.39 7.48
N ASN B 101 14.63 3.46 6.78
CA ASN B 101 15.56 4.08 5.84
C ASN B 101 15.57 5.58 6.03
N PRO B 102 16.69 6.24 5.71
CA PRO B 102 16.78 7.70 5.74
C PRO B 102 15.93 8.31 4.63
N PRO B 103 15.26 9.44 4.89
CA PRO B 103 14.31 10.06 3.95
C PRO B 103 14.95 10.53 2.64
N ASP B 104 16.27 10.46 2.57
CA ASP B 104 16.99 10.85 1.36
C ASP B 104 17.33 9.60 0.53
N HIS B 105 16.86 8.45 0.99
CA HIS B 105 17.19 7.19 0.33
C HIS B 105 16.15 6.83 -0.75
N GLU B 106 16.60 6.03 -1.71
CA GLU B 106 15.86 5.70 -2.92
C GLU B 106 14.40 5.27 -2.67
N VAL B 107 14.20 4.10 -2.04
CA VAL B 107 12.86 3.53 -1.92
C VAL B 107 11.88 4.48 -1.26
N VAL B 108 12.35 5.22 -0.27
CA VAL B 108 11.45 6.11 0.47
C VAL B 108 11.08 7.30 -0.40
N ALA B 109 12.00 7.69 -1.28
CA ALA B 109 11.78 8.78 -2.21
C ALA B 109 10.77 8.36 -3.27
N MET B 110 10.86 7.12 -3.71
CA MET B 110 9.90 6.58 -4.67
C MET B 110 8.54 6.45 -4.01
N ALA B 111 8.55 6.07 -2.74
CA ALA B 111 7.33 5.95 -1.96
C ALA B 111 6.69 7.31 -1.74
N ARG B 112 7.50 8.37 -1.78
CA ARG B 112 7.00 9.73 -1.63
C ARG B 112 5.96 10.04 -2.70
N LYS B 113 6.35 9.85 -3.95
CA LYS B 113 5.45 10.11 -5.09
C LYS B 113 4.34 9.05 -5.16
N LEU B 114 4.63 7.82 -4.72
CA LEU B 114 3.60 6.78 -4.69
C LEU B 114 2.50 7.14 -3.70
N GLN B 115 2.90 7.55 -2.50
CA GLN B 115 1.97 8.00 -1.48
C GLN B 115 1.17 9.19 -1.99
N ASP B 116 1.81 9.99 -2.84
CA ASP B 116 1.18 11.16 -3.43
C ASP B 116 0.03 10.77 -4.35
N VAL B 117 0.32 9.99 -5.39
CA VAL B 117 -0.71 9.50 -6.30
C VAL B 117 -1.77 8.67 -5.56
N PHE B 118 -1.32 7.79 -4.68
CA PHE B 118 -2.21 7.00 -3.83
C PHE B 118 -3.13 7.92 -3.00
N GLU B 119 -2.56 8.98 -2.46
CA GLU B 119 -3.31 9.93 -1.63
C GLU B 119 -4.47 10.52 -2.42
N MET B 120 -4.18 10.96 -3.63
CA MET B 120 -5.18 11.54 -4.51
C MET B 120 -6.19 10.47 -4.94
N ARG B 121 -5.67 9.28 -5.24
CA ARG B 121 -6.51 8.15 -5.63
C ARG B 121 -7.47 7.75 -4.53
N PHE B 122 -7.01 7.83 -3.27
CA PHE B 122 -7.87 7.49 -2.14
C PHE B 122 -8.73 8.70 -1.73
N ALA B 123 -8.32 9.89 -2.16
CA ALA B 123 -9.12 11.08 -1.94
C ALA B 123 -10.43 10.95 -2.71
N LYS B 124 -10.37 10.26 -3.83
CA LYS B 124 -11.56 9.96 -4.64
C LYS B 124 -12.33 8.76 -4.07
N MET B 125 -12.43 8.70 -2.75
CA MET B 125 -13.14 7.59 -2.09
C MET B 125 -14.49 8.10 -1.57
N PRO B 126 -15.57 7.92 -2.35
CA PRO B 126 -16.90 8.38 -1.94
C PRO B 126 -17.50 7.51 -0.85
N ASP B 127 -18.44 8.10 -0.11
CA ASP B 127 -19.15 7.40 0.96
C ASP B 127 -20.12 6.39 0.37
N GLU B 128 -20.71 6.77 -0.74
CA GLU B 128 -21.52 5.85 -1.52
C GLU B 128 -21.01 5.80 -2.96
N ASN A 1 22.11 6.46 11.12
CA ASN A 1 21.61 6.65 9.74
C ASN A 1 22.02 5.49 8.84
N PRO A 2 23.33 5.12 8.75
CA PRO A 2 23.75 3.94 8.01
C PRO A 2 23.67 2.67 8.86
N ASP A 3 22.90 2.74 9.94
CA ASP A 3 22.74 1.62 10.87
C ASP A 3 21.72 0.62 10.33
N GLY A 4 22.06 -0.02 9.23
CA GLY A 4 21.14 -0.94 8.60
C GLY A 4 20.30 -0.23 7.55
N GLY A 5 19.46 -0.97 6.86
CA GLY A 5 18.60 -0.38 5.87
C GLY A 5 18.77 -1.00 4.50
N SER A 7 20.14 -0.57 1.62
CA SER A 7 21.17 0.01 0.76
C SER A 7 21.48 -0.92 -0.42
N GLY A 8 20.80 -0.72 -1.53
CA GLY A 8 21.01 -1.54 -2.71
C GLY A 8 19.84 -1.50 -3.67
N ALA A 10 18.50 0.56 -7.21
CA ALA A 10 18.61 1.51 -8.30
C ALA A 10 17.43 1.33 -9.26
N PRO A 11 16.64 2.40 -9.48
CA PRO A 11 15.43 2.34 -10.31
C PRO A 11 15.73 1.96 -11.76
N ARG A 12 15.41 0.72 -12.11
CA ARG A 12 15.65 0.19 -13.45
C ARG A 12 17.14 0.18 -13.76
N ARG A 13 17.80 -0.86 -13.26
CA ARG A 13 19.25 -0.99 -13.37
C ARG A 13 19.71 -1.08 -14.81
N ARG A 14 20.83 -0.45 -15.10
CA ARG A 14 21.43 -0.47 -16.42
C ARG A 14 22.74 -1.24 -16.36
N ALA A 15 22.86 -2.26 -17.22
CA ALA A 15 24.05 -3.11 -17.29
C ALA A 15 24.20 -3.97 -16.03
N VAL A 16 24.60 -3.34 -14.94
CA VAL A 16 24.80 -4.04 -13.68
C VAL A 16 23.98 -3.41 -12.57
N LYS B 1 -4.67 12.18 9.85
CA LYS B 1 -5.87 11.99 9.01
C LYS B 1 -6.78 10.92 9.59
N ASP B 2 -7.82 11.35 10.28
CA ASP B 2 -8.77 10.43 10.89
C ASP B 2 -10.09 11.14 11.16
N VAL B 3 -11.13 10.73 10.46
CA VAL B 3 -12.45 11.35 10.63
C VAL B 3 -13.54 10.29 10.70
N PRO B 4 -13.98 9.94 11.92
CA PRO B 4 -15.01 8.93 12.13
C PRO B 4 -16.38 9.43 11.67
N ASP B 5 -17.36 8.52 11.64
CA ASP B 5 -18.69 8.87 11.19
C ASP B 5 -19.68 8.81 12.35
N SER B 6 -20.15 9.97 12.77
CA SER B 6 -21.15 10.05 13.82
C SER B 6 -22.53 9.77 13.26
N GLN B 7 -22.67 9.98 11.96
CA GLN B 7 -23.92 9.69 11.27
C GLN B 7 -24.06 8.19 11.05
N GLN B 8 -25.13 7.61 11.61
CA GLN B 8 -25.38 6.19 11.44
C GLN B 8 -25.78 5.88 10.00
N HIS B 9 -25.11 4.92 9.39
CA HIS B 9 -25.36 4.57 8.00
C HIS B 9 -25.88 3.14 7.90
N PRO B 10 -27.20 2.98 7.75
CA PRO B 10 -27.83 1.66 7.65
C PRO B 10 -27.77 1.09 6.24
N ALA B 11 -26.71 0.35 5.94
CA ALA B 11 -26.55 -0.27 4.63
C ALA B 11 -27.49 -1.44 4.47
N PRO B 12 -28.23 -1.50 3.35
CA PRO B 12 -29.16 -2.59 3.07
C PRO B 12 -28.43 -3.87 2.65
N GLU B 13 -29.18 -4.96 2.51
CA GLU B 13 -28.61 -6.25 2.10
C GLU B 13 -27.50 -6.67 3.05
N LYS B 14 -26.54 -7.45 2.55
CA LYS B 14 -25.40 -7.85 3.35
C LYS B 14 -24.57 -6.62 3.72
N SER B 15 -24.34 -5.77 2.73
CA SER B 15 -23.65 -4.51 2.93
C SER B 15 -23.78 -3.63 1.70
N SER B 16 -23.40 -4.20 0.54
CA SER B 16 -23.59 -3.59 -0.77
C SER B 16 -22.69 -2.37 -0.98
N LYS B 17 -22.96 -1.31 -0.22
CA LYS B 17 -22.28 -0.03 -0.37
C LYS B 17 -20.78 -0.17 -0.13
N VAL B 18 -20.43 -0.75 1.01
CA VAL B 18 -19.03 -0.95 1.38
C VAL B 18 -18.30 -1.77 0.31
N SER B 19 -18.99 -2.74 -0.27
CA SER B 19 -18.41 -3.59 -1.30
C SER B 19 -17.95 -2.75 -2.49
N GLU B 20 -18.63 -1.64 -2.73
CA GLU B 20 -18.31 -0.79 -3.87
C GLU B 20 -17.05 0.00 -3.60
N GLN B 21 -16.95 0.55 -2.40
CA GLN B 21 -15.74 1.27 -1.98
C GLN B 21 -14.50 0.38 -2.09
N LEU B 22 -14.64 -0.89 -1.70
CA LEU B 22 -13.54 -1.84 -1.81
C LEU B 22 -13.14 -2.06 -3.27
N LYS B 23 -14.12 -2.00 -4.17
CA LYS B 23 -13.85 -2.12 -5.59
C LYS B 23 -13.09 -0.90 -6.11
N CYS B 24 -13.37 0.27 -5.55
CA CYS B 24 -12.64 1.48 -5.92
C CYS B 24 -11.18 1.32 -5.50
N CYS B 25 -10.96 0.62 -4.39
CA CYS B 25 -9.61 0.34 -3.91
C CYS B 25 -8.90 -0.61 -4.87
N SER B 26 -9.65 -1.54 -5.44
CA SER B 26 -9.13 -2.45 -6.46
C SER B 26 -8.63 -1.64 -7.65
N GLY B 27 -9.45 -0.67 -8.05
CA GLY B 27 -9.10 0.25 -9.11
C GLY B 27 -7.76 0.94 -8.86
N ILE B 28 -7.50 1.28 -7.61
CA ILE B 28 -6.27 1.95 -7.23
C ILE B 28 -5.05 1.03 -7.43
N LEU B 29 -5.14 -0.20 -6.92
CA LEU B 29 -4.03 -1.13 -7.04
C LEU B 29 -3.81 -1.52 -8.51
N LYS B 30 -4.90 -1.69 -9.26
CA LYS B 30 -4.79 -1.94 -10.70
C LYS B 30 -3.98 -0.83 -11.37
N GLU B 31 -4.19 0.39 -10.90
CA GLU B 31 -3.51 1.56 -11.45
C GLU B 31 -2.04 1.57 -11.09
N MET B 32 -1.74 1.30 -9.82
CA MET B 32 -0.35 1.34 -9.36
C MET B 32 0.44 0.13 -9.87
N PHE B 33 -0.26 -0.85 -10.41
CA PHE B 33 0.39 -1.98 -11.07
C PHE B 33 0.56 -1.75 -12.56
N ALA B 34 0.00 -0.66 -13.07
CA ALA B 34 0.16 -0.30 -14.47
C ALA B 34 1.62 0.03 -14.75
N LYS B 35 2.07 -0.31 -15.96
CA LYS B 35 3.47 -0.22 -16.35
C LYS B 35 4.03 1.19 -16.20
N LYS B 36 3.17 2.19 -16.22
CA LYS B 36 3.60 3.58 -16.04
C LYS B 36 4.09 3.82 -14.63
N HIS B 37 3.63 3.03 -13.70
CA HIS B 37 4.06 3.16 -12.30
C HIS B 37 5.13 2.13 -11.99
N ALA B 38 5.38 1.24 -12.94
CA ALA B 38 6.33 0.16 -12.74
C ALA B 38 7.77 0.65 -12.89
N ALA B 39 7.92 1.90 -13.32
CA ALA B 39 9.23 2.50 -13.49
C ALA B 39 9.95 2.62 -12.15
N TYR B 40 9.19 2.89 -11.10
CA TYR B 40 9.76 3.14 -9.78
C TYR B 40 9.16 2.23 -8.71
N ALA B 41 7.89 1.86 -8.86
CA ALA B 41 7.23 1.08 -7.80
C ALA B 41 7.45 -0.41 -7.98
N TRP B 42 8.38 -0.78 -8.87
CA TRP B 42 8.70 -2.19 -9.09
C TRP B 42 9.07 -2.93 -7.80
N PRO B 43 9.82 -2.34 -6.83
CA PRO B 43 10.11 -3.00 -5.54
C PRO B 43 8.87 -3.23 -4.67
N PHE B 44 7.83 -2.41 -4.83
CA PHE B 44 6.62 -2.55 -4.01
C PHE B 44 5.67 -3.60 -4.58
N TYR B 45 5.78 -3.88 -5.88
CA TYR B 45 4.97 -4.93 -6.52
C TYR B 45 5.12 -6.27 -5.81
N LYS B 46 6.34 -6.57 -5.38
CA LYS B 46 6.65 -7.87 -4.79
C LYS B 46 7.43 -7.68 -3.48
N PRO B 47 7.28 -8.63 -2.52
CA PRO B 47 8.05 -8.61 -1.28
C PRO B 47 9.55 -8.49 -1.54
N VAL B 48 10.20 -7.61 -0.79
CA VAL B 48 11.63 -7.33 -0.96
C VAL B 48 12.46 -8.59 -0.79
N ASP B 49 13.35 -8.82 -1.77
CA ASP B 49 14.31 -9.89 -1.71
C ASP B 49 15.45 -9.49 -0.78
N VAL B 50 15.29 -9.81 0.50
CA VAL B 50 16.22 -9.39 1.56
C VAL B 50 17.68 -9.71 1.22
N GLU B 51 17.89 -10.80 0.49
CA GLU B 51 19.23 -11.30 0.19
C GLU B 51 19.96 -10.31 -0.70
N ALA B 52 19.20 -9.55 -1.46
CA ALA B 52 19.73 -8.82 -2.58
C ALA B 52 20.28 -7.46 -2.19
N LEU B 53 19.91 -6.97 -1.02
CA LEU B 53 20.45 -5.71 -0.52
C LEU B 53 21.33 -5.97 0.69
N GLY B 54 21.31 -7.22 1.16
CA GLY B 54 22.13 -7.62 2.28
C GLY B 54 21.63 -7.06 3.59
N LEU B 55 20.31 -7.09 3.79
CA LEU B 55 19.74 -6.62 5.04
C LEU B 55 19.97 -7.66 6.14
N HIS B 56 20.17 -7.22 7.37
CA HIS B 56 20.45 -8.14 8.46
C HIS B 56 19.47 -7.97 9.61
N ASP B 57 18.44 -7.15 9.41
CA ASP B 57 17.43 -6.94 10.45
C ASP B 57 16.11 -6.47 9.82
N TYR B 58 15.41 -7.43 9.21
CA TYR B 58 14.13 -7.19 8.57
C TYR B 58 13.00 -7.38 9.57
N CYS B 59 12.95 -8.55 10.19
CA CYS B 59 11.84 -8.92 11.07
C CYS B 59 11.93 -8.20 12.42
N ASP B 60 13.06 -7.57 12.70
CA ASP B 60 13.24 -6.83 13.95
C ASP B 60 12.56 -5.48 13.89
N ILE B 61 12.78 -4.76 12.80
CA ILE B 61 12.19 -3.45 12.63
C ILE B 61 10.79 -3.62 12.04
N ILE B 62 10.72 -4.40 10.98
CA ILE B 62 9.52 -4.57 10.20
C ILE B 62 8.63 -5.64 10.85
N LYS B 63 7.78 -5.23 11.79
CA LYS B 63 6.95 -6.18 12.51
C LYS B 63 5.68 -6.47 11.74
N HIS B 64 5.23 -5.49 10.96
CA HIS B 64 4.06 -5.66 10.10
C HIS B 64 4.43 -5.38 8.64
N PRO B 65 5.13 -6.31 7.95
CA PRO B 65 5.47 -6.14 6.53
C PRO B 65 4.26 -6.30 5.63
N MET B 66 4.20 -5.51 4.58
CA MET B 66 3.17 -5.68 3.56
C MET B 66 3.81 -5.48 2.19
N ASP B 67 3.10 -5.91 1.15
CA ASP B 67 3.55 -5.72 -0.21
C ASP B 67 2.34 -5.64 -1.13
N MET B 68 2.51 -4.93 -2.23
CA MET B 68 1.39 -4.54 -3.08
C MET B 68 0.74 -5.75 -3.77
N SER B 69 1.49 -6.82 -3.97
CA SER B 69 0.93 -8.03 -4.54
C SER B 69 0.00 -8.71 -3.53
N THR B 70 0.50 -8.91 -2.31
CA THR B 70 -0.28 -9.56 -1.26
C THR B 70 -1.50 -8.74 -0.84
N ILE B 71 -1.35 -7.44 -0.70
CA ILE B 71 -2.47 -6.58 -0.32
C ILE B 71 -3.63 -6.70 -1.31
N LYS B 72 -3.30 -6.80 -2.61
CA LYS B 72 -4.33 -6.98 -3.63
C LYS B 72 -5.00 -8.35 -3.48
N SER B 73 -4.21 -9.37 -3.18
CA SER B 73 -4.71 -10.71 -2.92
C SER B 73 -5.80 -10.70 -1.85
N LYS B 74 -5.51 -10.06 -0.73
CA LYS B 74 -6.44 -9.96 0.38
C LYS B 74 -7.70 -9.21 -0.04
N LEU B 75 -7.51 -8.19 -0.88
CA LEU B 75 -8.62 -7.45 -1.45
C LEU B 75 -9.49 -8.34 -2.35
N GLU B 76 -8.85 -9.15 -3.19
CA GLU B 76 -9.58 -10.05 -4.10
C GLU B 76 -10.24 -11.18 -3.31
N ALA B 77 -9.76 -11.41 -2.10
CA ALA B 77 -10.38 -12.38 -1.20
C ALA B 77 -11.51 -11.73 -0.42
N ARG B 78 -11.51 -10.40 -0.44
CA ARG B 78 -12.53 -9.58 0.20
C ARG B 78 -12.48 -9.73 1.71
N GLU B 79 -11.26 -9.83 2.24
CA GLU B 79 -11.07 -9.94 3.67
C GLU B 79 -11.09 -8.56 4.31
N TYR B 80 -11.12 -7.53 3.47
CA TYR B 80 -11.22 -6.16 3.94
C TYR B 80 -12.66 -5.81 4.25
N ARG B 81 -12.87 -5.14 5.38
CA ARG B 81 -14.20 -4.76 5.80
C ARG B 81 -14.52 -3.33 5.35
N ASP B 82 -13.48 -2.52 5.12
CA ASP B 82 -13.72 -1.14 4.69
C ASP B 82 -12.52 -0.55 3.95
N ALA B 83 -12.74 0.64 3.38
CA ALA B 83 -11.70 1.31 2.60
C ALA B 83 -10.57 1.82 3.50
N GLN B 84 -10.94 2.24 4.71
CA GLN B 84 -9.97 2.71 5.69
C GLN B 84 -8.91 1.65 5.96
N GLU B 85 -9.34 0.40 6.04
CA GLU B 85 -8.43 -0.73 6.19
C GLU B 85 -7.44 -0.80 5.04
N PHE B 86 -7.96 -0.72 3.81
CA PHE B 86 -7.12 -0.76 2.61
C PHE B 86 -6.01 0.28 2.69
N GLY B 87 -6.40 1.54 2.90
CA GLY B 87 -5.43 2.63 2.95
C GLY B 87 -4.40 2.44 4.04
N ALA B 88 -4.84 1.94 5.19
CA ALA B 88 -3.95 1.67 6.31
C ALA B 88 -2.86 0.67 5.92
N ASP B 89 -3.24 -0.40 5.23
CA ASP B 89 -2.30 -1.47 4.89
C ASP B 89 -1.34 -1.01 3.77
N VAL B 90 -1.79 -0.10 2.90
CA VAL B 90 -0.90 0.46 1.88
C VAL B 90 0.16 1.33 2.54
N ARG B 91 -0.25 2.01 3.61
CA ARG B 91 0.65 2.88 4.35
C ARG B 91 1.58 2.04 5.23
N LEU B 92 1.19 0.79 5.45
CA LEU B 92 1.99 -0.14 6.25
C LEU B 92 3.34 -0.38 5.56
N MET B 93 3.28 -0.84 4.33
CA MET B 93 4.49 -1.11 3.55
C MET B 93 5.24 0.17 3.22
N PHE B 94 4.51 1.26 2.97
CA PHE B 94 5.17 2.54 2.74
C PHE B 94 5.88 3.01 4.02
N SER B 95 5.32 2.61 5.16
CA SER B 95 5.92 2.91 6.45
C SER B 95 7.15 2.04 6.70
N ASN B 96 7.19 0.87 6.07
CA ASN B 96 8.31 -0.05 6.26
C ASN B 96 9.61 0.63 5.86
N CYS B 97 9.67 1.12 4.64
CA CYS B 97 10.86 1.80 4.15
C CYS B 97 11.11 3.09 4.94
N TYR B 98 10.04 3.75 5.41
CA TYR B 98 10.17 5.03 6.08
C TYR B 98 10.91 4.93 7.42
N LYS B 99 10.53 3.96 8.24
CA LYS B 99 11.11 3.86 9.58
C LYS B 99 12.43 3.10 9.56
N TYR B 100 12.70 2.35 8.50
CA TYR B 100 13.93 1.58 8.45
C TYR B 100 14.97 2.22 7.51
N ASN B 101 14.54 3.19 6.72
CA ASN B 101 15.45 3.88 5.82
C ASN B 101 15.35 5.39 6.03
N PRO B 102 16.48 6.11 5.91
CA PRO B 102 16.48 7.57 6.00
C PRO B 102 15.71 8.20 4.84
N PRO B 103 15.05 9.35 5.08
CA PRO B 103 14.14 9.98 4.11
C PRO B 103 14.80 10.44 2.80
N ASP B 104 16.10 10.27 2.69
CA ASP B 104 16.82 10.62 1.47
C ASP B 104 17.09 9.38 0.62
N HIS B 105 16.70 8.22 1.14
CA HIS B 105 16.99 6.96 0.46
C HIS B 105 15.93 6.65 -0.59
N GLU B 106 16.34 5.87 -1.60
CA GLU B 106 15.53 5.61 -2.80
C GLU B 106 14.07 5.22 -2.50
N VAL B 107 13.87 4.05 -1.89
CA VAL B 107 12.53 3.48 -1.76
C VAL B 107 11.59 4.40 -1.00
N VAL B 108 12.11 5.17 -0.07
CA VAL B 108 11.25 6.07 0.68
C VAL B 108 10.87 7.27 -0.18
N ALA B 109 11.79 7.65 -1.06
CA ALA B 109 11.56 8.74 -1.99
C ALA B 109 10.61 8.29 -3.10
N MET B 110 10.77 7.06 -3.56
CA MET B 110 9.86 6.50 -4.54
C MET B 110 8.48 6.29 -3.93
N ALA B 111 8.45 5.99 -2.63
CA ALA B 111 7.19 5.86 -1.91
C ALA B 111 6.55 7.22 -1.68
N ARG B 112 7.37 8.27 -1.61
CA ARG B 112 6.88 9.64 -1.48
C ARG B 112 5.89 9.96 -2.59
N LYS B 113 6.29 9.70 -3.83
CA LYS B 113 5.46 10.01 -4.98
C LYS B 113 4.33 8.98 -5.13
N LEU B 114 4.56 7.74 -4.67
CA LEU B 114 3.50 6.72 -4.67
C LEU B 114 2.37 7.14 -3.73
N GLN B 115 2.76 7.71 -2.60
CA GLN B 115 1.80 8.26 -1.66
C GLN B 115 0.96 9.35 -2.33
N ASP B 116 1.59 10.14 -3.20
CA ASP B 116 0.90 11.23 -3.90
C ASP B 116 -0.20 10.72 -4.83
N VAL B 117 0.15 9.83 -5.75
CA VAL B 117 -0.85 9.24 -6.64
C VAL B 117 -1.95 8.53 -5.83
N PHE B 118 -1.56 7.83 -4.77
CA PHE B 118 -2.51 7.21 -3.85
C PHE B 118 -3.45 8.26 -3.22
N GLU B 119 -2.92 9.45 -2.93
CA GLU B 119 -3.72 10.54 -2.36
C GLU B 119 -4.93 10.84 -3.24
N MET B 120 -4.68 11.18 -4.50
CA MET B 120 -5.76 11.52 -5.42
C MET B 120 -6.61 10.29 -5.71
N ARG B 121 -5.98 9.13 -5.74
CA ARG B 121 -6.69 7.89 -6.06
C ARG B 121 -7.64 7.51 -4.92
N PHE B 122 -7.21 7.70 -3.68
CA PHE B 122 -8.06 7.39 -2.53
C PHE B 122 -9.09 8.50 -2.32
N ALA B 123 -8.84 9.65 -2.94
CA ALA B 123 -9.77 10.76 -2.91
C ALA B 123 -11.02 10.42 -3.73
N LYS B 124 -10.90 9.39 -4.59
CA LYS B 124 -12.02 8.93 -5.39
C LYS B 124 -12.89 7.95 -4.59
N MET B 125 -12.85 8.07 -3.27
CA MET B 125 -13.68 7.23 -2.40
C MET B 125 -14.99 7.94 -2.09
N PRO B 126 -16.10 7.59 -2.76
CA PRO B 126 -17.37 8.25 -2.60
C PRO B 126 -18.31 7.43 -1.72
N ASP B 127 -19.29 8.11 -1.16
CA ASP B 127 -20.28 7.44 -0.33
C ASP B 127 -21.59 7.26 -1.10
N GLU B 128 -21.92 8.25 -1.91
CA GLU B 128 -23.08 8.18 -2.78
C GLU B 128 -22.64 8.29 -4.23
N ASN A 1 24.44 7.33 9.91
CA ASN A 1 23.00 7.62 9.88
C ASN A 1 22.19 6.51 9.17
N PRO A 2 22.57 6.08 7.93
CA PRO A 2 21.87 4.99 7.26
C PRO A 2 22.40 3.62 7.69
N ASP A 3 22.70 3.50 8.97
CA ASP A 3 23.26 2.28 9.53
C ASP A 3 22.16 1.23 9.67
N GLY A 4 22.17 0.26 8.78
CA GLY A 4 21.10 -0.71 8.75
C GLY A 4 19.92 -0.19 7.96
N GLY A 5 19.78 -0.67 6.73
CA GLY A 5 18.70 -0.23 5.89
C GLY A 5 18.80 -0.81 4.50
N SER A 7 20.01 -0.27 1.54
CA SER A 7 20.98 0.48 0.74
C SER A 7 20.98 0.05 -0.74
N GLY A 8 20.59 -1.18 -1.00
CA GLY A 8 20.65 -1.71 -2.36
C GLY A 8 19.41 -1.41 -3.19
N ALA A 10 17.45 1.48 -6.22
CA ALA A 10 17.49 2.55 -7.20
C ALA A 10 16.26 2.41 -8.08
N PRO A 11 15.95 3.38 -8.98
CA PRO A 11 14.85 3.22 -9.93
C PRO A 11 15.11 2.06 -10.90
N ARG A 12 16.37 1.68 -10.99
CA ARG A 12 16.80 0.57 -11.81
C ARG A 12 17.75 -0.31 -11.01
N ARG A 13 18.39 -1.27 -11.68
CA ARG A 13 19.41 -2.06 -11.02
C ARG A 13 20.80 -1.58 -11.43
N ARG A 14 21.23 -1.96 -12.61
CA ARG A 14 22.53 -1.50 -13.11
C ARG A 14 22.32 -0.63 -14.35
N ALA A 15 22.55 -1.20 -15.53
CA ALA A 15 22.42 -0.48 -16.80
C ALA A 15 23.25 0.80 -16.83
N VAL A 16 22.63 1.90 -16.43
CA VAL A 16 23.33 3.18 -16.34
C VAL A 16 23.35 3.63 -14.89
N LYS B 1 -32.46 17.45 10.85
CA LYS B 1 -31.68 16.96 12.01
C LYS B 1 -31.30 15.49 11.82
N ASP B 2 -31.66 14.93 10.68
CA ASP B 2 -31.30 13.56 10.33
C ASP B 2 -31.21 13.43 8.82
N VAL B 3 -30.73 12.29 8.35
CA VAL B 3 -30.49 12.10 6.92
C VAL B 3 -30.96 10.73 6.44
N PRO B 4 -32.26 10.59 6.17
CA PRO B 4 -32.83 9.34 5.65
C PRO B 4 -32.59 9.19 4.16
N ASP B 5 -31.33 9.27 3.76
CA ASP B 5 -30.96 9.18 2.36
C ASP B 5 -30.47 7.79 2.02
N SER B 6 -29.22 7.50 2.33
CA SER B 6 -28.65 6.19 2.08
C SER B 6 -28.53 5.39 3.38
N GLN B 7 -28.69 6.08 4.49
CA GLN B 7 -28.63 5.43 5.80
C GLN B 7 -30.01 5.40 6.44
N GLN B 8 -31.05 5.50 5.61
CA GLN B 8 -32.43 5.48 6.09
C GLN B 8 -32.77 4.11 6.63
N HIS B 9 -32.49 3.10 5.82
CA HIS B 9 -32.65 1.71 6.24
C HIS B 9 -31.38 0.94 5.88
N PRO B 10 -30.35 1.01 6.76
CA PRO B 10 -29.06 0.38 6.52
C PRO B 10 -29.17 -1.09 6.15
N ALA B 11 -28.37 -1.50 5.18
CA ALA B 11 -28.34 -2.88 4.74
C ALA B 11 -27.73 -3.76 5.82
N PRO B 12 -28.15 -5.03 5.91
CA PRO B 12 -27.61 -6.00 6.88
C PRO B 12 -26.13 -6.33 6.61
N GLU B 13 -25.70 -7.52 7.02
CA GLU B 13 -24.31 -7.94 6.74
C GLU B 13 -24.07 -8.02 5.24
N LYS B 14 -25.14 -8.20 4.48
CA LYS B 14 -25.06 -8.11 3.03
C LYS B 14 -24.96 -6.64 2.60
N SER B 15 -23.82 -6.04 2.86
CA SER B 15 -23.60 -4.64 2.57
C SER B 15 -23.09 -4.46 1.15
N SER B 16 -23.92 -3.91 0.29
CA SER B 16 -23.57 -3.69 -1.09
C SER B 16 -22.71 -2.43 -1.21
N LYS B 17 -22.92 -1.50 -0.29
CA LYS B 17 -22.21 -0.22 -0.30
C LYS B 17 -20.71 -0.45 -0.07
N VAL B 18 -20.41 -1.19 0.98
CA VAL B 18 -19.02 -1.50 1.33
C VAL B 18 -18.29 -2.15 0.15
N SER B 19 -19.01 -2.99 -0.59
CA SER B 19 -18.43 -3.67 -1.74
C SER B 19 -17.98 -2.65 -2.80
N GLU B 20 -18.67 -1.52 -2.86
CA GLU B 20 -18.37 -0.48 -3.84
C GLU B 20 -17.05 0.18 -3.49
N GLN B 21 -16.94 0.61 -2.23
CA GLN B 21 -15.72 1.22 -1.73
C GLN B 21 -14.50 0.33 -1.97
N LEU B 22 -14.61 -0.94 -1.61
CA LEU B 22 -13.51 -1.89 -1.76
C LEU B 22 -13.15 -2.07 -3.24
N LYS B 23 -14.17 -2.21 -4.09
CA LYS B 23 -13.95 -2.37 -5.52
C LYS B 23 -13.26 -1.14 -6.12
N CYS B 24 -13.54 0.04 -5.56
CA CYS B 24 -12.84 1.24 -5.99
C CYS B 24 -11.36 1.14 -5.62
N CYS B 25 -11.09 0.55 -4.45
CA CYS B 25 -9.73 0.33 -3.99
C CYS B 25 -8.99 -0.63 -4.93
N SER B 26 -9.73 -1.57 -5.49
CA SER B 26 -9.18 -2.48 -6.50
C SER B 26 -8.71 -1.68 -7.70
N GLY B 27 -9.56 -0.75 -8.13
CA GLY B 27 -9.22 0.15 -9.22
C GLY B 27 -7.92 0.89 -8.98
N ILE B 28 -7.65 1.19 -7.72
CA ILE B 28 -6.41 1.87 -7.35
C ILE B 28 -5.20 0.97 -7.56
N LEU B 29 -5.26 -0.27 -7.05
CA LEU B 29 -4.14 -1.19 -7.17
C LEU B 29 -3.91 -1.60 -8.63
N LYS B 30 -5.00 -1.77 -9.39
CA LYS B 30 -4.89 -2.07 -10.81
C LYS B 30 -4.17 -0.93 -11.55
N GLU B 31 -4.26 0.27 -10.97
CA GLU B 31 -3.56 1.43 -11.49
C GLU B 31 -2.10 1.41 -11.05
N MET B 32 -1.89 1.16 -9.75
CA MET B 32 -0.55 1.21 -9.17
C MET B 32 0.35 0.15 -9.79
N PHE B 33 -0.24 -0.90 -10.37
CA PHE B 33 0.53 -1.95 -11.02
C PHE B 33 0.78 -1.64 -12.50
N ALA B 34 0.10 -0.64 -13.04
CA ALA B 34 0.28 -0.27 -14.43
C ALA B 34 1.73 0.10 -14.70
N LYS B 35 2.20 -0.23 -15.91
CA LYS B 35 3.62 -0.12 -16.24
C LYS B 35 4.14 1.30 -16.12
N LYS B 36 3.24 2.27 -16.09
CA LYS B 36 3.63 3.67 -15.90
C LYS B 36 4.12 3.90 -14.47
N HIS B 37 3.61 3.14 -13.52
CA HIS B 37 4.02 3.29 -12.13
C HIS B 37 5.13 2.30 -11.80
N ALA B 38 5.41 1.41 -12.74
CA ALA B 38 6.37 0.34 -12.51
C ALA B 38 7.81 0.83 -12.56
N ALA B 39 7.99 2.05 -13.01
CA ALA B 39 9.32 2.66 -13.11
C ALA B 39 9.96 2.81 -11.73
N TYR B 40 9.13 3.07 -10.73
CA TYR B 40 9.62 3.36 -9.39
C TYR B 40 8.95 2.49 -8.32
N ALA B 41 7.77 1.96 -8.62
CA ALA B 41 7.04 1.19 -7.62
C ALA B 41 7.33 -0.29 -7.73
N TRP B 42 8.27 -0.66 -8.61
CA TRP B 42 8.61 -2.08 -8.78
C TRP B 42 9.00 -2.77 -7.47
N PRO B 43 9.76 -2.12 -6.52
CA PRO B 43 10.06 -2.73 -5.22
C PRO B 43 8.83 -2.98 -4.35
N PHE B 44 7.74 -2.23 -4.59
CA PHE B 44 6.55 -2.36 -3.77
C PHE B 44 5.57 -3.40 -4.33
N TYR B 45 5.72 -3.74 -5.62
CA TYR B 45 4.87 -4.77 -6.22
C TYR B 45 5.04 -6.10 -5.49
N LYS B 46 6.27 -6.45 -5.18
CA LYS B 46 6.58 -7.74 -4.59
C LYS B 46 7.46 -7.58 -3.35
N PRO B 47 7.33 -8.50 -2.38
CA PRO B 47 8.17 -8.54 -1.17
C PRO B 47 9.66 -8.36 -1.49
N VAL B 48 10.32 -7.50 -0.71
CA VAL B 48 11.74 -7.19 -0.92
C VAL B 48 12.58 -8.46 -0.86
N ASP B 49 13.48 -8.62 -1.83
CA ASP B 49 14.41 -9.71 -1.85
C ASP B 49 15.59 -9.35 -0.95
N VAL B 50 15.51 -9.74 0.32
CA VAL B 50 16.49 -9.37 1.35
C VAL B 50 17.93 -9.65 0.90
N GLU B 51 18.11 -10.67 0.06
CA GLU B 51 19.44 -11.12 -0.33
C GLU B 51 20.08 -10.12 -1.29
N ALA B 52 19.27 -9.24 -1.85
CA ALA B 52 19.69 -8.45 -2.97
C ALA B 52 20.20 -7.09 -2.54
N LEU B 53 19.77 -6.64 -1.38
CA LEU B 53 20.27 -5.38 -0.83
C LEU B 53 21.31 -5.69 0.24
N GLY B 54 21.29 -6.91 0.73
CA GLY B 54 22.24 -7.34 1.73
C GLY B 54 21.84 -6.91 3.13
N LEU B 55 20.54 -6.98 3.42
CA LEU B 55 20.05 -6.62 4.74
C LEU B 55 20.41 -7.71 5.75
N HIS B 56 20.23 -7.42 7.03
CA HIS B 56 20.55 -8.38 8.08
C HIS B 56 19.46 -8.36 9.17
N ASP B 57 18.71 -7.27 9.25
CA ASP B 57 17.70 -7.11 10.28
C ASP B 57 16.39 -6.59 9.68
N TYR B 58 15.70 -7.48 8.98
CA TYR B 58 14.42 -7.17 8.36
C TYR B 58 13.28 -7.30 9.37
N CYS B 59 13.21 -8.45 10.03
CA CYS B 59 12.12 -8.74 10.95
C CYS B 59 12.32 -8.03 12.29
N ASP B 60 13.53 -7.55 12.53
CA ASP B 60 13.84 -6.82 13.76
C ASP B 60 13.11 -5.49 13.80
N ILE B 61 13.13 -4.77 12.69
CA ILE B 61 12.49 -3.47 12.61
C ILE B 61 11.11 -3.60 11.98
N ILE B 62 11.04 -4.35 10.89
CA ILE B 62 9.81 -4.52 10.13
C ILE B 62 8.95 -5.61 10.76
N LYS B 63 8.09 -5.24 11.71
CA LYS B 63 7.22 -6.21 12.38
C LYS B 63 5.92 -6.37 11.59
N HIS B 64 5.60 -5.38 10.78
CA HIS B 64 4.40 -5.43 9.93
C HIS B 64 4.77 -5.19 8.47
N PRO B 65 5.37 -6.18 7.77
CA PRO B 65 5.64 -6.06 6.34
C PRO B 65 4.38 -6.20 5.50
N MET B 66 4.31 -5.44 4.42
CA MET B 66 3.20 -5.54 3.48
C MET B 66 3.74 -5.35 2.07
N ASP B 67 3.00 -5.82 1.09
CA ASP B 67 3.40 -5.67 -0.31
C ASP B 67 2.15 -5.57 -1.17
N MET B 68 2.30 -4.95 -2.33
CA MET B 68 1.15 -4.64 -3.17
C MET B 68 0.54 -5.88 -3.82
N SER B 69 1.31 -6.95 -3.94
CA SER B 69 0.77 -8.21 -4.43
C SER B 69 -0.18 -8.83 -3.39
N THR B 70 0.31 -8.99 -2.17
CA THR B 70 -0.47 -9.58 -1.09
C THR B 70 -1.69 -8.71 -0.74
N ILE B 71 -1.52 -7.39 -0.68
CA ILE B 71 -2.63 -6.50 -0.37
C ILE B 71 -3.78 -6.67 -1.35
N LYS B 72 -3.46 -6.84 -2.64
CA LYS B 72 -4.47 -7.05 -3.66
C LYS B 72 -5.15 -8.41 -3.47
N SER B 73 -4.36 -9.43 -3.13
CA SER B 73 -4.87 -10.78 -2.85
C SER B 73 -6.01 -10.74 -1.84
N LYS B 74 -5.75 -10.11 -0.69
CA LYS B 74 -6.73 -10.02 0.39
C LYS B 74 -7.95 -9.23 -0.06
N LEU B 75 -7.72 -8.26 -0.92
CA LEU B 75 -8.78 -7.45 -1.50
C LEU B 75 -9.66 -8.28 -2.43
N GLU B 76 -9.03 -9.11 -3.27
CA GLU B 76 -9.76 -9.98 -4.19
C GLU B 76 -10.60 -10.99 -3.41
N ALA B 77 -10.12 -11.35 -2.23
CA ALA B 77 -10.86 -12.24 -1.34
C ALA B 77 -11.93 -11.48 -0.57
N ARG B 78 -11.77 -10.16 -0.57
CA ARG B 78 -12.69 -9.22 0.09
C ARG B 78 -12.68 -9.44 1.60
N GLU B 79 -11.50 -9.76 2.14
CA GLU B 79 -11.34 -9.94 3.58
C GLU B 79 -11.21 -8.59 4.26
N TYR B 80 -11.18 -7.54 3.45
CA TYR B 80 -11.21 -6.18 3.95
C TYR B 80 -12.63 -5.78 4.27
N ARG B 81 -12.83 -5.14 5.41
CA ARG B 81 -14.16 -4.78 5.85
C ARG B 81 -14.49 -3.35 5.44
N ASP B 82 -13.48 -2.56 5.09
CA ASP B 82 -13.72 -1.18 4.68
C ASP B 82 -12.53 -0.57 3.93
N ALA B 83 -12.74 0.63 3.41
CA ALA B 83 -11.72 1.32 2.64
C ALA B 83 -10.56 1.78 3.52
N GLN B 84 -10.89 2.22 4.74
CA GLN B 84 -9.89 2.65 5.70
C GLN B 84 -8.84 1.58 5.92
N GLU B 85 -9.29 0.33 6.03
CA GLU B 85 -8.39 -0.79 6.17
C GLU B 85 -7.42 -0.88 4.99
N PHE B 86 -7.96 -0.84 3.77
CA PHE B 86 -7.15 -0.90 2.55
C PHE B 86 -6.02 0.14 2.61
N GLY B 87 -6.40 1.38 2.85
CA GLY B 87 -5.44 2.48 2.87
C GLY B 87 -4.37 2.29 3.93
N ALA B 88 -4.75 1.65 5.03
CA ALA B 88 -3.82 1.41 6.13
C ALA B 88 -2.68 0.49 5.70
N ASP B 89 -3.01 -0.70 5.18
CA ASP B 89 -1.99 -1.65 4.76
C ASP B 89 -1.10 -1.09 3.64
N VAL B 90 -1.64 -0.18 2.81
CA VAL B 90 -0.81 0.46 1.78
C VAL B 90 0.24 1.35 2.46
N ARG B 91 -0.17 2.01 3.53
CA ARG B 91 0.70 2.93 4.25
C ARG B 91 1.70 2.13 5.08
N LEU B 92 1.30 0.92 5.46
CA LEU B 92 2.17 0.02 6.21
C LEU B 92 3.50 -0.16 5.50
N MET B 93 3.45 -0.68 4.28
CA MET B 93 4.67 -0.94 3.50
C MET B 93 5.37 0.36 3.13
N PHE B 94 4.61 1.42 2.83
CA PHE B 94 5.24 2.70 2.55
C PHE B 94 5.97 3.21 3.78
N SER B 95 5.42 2.94 4.96
CA SER B 95 6.03 3.38 6.21
C SER B 95 7.16 2.44 6.62
N ASN B 96 7.19 1.23 6.05
CA ASN B 96 8.28 0.28 6.33
C ASN B 96 9.61 0.93 5.98
N CYS B 97 9.69 1.48 4.77
CA CYS B 97 10.90 2.14 4.33
C CYS B 97 11.09 3.44 5.10
N TYR B 98 9.99 4.09 5.49
CA TYR B 98 10.07 5.38 6.18
C TYR B 98 10.76 5.28 7.53
N LYS B 99 10.52 4.20 8.27
CA LYS B 99 11.07 4.09 9.61
C LYS B 99 12.41 3.36 9.63
N TYR B 100 12.69 2.57 8.61
CA TYR B 100 13.93 1.80 8.59
C TYR B 100 14.99 2.45 7.69
N ASN B 101 14.56 3.39 6.86
CA ASN B 101 15.48 4.09 5.96
C ASN B 101 15.39 5.59 6.19
N PRO B 102 16.50 6.32 5.97
CA PRO B 102 16.51 7.77 6.09
C PRO B 102 15.74 8.44 4.96
N PRO B 103 15.11 9.60 5.23
CA PRO B 103 14.22 10.30 4.28
C PRO B 103 14.89 10.74 2.98
N ASP B 104 16.20 10.63 2.93
CA ASP B 104 16.95 10.99 1.73
C ASP B 104 17.19 9.77 0.85
N HIS B 105 16.73 8.62 1.32
CA HIS B 105 17.02 7.36 0.64
C HIS B 105 15.96 7.01 -0.42
N GLU B 106 16.37 6.19 -1.37
CA GLU B 106 15.60 5.83 -2.55
C GLU B 106 14.15 5.45 -2.26
N VAL B 107 13.93 4.30 -1.61
CA VAL B 107 12.58 3.76 -1.46
C VAL B 107 11.63 4.74 -0.81
N VAL B 108 12.13 5.51 0.15
CA VAL B 108 11.26 6.42 0.86
C VAL B 108 10.88 7.59 -0.04
N ALA B 109 11.77 7.93 -0.96
CA ALA B 109 11.53 8.97 -1.93
C ALA B 109 10.59 8.48 -3.03
N MET B 110 10.75 7.22 -3.42
CA MET B 110 9.89 6.63 -4.43
C MET B 110 8.50 6.37 -3.86
N ALA B 111 8.45 6.05 -2.57
CA ALA B 111 7.19 5.89 -1.87
C ALA B 111 6.52 7.24 -1.67
N ARG B 112 7.34 8.27 -1.50
CA ARG B 112 6.86 9.64 -1.33
C ARG B 112 5.98 10.06 -2.50
N LYS B 113 6.41 9.73 -3.71
CA LYS B 113 5.64 10.07 -4.90
C LYS B 113 4.51 9.04 -5.14
N LEU B 114 4.70 7.81 -4.66
CA LEU B 114 3.61 6.83 -4.72
C LEU B 114 2.46 7.26 -3.82
N GLN B 115 2.82 7.72 -2.63
CA GLN B 115 1.86 8.28 -1.68
C GLN B 115 1.13 9.48 -2.30
N ASP B 116 1.77 10.12 -3.28
CA ASP B 116 1.14 11.22 -4.00
C ASP B 116 0.00 10.72 -4.89
N VAL B 117 0.34 9.90 -5.89
CA VAL B 117 -0.67 9.33 -6.78
C VAL B 117 -1.73 8.53 -6.00
N PHE B 118 -1.29 7.74 -5.02
CA PHE B 118 -2.18 7.00 -4.14
C PHE B 118 -3.13 7.94 -3.40
N GLU B 119 -2.61 9.08 -2.93
CA GLU B 119 -3.41 10.03 -2.16
C GLU B 119 -4.58 10.55 -2.99
N MET B 120 -4.29 10.90 -4.25
CA MET B 120 -5.31 11.40 -5.15
C MET B 120 -6.28 10.27 -5.52
N ARG B 121 -5.74 9.08 -5.70
CA ARG B 121 -6.55 7.90 -6.02
C ARG B 121 -7.49 7.57 -4.86
N PHE B 122 -7.03 7.76 -3.62
CA PHE B 122 -7.87 7.52 -2.46
C PHE B 122 -8.70 8.76 -2.13
N ALA B 123 -8.35 9.89 -2.71
CA ALA B 123 -9.16 11.09 -2.61
C ALA B 123 -10.44 10.89 -3.42
N LYS B 124 -10.33 10.06 -4.45
CA LYS B 124 -11.48 9.66 -5.26
C LYS B 124 -12.27 8.56 -4.54
N MET B 125 -12.44 8.72 -3.23
CA MET B 125 -13.17 7.75 -2.42
C MET B 125 -14.49 8.35 -1.97
N PRO B 126 -15.58 8.12 -2.71
CA PRO B 126 -16.90 8.63 -2.35
C PRO B 126 -17.51 7.88 -1.18
N ASP B 127 -18.57 8.46 -0.63
CA ASP B 127 -19.31 7.84 0.46
C ASP B 127 -20.00 6.56 -0.03
N GLU B 128 -20.66 6.66 -1.17
CA GLU B 128 -21.26 5.50 -1.80
C GLU B 128 -20.72 5.34 -3.22
N ASN A 1 20.20 4.16 12.60
CA ASN A 1 20.92 2.87 12.53
C ASN A 1 21.90 2.88 11.36
N PRO A 2 23.20 3.09 11.63
CA PRO A 2 24.22 3.11 10.57
C PRO A 2 24.44 1.74 9.95
N ASP A 3 24.18 0.70 10.72
CA ASP A 3 24.32 -0.66 10.23
C ASP A 3 22.98 -1.22 9.78
N GLY A 4 22.72 -1.11 8.49
CA GLY A 4 21.49 -1.64 7.94
C GLY A 4 20.87 -0.72 6.91
N GLY A 5 19.65 -1.06 6.49
CA GLY A 5 18.94 -0.25 5.53
C GLY A 5 18.94 -0.89 4.15
N SER A 7 19.98 -0.26 1.25
CA SER A 7 20.91 0.33 0.32
C SER A 7 21.16 -0.60 -0.87
N GLY A 8 20.67 -0.22 -2.05
CA GLY A 8 20.85 -1.04 -3.23
C GLY A 8 19.65 -0.99 -4.16
N ALA A 10 17.42 1.54 -7.31
CA ALA A 10 17.43 2.61 -8.30
C ALA A 10 16.14 2.59 -9.09
N PRO A 11 15.55 3.76 -9.39
CA PRO A 11 14.36 3.84 -10.23
C PRO A 11 14.63 3.32 -11.64
N ARG A 12 14.13 2.13 -11.93
CA ARG A 12 14.41 1.48 -13.20
C ARG A 12 13.53 2.05 -14.31
N ARG A 13 13.89 3.24 -14.74
CA ARG A 13 13.20 3.95 -15.80
C ARG A 13 13.98 3.82 -17.11
N ARG A 14 13.30 3.94 -18.23
CA ARG A 14 13.95 3.86 -19.54
C ARG A 14 14.37 5.24 -20.00
N ALA A 15 13.69 6.26 -19.49
CA ALA A 15 14.06 7.63 -19.79
C ALA A 15 15.03 8.14 -18.75
N VAL A 16 16.00 8.95 -19.18
CA VAL A 16 17.01 9.52 -18.28
C VAL A 16 17.83 8.42 -17.63
N LYS B 1 -38.56 11.15 18.58
CA LYS B 1 -38.01 11.79 17.37
C LYS B 1 -37.28 10.75 16.52
N ASP B 2 -37.09 11.06 15.25
CA ASP B 2 -36.43 10.14 14.33
C ASP B 2 -35.13 10.75 13.83
N VAL B 3 -34.17 9.90 13.56
CA VAL B 3 -32.86 10.36 13.08
C VAL B 3 -32.41 9.55 11.86
N PRO B 4 -32.92 9.91 10.67
CA PRO B 4 -32.46 9.30 9.42
C PRO B 4 -31.02 9.68 9.12
N ASP B 5 -30.10 8.92 9.69
CA ASP B 5 -28.68 9.18 9.54
C ASP B 5 -27.92 7.86 9.54
N SER B 6 -27.76 7.29 8.36
CA SER B 6 -27.08 6.02 8.22
C SER B 6 -26.07 6.07 7.08
N GLN B 7 -24.81 6.35 7.42
CA GLN B 7 -23.74 6.30 6.43
C GLN B 7 -23.42 4.85 6.14
N GLN B 8 -23.51 4.02 7.17
CA GLN B 8 -23.24 2.60 7.04
C GLN B 8 -24.11 1.81 8.01
N HIS B 9 -24.66 0.71 7.52
CA HIS B 9 -25.39 -0.21 8.37
C HIS B 9 -24.58 -1.51 8.50
N PRO B 10 -23.87 -1.68 9.63
CA PRO B 10 -22.96 -2.81 9.85
C PRO B 10 -23.59 -4.16 9.52
N ALA B 11 -23.04 -4.82 8.52
CA ALA B 11 -23.52 -6.13 8.12
C ALA B 11 -22.35 -7.01 7.67
N PRO B 12 -22.42 -8.32 7.97
CA PRO B 12 -21.37 -9.29 7.60
C PRO B 12 -21.23 -9.44 6.08
N GLU B 13 -20.28 -8.70 5.48
CA GLU B 13 -20.00 -8.75 4.03
C GLU B 13 -21.12 -8.11 3.23
N LYS B 14 -22.33 -8.64 3.36
CA LYS B 14 -23.48 -8.17 2.59
C LYS B 14 -24.02 -6.87 3.17
N SER B 15 -23.33 -5.78 2.88
CA SER B 15 -23.78 -4.46 3.28
C SER B 15 -24.00 -3.58 2.05
N SER B 16 -23.80 -4.20 0.88
CA SER B 16 -24.03 -3.55 -0.43
C SER B 16 -23.02 -2.43 -0.71
N LYS B 17 -23.10 -1.36 0.06
CA LYS B 17 -22.26 -0.18 -0.16
C LYS B 17 -20.78 -0.51 -0.04
N VAL B 18 -20.42 -1.17 1.07
CA VAL B 18 -19.04 -1.49 1.36
C VAL B 18 -18.36 -2.22 0.22
N SER B 19 -19.09 -3.15 -0.40
CA SER B 19 -18.55 -3.96 -1.48
C SER B 19 -18.11 -3.10 -2.67
N GLU B 20 -18.80 -1.99 -2.89
CA GLU B 20 -18.47 -1.10 -4.01
C GLU B 20 -17.19 -0.36 -3.72
N GLN B 21 -17.11 0.20 -2.52
CA GLN B 21 -15.93 0.94 -2.09
C GLN B 21 -14.67 0.09 -2.16
N LEU B 22 -14.76 -1.17 -1.76
CA LEU B 22 -13.62 -2.10 -1.85
C LEU B 22 -13.21 -2.30 -3.31
N LYS B 23 -14.20 -2.34 -4.20
CA LYS B 23 -13.92 -2.48 -5.63
C LYS B 23 -13.25 -1.23 -6.20
N CYS B 24 -13.56 -0.06 -5.62
CA CYS B 24 -12.87 1.16 -6.02
C CYS B 24 -11.41 1.07 -5.60
N CYS B 25 -11.18 0.46 -4.43
CA CYS B 25 -9.83 0.24 -3.93
C CYS B 25 -9.07 -0.70 -4.86
N SER B 26 -9.78 -1.66 -5.45
CA SER B 26 -9.21 -2.56 -6.43
C SER B 26 -8.71 -1.75 -7.63
N GLY B 27 -9.52 -0.78 -8.04
CA GLY B 27 -9.15 0.13 -9.10
C GLY B 27 -7.85 0.86 -8.81
N ILE B 28 -7.63 1.19 -7.54
CA ILE B 28 -6.42 1.89 -7.14
C ILE B 28 -5.20 0.99 -7.27
N LEU B 29 -5.29 -0.25 -6.79
CA LEU B 29 -4.17 -1.18 -6.88
C LEU B 29 -3.89 -1.55 -8.33
N LYS B 30 -4.94 -1.70 -9.14
CA LYS B 30 -4.75 -1.93 -10.56
C LYS B 30 -3.99 -0.77 -11.19
N GLU B 31 -4.31 0.44 -10.74
CA GLU B 31 -3.63 1.63 -11.21
C GLU B 31 -2.18 1.63 -10.76
N MET B 32 -1.96 1.36 -9.49
CA MET B 32 -0.61 1.37 -8.93
C MET B 32 0.21 0.19 -9.46
N PHE B 33 -0.46 -0.77 -10.10
CA PHE B 33 0.22 -1.87 -10.78
C PHE B 33 0.35 -1.60 -12.27
N ALA B 34 -0.15 -0.47 -12.73
CA ALA B 34 -0.05 -0.10 -14.13
C ALA B 34 1.41 0.13 -14.48
N LYS B 35 1.76 -0.22 -15.71
CA LYS B 35 3.15 -0.28 -16.14
C LYS B 35 3.81 1.09 -16.08
N LYS B 36 3.00 2.15 -16.05
CA LYS B 36 3.51 3.50 -15.93
C LYS B 36 4.05 3.76 -14.52
N HIS B 37 3.55 3.02 -13.55
CA HIS B 37 4.01 3.17 -12.17
C HIS B 37 5.08 2.14 -11.85
N ALA B 38 5.31 1.22 -12.77
CA ALA B 38 6.20 0.09 -12.54
C ALA B 38 7.67 0.49 -12.74
N ALA B 39 7.89 1.71 -13.18
CA ALA B 39 9.24 2.21 -13.40
C ALA B 39 10.00 2.35 -12.08
N TYR B 40 9.29 2.79 -11.06
CA TYR B 40 9.93 3.11 -9.79
C TYR B 40 9.32 2.34 -8.62
N ALA B 41 8.09 1.88 -8.76
CA ALA B 41 7.41 1.20 -7.66
C ALA B 41 7.66 -0.31 -7.72
N TRP B 42 8.65 -0.72 -8.52
CA TRP B 42 8.98 -2.13 -8.67
C TRP B 42 9.27 -2.85 -7.33
N PRO B 43 9.97 -2.22 -6.34
CA PRO B 43 10.21 -2.85 -5.03
C PRO B 43 8.95 -3.06 -4.18
N PHE B 44 7.86 -2.35 -4.51
CA PHE B 44 6.61 -2.52 -3.78
C PHE B 44 5.72 -3.58 -4.45
N TYR B 45 5.89 -3.79 -5.76
CA TYR B 45 5.10 -4.81 -6.48
C TYR B 45 5.44 -6.21 -5.94
N LYS B 46 6.72 -6.47 -5.77
CA LYS B 46 7.19 -7.71 -5.16
C LYS B 46 7.67 -7.42 -3.75
N PRO B 47 7.29 -8.25 -2.76
CA PRO B 47 7.82 -8.14 -1.41
C PRO B 47 9.36 -8.13 -1.40
N VAL B 48 9.94 -7.08 -0.80
CA VAL B 48 11.39 -6.85 -0.78
C VAL B 48 12.17 -8.16 -0.65
N ASP B 49 12.93 -8.45 -1.70
CA ASP B 49 13.81 -9.60 -1.72
C ASP B 49 15.03 -9.31 -0.86
N VAL B 50 14.99 -9.80 0.37
CA VAL B 50 15.98 -9.47 1.40
C VAL B 50 17.38 -9.91 0.98
N GLU B 51 17.43 -10.98 0.20
CA GLU B 51 18.70 -11.55 -0.25
C GLU B 51 19.36 -10.65 -1.29
N ALA B 52 18.55 -10.05 -2.14
CA ALA B 52 19.02 -9.23 -3.24
C ALA B 52 19.91 -8.08 -2.77
N LEU B 53 19.36 -7.19 -1.97
CA LEU B 53 20.12 -6.03 -1.49
C LEU B 53 21.15 -6.47 -0.46
N GLY B 54 20.93 -7.66 0.09
CA GLY B 54 21.84 -8.20 1.07
C GLY B 54 21.61 -7.60 2.44
N LEU B 55 20.34 -7.43 2.80
CA LEU B 55 19.99 -6.85 4.08
C LEU B 55 20.31 -7.85 5.20
N HIS B 56 20.60 -7.33 6.38
CA HIS B 56 20.98 -8.18 7.50
C HIS B 56 19.86 -8.27 8.54
N ASP B 57 19.08 -7.21 8.65
CA ASP B 57 18.06 -7.13 9.70
C ASP B 57 16.75 -6.56 9.15
N TYR B 58 15.95 -7.43 8.56
CA TYR B 58 14.65 -7.07 8.00
C TYR B 58 13.58 -7.18 9.08
N CYS B 59 13.45 -8.37 9.65
CA CYS B 59 12.38 -8.66 10.59
C CYS B 59 12.66 -8.06 11.97
N ASP B 60 13.90 -7.61 12.19
CA ASP B 60 14.27 -6.99 13.45
C ASP B 60 13.66 -5.61 13.59
N ILE B 61 13.60 -4.87 12.50
CA ILE B 61 13.01 -3.54 12.51
C ILE B 61 11.59 -3.60 11.97
N ILE B 62 11.45 -4.24 10.82
CA ILE B 62 10.16 -4.37 10.15
C ILE B 62 9.31 -5.42 10.86
N LYS B 63 8.40 -4.97 11.72
CA LYS B 63 7.57 -5.90 12.48
C LYS B 63 6.23 -6.13 11.80
N HIS B 64 5.89 -5.25 10.87
CA HIS B 64 4.63 -5.35 10.13
C HIS B 64 4.89 -5.22 8.64
N PRO B 65 5.57 -6.20 8.00
CA PRO B 65 5.86 -6.13 6.56
C PRO B 65 4.61 -6.36 5.71
N MET B 66 4.42 -5.51 4.72
CA MET B 66 3.32 -5.66 3.78
C MET B 66 3.84 -5.44 2.37
N ASP B 67 3.09 -5.85 1.36
CA ASP B 67 3.50 -5.64 -0.03
C ASP B 67 2.27 -5.54 -0.93
N MET B 68 2.46 -4.92 -2.09
CA MET B 68 1.37 -4.59 -2.99
C MET B 68 0.74 -5.82 -3.65
N SER B 69 1.51 -6.89 -3.85
CA SER B 69 0.95 -8.09 -4.44
C SER B 69 0.03 -8.81 -3.44
N THR B 70 0.50 -8.97 -2.20
CA THR B 70 -0.29 -9.61 -1.15
C THR B 70 -1.55 -8.81 -0.81
N ILE B 71 -1.42 -7.49 -0.69
CA ILE B 71 -2.56 -6.65 -0.33
C ILE B 71 -3.72 -6.81 -1.35
N LYS B 72 -3.38 -6.90 -2.63
CA LYS B 72 -4.39 -7.10 -3.67
C LYS B 72 -5.05 -8.47 -3.54
N SER B 73 -4.25 -9.48 -3.19
CA SER B 73 -4.75 -10.84 -3.00
C SER B 73 -5.89 -10.86 -2.00
N LYS B 74 -5.68 -10.25 -0.84
CA LYS B 74 -6.67 -10.21 0.23
C LYS B 74 -7.92 -9.45 -0.23
N LEU B 75 -7.69 -8.42 -1.03
CA LEU B 75 -8.77 -7.63 -1.59
C LEU B 75 -9.63 -8.46 -2.54
N GLU B 76 -8.97 -9.27 -3.38
CA GLU B 76 -9.68 -10.18 -4.28
C GLU B 76 -10.52 -11.17 -3.50
N ALA B 77 -10.06 -11.52 -2.30
CA ALA B 77 -10.80 -12.42 -1.42
C ALA B 77 -11.90 -11.66 -0.69
N ARG B 78 -11.78 -10.34 -0.71
CA ARG B 78 -12.74 -9.43 -0.08
C ARG B 78 -12.72 -9.60 1.43
N GLU B 79 -11.55 -9.91 1.98
CA GLU B 79 -11.40 -10.09 3.41
C GLU B 79 -11.31 -8.73 4.11
N TYR B 80 -11.32 -7.66 3.32
CA TYR B 80 -11.32 -6.32 3.85
C TYR B 80 -12.71 -5.91 4.31
N ARG B 81 -12.77 -5.25 5.46
CA ARG B 81 -14.03 -4.85 6.06
C ARG B 81 -14.49 -3.51 5.51
N ASP B 82 -13.53 -2.65 5.18
CA ASP B 82 -13.88 -1.33 4.65
C ASP B 82 -12.70 -0.64 3.96
N ALA B 83 -12.98 0.55 3.41
CA ALA B 83 -11.97 1.29 2.63
C ALA B 83 -10.83 1.80 3.52
N GLN B 84 -11.14 2.18 4.75
CA GLN B 84 -10.14 2.74 5.65
C GLN B 84 -9.08 1.70 5.99
N GLU B 85 -9.48 0.44 5.94
CA GLU B 85 -8.54 -0.66 6.12
C GLU B 85 -7.57 -0.73 4.97
N PHE B 86 -8.09 -0.73 3.74
CA PHE B 86 -7.26 -0.80 2.54
C PHE B 86 -6.15 0.25 2.57
N GLY B 87 -6.54 1.49 2.85
CA GLY B 87 -5.57 2.58 2.93
C GLY B 87 -4.53 2.35 3.99
N ALA B 88 -4.93 1.73 5.09
CA ALA B 88 -4.04 1.47 6.20
C ALA B 88 -2.89 0.53 5.81
N ASP B 89 -3.21 -0.62 5.20
CA ASP B 89 -2.18 -1.58 4.84
C ASP B 89 -1.26 -1.07 3.70
N VAL B 90 -1.78 -0.22 2.81
CA VAL B 90 -0.91 0.39 1.79
C VAL B 90 0.10 1.32 2.47
N ARG B 91 -0.37 2.06 3.48
CA ARG B 91 0.48 3.00 4.20
C ARG B 91 1.45 2.25 5.10
N LEU B 92 1.08 1.02 5.42
CA LEU B 92 1.91 0.13 6.23
C LEU B 92 3.27 -0.07 5.56
N MET B 93 3.26 -0.73 4.41
CA MET B 93 4.50 -1.02 3.67
C MET B 93 5.24 0.26 3.29
N PHE B 94 4.51 1.31 2.95
CA PHE B 94 5.16 2.59 2.63
C PHE B 94 5.91 3.11 3.85
N SER B 95 5.36 2.88 5.04
CA SER B 95 6.00 3.33 6.27
C SER B 95 7.13 2.39 6.68
N ASN B 96 7.16 1.19 6.11
CA ASN B 96 8.26 0.25 6.36
C ASN B 96 9.58 0.88 5.94
N CYS B 97 9.63 1.41 4.73
CA CYS B 97 10.85 2.04 4.23
C CYS B 97 11.13 3.35 4.96
N TYR B 98 10.08 4.07 5.36
CA TYR B 98 10.25 5.38 5.97
C TYR B 98 11.00 5.32 7.29
N LYS B 99 10.74 4.30 8.10
CA LYS B 99 11.37 4.21 9.40
C LYS B 99 12.73 3.53 9.35
N TYR B 100 12.86 2.50 8.52
CA TYR B 100 14.10 1.74 8.47
C TYR B 100 15.14 2.42 7.57
N ASN B 101 14.68 3.29 6.70
CA ASN B 101 15.57 4.00 5.79
C ASN B 101 15.42 5.50 5.99
N PRO B 102 16.53 6.24 6.01
CA PRO B 102 16.52 7.70 6.11
C PRO B 102 15.82 8.33 4.90
N PRO B 103 15.17 9.49 5.09
CA PRO B 103 14.37 10.16 4.04
C PRO B 103 15.20 10.56 2.82
N ASP B 104 16.51 10.45 2.92
CA ASP B 104 17.40 10.76 1.80
C ASP B 104 17.83 9.47 1.10
N HIS B 105 17.04 8.41 1.29
CA HIS B 105 17.34 7.13 0.66
C HIS B 105 16.34 6.85 -0.49
N GLU B 106 16.75 5.94 -1.37
CA GLU B 106 16.01 5.63 -2.59
C GLU B 106 14.53 5.32 -2.36
N VAL B 107 14.22 4.15 -1.78
CA VAL B 107 12.82 3.66 -1.73
C VAL B 107 11.88 4.67 -1.10
N VAL B 108 12.36 5.40 -0.12
CA VAL B 108 11.48 6.33 0.58
C VAL B 108 11.13 7.49 -0.34
N ALA B 109 12.06 7.81 -1.24
CA ALA B 109 11.86 8.83 -2.26
C ALA B 109 10.78 8.40 -3.25
N MET B 110 10.83 7.14 -3.62
CA MET B 110 9.87 6.59 -4.58
C MET B 110 8.51 6.45 -3.92
N ALA B 111 8.52 6.21 -2.63
CA ALA B 111 7.29 6.14 -1.86
C ALA B 111 6.67 7.52 -1.71
N ARG B 112 7.50 8.58 -1.78
CA ARG B 112 6.99 9.96 -1.70
C ARG B 112 5.99 10.20 -2.82
N LYS B 113 6.40 9.95 -4.05
CA LYS B 113 5.52 10.12 -5.21
C LYS B 113 4.41 9.07 -5.24
N LEU B 114 4.71 7.83 -4.85
CA LEU B 114 3.68 6.79 -4.79
C LEU B 114 2.57 7.19 -3.83
N GLN B 115 2.97 7.71 -2.68
CA GLN B 115 2.04 8.17 -1.66
C GLN B 115 1.20 9.32 -2.18
N ASP B 116 1.78 10.11 -3.09
CA ASP B 116 1.09 11.27 -3.66
C ASP B 116 0.04 10.84 -4.67
N VAL B 117 0.43 10.03 -5.65
CA VAL B 117 -0.54 9.48 -6.62
C VAL B 117 -1.63 8.66 -5.90
N PHE B 118 -1.21 7.85 -4.93
CA PHE B 118 -2.13 7.09 -4.08
C PHE B 118 -3.07 8.03 -3.32
N GLU B 119 -2.50 9.11 -2.79
CA GLU B 119 -3.26 10.06 -1.98
C GLU B 119 -4.50 10.54 -2.71
N MET B 120 -4.30 11.06 -3.92
CA MET B 120 -5.41 11.56 -4.73
C MET B 120 -6.35 10.42 -5.13
N ARG B 121 -5.76 9.26 -5.39
CA ARG B 121 -6.54 8.08 -5.78
C ARG B 121 -7.53 7.67 -4.69
N PHE B 122 -7.10 7.74 -3.43
CA PHE B 122 -7.96 7.38 -2.31
C PHE B 122 -8.76 8.59 -1.83
N ALA B 123 -8.29 9.78 -2.19
CA ALA B 123 -8.93 11.02 -1.77
C ALA B 123 -10.37 11.12 -2.26
N LYS B 124 -10.66 10.54 -3.41
CA LYS B 124 -12.02 10.49 -3.92
C LYS B 124 -12.88 9.60 -3.03
N MET B 125 -12.85 8.29 -3.30
CA MET B 125 -13.62 7.28 -2.56
C MET B 125 -15.04 7.78 -2.27
N PRO B 126 -15.94 7.68 -3.26
CA PRO B 126 -17.32 8.13 -3.11
C PRO B 126 -18.10 7.27 -2.13
N ASP B 127 -19.10 7.87 -1.50
CA ASP B 127 -19.93 7.15 -0.55
C ASP B 127 -21.35 6.95 -1.08
N GLU B 128 -21.68 7.62 -2.17
CA GLU B 128 -22.99 7.50 -2.78
C GLU B 128 -22.89 6.88 -4.16
N ASN A 1 27.32 2.89 11.47
CA ASN A 1 26.48 1.70 11.74
C ASN A 1 26.54 0.75 10.55
N PRO A 2 26.29 -0.55 10.77
CA PRO A 2 26.26 -1.54 9.68
C PRO A 2 25.09 -1.32 8.73
N ASP A 3 25.24 -0.32 7.86
CA ASP A 3 24.22 0.08 6.90
C ASP A 3 22.99 0.64 7.60
N GLY A 4 22.18 -0.24 8.15
CA GLY A 4 20.99 0.19 8.86
C GLY A 4 19.93 0.70 7.91
N GLY A 5 19.43 -0.18 7.09
CA GLY A 5 18.39 0.18 6.15
C GLY A 5 18.60 -0.44 4.80
N SER A 7 20.00 -0.09 1.94
CA SER A 7 21.04 0.39 1.06
C SER A 7 21.31 -0.64 -0.04
N GLY A 8 20.92 -0.30 -1.26
CA GLY A 8 21.12 -1.20 -2.37
C GLY A 8 19.93 -1.23 -3.30
N ALA A 10 18.71 0.42 -7.10
CA ALA A 10 18.75 1.19 -8.33
C ALA A 10 17.44 0.98 -9.09
N PRO A 11 16.58 2.01 -9.14
CA PRO A 11 15.25 1.91 -9.74
C PRO A 11 15.29 1.78 -11.25
N ARG A 12 15.36 2.90 -11.95
CA ARG A 12 15.45 2.91 -13.39
C ARG A 12 16.60 3.82 -13.82
N ARG A 13 17.71 3.70 -13.11
CA ARG A 13 18.87 4.54 -13.35
C ARG A 13 20.09 3.67 -13.60
N ARG A 14 20.55 3.00 -12.54
CA ARG A 14 21.74 2.16 -12.61
C ARG A 14 22.95 2.99 -13.03
N ALA A 15 23.30 3.95 -12.18
CA ALA A 15 24.37 4.88 -12.48
C ALA A 15 25.70 4.41 -11.90
N VAL A 16 25.64 3.58 -10.86
CA VAL A 16 26.83 3.09 -10.21
C VAL A 16 26.71 1.60 -9.92
N LYS B 1 -27.36 14.69 -5.49
CA LYS B 1 -27.72 13.29 -5.81
C LYS B 1 -28.39 12.61 -4.62
N ASP B 2 -28.43 13.31 -3.49
CA ASP B 2 -28.83 12.68 -2.25
C ASP B 2 -30.34 12.77 -2.02
N VAL B 3 -30.92 11.63 -1.68
CA VAL B 3 -32.33 11.55 -1.32
C VAL B 3 -32.46 10.77 -0.02
N PRO B 4 -32.21 11.42 1.12
CA PRO B 4 -32.18 10.76 2.43
C PRO B 4 -33.54 10.22 2.86
N ASP B 5 -33.69 8.91 2.75
CA ASP B 5 -34.88 8.22 3.27
C ASP B 5 -34.91 8.34 4.78
N SER B 6 -33.98 7.66 5.44
CA SER B 6 -33.81 7.79 6.87
C SER B 6 -32.70 8.79 7.15
N GLN B 7 -31.62 8.65 6.39
CA GLN B 7 -30.50 9.60 6.37
C GLN B 7 -29.52 9.14 5.31
N GLN B 8 -28.97 7.96 5.54
CA GLN B 8 -28.09 7.31 4.59
C GLN B 8 -28.84 6.18 3.91
N HIS B 9 -28.14 5.38 3.15
CA HIS B 9 -28.73 4.20 2.53
C HIS B 9 -28.41 2.98 3.37
N PRO B 10 -29.40 2.47 4.15
CA PRO B 10 -29.16 1.37 5.07
C PRO B 10 -28.85 0.07 4.34
N ALA B 11 -27.87 -0.66 4.85
CA ALA B 11 -27.50 -1.94 4.27
C ALA B 11 -28.05 -3.08 5.12
N PRO B 12 -29.17 -3.69 4.71
CA PRO B 12 -29.80 -4.80 5.45
C PRO B 12 -28.97 -6.09 5.37
N GLU B 13 -27.92 -6.18 6.19
CA GLU B 13 -27.04 -7.37 6.25
C GLU B 13 -26.15 -7.44 5.02
N LYS B 14 -26.76 -7.62 3.86
CA LYS B 14 -26.02 -7.62 2.61
C LYS B 14 -25.50 -6.20 2.34
N SER B 15 -24.29 -5.93 2.77
CA SER B 15 -23.73 -4.61 2.63
C SER B 15 -22.87 -4.53 1.37
N SER B 16 -23.53 -4.46 0.22
CA SER B 16 -22.85 -4.43 -1.06
C SER B 16 -22.21 -3.06 -1.32
N LYS B 17 -22.64 -2.07 -0.55
CA LYS B 17 -22.05 -0.73 -0.59
C LYS B 17 -20.55 -0.82 -0.33
N VAL B 18 -20.21 -1.52 0.73
CA VAL B 18 -18.83 -1.74 1.12
C VAL B 18 -18.03 -2.35 -0.03
N SER B 19 -18.65 -3.28 -0.75
CA SER B 19 -17.98 -3.94 -1.86
C SER B 19 -17.55 -2.92 -2.92
N GLU B 20 -18.33 -1.84 -3.06
CA GLU B 20 -18.05 -0.82 -4.06
C GLU B 20 -16.79 -0.06 -3.67
N GLN B 21 -16.76 0.38 -2.41
CA GLN B 21 -15.59 1.08 -1.87
C GLN B 21 -14.31 0.25 -2.03
N LEU B 22 -14.39 -1.03 -1.67
CA LEU B 22 -13.24 -1.90 -1.80
C LEU B 22 -12.84 -2.05 -3.26
N LYS B 23 -13.82 -2.16 -4.14
CA LYS B 23 -13.57 -2.29 -5.57
C LYS B 23 -12.95 -1.01 -6.14
N CYS B 24 -13.24 0.13 -5.54
CA CYS B 24 -12.56 1.36 -5.90
C CYS B 24 -11.09 1.23 -5.55
N CYS B 25 -10.83 0.65 -4.38
CA CYS B 25 -9.47 0.38 -3.93
C CYS B 25 -8.79 -0.62 -4.85
N SER B 26 -9.58 -1.56 -5.38
CA SER B 26 -9.08 -2.54 -6.34
C SER B 26 -8.60 -1.83 -7.60
N GLY B 27 -9.41 -0.89 -8.07
CA GLY B 27 -9.05 -0.10 -9.23
C GLY B 27 -7.80 0.73 -8.99
N ILE B 28 -7.53 1.09 -7.73
CA ILE B 28 -6.33 1.85 -7.42
C ILE B 28 -5.10 0.96 -7.55
N LEU B 29 -5.17 -0.26 -7.00
CA LEU B 29 -4.06 -1.21 -7.13
C LEU B 29 -3.89 -1.64 -8.58
N LYS B 30 -4.99 -1.82 -9.30
CA LYS B 30 -4.95 -2.08 -10.73
C LYS B 30 -4.11 -1.01 -11.42
N GLU B 31 -4.38 0.23 -11.04
CA GLU B 31 -3.73 1.39 -11.61
C GLU B 31 -2.28 1.50 -11.17
N MET B 32 -2.01 1.29 -9.88
CA MET B 32 -0.65 1.44 -9.36
C MET B 32 0.23 0.27 -9.80
N PHE B 33 -0.39 -0.79 -10.31
CA PHE B 33 0.34 -1.91 -10.89
C PHE B 33 0.60 -1.70 -12.38
N ALA B 34 -0.06 -0.70 -12.98
CA ALA B 34 0.15 -0.39 -14.38
C ALA B 34 1.61 -0.05 -14.60
N LYS B 35 2.14 -0.48 -15.74
CA LYS B 35 3.58 -0.44 -16.01
C LYS B 35 4.13 0.98 -16.01
N LYS B 36 3.25 1.96 -16.11
CA LYS B 36 3.65 3.36 -15.99
C LYS B 36 4.12 3.67 -14.58
N HIS B 37 3.59 2.96 -13.60
CA HIS B 37 3.95 3.20 -12.21
C HIS B 37 5.01 2.20 -11.77
N ALA B 38 5.32 1.25 -12.66
CA ALA B 38 6.25 0.18 -12.34
C ALA B 38 7.69 0.63 -12.51
N ALA B 39 7.88 1.81 -13.07
CA ALA B 39 9.20 2.36 -13.31
C ALA B 39 9.96 2.55 -12.00
N TYR B 40 9.22 2.89 -10.96
CA TYR B 40 9.82 3.20 -9.65
C TYR B 40 9.24 2.33 -8.55
N ALA B 41 7.96 2.01 -8.60
CA ALA B 41 7.34 1.29 -7.49
C ALA B 41 7.44 -0.22 -7.66
N TRP B 42 8.36 -0.68 -8.51
CA TRP B 42 8.60 -2.10 -8.66
C TRP B 42 8.94 -2.80 -7.32
N PRO B 43 9.71 -2.16 -6.38
CA PRO B 43 9.95 -2.75 -5.05
C PRO B 43 8.67 -2.89 -4.20
N PHE B 44 7.66 -2.06 -4.44
CA PHE B 44 6.43 -2.14 -3.65
C PHE B 44 5.46 -3.16 -4.23
N TYR B 45 5.62 -3.54 -5.50
CA TYR B 45 4.81 -4.59 -6.09
C TYR B 45 5.02 -5.90 -5.35
N LYS B 46 6.28 -6.19 -5.06
CA LYS B 46 6.67 -7.49 -4.51
C LYS B 46 7.31 -7.31 -3.13
N PRO B 47 7.18 -8.32 -2.25
CA PRO B 47 7.91 -8.35 -0.98
C PRO B 47 9.42 -8.25 -1.21
N VAL B 48 10.06 -7.30 -0.52
CA VAL B 48 11.49 -7.08 -0.65
C VAL B 48 12.29 -8.34 -0.37
N ASP B 49 13.26 -8.61 -1.23
CA ASP B 49 14.21 -9.69 -0.99
C ASP B 49 15.36 -9.16 -0.17
N VAL B 50 15.33 -9.48 1.12
CA VAL B 50 16.30 -8.97 2.09
C VAL B 50 17.72 -9.38 1.71
N GLU B 51 17.88 -10.58 1.16
CA GLU B 51 19.20 -11.10 0.82
C GLU B 51 19.83 -10.27 -0.31
N ALA B 52 18.98 -9.73 -1.17
CA ALA B 52 19.42 -8.92 -2.30
C ALA B 52 20.23 -7.71 -1.84
N LEU B 53 19.65 -6.92 -0.95
CA LEU B 53 20.33 -5.71 -0.47
C LEU B 53 21.30 -6.05 0.64
N GLY B 54 21.02 -7.15 1.35
CA GLY B 54 21.89 -7.58 2.42
C GLY B 54 21.55 -6.90 3.73
N LEU B 55 20.26 -6.72 3.98
CA LEU B 55 19.80 -6.05 5.19
C LEU B 55 20.11 -6.92 6.40
N HIS B 56 20.70 -6.32 7.44
CA HIS B 56 21.13 -7.08 8.60
C HIS B 56 20.06 -7.09 9.69
N ASP B 57 19.23 -6.06 9.72
CA ASP B 57 18.26 -5.91 10.81
C ASP B 57 16.87 -5.52 10.28
N TYR B 58 16.13 -6.50 9.77
CA TYR B 58 14.78 -6.23 9.28
C TYR B 58 13.77 -6.50 10.39
N CYS B 59 13.98 -7.56 11.16
CA CYS B 59 13.02 -7.98 12.17
C CYS B 59 13.05 -7.03 13.37
N ASP B 60 14.19 -6.38 13.56
CA ASP B 60 14.37 -5.42 14.65
C ASP B 60 13.48 -4.21 14.48
N ILE B 61 13.39 -3.73 13.26
CA ILE B 61 12.62 -2.53 12.97
C ILE B 61 11.25 -2.89 12.41
N ILE B 62 11.26 -3.74 11.40
CA ILE B 62 10.07 -4.07 10.62
C ILE B 62 9.24 -5.14 11.34
N LYS B 63 8.17 -4.73 11.98
CA LYS B 63 7.31 -5.66 12.72
C LYS B 63 6.05 -6.00 11.91
N HIS B 64 5.61 -5.06 11.08
CA HIS B 64 4.41 -5.24 10.26
C HIS B 64 4.72 -5.10 8.77
N PRO B 65 5.33 -6.11 8.13
CA PRO B 65 5.59 -6.06 6.69
C PRO B 65 4.31 -6.25 5.86
N MET B 66 4.23 -5.52 4.77
CA MET B 66 3.11 -5.66 3.84
C MET B 66 3.65 -5.53 2.41
N ASP B 67 2.92 -6.07 1.44
CA ASP B 67 3.32 -5.94 0.03
C ASP B 67 2.09 -5.86 -0.84
N MET B 68 2.23 -5.16 -1.97
CA MET B 68 1.10 -4.83 -2.82
C MET B 68 0.51 -6.05 -3.51
N SER B 69 1.33 -7.08 -3.71
CA SER B 69 0.83 -8.34 -4.26
C SER B 69 -0.15 -8.99 -3.29
N THR B 70 0.31 -9.24 -2.07
CA THR B 70 -0.52 -9.87 -1.05
C THR B 70 -1.75 -9.03 -0.70
N ILE B 71 -1.57 -7.72 -0.55
CA ILE B 71 -2.69 -6.84 -0.21
C ILE B 71 -3.82 -6.94 -1.24
N LYS B 72 -3.45 -7.01 -2.53
CA LYS B 72 -4.44 -7.15 -3.59
C LYS B 72 -5.14 -8.50 -3.52
N SER B 73 -4.37 -9.55 -3.21
CA SER B 73 -4.91 -10.90 -3.06
C SER B 73 -6.07 -10.93 -2.06
N LYS B 74 -5.83 -10.38 -0.88
CA LYS B 74 -6.83 -10.34 0.17
C LYS B 74 -8.04 -9.52 -0.25
N LEU B 75 -7.76 -8.47 -1.00
CA LEU B 75 -8.79 -7.60 -1.53
C LEU B 75 -9.66 -8.30 -2.58
N GLU B 76 -9.04 -9.07 -3.48
CA GLU B 76 -9.79 -9.79 -4.50
C GLU B 76 -10.61 -10.91 -3.87
N ALA B 77 -10.17 -11.35 -2.70
CA ALA B 77 -10.92 -12.31 -1.90
C ALA B 77 -12.02 -11.62 -1.11
N ARG B 78 -11.85 -10.30 -0.99
CA ARG B 78 -12.80 -9.42 -0.30
C ARG B 78 -12.83 -9.73 1.19
N GLU B 79 -11.65 -9.96 1.76
CA GLU B 79 -11.52 -10.22 3.18
C GLU B 79 -11.47 -8.90 3.95
N TYR B 80 -11.38 -7.81 3.21
CA TYR B 80 -11.36 -6.48 3.81
C TYR B 80 -12.77 -6.03 4.18
N ARG B 81 -12.89 -5.39 5.33
CA ARG B 81 -14.20 -5.01 5.83
C ARG B 81 -14.52 -3.57 5.45
N ASP B 82 -13.51 -2.76 5.19
CA ASP B 82 -13.75 -1.36 4.81
C ASP B 82 -12.56 -0.72 4.11
N ALA B 83 -12.81 0.43 3.49
CA ALA B 83 -11.79 1.18 2.75
C ALA B 83 -10.67 1.63 3.68
N GLN B 84 -11.02 2.00 4.90
CA GLN B 84 -10.05 2.49 5.87
C GLN B 84 -9.01 1.43 6.19
N GLU B 85 -9.41 0.17 6.15
CA GLU B 85 -8.48 -0.93 6.34
C GLU B 85 -7.48 -1.00 5.19
N PHE B 86 -7.98 -0.98 3.95
CA PHE B 86 -7.12 -1.02 2.77
C PHE B 86 -6.03 0.06 2.83
N GLY B 87 -6.46 1.28 3.05
CA GLY B 87 -5.54 2.41 3.09
C GLY B 87 -4.47 2.24 4.16
N ALA B 88 -4.85 1.58 5.25
CA ALA B 88 -3.94 1.35 6.36
C ALA B 88 -2.79 0.43 5.95
N ASP B 89 -3.10 -0.76 5.44
CA ASP B 89 -2.05 -1.71 5.06
C ASP B 89 -1.17 -1.19 3.92
N VAL B 90 -1.74 -0.37 3.02
CA VAL B 90 -0.94 0.26 1.98
C VAL B 90 0.09 1.20 2.61
N ARG B 91 -0.36 1.95 3.62
CA ARG B 91 0.48 2.94 4.28
C ARG B 91 1.46 2.24 5.20
N LEU B 92 1.10 1.02 5.60
CA LEU B 92 1.96 0.18 6.43
C LEU B 92 3.32 -0.03 5.77
N MET B 93 3.32 -0.73 4.64
CA MET B 93 4.55 -1.02 3.91
C MET B 93 5.27 0.25 3.48
N PHE B 94 4.50 1.28 3.12
CA PHE B 94 5.11 2.53 2.70
C PHE B 94 5.78 3.22 3.90
N SER B 95 5.22 3.00 5.10
CA SER B 95 5.79 3.56 6.32
C SER B 95 7.00 2.72 6.78
N ASN B 96 6.99 1.44 6.45
CA ASN B 96 8.11 0.54 6.79
C ASN B 96 9.43 1.10 6.28
N CYS B 97 9.45 1.49 5.01
CA CYS B 97 10.65 2.10 4.44
C CYS B 97 10.91 3.48 5.07
N TYR B 98 9.84 4.21 5.40
CA TYR B 98 9.98 5.55 5.97
C TYR B 98 10.70 5.55 7.31
N LYS B 99 10.45 4.55 8.14
CA LYS B 99 11.02 4.53 9.49
C LYS B 99 12.32 3.73 9.55
N TYR B 100 12.59 2.94 8.52
CA TYR B 100 13.82 2.14 8.50
C TYR B 100 14.84 2.75 7.53
N ASN B 101 14.40 3.72 6.74
CA ASN B 101 15.29 4.38 5.80
C ASN B 101 15.19 5.89 5.97
N PRO B 102 16.29 6.61 5.71
CA PRO B 102 16.29 8.08 5.77
C PRO B 102 15.52 8.67 4.59
N PRO B 103 14.91 9.86 4.80
CA PRO B 103 14.02 10.48 3.79
C PRO B 103 14.71 10.88 2.51
N ASP B 104 16.03 10.76 2.48
CA ASP B 104 16.83 11.08 1.31
C ASP B 104 17.15 9.81 0.53
N HIS B 105 16.60 8.68 0.97
CA HIS B 105 16.93 7.40 0.37
C HIS B 105 15.92 7.00 -0.72
N GLU B 106 16.39 6.18 -1.65
CA GLU B 106 15.65 5.77 -2.85
C GLU B 106 14.20 5.38 -2.59
N VAL B 107 13.97 4.25 -1.90
CA VAL B 107 12.62 3.71 -1.76
C VAL B 107 11.66 4.71 -1.13
N VAL B 108 12.15 5.46 -0.16
CA VAL B 108 11.26 6.38 0.53
C VAL B 108 10.95 7.58 -0.37
N ALA B 109 11.91 7.93 -1.21
CA ALA B 109 11.73 8.98 -2.19
C ALA B 109 10.78 8.52 -3.30
N MET B 110 10.88 7.24 -3.64
CA MET B 110 10.00 6.66 -4.64
C MET B 110 8.59 6.49 -4.07
N ALA B 111 8.52 6.14 -2.80
CA ALA B 111 7.24 6.06 -2.10
C ALA B 111 6.62 7.44 -1.97
N ARG B 112 7.46 8.46 -1.88
CA ARG B 112 7.00 9.84 -1.77
C ARG B 112 6.12 10.22 -2.95
N LYS B 113 6.53 9.84 -4.16
CA LYS B 113 5.76 10.18 -5.35
C LYS B 113 4.57 9.22 -5.52
N LEU B 114 4.72 7.97 -5.04
CA LEU B 114 3.62 7.00 -5.10
C LEU B 114 2.53 7.37 -4.11
N GLN B 115 2.95 7.72 -2.90
CA GLN B 115 2.03 8.14 -1.85
C GLN B 115 1.24 9.37 -2.31
N ASP B 116 1.84 10.16 -3.20
CA ASP B 116 1.17 11.33 -3.74
C ASP B 116 0.02 10.93 -4.68
N VAL B 117 0.34 10.13 -5.71
CA VAL B 117 -0.71 9.65 -6.63
C VAL B 117 -1.76 8.81 -5.88
N PHE B 118 -1.30 7.90 -5.03
CA PHE B 118 -2.19 7.11 -4.16
C PHE B 118 -3.07 8.02 -3.31
N GLU B 119 -2.48 9.11 -2.80
CA GLU B 119 -3.22 10.06 -1.97
C GLU B 119 -4.44 10.59 -2.69
N MET B 120 -4.23 11.17 -3.86
CA MET B 120 -5.33 11.72 -4.65
C MET B 120 -6.31 10.62 -5.03
N ARG B 121 -5.77 9.42 -5.25
CA ARG B 121 -6.59 8.27 -5.63
C ARG B 121 -7.55 7.89 -4.49
N PHE B 122 -7.05 7.91 -3.26
CA PHE B 122 -7.86 7.52 -2.12
C PHE B 122 -8.66 8.69 -1.58
N ALA B 123 -8.16 9.90 -1.82
CA ALA B 123 -8.84 11.12 -1.39
C ALA B 123 -10.18 11.25 -2.09
N LYS B 124 -10.32 10.62 -3.27
CA LYS B 124 -11.59 10.64 -3.99
C LYS B 124 -12.64 9.86 -3.22
N MET B 125 -12.48 8.53 -3.19
CA MET B 125 -13.38 7.59 -2.47
C MET B 125 -14.80 8.12 -2.31
N PRO B 126 -15.67 7.90 -3.30
CA PRO B 126 -17.06 8.34 -3.23
C PRO B 126 -17.87 7.51 -2.25
N ASP B 127 -18.96 8.09 -1.78
CA ASP B 127 -19.89 7.41 -0.89
C ASP B 127 -20.71 6.41 -1.69
N GLU B 128 -21.33 6.91 -2.75
CA GLU B 128 -22.03 6.08 -3.71
C GLU B 128 -21.99 6.75 -5.08
N ASN A 1 28.75 2.12 6.89
CA ASN A 1 27.93 3.36 6.83
C ASN A 1 26.63 3.13 6.05
N PRO A 2 26.69 2.61 4.79
CA PRO A 2 25.49 2.38 3.99
C PRO A 2 24.85 1.03 4.30
N ASP A 3 24.63 0.76 5.58
CA ASP A 3 23.96 -0.46 6.00
C ASP A 3 22.92 -0.12 7.06
N GLY A 4 22.27 -1.13 7.61
CA GLY A 4 21.20 -0.88 8.55
C GLY A 4 20.00 -0.27 7.86
N GLY A 5 19.78 -0.67 6.62
CA GLY A 5 18.68 -0.17 5.85
C GLY A 5 18.80 -0.55 4.39
N SER A 7 19.91 0.24 1.60
CA SER A 7 20.85 1.05 0.84
C SER A 7 21.13 0.43 -0.54
N GLY A 8 20.87 -0.86 -0.67
CA GLY A 8 21.16 -1.56 -1.91
C GLY A 8 20.04 -1.43 -2.94
N ALA A 10 18.84 0.70 -6.49
CA ALA A 10 19.05 1.62 -7.59
C ALA A 10 17.88 1.55 -8.56
N PRO A 11 17.27 2.70 -8.88
CA PRO A 11 16.03 2.77 -9.68
C PRO A 11 16.16 2.16 -11.07
N ARG A 12 17.39 2.12 -11.60
CA ARG A 12 17.63 1.52 -12.91
C ARG A 12 17.71 0.00 -12.80
N ARG A 13 16.64 -0.60 -12.27
CA ARG A 13 16.53 -2.05 -12.11
C ARG A 13 17.53 -2.58 -11.07
N ARG A 14 18.81 -2.59 -11.44
CA ARG A 14 19.86 -3.04 -10.54
C ARG A 14 21.13 -2.23 -10.77
N ALA A 15 20.97 -1.07 -11.44
CA ALA A 15 22.07 -0.17 -11.75
C ALA A 15 22.95 -0.70 -12.88
N VAL A 16 23.25 -1.99 -12.83
CA VAL A 16 24.07 -2.63 -13.84
C VAL A 16 23.25 -2.93 -15.09
N LYS B 1 -40.64 -3.95 8.25
CA LYS B 1 -41.04 -3.54 9.61
C LYS B 1 -39.86 -3.56 10.56
N ASP B 2 -39.31 -4.74 10.81
CA ASP B 2 -38.22 -4.91 11.75
C ASP B 2 -36.92 -4.38 11.16
N VAL B 3 -36.32 -3.40 11.84
CA VAL B 3 -35.07 -2.80 11.39
C VAL B 3 -34.13 -2.60 12.57
N PRO B 4 -33.25 -3.58 12.85
CA PRO B 4 -32.31 -3.49 13.95
C PRO B 4 -31.26 -2.40 13.73
N ASP B 5 -31.28 -1.38 14.58
CA ASP B 5 -30.35 -0.27 14.46
C ASP B 5 -28.95 -0.69 14.88
N SER B 6 -27.96 -0.21 14.14
CA SER B 6 -26.56 -0.55 14.41
C SER B 6 -25.64 0.49 13.77
N GLN B 7 -25.81 0.68 12.46
CA GLN B 7 -24.98 1.62 11.72
C GLN B 7 -25.86 2.65 11.02
N GLN B 8 -25.23 3.57 10.29
CA GLN B 8 -25.95 4.58 9.54
C GLN B 8 -26.95 3.94 8.59
N HIS B 9 -26.47 2.96 7.83
CA HIS B 9 -27.32 2.20 6.94
C HIS B 9 -27.04 0.71 7.13
N PRO B 10 -27.70 0.10 8.12
CA PRO B 10 -27.45 -1.30 8.49
C PRO B 10 -27.81 -2.28 7.38
N ALA B 11 -26.81 -3.00 6.89
CA ALA B 11 -27.03 -3.99 5.85
C ALA B 11 -27.31 -5.35 6.47
N PRO B 12 -28.35 -6.05 5.99
CA PRO B 12 -28.74 -7.37 6.51
C PRO B 12 -27.70 -8.46 6.16
N GLU B 13 -26.81 -8.78 7.11
CA GLU B 13 -25.83 -9.85 6.94
C GLU B 13 -24.67 -9.39 6.05
N LYS B 14 -24.96 -9.22 4.77
CA LYS B 14 -23.92 -8.86 3.81
C LYS B 14 -24.11 -7.44 3.33
N SER B 15 -23.02 -6.69 3.40
CA SER B 15 -23.02 -5.31 2.96
C SER B 15 -22.83 -5.21 1.46
N SER B 16 -23.55 -4.30 0.82
CA SER B 16 -23.44 -4.13 -0.63
C SER B 16 -22.74 -2.81 -0.98
N LYS B 17 -22.89 -1.82 -0.11
CA LYS B 17 -22.30 -0.51 -0.34
C LYS B 17 -20.79 -0.56 -0.10
N VAL B 18 -20.42 -1.18 1.00
CA VAL B 18 -19.02 -1.36 1.35
C VAL B 18 -18.26 -2.05 0.22
N SER B 19 -18.93 -2.97 -0.47
CA SER B 19 -18.33 -3.67 -1.60
C SER B 19 -17.93 -2.69 -2.69
N GLU B 20 -18.66 -1.57 -2.78
CA GLU B 20 -18.41 -0.58 -3.83
C GLU B 20 -17.13 0.19 -3.51
N GLN B 21 -16.99 0.58 -2.25
CA GLN B 21 -15.76 1.22 -1.79
C GLN B 21 -14.54 0.34 -2.08
N LEU B 22 -14.64 -0.93 -1.73
CA LEU B 22 -13.53 -1.87 -1.93
C LEU B 22 -13.22 -2.02 -3.42
N LYS B 23 -14.26 -1.97 -4.26
CA LYS B 23 -14.06 -2.05 -5.70
C LYS B 23 -13.23 -0.87 -6.19
N CYS B 24 -13.45 0.30 -5.60
CA CYS B 24 -12.69 1.49 -5.96
C CYS B 24 -11.23 1.32 -5.54
N CYS B 25 -11.04 0.61 -4.43
CA CYS B 25 -9.71 0.33 -3.92
C CYS B 25 -8.95 -0.59 -4.89
N SER B 26 -9.68 -1.50 -5.52
CA SER B 26 -9.11 -2.36 -6.56
C SER B 26 -8.58 -1.50 -7.69
N GLY B 27 -9.39 -0.52 -8.09
CA GLY B 27 -8.99 0.43 -9.10
C GLY B 27 -7.68 1.11 -8.77
N ILE B 28 -7.45 1.36 -7.47
CA ILE B 28 -6.22 2.00 -7.02
C ILE B 28 -5.00 1.09 -7.24
N LEU B 29 -5.12 -0.18 -6.83
CA LEU B 29 -4.01 -1.13 -6.99
C LEU B 29 -3.75 -1.42 -8.47
N LYS B 30 -4.82 -1.54 -9.25
CA LYS B 30 -4.69 -1.75 -10.68
C LYS B 30 -3.99 -0.57 -11.34
N GLU B 31 -4.08 0.58 -10.69
CA GLU B 31 -3.38 1.78 -11.14
C GLU B 31 -1.90 1.69 -10.77
N MET B 32 -1.61 1.40 -9.51
CA MET B 32 -0.23 1.42 -9.05
C MET B 32 0.57 0.24 -9.61
N PHE B 33 -0.12 -0.74 -10.20
CA PHE B 33 0.55 -1.83 -10.92
C PHE B 33 0.73 -1.49 -12.40
N ALA B 34 0.13 -0.39 -12.86
CA ALA B 34 0.27 0.00 -14.25
C ALA B 34 1.73 0.23 -14.58
N LYS B 35 2.10 -0.17 -15.79
CA LYS B 35 3.50 -0.22 -16.22
C LYS B 35 4.17 1.15 -16.13
N LYS B 36 3.36 2.21 -16.18
CA LYS B 36 3.86 3.56 -16.04
C LYS B 36 4.34 3.85 -14.61
N HIS B 37 3.82 3.09 -13.67
CA HIS B 37 4.22 3.24 -12.27
C HIS B 37 5.29 2.22 -11.92
N ALA B 38 5.55 1.30 -12.84
CA ALA B 38 6.46 0.20 -12.61
C ALA B 38 7.92 0.66 -12.71
N ALA B 39 8.09 1.90 -13.14
CA ALA B 39 9.42 2.50 -13.29
C ALA B 39 10.11 2.66 -11.94
N TYR B 40 9.32 2.94 -10.91
CA TYR B 40 9.86 3.23 -9.58
C TYR B 40 9.20 2.40 -8.49
N ALA B 41 8.00 1.90 -8.73
CA ALA B 41 7.29 1.15 -7.70
C ALA B 41 7.56 -0.35 -7.80
N TRP B 42 8.53 -0.71 -8.63
CA TRP B 42 8.91 -2.12 -8.79
C TRP B 42 9.26 -2.82 -7.44
N PRO B 43 9.92 -2.14 -6.46
CA PRO B 43 10.16 -2.76 -5.14
C PRO B 43 8.87 -2.95 -4.30
N PHE B 44 7.78 -2.27 -4.66
CA PHE B 44 6.54 -2.39 -3.89
C PHE B 44 5.56 -3.39 -4.51
N TYR B 45 5.72 -3.71 -5.80
CA TYR B 45 4.86 -4.72 -6.43
C TYR B 45 5.02 -6.05 -5.72
N LYS B 46 6.27 -6.39 -5.42
CA LYS B 46 6.61 -7.64 -4.78
C LYS B 46 7.37 -7.37 -3.49
N PRO B 47 7.21 -8.23 -2.47
CA PRO B 47 7.96 -8.14 -1.21
C PRO B 47 9.46 -7.91 -1.44
N VAL B 48 10.03 -6.96 -0.69
CA VAL B 48 11.46 -6.67 -0.77
C VAL B 48 12.28 -7.95 -0.67
N ASP B 49 13.15 -8.16 -1.64
CA ASP B 49 14.04 -9.31 -1.61
C ASP B 49 15.30 -8.96 -0.83
N VAL B 50 15.31 -9.38 0.42
CA VAL B 50 16.39 -9.06 1.34
C VAL B 50 17.74 -9.53 0.83
N GLU B 51 17.75 -10.62 0.08
CA GLU B 51 18.99 -11.16 -0.48
C GLU B 51 19.64 -10.17 -1.44
N ALA B 52 18.81 -9.61 -2.32
CA ALA B 52 19.25 -8.70 -3.36
C ALA B 52 20.01 -7.50 -2.80
N LEU B 53 19.36 -6.70 -1.98
CA LEU B 53 19.98 -5.49 -1.46
C LEU B 53 20.90 -5.79 -0.27
N GLY B 54 20.59 -6.87 0.44
CA GLY B 54 21.48 -7.35 1.48
C GLY B 54 21.24 -6.72 2.85
N LEU B 55 20.06 -6.94 3.42
CA LEU B 55 19.79 -6.47 4.78
C LEU B 55 20.29 -7.47 5.81
N HIS B 56 20.36 -7.01 7.06
CA HIS B 56 20.80 -7.85 8.18
C HIS B 56 19.79 -7.81 9.32
N ASP B 57 18.79 -6.95 9.20
CA ASP B 57 17.84 -6.72 10.28
C ASP B 57 16.51 -6.16 9.78
N TYR B 58 15.71 -7.01 9.15
CA TYR B 58 14.39 -6.58 8.70
C TYR B 58 13.34 -6.92 9.74
N CYS B 59 13.48 -8.09 10.36
CA CYS B 59 12.50 -8.57 11.34
C CYS B 59 12.61 -7.79 12.64
N ASP B 60 13.79 -7.22 12.88
CA ASP B 60 14.02 -6.41 14.07
C ASP B 60 13.24 -5.11 14.03
N ILE B 61 13.20 -4.48 12.86
CA ILE B 61 12.52 -3.20 12.72
C ILE B 61 11.11 -3.39 12.21
N ILE B 62 10.99 -4.13 11.12
CA ILE B 62 9.72 -4.28 10.42
C ILE B 62 8.88 -5.38 11.06
N LYS B 63 7.97 -4.98 11.95
CA LYS B 63 7.11 -5.93 12.64
C LYS B 63 5.81 -6.16 11.87
N HIS B 64 5.48 -5.23 11.00
CA HIS B 64 4.27 -5.33 10.18
C HIS B 64 4.58 -5.06 8.71
N PRO B 65 5.23 -6.01 8.01
CA PRO B 65 5.50 -5.86 6.57
C PRO B 65 4.25 -6.05 5.72
N MET B 66 4.20 -5.35 4.60
CA MET B 66 3.13 -5.50 3.64
C MET B 66 3.71 -5.40 2.23
N ASP B 67 2.96 -5.86 1.24
CA ASP B 67 3.38 -5.79 -0.15
C ASP B 67 2.14 -5.69 -1.03
N MET B 68 2.30 -5.04 -2.17
CA MET B 68 1.15 -4.74 -3.03
C MET B 68 0.55 -6.00 -3.66
N SER B 69 1.32 -7.08 -3.69
CA SER B 69 0.78 -8.36 -4.15
C SER B 69 -0.21 -8.92 -3.12
N THR B 70 0.27 -9.12 -1.89
CA THR B 70 -0.56 -9.65 -0.81
C THR B 70 -1.78 -8.77 -0.55
N ILE B 71 -1.59 -7.46 -0.54
CA ILE B 71 -2.68 -6.54 -0.27
C ILE B 71 -3.82 -6.71 -1.30
N LYS B 72 -3.47 -6.91 -2.57
CA LYS B 72 -4.47 -7.12 -3.61
C LYS B 72 -5.14 -8.48 -3.45
N SER B 73 -4.35 -9.49 -3.08
CA SER B 73 -4.86 -10.83 -2.81
C SER B 73 -6.04 -10.80 -1.84
N LYS B 74 -5.84 -10.15 -0.70
CA LYS B 74 -6.86 -10.06 0.33
C LYS B 74 -8.06 -9.26 -0.17
N LEU B 75 -7.78 -8.31 -1.04
CA LEU B 75 -8.84 -7.54 -1.71
C LEU B 75 -9.64 -8.42 -2.67
N GLU B 76 -8.95 -9.27 -3.45
CA GLU B 76 -9.62 -10.19 -4.36
C GLU B 76 -10.41 -11.25 -3.60
N ALA B 77 -9.97 -11.52 -2.38
CA ALA B 77 -10.70 -12.43 -1.50
C ALA B 77 -11.85 -11.69 -0.82
N ARG B 78 -11.76 -10.36 -0.87
CA ARG B 78 -12.78 -9.47 -0.31
C ARG B 78 -12.86 -9.62 1.20
N GLU B 79 -11.71 -9.83 1.82
CA GLU B 79 -11.64 -10.00 3.26
C GLU B 79 -11.68 -8.65 3.96
N TYR B 80 -11.50 -7.58 3.18
CA TYR B 80 -11.47 -6.23 3.73
C TYR B 80 -12.87 -5.78 4.15
N ARG B 81 -12.94 -5.08 5.28
CA ARG B 81 -14.21 -4.66 5.84
C ARG B 81 -14.56 -3.23 5.42
N ASP B 82 -13.56 -2.46 5.01
CA ASP B 82 -13.81 -1.10 4.54
C ASP B 82 -12.63 -0.51 3.79
N ALA B 83 -12.81 0.70 3.26
CA ALA B 83 -11.78 1.37 2.46
C ALA B 83 -10.64 1.88 3.34
N GLN B 84 -10.94 2.20 4.60
CA GLN B 84 -9.92 2.68 5.53
C GLN B 84 -8.87 1.61 5.74
N GLU B 85 -9.35 0.38 5.88
CA GLU B 85 -8.49 -0.78 6.06
C GLU B 85 -7.55 -0.98 4.88
N PHE B 86 -8.07 -0.83 3.65
CA PHE B 86 -7.24 -0.93 2.46
C PHE B 86 -6.07 0.05 2.53
N GLY B 87 -6.41 1.32 2.74
CA GLY B 87 -5.41 2.38 2.78
C GLY B 87 -4.39 2.18 3.87
N ALA B 88 -4.82 1.60 4.98
CA ALA B 88 -3.96 1.37 6.11
C ALA B 88 -2.79 0.44 5.73
N ASP B 89 -3.10 -0.72 5.17
CA ASP B 89 -2.06 -1.67 4.79
C ASP B 89 -1.17 -1.10 3.69
N VAL B 90 -1.70 -0.20 2.83
CA VAL B 90 -0.87 0.42 1.81
C VAL B 90 0.17 1.31 2.49
N ARG B 91 -0.25 2.01 3.55
CA ARG B 91 0.63 2.92 4.24
C ARG B 91 1.61 2.14 5.11
N LEU B 92 1.21 0.93 5.47
CA LEU B 92 2.07 0.04 6.26
C LEU B 92 3.41 -0.16 5.58
N MET B 93 3.38 -0.70 4.36
CA MET B 93 4.61 -0.95 3.61
C MET B 93 5.33 0.35 3.25
N PHE B 94 4.57 1.39 2.92
CA PHE B 94 5.19 2.68 2.61
C PHE B 94 5.91 3.24 3.83
N SER B 95 5.37 2.99 5.03
CA SER B 95 5.98 3.47 6.26
C SER B 95 7.09 2.54 6.73
N ASN B 96 7.15 1.33 6.16
CA ASN B 96 8.23 0.41 6.48
C ASN B 96 9.57 1.03 6.10
N CYS B 97 9.65 1.51 4.86
CA CYS B 97 10.85 2.19 4.39
C CYS B 97 11.05 3.53 5.09
N TYR B 98 9.96 4.19 5.47
CA TYR B 98 10.04 5.52 6.08
C TYR B 98 10.79 5.51 7.41
N LYS B 99 10.56 4.50 8.23
CA LYS B 99 11.19 4.45 9.55
C LYS B 99 12.55 3.74 9.52
N TYR B 100 12.68 2.78 8.61
CA TYR B 100 13.89 1.98 8.55
C TYR B 100 14.91 2.61 7.61
N ASN B 101 14.44 3.50 6.75
CA ASN B 101 15.31 4.20 5.81
C ASN B 101 15.16 5.71 5.99
N PRO B 102 16.26 6.47 5.86
CA PRO B 102 16.23 7.93 5.92
C PRO B 102 15.33 8.52 4.82
N PRO B 103 14.54 9.56 5.15
CA PRO B 103 13.57 10.17 4.20
C PRO B 103 14.19 10.79 2.94
N ASP B 104 15.51 10.80 2.86
CA ASP B 104 16.18 11.28 1.65
C ASP B 104 16.66 10.11 0.80
N HIS B 105 16.27 8.90 1.18
CA HIS B 105 16.74 7.70 0.51
C HIS B 105 15.81 7.27 -0.63
N GLU B 106 16.35 6.47 -1.55
CA GLU B 106 15.68 6.05 -2.78
C GLU B 106 14.23 5.57 -2.57
N VAL B 107 14.04 4.42 -1.90
CA VAL B 107 12.71 3.82 -1.79
C VAL B 107 11.71 4.75 -1.13
N VAL B 108 12.16 5.52 -0.15
CA VAL B 108 11.24 6.40 0.55
C VAL B 108 10.86 7.58 -0.34
N ALA B 109 11.76 7.92 -1.25
CA ALA B 109 11.53 8.95 -2.24
C ALA B 109 10.61 8.41 -3.34
N MET B 110 10.79 7.14 -3.69
CA MET B 110 9.94 6.50 -4.68
C MET B 110 8.55 6.28 -4.11
N ALA B 111 8.49 5.96 -2.81
CA ALA B 111 7.23 5.84 -2.10
C ALA B 111 6.60 7.22 -1.88
N ARG B 112 7.45 8.24 -1.83
CA ARG B 112 7.00 9.62 -1.64
C ARG B 112 6.05 10.04 -2.76
N LYS B 113 6.39 9.65 -3.98
CA LYS B 113 5.55 9.97 -5.13
C LYS B 113 4.44 8.92 -5.31
N LEU B 114 4.62 7.73 -4.75
CA LEU B 114 3.55 6.73 -4.72
C LEU B 114 2.45 7.19 -3.77
N GLN B 115 2.86 7.65 -2.59
CA GLN B 115 1.95 8.25 -1.62
C GLN B 115 1.17 9.39 -2.27
N ASP B 116 1.83 10.09 -3.19
CA ASP B 116 1.22 11.18 -3.94
C ASP B 116 0.02 10.69 -4.76
N VAL B 117 0.27 9.81 -5.72
CA VAL B 117 -0.80 9.24 -6.55
C VAL B 117 -1.85 8.50 -5.70
N PHE B 118 -1.40 7.76 -4.70
CA PHE B 118 -2.30 7.08 -3.75
C PHE B 118 -3.20 8.09 -3.05
N GLU B 119 -2.63 9.21 -2.64
CA GLU B 119 -3.37 10.26 -1.93
C GLU B 119 -4.54 10.77 -2.78
N MET B 120 -4.29 10.97 -4.06
CA MET B 120 -5.34 11.42 -4.97
C MET B 120 -6.31 10.29 -5.25
N ARG B 121 -5.76 9.09 -5.43
CA ARG B 121 -6.56 7.90 -5.73
C ARG B 121 -7.50 7.57 -4.58
N PHE B 122 -7.03 7.79 -3.34
CA PHE B 122 -7.86 7.51 -2.17
C PHE B 122 -8.81 8.68 -1.89
N ALA B 123 -8.54 9.83 -2.49
CA ALA B 123 -9.45 10.96 -2.42
C ALA B 123 -10.68 10.68 -3.29
N LYS B 124 -10.53 9.75 -4.25
CA LYS B 124 -11.62 9.34 -5.11
C LYS B 124 -12.45 8.25 -4.44
N MET B 125 -12.71 8.42 -3.14
CA MET B 125 -13.46 7.43 -2.36
C MET B 125 -14.82 7.98 -1.93
N PRO B 126 -15.88 7.76 -2.73
CA PRO B 126 -17.24 8.11 -2.34
C PRO B 126 -17.66 7.46 -1.04
N ASP B 127 -18.64 8.07 -0.40
CA ASP B 127 -19.22 7.54 0.83
C ASP B 127 -20.15 6.38 0.50
N GLU B 128 -20.81 6.50 -0.64
CA GLU B 128 -21.57 5.40 -1.21
C GLU B 128 -21.19 5.23 -2.67
N ASN A 1 25.94 3.62 16.24
CA ASN A 1 24.95 4.27 15.37
C ASN A 1 24.15 3.24 14.57
N PRO A 2 22.86 3.06 14.89
CA PRO A 2 21.99 2.12 14.19
C PRO A 2 21.58 2.64 12.81
N ASP A 3 22.58 2.80 11.93
CA ASP A 3 22.33 3.29 10.59
C ASP A 3 22.28 2.13 9.60
N GLY A 4 21.14 1.49 9.54
CA GLY A 4 20.94 0.41 8.59
C GLY A 4 19.93 0.80 7.54
N GLY A 5 19.18 -0.18 7.07
CA GLY A 5 18.13 0.11 6.11
C GLY A 5 18.37 -0.55 4.78
N SER A 7 19.94 0.19 2.08
CA SER A 7 21.00 0.87 1.35
C SER A 7 21.16 0.26 -0.04
N GLY A 8 20.97 1.08 -1.06
CA GLY A 8 21.00 0.59 -2.42
C GLY A 8 19.80 1.04 -3.22
N ALA A 10 17.67 1.88 -7.01
CA ALA A 10 17.70 2.99 -7.94
C ALA A 10 16.39 2.97 -8.73
N PRO A 11 15.98 4.11 -9.32
CA PRO A 11 14.80 4.17 -10.18
C PRO A 11 15.06 3.50 -11.52
N ARG A 12 15.27 2.18 -11.46
CA ARG A 12 15.58 1.39 -12.64
C ARG A 12 14.44 1.44 -13.63
N ARG A 13 14.62 2.21 -14.69
CA ARG A 13 13.59 2.41 -15.69
C ARG A 13 13.38 1.16 -16.51
N ARG A 14 12.26 0.49 -16.25
CA ARG A 14 11.85 -0.64 -17.07
C ARG A 14 11.22 -0.14 -18.36
N ALA A 15 10.91 1.15 -18.37
CA ALA A 15 10.40 1.81 -19.56
C ALA A 15 11.52 2.56 -20.26
N VAL A 16 12.22 1.86 -21.15
CA VAL A 16 13.37 2.42 -21.83
C VAL A 16 12.94 2.95 -23.21
N LYS B 1 -23.70 17.77 7.00
CA LYS B 1 -23.12 16.44 7.33
C LYS B 1 -21.63 16.42 7.04
N ASP B 2 -20.88 17.24 7.75
CA ASP B 2 -19.43 17.31 7.59
C ASP B 2 -18.75 17.31 8.94
N VAL B 3 -18.86 16.21 9.66
CA VAL B 3 -18.31 16.12 11.02
C VAL B 3 -17.63 14.77 11.25
N PRO B 4 -16.39 14.78 11.75
CA PRO B 4 -15.66 13.56 12.10
C PRO B 4 -16.21 12.91 13.37
N ASP B 5 -17.49 12.63 13.37
CA ASP B 5 -18.19 12.08 14.51
C ASP B 5 -18.30 10.56 14.39
N SER B 6 -18.49 9.89 15.53
CA SER B 6 -18.67 8.46 15.55
C SER B 6 -20.05 8.08 15.02
N GLN B 7 -20.21 8.21 13.72
CA GLN B 7 -21.50 8.00 13.08
C GLN B 7 -21.86 6.52 13.03
N GLN B 8 -20.91 5.71 12.56
CA GLN B 8 -21.09 4.26 12.47
C GLN B 8 -22.32 3.90 11.63
N HIS B 9 -22.10 3.67 10.34
CA HIS B 9 -23.18 3.30 9.43
C HIS B 9 -23.20 1.80 9.20
N PRO B 10 -24.07 1.07 9.91
CA PRO B 10 -24.24 -0.37 9.69
C PRO B 10 -25.09 -0.65 8.46
N ALA B 11 -24.56 -1.42 7.53
CA ALA B 11 -25.27 -1.74 6.30
C ALA B 11 -26.39 -2.75 6.56
N PRO B 12 -27.65 -2.41 6.24
CA PRO B 12 -28.80 -3.31 6.46
C PRO B 12 -28.84 -4.45 5.45
N GLU B 13 -29.53 -5.55 5.79
CA GLU B 13 -29.63 -6.73 4.93
C GLU B 13 -28.26 -7.34 4.66
N LYS B 14 -27.57 -6.82 3.66
CA LYS B 14 -26.26 -7.30 3.27
C LYS B 14 -25.34 -6.12 3.03
N SER B 15 -24.07 -6.28 3.32
CA SER B 15 -23.14 -5.18 3.23
C SER B 15 -22.58 -5.05 1.80
N SER B 16 -23.47 -4.85 0.83
CA SER B 16 -23.08 -4.82 -0.57
C SER B 16 -22.50 -3.46 -0.98
N LYS B 17 -22.87 -2.41 -0.28
CA LYS B 17 -22.40 -1.05 -0.58
C LYS B 17 -20.88 -0.95 -0.37
N VAL B 18 -20.46 -1.39 0.80
CA VAL B 18 -19.07 -1.45 1.17
C VAL B 18 -18.23 -2.18 0.10
N SER B 19 -18.82 -3.21 -0.49
CA SER B 19 -18.16 -3.99 -1.53
C SER B 19 -17.75 -3.10 -2.70
N GLU B 20 -18.52 -2.05 -2.94
CA GLU B 20 -18.29 -1.17 -4.07
C GLU B 20 -17.13 -0.25 -3.77
N GLN B 21 -17.13 0.30 -2.56
CA GLN B 21 -16.00 1.11 -2.10
C GLN B 21 -14.68 0.32 -2.15
N LEU B 22 -14.72 -0.96 -1.74
CA LEU B 22 -13.54 -1.80 -1.82
C LEU B 22 -13.11 -2.01 -3.27
N LYS B 23 -14.08 -2.11 -4.17
CA LYS B 23 -13.79 -2.24 -5.59
C LYS B 23 -13.08 -0.99 -6.12
N CYS B 24 -13.41 0.16 -5.56
CA CYS B 24 -12.71 1.40 -5.89
C CYS B 24 -11.24 1.26 -5.50
N CYS B 25 -11.02 0.67 -4.34
CA CYS B 25 -9.66 0.42 -3.85
C CYS B 25 -8.94 -0.56 -4.76
N SER B 26 -9.70 -1.48 -5.35
CA SER B 26 -9.15 -2.42 -6.33
C SER B 26 -8.66 -1.65 -7.54
N GLY B 27 -9.46 -0.68 -7.96
CA GLY B 27 -9.09 0.20 -9.04
C GLY B 27 -7.76 0.90 -8.79
N ILE B 28 -7.52 1.22 -7.53
CA ILE B 28 -6.29 1.88 -7.12
C ILE B 28 -5.09 0.96 -7.33
N LEU B 29 -5.19 -0.29 -6.85
CA LEU B 29 -4.08 -1.23 -6.96
C LEU B 29 -3.86 -1.66 -8.41
N LYS B 30 -4.95 -1.81 -9.17
CA LYS B 30 -4.84 -2.07 -10.60
C LYS B 30 -4.06 -0.93 -11.28
N GLU B 31 -4.22 0.27 -10.73
CA GLU B 31 -3.48 1.43 -11.20
C GLU B 31 -2.02 1.35 -10.77
N MET B 32 -1.78 1.08 -9.49
CA MET B 32 -0.43 1.08 -8.94
C MET B 32 0.44 0.00 -9.59
N PHE B 33 -0.19 -1.04 -10.15
CA PHE B 33 0.53 -2.09 -10.86
C PHE B 33 0.65 -1.82 -12.35
N ALA B 34 0.04 -0.74 -12.83
CA ALA B 34 0.13 -0.40 -14.24
C ALA B 34 1.57 -0.13 -14.63
N LYS B 35 1.90 -0.52 -15.86
CA LYS B 35 3.29 -0.54 -16.33
C LYS B 35 3.93 0.84 -16.26
N LYS B 36 3.10 1.88 -16.26
CA LYS B 36 3.59 3.25 -16.13
C LYS B 36 4.15 3.53 -14.74
N HIS B 37 3.65 2.81 -13.74
CA HIS B 37 4.12 2.99 -12.37
C HIS B 37 5.22 1.98 -12.06
N ALA B 38 5.44 1.07 -12.99
CA ALA B 38 6.38 -0.03 -12.78
C ALA B 38 7.83 0.41 -12.96
N ALA B 39 8.02 1.68 -13.27
CA ALA B 39 9.35 2.25 -13.47
C ALA B 39 10.06 2.45 -12.13
N TYR B 40 9.28 2.73 -11.10
CA TYR B 40 9.84 3.07 -9.79
C TYR B 40 9.17 2.30 -8.64
N ALA B 41 7.99 1.75 -8.87
CA ALA B 41 7.28 1.05 -7.79
C ALA B 41 7.54 -0.45 -7.84
N TRP B 42 8.45 -0.87 -8.70
CA TRP B 42 8.79 -2.29 -8.85
C TRP B 42 9.23 -2.95 -7.52
N PRO B 43 9.97 -2.26 -6.61
CA PRO B 43 10.29 -2.85 -5.29
C PRO B 43 9.06 -3.07 -4.40
N PHE B 44 8.00 -2.27 -4.60
CA PHE B 44 6.80 -2.35 -3.76
C PHE B 44 5.81 -3.40 -4.26
N TYR B 45 5.91 -3.79 -5.54
CA TYR B 45 5.02 -4.82 -6.09
C TYR B 45 5.12 -6.12 -5.31
N LYS B 46 6.35 -6.49 -4.99
CA LYS B 46 6.62 -7.76 -4.32
C LYS B 46 7.33 -7.54 -3.00
N PRO B 47 7.20 -8.48 -2.04
CA PRO B 47 7.96 -8.45 -0.79
C PRO B 47 9.45 -8.19 -1.04
N VAL B 48 9.97 -7.16 -0.36
CA VAL B 48 11.35 -6.73 -0.53
C VAL B 48 12.32 -7.90 -0.38
N ASP B 49 13.18 -8.06 -1.37
CA ASP B 49 14.15 -9.14 -1.37
C ASP B 49 15.37 -8.75 -0.56
N VAL B 50 15.46 -9.29 0.65
CA VAL B 50 16.52 -8.96 1.58
C VAL B 50 17.89 -9.32 1.02
N GLU B 51 17.93 -10.38 0.22
CA GLU B 51 19.19 -10.86 -0.34
C GLU B 51 19.73 -9.86 -1.37
N ALA B 52 18.83 -9.08 -1.96
CA ALA B 52 19.20 -8.15 -3.03
C ALA B 52 20.03 -6.98 -2.52
N LEU B 53 19.74 -6.53 -1.30
CA LEU B 53 20.44 -5.38 -0.75
C LEU B 53 21.33 -5.80 0.41
N GLY B 54 21.17 -7.05 0.84
CA GLY B 54 21.96 -7.57 1.94
C GLY B 54 21.61 -6.94 3.27
N LEU B 55 20.32 -6.80 3.51
CA LEU B 55 19.83 -6.13 4.73
C LEU B 55 20.18 -6.97 5.96
N HIS B 56 20.53 -6.30 7.05
CA HIS B 56 21.05 -6.98 8.22
C HIS B 56 20.01 -7.09 9.34
N ASP B 57 19.01 -6.21 9.32
CA ASP B 57 18.01 -6.21 10.39
C ASP B 57 16.64 -5.76 9.88
N TYR B 58 15.94 -6.67 9.20
CA TYR B 58 14.61 -6.34 8.71
C TYR B 58 13.55 -6.71 9.73
N CYS B 59 13.73 -7.84 10.39
CA CYS B 59 12.72 -8.37 11.29
C CYS B 59 12.70 -7.62 12.61
N ASP B 60 13.80 -6.94 12.91
CA ASP B 60 13.91 -6.17 14.15
C ASP B 60 13.14 -4.87 14.06
N ILE B 61 13.20 -4.20 12.90
CA ILE B 61 12.49 -2.94 12.72
C ILE B 61 11.11 -3.18 12.11
N ILE B 62 11.10 -3.91 11.00
CA ILE B 62 9.89 -4.16 10.25
C ILE B 62 9.09 -5.28 10.91
N LYS B 63 8.19 -4.91 11.81
CA LYS B 63 7.40 -5.88 12.54
C LYS B 63 6.11 -6.19 11.81
N HIS B 64 5.68 -5.26 10.97
CA HIS B 64 4.48 -5.45 10.17
C HIS B 64 4.78 -5.26 8.68
N PRO B 65 5.48 -6.21 8.04
CA PRO B 65 5.78 -6.13 6.60
C PRO B 65 4.54 -6.30 5.74
N MET B 66 4.48 -5.54 4.65
CA MET B 66 3.39 -5.63 3.70
C MET B 66 3.93 -5.46 2.30
N ASP B 67 3.16 -5.85 1.31
CA ASP B 67 3.54 -5.67 -0.08
C ASP B 67 2.28 -5.53 -0.92
N MET B 68 2.42 -4.95 -2.10
CA MET B 68 1.26 -4.60 -2.91
C MET B 68 0.63 -5.81 -3.59
N SER B 69 1.41 -6.88 -3.83
CA SER B 69 0.85 -8.07 -4.45
C SER B 69 -0.10 -8.79 -3.49
N THR B 70 0.35 -8.99 -2.25
CA THR B 70 -0.44 -9.67 -1.23
C THR B 70 -1.71 -8.89 -0.88
N ILE B 71 -1.57 -7.58 -0.63
CA ILE B 71 -2.70 -6.75 -0.25
C ILE B 71 -3.83 -6.83 -1.29
N LYS B 72 -3.46 -6.84 -2.57
CA LYS B 72 -4.45 -6.93 -3.64
C LYS B 72 -5.17 -8.27 -3.59
N SER B 73 -4.42 -9.33 -3.32
CA SER B 73 -4.96 -10.68 -3.23
C SER B 73 -6.10 -10.75 -2.22
N LYS B 74 -5.84 -10.20 -1.03
CA LYS B 74 -6.83 -10.21 0.04
C LYS B 74 -8.07 -9.41 -0.35
N LEU B 75 -7.83 -8.31 -1.06
CA LEU B 75 -8.91 -7.48 -1.56
C LEU B 75 -9.75 -8.21 -2.61
N GLU B 76 -9.08 -8.93 -3.52
CA GLU B 76 -9.79 -9.70 -4.55
C GLU B 76 -10.50 -10.90 -3.94
N ALA B 77 -10.05 -11.31 -2.75
CA ALA B 77 -10.70 -12.37 -1.99
C ALA B 77 -11.84 -11.80 -1.15
N ARG B 78 -11.84 -10.48 -1.04
CA ARG B 78 -12.86 -9.71 -0.32
C ARG B 78 -12.79 -9.95 1.18
N GLU B 79 -11.56 -10.02 1.70
CA GLU B 79 -11.37 -10.20 3.12
C GLU B 79 -11.20 -8.86 3.81
N TYR B 80 -11.38 -7.78 3.05
CA TYR B 80 -11.37 -6.44 3.62
C TYR B 80 -12.78 -6.01 3.99
N ARG B 81 -12.90 -5.44 5.18
CA ARG B 81 -14.20 -5.07 5.71
C ARG B 81 -14.56 -3.63 5.34
N ASP B 82 -13.55 -2.78 5.16
CA ASP B 82 -13.82 -1.37 4.85
C ASP B 82 -12.66 -0.69 4.14
N ALA B 83 -12.91 0.49 3.59
CA ALA B 83 -11.90 1.23 2.83
C ALA B 83 -10.75 1.69 3.73
N GLN B 84 -11.08 2.13 4.94
CA GLN B 84 -10.08 2.57 5.91
C GLN B 84 -9.03 1.49 6.14
N GLU B 85 -9.48 0.24 6.21
CA GLU B 85 -8.57 -0.88 6.39
C GLU B 85 -7.57 -0.98 5.24
N PHE B 86 -8.08 -0.90 4.00
CA PHE B 86 -7.23 -0.96 2.81
C PHE B 86 -6.14 0.11 2.86
N GLY B 87 -6.55 1.34 3.11
CA GLY B 87 -5.61 2.45 3.16
C GLY B 87 -4.55 2.27 4.24
N ALA B 88 -4.94 1.60 5.31
CA ALA B 88 -4.04 1.37 6.43
C ALA B 88 -2.87 0.47 6.05
N ASP B 89 -3.15 -0.71 5.48
CA ASP B 89 -2.08 -1.65 5.13
C ASP B 89 -1.19 -1.12 4.00
N VAL B 90 -1.74 -0.36 3.05
CA VAL B 90 -0.90 0.26 2.01
C VAL B 90 0.11 1.21 2.66
N ARG B 91 -0.32 1.90 3.70
CA ARG B 91 0.53 2.85 4.41
C ARG B 91 1.54 2.09 5.28
N LEU B 92 1.22 0.83 5.54
CA LEU B 92 2.06 -0.02 6.37
C LEU B 92 3.44 -0.20 5.73
N MET B 93 3.48 -0.75 4.53
CA MET B 93 4.77 -0.99 3.88
C MET B 93 5.35 0.29 3.31
N PHE B 94 4.52 1.29 3.03
CA PHE B 94 5.05 2.60 2.67
C PHE B 94 5.77 3.21 3.87
N SER B 95 5.20 3.05 5.06
CA SER B 95 5.80 3.55 6.29
C SER B 95 7.01 2.71 6.68
N ASN B 96 7.08 1.48 6.20
CA ASN B 96 8.20 0.59 6.49
C ASN B 96 9.51 1.18 6.00
N CYS B 97 9.54 1.65 4.76
CA CYS B 97 10.74 2.30 4.25
C CYS B 97 11.01 3.62 4.98
N TYR B 98 9.94 4.32 5.37
CA TYR B 98 10.07 5.63 6.01
C TYR B 98 10.78 5.56 7.36
N LYS B 99 10.46 4.54 8.16
CA LYS B 99 11.02 4.46 9.51
C LYS B 99 12.35 3.70 9.52
N TYR B 100 12.61 2.93 8.48
CA TYR B 100 13.82 2.11 8.44
C TYR B 100 14.87 2.71 7.51
N ASN B 101 14.46 3.72 6.75
CA ASN B 101 15.38 4.41 5.83
C ASN B 101 15.26 5.92 6.01
N PRO B 102 16.39 6.63 5.94
CA PRO B 102 16.38 8.10 6.01
C PRO B 102 15.68 8.70 4.78
N PRO B 103 15.00 9.85 4.95
CA PRO B 103 14.13 10.45 3.91
C PRO B 103 14.86 10.88 2.64
N ASP B 104 16.18 10.78 2.66
CA ASP B 104 17.00 11.14 1.50
C ASP B 104 17.36 9.90 0.70
N HIS B 105 16.79 8.77 1.07
CA HIS B 105 17.13 7.50 0.44
C HIS B 105 16.12 7.12 -0.66
N GLU B 106 16.58 6.26 -1.57
CA GLU B 106 15.84 5.88 -2.78
C GLU B 106 14.38 5.47 -2.53
N VAL B 107 14.17 4.34 -1.84
CA VAL B 107 12.83 3.77 -1.71
C VAL B 107 11.86 4.75 -1.11
N VAL B 108 12.31 5.52 -0.14
CA VAL B 108 11.42 6.44 0.55
C VAL B 108 11.06 7.59 -0.37
N ALA B 109 12.00 7.94 -1.24
CA ALA B 109 11.80 8.98 -2.24
C ALA B 109 10.81 8.52 -3.30
N MET B 110 10.97 7.27 -3.74
CA MET B 110 10.07 6.71 -4.73
C MET B 110 8.69 6.49 -4.12
N ALA B 111 8.66 6.31 -2.80
CA ALA B 111 7.41 6.16 -2.08
C ALA B 111 6.69 7.50 -1.95
N ARG B 112 7.45 8.60 -1.95
CA ARG B 112 6.87 9.94 -1.86
C ARG B 112 5.91 10.18 -3.02
N LYS B 113 6.33 9.80 -4.23
CA LYS B 113 5.49 9.98 -5.40
C LYS B 113 4.38 8.92 -5.48
N LEU B 114 4.66 7.71 -4.98
CA LEU B 114 3.62 6.68 -4.89
C LEU B 114 2.53 7.11 -3.93
N GLN B 115 2.94 7.56 -2.76
CA GLN B 115 2.01 8.09 -1.75
C GLN B 115 1.20 9.24 -2.33
N ASP B 116 1.81 10.00 -3.23
CA ASP B 116 1.15 11.14 -3.87
C ASP B 116 0.00 10.68 -4.76
N VAL B 117 0.29 9.82 -5.73
CA VAL B 117 -0.75 9.27 -6.60
C VAL B 117 -1.80 8.49 -5.79
N PHE B 118 -1.34 7.68 -4.83
CA PHE B 118 -2.22 6.97 -3.91
C PHE B 118 -3.14 7.95 -3.17
N GLU B 119 -2.57 9.08 -2.74
CA GLU B 119 -3.31 10.10 -2.02
C GLU B 119 -4.50 10.58 -2.84
N MET B 120 -4.26 10.92 -4.10
CA MET B 120 -5.32 11.40 -4.97
C MET B 120 -6.28 10.26 -5.31
N ARG B 121 -5.72 9.08 -5.52
CA ARG B 121 -6.51 7.89 -5.84
C ARG B 121 -7.48 7.56 -4.70
N PHE B 122 -7.04 7.75 -3.46
CA PHE B 122 -7.89 7.49 -2.30
C PHE B 122 -8.73 8.71 -1.97
N ALA B 123 -8.30 9.88 -2.44
CA ALA B 123 -9.03 11.12 -2.23
C ALA B 123 -10.38 11.09 -2.93
N LYS B 124 -10.49 10.28 -3.99
CA LYS B 124 -11.77 10.07 -4.65
C LYS B 124 -12.77 9.45 -3.67
N MET B 125 -12.68 8.12 -3.52
CA MET B 125 -13.49 7.33 -2.57
C MET B 125 -14.89 7.94 -2.33
N PRO B 126 -15.81 7.76 -3.30
CA PRO B 126 -17.19 8.21 -3.14
C PRO B 126 -17.96 7.32 -2.16
N ASP B 127 -19.07 7.85 -1.65
CA ASP B 127 -19.90 7.12 -0.69
C ASP B 127 -20.83 6.17 -1.42
N GLU B 128 -21.07 6.47 -2.69
CA GLU B 128 -21.86 5.60 -3.54
C GLU B 128 -20.95 4.88 -4.54
N ASN A 1 29.87 -3.69 7.51
CA ASN A 1 29.32 -5.04 7.31
C ASN A 1 27.89 -5.15 7.89
N PRO A 2 27.67 -4.90 9.20
CA PRO A 2 26.31 -4.89 9.76
C PRO A 2 25.61 -3.57 9.46
N ASP A 3 25.61 -3.18 8.19
CA ASP A 3 25.08 -1.90 7.77
C ASP A 3 23.57 -2.00 7.56
N GLY A 4 22.82 -1.28 8.37
CA GLY A 4 21.39 -1.19 8.18
C GLY A 4 21.03 -0.27 7.04
N GLY A 5 19.79 -0.34 6.58
CA GLY A 5 19.36 0.50 5.49
C GLY A 5 19.24 -0.28 4.19
N SER A 7 20.12 -0.08 1.22
CA SER A 7 21.02 0.40 0.20
C SER A 7 21.23 -0.66 -0.88
N GLY A 8 21.06 -0.27 -2.14
CA GLY A 8 21.26 -1.20 -3.23
C GLY A 8 20.10 -1.22 -4.21
N ALA A 10 18.25 2.11 -6.49
CA ALA A 10 18.32 3.02 -7.63
C ALA A 10 17.27 2.65 -8.69
N PRO A 11 16.57 3.66 -9.24
CA PRO A 11 15.50 3.44 -10.21
C PRO A 11 16.01 3.17 -11.61
N ARG A 12 17.25 3.55 -11.89
CA ARG A 12 17.82 3.39 -13.21
C ARG A 12 19.01 2.42 -13.18
N ARG A 13 20.13 2.89 -12.65
CA ARG A 13 21.34 2.08 -12.59
C ARG A 13 22.28 2.59 -11.51
N ARG A 14 22.15 2.04 -10.31
CA ARG A 14 23.02 2.37 -9.17
C ARG A 14 22.89 3.83 -8.73
N ALA A 15 23.38 4.11 -7.53
CA ALA A 15 23.34 5.45 -6.96
C ALA A 15 24.31 5.55 -5.80
N VAL A 16 24.42 6.73 -5.23
CA VAL A 16 25.28 6.95 -4.09
C VAL A 16 24.58 7.83 -3.05
N LYS B 1 -38.79 19.25 13.64
CA LYS B 1 -38.95 17.81 13.94
C LYS B 1 -38.49 16.97 12.75
N ASP B 2 -38.56 15.65 12.89
CA ASP B 2 -38.13 14.73 11.83
C ASP B 2 -36.66 14.94 11.50
N VAL B 3 -35.78 14.64 12.44
CA VAL B 3 -34.35 14.84 12.23
C VAL B 3 -33.57 13.60 12.69
N PRO B 4 -33.56 12.55 11.87
CA PRO B 4 -32.80 11.33 12.18
C PRO B 4 -31.30 11.53 11.91
N ASP B 5 -30.56 11.84 12.97
CA ASP B 5 -29.13 12.05 12.84
C ASP B 5 -28.39 10.72 12.82
N SER B 6 -28.36 10.10 11.65
CA SER B 6 -27.69 8.82 11.49
C SER B 6 -26.25 9.01 11.06
N GLN B 7 -25.98 10.11 10.32
CA GLN B 7 -24.66 10.42 9.78
C GLN B 7 -24.24 9.41 8.70
N GLN B 8 -24.08 8.17 9.12
CA GLN B 8 -23.78 7.07 8.21
C GLN B 8 -24.77 5.94 8.48
N HIS B 9 -25.26 5.32 7.44
CA HIS B 9 -26.23 4.23 7.59
C HIS B 9 -25.51 2.88 7.62
N PRO B 10 -25.35 2.29 8.83
CA PRO B 10 -24.72 0.98 8.96
C PRO B 10 -25.59 -0.12 8.38
N ALA B 11 -25.03 -0.88 7.46
CA ALA B 11 -25.77 -1.94 6.80
C ALA B 11 -25.44 -3.29 7.45
N PRO B 12 -26.34 -4.27 7.33
CA PRO B 12 -26.11 -5.63 7.82
C PRO B 12 -25.05 -6.37 7.00
N GLU B 13 -25.06 -7.70 7.05
CA GLU B 13 -24.16 -8.51 6.24
C GLU B 13 -24.27 -8.14 4.76
N LYS B 14 -25.49 -7.79 4.34
CA LYS B 14 -25.72 -7.29 3.00
C LYS B 14 -25.28 -5.83 2.91
N SER B 15 -23.98 -5.62 2.94
CA SER B 15 -23.44 -4.28 2.93
C SER B 15 -22.95 -3.90 1.53
N SER B 16 -23.90 -3.48 0.70
CA SER B 16 -23.64 -3.19 -0.70
C SER B 16 -22.69 -2.00 -0.87
N LYS B 17 -22.89 -0.95 -0.10
CA LYS B 17 -22.09 0.27 -0.21
C LYS B 17 -20.62 -0.04 -0.03
N VAL B 18 -20.30 -0.73 1.05
CA VAL B 18 -18.94 -1.09 1.38
C VAL B 18 -18.25 -1.83 0.23
N SER B 19 -18.98 -2.76 -0.38
CA SER B 19 -18.44 -3.57 -1.47
C SER B 19 -18.02 -2.68 -2.64
N GLU B 20 -18.77 -1.60 -2.85
CA GLU B 20 -18.51 -0.71 -3.98
C GLU B 20 -17.18 -0.01 -3.79
N GLN B 21 -17.04 0.63 -2.64
CA GLN B 21 -15.82 1.36 -2.31
C GLN B 21 -14.57 0.46 -2.36
N LEU B 22 -14.67 -0.75 -1.81
CA LEU B 22 -13.54 -1.68 -1.83
C LEU B 22 -13.13 -2.02 -3.27
N LYS B 23 -14.11 -2.17 -4.14
CA LYS B 23 -13.85 -2.46 -5.54
C LYS B 23 -13.19 -1.28 -6.22
N CYS B 24 -13.46 -0.07 -5.76
CA CYS B 24 -12.74 1.11 -6.26
C CYS B 24 -11.27 1.03 -5.86
N CYS B 25 -11.04 0.54 -4.64
CA CYS B 25 -9.68 0.36 -4.13
C CYS B 25 -8.90 -0.61 -5.02
N SER B 26 -9.60 -1.57 -5.59
CA SER B 26 -9.02 -2.50 -6.55
C SER B 26 -8.48 -1.72 -7.74
N GLY B 27 -9.32 -0.81 -8.24
CA GLY B 27 -8.93 0.09 -9.31
C GLY B 27 -7.65 0.85 -9.01
N ILE B 28 -7.47 1.20 -7.74
CA ILE B 28 -6.29 1.96 -7.32
C ILE B 28 -5.03 1.10 -7.40
N LEU B 29 -5.08 -0.11 -6.85
CA LEU B 29 -3.93 -1.02 -6.91
C LEU B 29 -3.62 -1.41 -8.35
N LYS B 30 -4.67 -1.64 -9.15
CA LYS B 30 -4.48 -1.96 -10.56
C LYS B 30 -3.77 -0.82 -11.28
N GLU B 31 -4.10 0.40 -10.91
CA GLU B 31 -3.48 1.58 -11.50
C GLU B 31 -2.02 1.67 -11.08
N MET B 32 -1.74 1.38 -9.82
CA MET B 32 -0.37 1.44 -9.32
C MET B 32 0.45 0.25 -9.80
N PHE B 33 -0.23 -0.76 -10.35
CA PHE B 33 0.44 -1.88 -10.99
C PHE B 33 0.64 -1.63 -12.47
N ALA B 34 0.05 -0.56 -12.98
CA ALA B 34 0.19 -0.20 -14.38
C ALA B 34 1.65 0.07 -14.71
N LYS B 35 2.05 -0.32 -15.91
CA LYS B 35 3.45 -0.33 -16.32
C LYS B 35 4.09 1.05 -16.21
N LYS B 36 3.26 2.08 -16.28
CA LYS B 36 3.73 3.45 -16.14
C LYS B 36 4.26 3.71 -14.74
N HIS B 37 3.74 2.98 -13.77
CA HIS B 37 4.14 3.17 -12.38
C HIS B 37 5.16 2.11 -11.99
N ALA B 38 5.42 1.18 -12.90
CA ALA B 38 6.32 0.06 -12.64
C ALA B 38 7.77 0.50 -12.73
N ALA B 39 7.98 1.74 -13.14
CA ALA B 39 9.32 2.30 -13.28
C ALA B 39 9.99 2.47 -11.92
N TYR B 40 9.20 2.79 -10.91
CA TYR B 40 9.72 3.10 -9.58
C TYR B 40 9.05 2.29 -8.48
N ALA B 41 7.85 1.79 -8.72
CA ALA B 41 7.13 1.07 -7.68
C ALA B 41 7.44 -0.42 -7.73
N TRP B 42 8.41 -0.80 -8.57
CA TRP B 42 8.80 -2.20 -8.71
C TRP B 42 9.18 -2.87 -7.36
N PRO B 43 9.87 -2.17 -6.41
CA PRO B 43 10.17 -2.76 -5.09
C PRO B 43 8.93 -3.06 -4.26
N PHE B 44 7.82 -2.36 -4.51
CA PHE B 44 6.60 -2.56 -3.73
C PHE B 44 5.69 -3.62 -4.34
N TYR B 45 5.88 -3.92 -5.64
CA TYR B 45 5.09 -4.97 -6.29
C TYR B 45 5.34 -6.31 -5.61
N LYS B 46 6.60 -6.58 -5.32
CA LYS B 46 7.01 -7.88 -4.78
C LYS B 46 7.80 -7.70 -3.49
N PRO B 47 7.70 -8.67 -2.57
CA PRO B 47 8.50 -8.67 -1.33
C PRO B 47 9.99 -8.51 -1.61
N VAL B 48 10.62 -7.60 -0.88
CA VAL B 48 12.04 -7.32 -1.03
C VAL B 48 12.89 -8.58 -0.84
N ASP B 49 13.79 -8.82 -1.79
CA ASP B 49 14.76 -9.88 -1.63
C ASP B 49 15.89 -9.40 -0.75
N VAL B 50 15.82 -9.80 0.53
CA VAL B 50 16.75 -9.32 1.55
C VAL B 50 18.19 -9.64 1.19
N GLU B 51 18.39 -10.77 0.51
CA GLU B 51 19.71 -11.21 0.13
C GLU B 51 20.34 -10.27 -0.90
N ALA B 52 19.49 -9.59 -1.66
CA ALA B 52 19.93 -8.73 -2.76
C ALA B 52 20.68 -7.51 -2.26
N LEU B 53 20.02 -6.70 -1.43
CA LEU B 53 20.63 -5.47 -0.94
C LEU B 53 21.59 -5.78 0.21
N GLY B 54 21.47 -7.01 0.73
CA GLY B 54 22.33 -7.45 1.81
C GLY B 54 21.96 -6.83 3.13
N LEU B 55 20.67 -6.80 3.43
CA LEU B 55 20.19 -6.26 4.69
C LEU B 55 20.49 -7.25 5.82
N HIS B 56 20.60 -6.76 7.05
CA HIS B 56 20.94 -7.62 8.16
C HIS B 56 19.88 -7.57 9.27
N ASP B 57 19.04 -6.56 9.24
CA ASP B 57 18.00 -6.40 10.26
C ASP B 57 16.67 -5.98 9.66
N TYR B 58 16.04 -6.93 8.97
CA TYR B 58 14.72 -6.72 8.37
C TYR B 58 13.63 -6.85 9.43
N CYS B 59 13.58 -8.00 10.08
CA CYS B 59 12.53 -8.29 11.05
C CYS B 59 12.77 -7.55 12.36
N ASP B 60 13.98 -7.03 12.52
CA ASP B 60 14.34 -6.26 13.71
C ASP B 60 13.55 -4.95 13.75
N ILE B 61 13.47 -4.29 12.62
CA ILE B 61 12.76 -3.04 12.51
C ILE B 61 11.35 -3.29 12.00
N ILE B 62 11.28 -4.02 10.90
CA ILE B 62 10.02 -4.25 10.19
C ILE B 62 9.26 -5.41 10.82
N LYS B 63 8.35 -5.09 11.74
CA LYS B 63 7.55 -6.12 12.42
C LYS B 63 6.28 -6.40 11.63
N HIS B 64 5.83 -5.42 10.86
CA HIS B 64 4.58 -5.52 10.12
C HIS B 64 4.80 -5.20 8.63
N PRO B 65 5.45 -6.10 7.85
CA PRO B 65 5.65 -5.89 6.40
C PRO B 65 4.38 -6.14 5.58
N MET B 66 4.30 -5.45 4.45
CA MET B 66 3.22 -5.66 3.50
C MET B 66 3.78 -5.52 2.09
N ASP B 67 3.05 -5.99 1.08
CA ASP B 67 3.48 -5.82 -0.31
C ASP B 67 2.25 -5.68 -1.19
N MET B 68 2.44 -5.00 -2.32
CA MET B 68 1.33 -4.60 -3.18
C MET B 68 0.64 -5.80 -3.83
N SER B 69 1.36 -6.90 -3.98
CA SER B 69 0.76 -8.13 -4.49
C SER B 69 -0.17 -8.76 -3.45
N THR B 70 0.35 -8.99 -2.24
CA THR B 70 -0.42 -9.60 -1.17
C THR B 70 -1.62 -8.73 -0.77
N ILE B 71 -1.41 -7.42 -0.68
CA ILE B 71 -2.50 -6.51 -0.31
C ILE B 71 -3.67 -6.65 -1.30
N LYS B 72 -3.36 -6.83 -2.58
CA LYS B 72 -4.40 -7.02 -3.60
C LYS B 72 -5.09 -8.36 -3.40
N SER B 73 -4.32 -9.39 -3.06
CA SER B 73 -4.84 -10.72 -2.77
C SER B 73 -5.97 -10.66 -1.73
N LYS B 74 -5.69 -10.01 -0.62
CA LYS B 74 -6.67 -9.87 0.47
C LYS B 74 -7.89 -9.09 0.00
N LEU B 75 -7.66 -8.14 -0.88
CA LEU B 75 -8.74 -7.36 -1.47
C LEU B 75 -9.62 -8.21 -2.40
N GLU B 76 -8.98 -9.04 -3.23
CA GLU B 76 -9.71 -9.94 -4.13
C GLU B 76 -10.54 -10.93 -3.33
N ALA B 77 -10.07 -11.25 -2.13
CA ALA B 77 -10.78 -12.15 -1.23
C ALA B 77 -11.85 -11.39 -0.44
N ARG B 78 -11.71 -10.07 -0.45
CA ARG B 78 -12.64 -9.16 0.21
C ARG B 78 -12.65 -9.37 1.71
N GLU B 79 -11.47 -9.62 2.27
CA GLU B 79 -11.33 -9.77 3.71
C GLU B 79 -11.30 -8.40 4.36
N TYR B 80 -11.18 -7.37 3.52
CA TYR B 80 -11.23 -5.99 3.97
C TYR B 80 -12.65 -5.59 4.34
N ARG B 81 -12.81 -5.11 5.56
CA ARG B 81 -14.13 -4.76 6.06
C ARG B 81 -14.53 -3.34 5.64
N ASP B 82 -13.53 -2.53 5.29
CA ASP B 82 -13.79 -1.16 4.85
C ASP B 82 -12.60 -0.56 4.12
N ALA B 83 -12.80 0.63 3.59
CA ALA B 83 -11.78 1.33 2.82
C ALA B 83 -10.64 1.81 3.71
N GLN B 84 -10.96 2.15 4.96
CA GLN B 84 -9.94 2.60 5.90
C GLN B 84 -8.89 1.52 6.10
N GLU B 85 -9.35 0.29 6.15
CA GLU B 85 -8.48 -0.86 6.27
C GLU B 85 -7.53 -0.97 5.08
N PHE B 86 -8.06 -0.85 3.87
CA PHE B 86 -7.23 -0.92 2.65
C PHE B 86 -6.09 0.08 2.73
N GLY B 87 -6.42 1.32 3.01
CA GLY B 87 -5.43 2.39 3.07
C GLY B 87 -4.36 2.13 4.10
N ALA B 88 -4.76 1.47 5.18
CA ALA B 88 -3.83 1.16 6.27
C ALA B 88 -2.70 0.27 5.77
N ASP B 89 -3.03 -0.91 5.23
CA ASP B 89 -2.01 -1.84 4.78
C ASP B 89 -1.13 -1.23 3.67
N VAL B 90 -1.66 -0.28 2.88
CA VAL B 90 -0.84 0.39 1.88
C VAL B 90 0.19 1.27 2.58
N ARG B 91 -0.22 1.91 3.66
CA ARG B 91 0.65 2.80 4.41
C ARG B 91 1.62 1.98 5.25
N LEU B 92 1.21 0.77 5.59
CA LEU B 92 2.07 -0.17 6.32
C LEU B 92 3.41 -0.33 5.61
N MET B 93 3.36 -0.79 4.38
CA MET B 93 4.59 -1.02 3.61
C MET B 93 5.30 0.29 3.28
N PHE B 94 4.55 1.34 2.96
CA PHE B 94 5.17 2.62 2.64
C PHE B 94 5.90 3.21 3.87
N SER B 95 5.30 3.04 5.04
CA SER B 95 5.89 3.56 6.28
C SER B 95 7.02 2.65 6.78
N ASN B 96 7.08 1.43 6.25
CA ASN B 96 8.14 0.50 6.61
C ASN B 96 9.49 1.03 6.14
N CYS B 97 9.56 1.47 4.89
CA CYS B 97 10.79 2.05 4.37
C CYS B 97 11.06 3.40 5.02
N TYR B 98 10.00 4.12 5.39
CA TYR B 98 10.13 5.47 5.95
C TYR B 98 10.89 5.47 7.27
N LYS B 99 10.62 4.52 8.15
CA LYS B 99 11.27 4.49 9.45
C LYS B 99 12.63 3.83 9.39
N TYR B 100 12.78 2.82 8.53
CA TYR B 100 14.04 2.08 8.48
C TYR B 100 15.05 2.77 7.56
N ASN B 101 14.58 3.63 6.69
CA ASN B 101 15.45 4.31 5.74
C ASN B 101 15.33 5.81 5.89
N PRO B 102 16.45 6.53 5.78
CA PRO B 102 16.47 7.99 5.78
C PRO B 102 15.60 8.57 4.67
N PRO B 103 14.94 9.71 4.91
CA PRO B 103 13.97 10.31 3.99
C PRO B 103 14.57 10.75 2.65
N ASP B 104 15.89 10.66 2.54
CA ASP B 104 16.56 10.98 1.27
C ASP B 104 16.94 9.72 0.52
N HIS B 105 16.52 8.56 1.04
CA HIS B 105 16.88 7.29 0.43
C HIS B 105 15.86 6.86 -0.62
N GLU B 106 16.32 6.01 -1.54
CA GLU B 106 15.57 5.58 -2.71
C GLU B 106 14.11 5.22 -2.44
N VAL B 107 13.87 4.11 -1.74
CA VAL B 107 12.51 3.57 -1.61
C VAL B 107 11.56 4.59 -0.99
N VAL B 108 12.05 5.38 -0.05
CA VAL B 108 11.19 6.32 0.64
C VAL B 108 10.83 7.46 -0.29
N ALA B 109 11.75 7.78 -1.18
CA ALA B 109 11.56 8.83 -2.17
C ALA B 109 10.62 8.34 -3.27
N MET B 110 10.79 7.09 -3.66
CA MET B 110 9.92 6.50 -4.69
C MET B 110 8.52 6.27 -4.13
N ALA B 111 8.45 5.92 -2.84
CA ALA B 111 7.18 5.77 -2.16
C ALA B 111 6.55 7.13 -1.93
N ARG B 112 7.38 8.17 -1.91
CA ARG B 112 6.91 9.53 -1.67
C ARG B 112 5.96 9.97 -2.77
N LYS B 113 6.32 9.68 -4.02
CA LYS B 113 5.47 10.03 -5.14
C LYS B 113 4.33 9.01 -5.32
N LEU B 114 4.57 7.75 -4.94
CA LEU B 114 3.48 6.76 -4.92
C LEU B 114 2.40 7.20 -3.96
N GLN B 115 2.84 7.66 -2.80
CA GLN B 115 1.98 8.27 -1.80
C GLN B 115 1.14 9.39 -2.39
N ASP B 116 1.74 10.17 -3.30
CA ASP B 116 1.03 11.27 -3.96
C ASP B 116 -0.15 10.75 -4.78
N VAL B 117 0.14 9.90 -5.77
CA VAL B 117 -0.92 9.33 -6.62
C VAL B 117 -1.95 8.54 -5.79
N PHE B 118 -1.46 7.73 -4.84
CA PHE B 118 -2.34 6.99 -3.94
C PHE B 118 -3.20 7.93 -3.11
N GLU B 119 -2.60 9.03 -2.65
CA GLU B 119 -3.31 10.01 -1.84
C GLU B 119 -4.55 10.51 -2.56
N MET B 120 -4.36 11.13 -3.72
CA MET B 120 -5.48 11.69 -4.47
C MET B 120 -6.50 10.61 -4.83
N ARG B 121 -5.98 9.45 -5.22
CA ARG B 121 -6.81 8.30 -5.60
C ARG B 121 -7.76 7.93 -4.46
N PHE B 122 -7.25 7.97 -3.22
CA PHE B 122 -8.04 7.57 -2.07
C PHE B 122 -8.76 8.77 -1.43
N ALA B 123 -8.25 9.96 -1.68
CA ALA B 123 -8.71 11.17 -0.98
C ALA B 123 -10.18 11.49 -1.23
N LYS B 124 -10.67 11.22 -2.43
CA LYS B 124 -12.08 11.48 -2.71
C LYS B 124 -12.93 10.29 -2.31
N MET B 125 -12.33 9.11 -2.37
CA MET B 125 -12.98 7.84 -2.01
C MET B 125 -14.42 7.77 -2.50
N PRO B 126 -14.64 7.70 -3.83
CA PRO B 126 -15.97 7.62 -4.40
C PRO B 126 -16.40 6.17 -4.68
N ASP B 127 -17.61 6.03 -5.16
CA ASP B 127 -18.07 4.78 -5.72
C ASP B 127 -17.90 4.83 -7.23
N GLU B 128 -18.41 5.89 -7.84
CA GLU B 128 -18.14 6.16 -9.24
C GLU B 128 -17.39 7.48 -9.37
N ASN A 1 27.83 5.73 6.43
CA ASN A 1 27.69 4.31 6.04
C ASN A 1 26.24 3.87 6.21
N PRO A 2 25.53 3.60 5.09
CA PRO A 2 24.13 3.17 5.11
C PRO A 2 23.94 1.75 5.65
N ASP A 3 24.42 1.52 6.86
CA ASP A 3 24.26 0.23 7.50
C ASP A 3 22.96 0.19 8.29
N GLY A 4 22.07 -0.69 7.89
CA GLY A 4 20.78 -0.77 8.53
C GLY A 4 19.69 -0.19 7.67
N GLY A 5 19.58 -0.70 6.45
CA GLY A 5 18.54 -0.24 5.55
C GLY A 5 18.75 -0.73 4.14
N SER A 7 19.94 0.06 1.19
CA SER A 7 20.81 0.92 0.40
C SER A 7 20.92 0.43 -1.05
N GLY A 8 20.85 -0.88 -1.25
CA GLY A 8 21.03 -1.45 -2.58
C GLY A 8 19.82 -1.30 -3.49
N ALA A 10 18.37 1.03 -7.09
CA ALA A 10 18.50 2.02 -8.14
C ALA A 10 17.28 1.95 -9.05
N PRO A 11 16.70 3.11 -9.42
CA PRO A 11 15.49 3.16 -10.26
C PRO A 11 15.77 2.77 -11.70
N ARG A 12 17.05 2.64 -12.04
CA ARG A 12 17.45 2.17 -13.34
C ARG A 12 18.26 0.89 -13.19
N ARG A 13 17.56 -0.23 -13.31
CA ARG A 13 18.18 -1.54 -13.10
C ARG A 13 19.15 -1.86 -14.22
N ARG A 14 20.43 -1.85 -13.90
CA ARG A 14 21.46 -2.13 -14.88
C ARG A 14 21.57 -3.63 -15.12
N ALA A 15 20.77 -4.12 -16.05
CA ALA A 15 20.77 -5.53 -16.41
C ALA A 15 22.13 -5.94 -16.96
N VAL A 16 22.72 -5.07 -17.76
CA VAL A 16 24.02 -5.32 -18.36
C VAL A 16 24.86 -4.05 -18.37
N LYS B 1 -37.53 6.84 25.36
CA LYS B 1 -37.25 5.39 25.23
C LYS B 1 -37.08 4.99 23.77
N ASP B 2 -36.89 5.98 22.90
CA ASP B 2 -36.73 5.73 21.49
C ASP B 2 -35.28 6.00 21.08
N VAL B 3 -34.72 5.11 20.28
CA VAL B 3 -33.33 5.26 19.84
C VAL B 3 -33.26 5.98 18.50
N PRO B 4 -32.33 6.94 18.36
CA PRO B 4 -32.12 7.66 17.10
C PRO B 4 -31.68 6.73 15.98
N ASP B 5 -32.37 6.82 14.84
CA ASP B 5 -32.06 5.96 13.69
C ASP B 5 -30.88 6.50 12.91
N SER B 6 -29.74 6.61 13.57
CA SER B 6 -28.52 7.04 12.94
C SER B 6 -27.90 5.88 12.16
N GLN B 7 -28.14 4.67 12.66
CA GLN B 7 -27.69 3.45 12.00
C GLN B 7 -28.44 3.26 10.69
N GLN B 8 -27.72 2.92 9.63
CA GLN B 8 -28.33 2.77 8.32
C GLN B 8 -28.26 1.34 7.82
N HIS B 9 -28.50 0.40 8.73
CA HIS B 9 -28.51 -1.03 8.43
C HIS B 9 -27.20 -1.48 7.77
N PRO B 10 -26.10 -1.53 8.54
CA PRO B 10 -24.80 -1.95 8.03
C PRO B 10 -24.66 -3.49 8.03
N ALA B 11 -24.44 -4.05 6.86
CA ALA B 11 -24.29 -5.49 6.73
C ALA B 11 -22.83 -5.87 6.55
N PRO B 12 -22.20 -6.44 7.58
CA PRO B 12 -20.78 -6.82 7.54
C PRO B 12 -20.57 -8.23 6.98
N GLU B 13 -20.66 -8.36 5.65
CA GLU B 13 -20.47 -9.64 4.98
C GLU B 13 -20.49 -9.44 3.47
N LYS B 14 -21.62 -8.95 2.96
CA LYS B 14 -21.78 -8.71 1.54
C LYS B 14 -22.65 -7.50 1.27
N SER B 15 -22.34 -6.39 1.94
CA SER B 15 -23.04 -5.14 1.70
C SER B 15 -22.62 -4.55 0.36
N SER B 16 -23.60 -4.36 -0.52
CA SER B 16 -23.34 -3.87 -1.86
C SER B 16 -22.68 -2.50 -1.86
N LYS B 17 -23.02 -1.67 -0.88
CA LYS B 17 -22.41 -0.35 -0.76
C LYS B 17 -20.91 -0.50 -0.46
N VAL B 18 -20.59 -1.16 0.64
CA VAL B 18 -19.21 -1.35 1.04
C VAL B 18 -18.40 -2.06 -0.05
N SER B 19 -19.02 -3.01 -0.75
CA SER B 19 -18.34 -3.75 -1.80
C SER B 19 -17.86 -2.82 -2.90
N GLU B 20 -18.62 -1.75 -3.14
CA GLU B 20 -18.25 -0.77 -4.17
C GLU B 20 -17.01 -0.02 -3.76
N GLN B 21 -17.01 0.47 -2.53
CA GLN B 21 -15.84 1.17 -2.00
C GLN B 21 -14.58 0.33 -2.14
N LEU B 22 -14.68 -0.94 -1.76
CA LEU B 22 -13.54 -1.84 -1.87
C LEU B 22 -13.18 -2.09 -3.34
N LYS B 23 -14.19 -2.13 -4.21
CA LYS B 23 -13.98 -2.26 -5.64
C LYS B 23 -13.21 -1.05 -6.18
N CYS B 24 -13.43 0.12 -5.58
CA CYS B 24 -12.70 1.33 -5.96
C CYS B 24 -11.24 1.19 -5.56
N CYS B 25 -11.02 0.55 -4.42
CA CYS B 25 -9.67 0.31 -3.91
C CYS B 25 -8.93 -0.64 -4.86
N SER B 26 -9.65 -1.58 -5.46
CA SER B 26 -9.09 -2.47 -6.45
C SER B 26 -8.56 -1.66 -7.63
N GLY B 27 -9.37 -0.69 -8.06
CA GLY B 27 -8.97 0.21 -9.12
C GLY B 27 -7.66 0.91 -8.82
N ILE B 28 -7.45 1.24 -7.56
CA ILE B 28 -6.23 1.92 -7.14
C ILE B 28 -5.00 1.03 -7.30
N LEU B 29 -5.09 -0.21 -6.81
CA LEU B 29 -3.97 -1.15 -6.92
C LEU B 29 -3.72 -1.54 -8.37
N LYS B 30 -4.79 -1.73 -9.14
CA LYS B 30 -4.65 -2.04 -10.56
C LYS B 30 -3.94 -0.89 -11.28
N GLU B 31 -4.19 0.32 -10.82
CA GLU B 31 -3.53 1.50 -11.36
C GLU B 31 -2.07 1.50 -11.00
N MET B 32 -1.76 1.28 -9.72
CA MET B 32 -0.38 1.32 -9.25
C MET B 32 0.41 0.12 -9.76
N PHE B 33 -0.28 -0.88 -10.31
CA PHE B 33 0.39 -2.02 -10.94
C PHE B 33 0.63 -1.78 -12.42
N ALA B 34 0.01 -0.75 -12.97
CA ALA B 34 0.20 -0.39 -14.38
C ALA B 34 1.66 -0.09 -14.65
N LYS B 35 2.12 -0.47 -15.84
CA LYS B 35 3.54 -0.44 -16.20
C LYS B 35 4.13 0.96 -16.08
N LYS B 36 3.28 1.97 -16.17
CA LYS B 36 3.72 3.35 -16.01
C LYS B 36 4.19 3.63 -14.59
N HIS B 37 3.67 2.89 -13.65
CA HIS B 37 4.05 3.08 -12.25
C HIS B 37 5.10 2.07 -11.84
N ALA B 38 5.40 1.14 -12.75
CA ALA B 38 6.31 0.05 -12.48
C ALA B 38 7.76 0.50 -12.58
N ALA B 39 7.95 1.73 -13.01
CA ALA B 39 9.29 2.31 -13.16
C ALA B 39 9.96 2.52 -11.82
N TYR B 40 9.15 2.85 -10.81
CA TYR B 40 9.67 3.19 -9.50
C TYR B 40 9.02 2.37 -8.38
N ALA B 41 7.85 1.82 -8.63
CA ALA B 41 7.15 1.08 -7.58
C ALA B 41 7.41 -0.41 -7.68
N TRP B 42 8.36 -0.80 -8.54
CA TRP B 42 8.70 -2.22 -8.71
C TRP B 42 9.08 -2.91 -7.37
N PRO B 43 9.80 -2.26 -6.42
CA PRO B 43 10.09 -2.87 -5.12
C PRO B 43 8.85 -3.11 -4.26
N PHE B 44 7.76 -2.37 -4.53
CA PHE B 44 6.54 -2.49 -3.74
C PHE B 44 5.59 -3.55 -4.30
N TYR B 45 5.67 -3.82 -5.60
CA TYR B 45 4.81 -4.84 -6.22
C TYR B 45 5.00 -6.18 -5.52
N LYS B 46 6.25 -6.52 -5.25
CA LYS B 46 6.61 -7.81 -4.72
C LYS B 46 7.43 -7.64 -3.44
N PRO B 47 7.25 -8.55 -2.46
CA PRO B 47 8.02 -8.54 -1.21
C PRO B 47 9.52 -8.44 -1.48
N VAL B 48 10.14 -7.40 -0.90
CA VAL B 48 11.56 -7.10 -1.10
C VAL B 48 12.43 -8.35 -0.99
N ASP B 49 13.30 -8.53 -1.98
CA ASP B 49 14.26 -9.61 -1.98
C ASP B 49 15.44 -9.22 -1.10
N VAL B 50 15.40 -9.66 0.15
CA VAL B 50 16.42 -9.27 1.14
C VAL B 50 17.82 -9.68 0.70
N GLU B 51 17.90 -10.79 -0.03
CA GLU B 51 19.18 -11.31 -0.50
C GLU B 51 19.77 -10.43 -1.59
N ALA B 52 18.94 -9.57 -2.17
CA ALA B 52 19.37 -8.70 -3.26
C ALA B 52 20.14 -7.50 -2.73
N LEU B 53 19.65 -6.89 -1.67
CA LEU B 53 20.30 -5.71 -1.11
C LEU B 53 21.27 -6.10 -0.01
N GLY B 54 21.08 -7.30 0.54
CA GLY B 54 21.95 -7.80 1.57
C GLY B 54 21.64 -7.20 2.92
N LEU B 55 20.36 -7.03 3.22
CA LEU B 55 19.93 -6.45 4.48
C LEU B 55 20.25 -7.41 5.62
N HIS B 56 20.74 -6.88 6.74
CA HIS B 56 21.15 -7.72 7.85
C HIS B 56 20.09 -7.80 8.93
N ASP B 57 19.12 -6.90 8.91
CA ASP B 57 18.10 -6.87 9.95
C ASP B 57 16.79 -6.27 9.45
N TYR B 58 15.99 -7.09 8.77
CA TYR B 58 14.67 -6.63 8.33
C TYR B 58 13.63 -6.93 9.40
N CYS B 59 13.75 -8.08 10.03
CA CYS B 59 12.71 -8.56 10.94
C CYS B 59 12.81 -7.85 12.29
N ASP B 60 13.97 -7.29 12.59
CA ASP B 60 14.18 -6.60 13.85
C ASP B 60 13.54 -5.22 13.83
N ILE B 61 13.39 -4.64 12.65
CA ILE B 61 12.79 -3.32 12.52
C ILE B 61 11.37 -3.44 11.97
N ILE B 62 11.25 -4.16 10.86
CA ILE B 62 9.97 -4.34 10.19
C ILE B 62 9.13 -5.38 10.93
N LYS B 63 8.16 -4.92 11.71
CA LYS B 63 7.30 -5.82 12.47
C LYS B 63 5.96 -6.01 11.78
N HIS B 64 5.65 -5.14 10.82
CA HIS B 64 4.40 -5.21 10.08
C HIS B 64 4.65 -5.07 8.58
N PRO B 65 5.24 -6.08 7.92
CA PRO B 65 5.49 -6.04 6.48
C PRO B 65 4.22 -6.16 5.65
N MET B 66 4.19 -5.47 4.52
CA MET B 66 3.09 -5.57 3.56
C MET B 66 3.67 -5.48 2.16
N ASP B 67 2.96 -6.02 1.18
CA ASP B 67 3.40 -5.94 -0.22
C ASP B 67 2.19 -5.84 -1.12
N MET B 68 2.36 -5.15 -2.25
CA MET B 68 1.27 -4.81 -3.15
C MET B 68 0.62 -6.04 -3.77
N SER B 69 1.35 -7.15 -3.83
CA SER B 69 0.77 -8.41 -4.30
C SER B 69 -0.22 -8.97 -3.27
N THR B 70 0.26 -9.18 -2.05
CA THR B 70 -0.56 -9.76 -0.99
C THR B 70 -1.78 -8.89 -0.66
N ILE B 71 -1.58 -7.57 -0.54
CA ILE B 71 -2.68 -6.66 -0.24
C ILE B 71 -3.80 -6.78 -1.28
N LYS B 72 -3.44 -6.86 -2.56
CA LYS B 72 -4.43 -7.02 -3.62
C LYS B 72 -5.13 -8.38 -3.48
N SER B 73 -4.36 -9.41 -3.14
CA SER B 73 -4.90 -10.74 -2.92
C SER B 73 -6.00 -10.73 -1.86
N LYS B 74 -5.70 -10.10 -0.73
CA LYS B 74 -6.65 -9.99 0.38
C LYS B 74 -7.89 -9.23 -0.07
N LEU B 75 -7.69 -8.24 -0.92
CA LEU B 75 -8.77 -7.46 -1.49
C LEU B 75 -9.65 -8.33 -2.41
N GLU B 76 -9.01 -9.14 -3.26
CA GLU B 76 -9.74 -10.05 -4.13
C GLU B 76 -10.51 -11.07 -3.31
N ALA B 77 -9.94 -11.44 -2.16
CA ALA B 77 -10.57 -12.39 -1.26
C ALA B 77 -11.62 -11.73 -0.39
N ARG B 78 -11.66 -10.41 -0.48
CA ARG B 78 -12.69 -9.57 0.12
C ARG B 78 -12.65 -9.67 1.63
N GLU B 79 -11.47 -9.93 2.15
CA GLU B 79 -11.27 -10.03 3.58
C GLU B 79 -11.29 -8.64 4.19
N TYR B 80 -11.33 -7.64 3.33
CA TYR B 80 -11.34 -6.26 3.77
C TYR B 80 -12.74 -5.85 4.19
N ARG B 81 -12.80 -5.18 5.32
CA ARG B 81 -14.07 -4.79 5.92
C ARG B 81 -14.50 -3.42 5.39
N ASP B 82 -13.53 -2.54 5.19
CA ASP B 82 -13.83 -1.17 4.78
C ASP B 82 -12.67 -0.55 4.00
N ALA B 83 -12.94 0.61 3.41
CA ALA B 83 -11.94 1.32 2.59
C ALA B 83 -10.80 1.87 3.44
N GLN B 84 -11.08 2.18 4.70
CA GLN B 84 -10.05 2.67 5.61
C GLN B 84 -9.00 1.60 5.82
N GLU B 85 -9.45 0.36 5.94
CA GLU B 85 -8.57 -0.78 6.11
C GLU B 85 -7.60 -0.93 4.93
N PHE B 86 -8.12 -0.78 3.72
CA PHE B 86 -7.29 -0.88 2.52
C PHE B 86 -6.14 0.11 2.59
N GLY B 87 -6.47 1.38 2.80
CA GLY B 87 -5.47 2.43 2.84
C GLY B 87 -4.43 2.20 3.91
N ALA B 88 -4.86 1.61 5.02
CA ALA B 88 -3.98 1.33 6.14
C ALA B 88 -2.82 0.42 5.73
N ASP B 89 -3.12 -0.71 5.11
CA ASP B 89 -2.07 -1.65 4.73
C ASP B 89 -1.19 -1.09 3.61
N VAL B 90 -1.73 -0.21 2.76
CA VAL B 90 -0.91 0.41 1.71
C VAL B 90 0.11 1.34 2.38
N ARG B 91 -0.33 2.04 3.41
CA ARG B 91 0.51 3.00 4.11
C ARG B 91 1.49 2.28 5.02
N LEU B 92 1.15 1.04 5.35
CA LEU B 92 2.01 0.17 6.15
C LEU B 92 3.36 0.00 5.47
N MET B 93 3.34 -0.62 4.29
CA MET B 93 4.56 -0.89 3.54
C MET B 93 5.27 0.40 3.13
N PHE B 94 4.50 1.45 2.83
CA PHE B 94 5.13 2.74 2.54
C PHE B 94 5.85 3.26 3.79
N SER B 95 5.31 2.98 4.96
CA SER B 95 5.93 3.40 6.21
C SER B 95 7.07 2.45 6.61
N ASN B 96 7.09 1.26 6.01
CA ASN B 96 8.18 0.31 6.26
C ASN B 96 9.51 0.91 5.85
N CYS B 97 9.58 1.40 4.60
CA CYS B 97 10.79 2.02 4.09
C CYS B 97 11.08 3.32 4.84
N TYR B 98 10.02 4.03 5.26
CA TYR B 98 10.18 5.34 5.88
C TYR B 98 10.95 5.28 7.19
N LYS B 99 10.72 4.24 7.99
CA LYS B 99 11.36 4.16 9.29
C LYS B 99 12.68 3.39 9.26
N TYR B 100 12.81 2.46 8.34
CA TYR B 100 14.01 1.64 8.27
C TYR B 100 15.01 2.22 7.26
N ASN B 101 14.62 3.29 6.60
CA ASN B 101 15.52 3.99 5.69
C ASN B 101 15.49 5.49 5.99
N PRO B 102 16.59 6.19 5.71
CA PRO B 102 16.63 7.65 5.85
C PRO B 102 15.77 8.32 4.77
N PRO B 103 15.12 9.46 5.11
CA PRO B 103 14.15 10.12 4.22
C PRO B 103 14.75 10.68 2.93
N ASP B 104 16.07 10.66 2.86
CA ASP B 104 16.79 11.11 1.67
C ASP B 104 17.16 9.91 0.79
N HIS B 105 16.73 8.73 1.19
CA HIS B 105 17.10 7.49 0.50
C HIS B 105 16.11 7.12 -0.60
N GLU B 106 16.58 6.30 -1.54
CA GLU B 106 15.85 5.93 -2.75
C GLU B 106 14.40 5.50 -2.51
N VAL B 107 14.20 4.34 -1.89
CA VAL B 107 12.85 3.76 -1.79
C VAL B 107 11.86 4.70 -1.14
N VAL B 108 12.32 5.42 -0.13
CA VAL B 108 11.40 6.31 0.59
C VAL B 108 11.01 7.46 -0.32
N ALA B 109 11.95 7.88 -1.17
CA ALA B 109 11.71 8.94 -2.13
C ALA B 109 10.77 8.47 -3.22
N MET B 110 10.92 7.24 -3.65
CA MET B 110 10.04 6.66 -4.65
C MET B 110 8.65 6.45 -4.05
N ALA B 111 8.61 6.16 -2.76
CA ALA B 111 7.35 6.01 -2.05
C ALA B 111 6.70 7.37 -1.79
N ARG B 112 7.52 8.42 -1.78
CA ARG B 112 7.00 9.79 -1.61
C ARG B 112 5.97 10.11 -2.68
N LYS B 113 6.34 9.85 -3.94
CA LYS B 113 5.43 10.09 -5.06
C LYS B 113 4.31 9.04 -5.09
N LEU B 114 4.61 7.80 -4.69
CA LEU B 114 3.60 6.75 -4.62
C LEU B 114 2.50 7.12 -3.64
N GLN B 115 2.89 7.60 -2.47
CA GLN B 115 1.94 8.01 -1.46
C GLN B 115 1.06 9.15 -1.98
N ASP B 116 1.62 9.99 -2.85
CA ASP B 116 0.87 11.11 -3.42
C ASP B 116 -0.20 10.62 -4.38
N VAL B 117 0.21 9.86 -5.40
CA VAL B 117 -0.75 9.30 -6.36
C VAL B 117 -1.80 8.43 -5.65
N PHE B 118 -1.35 7.60 -4.71
CA PHE B 118 -2.27 6.82 -3.86
C PHE B 118 -3.19 7.75 -3.07
N GLU B 119 -2.63 8.81 -2.52
CA GLU B 119 -3.38 9.76 -1.70
C GLU B 119 -4.57 10.32 -2.46
N MET B 120 -4.33 10.79 -3.68
CA MET B 120 -5.40 11.37 -4.49
C MET B 120 -6.34 10.28 -5.01
N ARG B 121 -5.76 9.13 -5.31
CA ARG B 121 -6.54 7.97 -5.77
C ARG B 121 -7.55 7.55 -4.70
N PHE B 122 -7.15 7.65 -3.43
CA PHE B 122 -8.00 7.29 -2.32
C PHE B 122 -8.77 8.52 -1.80
N ALA B 123 -8.30 9.70 -2.17
CA ALA B 123 -8.91 10.95 -1.72
C ALA B 123 -10.33 11.10 -2.25
N LYS B 124 -10.60 10.56 -3.42
CA LYS B 124 -11.94 10.61 -3.98
C LYS B 124 -12.86 9.69 -3.20
N MET B 125 -12.82 8.40 -3.52
CA MET B 125 -13.62 7.37 -2.84
C MET B 125 -15.08 7.84 -2.64
N PRO B 126 -15.93 7.67 -3.66
CA PRO B 126 -17.32 8.10 -3.58
C PRO B 126 -18.07 7.41 -2.45
N ASP B 127 -19.11 8.06 -1.98
CA ASP B 127 -19.93 7.56 -0.89
C ASP B 127 -20.82 6.44 -1.38
N GLU B 128 -21.51 6.68 -2.49
CA GLU B 128 -22.30 5.67 -3.15
C GLU B 128 -22.30 5.91 -4.65
N ASN A 1 21.21 0.56 16.82
CA ASN A 1 22.17 1.02 15.79
C ASN A 1 21.49 1.16 14.44
N PRO A 2 21.79 2.24 13.70
CA PRO A 2 21.25 2.44 12.35
C PRO A 2 22.10 1.75 11.28
N ASP A 3 22.79 0.70 11.70
CA ASP A 3 23.66 -0.06 10.80
C ASP A 3 22.83 -0.94 9.89
N GLY A 4 22.52 -0.41 8.72
CA GLY A 4 21.71 -1.15 7.77
C GLY A 4 21.26 -0.27 6.62
N GLY A 5 19.98 -0.32 6.30
CA GLY A 5 19.47 0.47 5.21
C GLY A 5 19.31 -0.33 3.94
N SER A 7 20.17 -0.20 0.92
CA SER A 7 21.07 0.31 -0.12
C SER A 7 21.38 -0.79 -1.14
N GLY A 8 20.45 -1.03 -2.05
CA GLY A 8 20.64 -2.04 -3.07
C GLY A 8 19.54 -2.02 -4.11
N ALA A 10 17.73 0.70 -7.55
CA ALA A 10 18.07 1.60 -8.64
C ALA A 10 16.86 2.42 -9.08
N PRO A 11 16.97 3.75 -9.03
CA PRO A 11 15.95 4.64 -9.57
C PRO A 11 15.91 4.56 -11.10
N ARG A 12 15.02 3.72 -11.61
CA ARG A 12 14.95 3.45 -13.03
C ARG A 12 14.57 4.71 -13.81
N ARG A 13 15.43 5.07 -14.74
CA ARG A 13 15.26 6.27 -15.53
C ARG A 13 15.62 5.99 -16.98
N ARG A 14 15.16 6.86 -17.88
CA ARG A 14 15.41 6.69 -19.30
C ARG A 14 16.33 7.81 -19.79
N ALA A 15 17.53 7.86 -19.24
CA ALA A 15 18.48 8.91 -19.57
C ALA A 15 19.22 8.59 -20.86
N VAL A 16 19.45 7.30 -21.09
CA VAL A 16 20.09 6.86 -22.32
C VAL A 16 19.10 6.11 -23.20
N LYS B 1 -15.28 9.84 26.51
CA LYS B 1 -15.67 10.20 25.14
C LYS B 1 -16.13 8.96 24.37
N ASP B 2 -17.42 8.66 24.46
CA ASP B 2 -17.98 7.53 23.75
C ASP B 2 -18.93 8.00 22.67
N VAL B 3 -18.47 7.95 21.43
CA VAL B 3 -19.32 8.29 20.30
C VAL B 3 -19.59 7.05 19.44
N PRO B 4 -20.71 6.37 19.70
CA PRO B 4 -21.07 5.13 19.00
C PRO B 4 -21.61 5.38 17.60
N ASP B 5 -20.91 6.23 16.88
CA ASP B 5 -21.33 6.61 15.53
C ASP B 5 -20.10 6.62 14.61
N SER B 6 -19.47 5.47 14.49
CA SER B 6 -18.32 5.31 13.62
C SER B 6 -18.67 4.37 12.46
N GLN B 7 -19.87 3.83 12.52
CA GLN B 7 -20.35 2.91 11.49
C GLN B 7 -21.60 3.45 10.84
N GLN B 8 -21.49 3.84 9.58
CA GLN B 8 -22.62 4.33 8.82
C GLN B 8 -23.45 3.17 8.29
N HIS B 9 -24.43 2.76 9.09
CA HIS B 9 -25.32 1.64 8.74
C HIS B 9 -24.52 0.36 8.48
N PRO B 10 -24.22 -0.39 9.56
CA PRO B 10 -23.47 -1.65 9.46
C PRO B 10 -24.11 -2.62 8.47
N ALA B 11 -23.37 -2.98 7.43
CA ALA B 11 -23.88 -3.86 6.40
C ALA B 11 -23.85 -5.32 6.85
N PRO B 12 -24.90 -6.07 6.51
CA PRO B 12 -25.02 -7.51 6.84
C PRO B 12 -24.07 -8.38 6.01
N GLU B 13 -24.36 -9.69 5.93
CA GLU B 13 -23.52 -10.61 5.16
C GLU B 13 -23.46 -10.17 3.71
N LYS B 14 -24.62 -9.84 3.15
CA LYS B 14 -24.70 -9.35 1.78
C LYS B 14 -24.40 -7.86 1.75
N SER B 15 -23.18 -7.54 2.12
CA SER B 15 -22.75 -6.17 2.23
C SER B 15 -22.38 -5.58 0.86
N SER B 16 -23.39 -5.15 0.12
CA SER B 16 -23.20 -4.66 -1.24
C SER B 16 -22.48 -3.30 -1.23
N LYS B 17 -22.80 -2.47 -0.25
CA LYS B 17 -22.25 -1.12 -0.16
C LYS B 17 -20.72 -1.19 -0.07
N VAL B 18 -20.23 -1.97 0.88
CA VAL B 18 -18.82 -2.15 1.09
C VAL B 18 -18.11 -2.62 -0.19
N SER B 19 -18.79 -3.47 -0.96
CA SER B 19 -18.21 -4.00 -2.19
C SER B 19 -17.91 -2.87 -3.17
N GLU B 20 -18.71 -1.81 -3.11
CA GLU B 20 -18.55 -0.66 -4.00
C GLU B 20 -17.26 0.06 -3.65
N GLN B 21 -17.10 0.31 -2.36
CA GLN B 21 -15.88 0.97 -1.86
C GLN B 21 -14.63 0.15 -2.16
N LEU B 22 -14.62 -1.13 -1.78
CA LEU B 22 -13.42 -1.96 -1.92
C LEU B 22 -12.97 -2.09 -3.37
N LYS B 23 -13.91 -2.35 -4.27
CA LYS B 23 -13.60 -2.43 -5.69
C LYS B 23 -13.05 -1.11 -6.24
N CYS B 24 -13.36 0.02 -5.60
CA CYS B 24 -12.71 1.28 -5.95
C CYS B 24 -11.23 1.20 -5.59
N CYS B 25 -10.95 0.58 -4.43
CA CYS B 25 -9.58 0.36 -3.98
C CYS B 25 -8.88 -0.61 -4.94
N SER B 26 -9.64 -1.55 -5.49
CA SER B 26 -9.12 -2.46 -6.51
C SER B 26 -8.63 -1.66 -7.71
N GLY B 27 -9.43 -0.65 -8.07
CA GLY B 27 -9.05 0.27 -9.11
C GLY B 27 -7.70 0.92 -8.85
N ILE B 28 -7.46 1.25 -7.58
CA ILE B 28 -6.21 1.88 -7.18
C ILE B 28 -5.02 0.95 -7.39
N LEU B 29 -5.13 -0.29 -6.92
CA LEU B 29 -4.03 -1.25 -7.06
C LEU B 29 -3.82 -1.62 -8.52
N LYS B 30 -4.91 -1.75 -9.28
CA LYS B 30 -4.83 -1.98 -10.72
C LYS B 30 -3.98 -0.89 -11.36
N GLU B 31 -4.19 0.33 -10.90
CA GLU B 31 -3.47 1.49 -11.39
C GLU B 31 -2.01 1.43 -11.00
N MET B 32 -1.73 1.19 -9.72
CA MET B 32 -0.37 1.25 -9.22
C MET B 32 0.47 0.08 -9.71
N PHE B 33 -0.19 -0.94 -10.28
CA PHE B 33 0.53 -2.03 -10.94
C PHE B 33 0.77 -1.75 -12.42
N ALA B 34 0.12 -0.72 -12.95
CA ALA B 34 0.29 -0.37 -14.36
C ALA B 34 1.75 -0.07 -14.67
N LYS B 35 2.18 -0.52 -15.86
CA LYS B 35 3.58 -0.45 -16.30
C LYS B 35 4.16 0.95 -16.15
N LYS B 36 3.32 1.96 -16.30
CA LYS B 36 3.75 3.34 -16.17
C LYS B 36 4.24 3.65 -14.74
N HIS B 37 3.70 2.95 -13.76
CA HIS B 37 4.08 3.18 -12.37
C HIS B 37 5.15 2.18 -11.95
N ALA B 38 5.45 1.23 -12.85
CA ALA B 38 6.36 0.15 -12.54
C ALA B 38 7.81 0.60 -12.61
N ALA B 39 8.02 1.80 -13.08
CA ALA B 39 9.36 2.37 -13.21
C ALA B 39 9.99 2.62 -11.84
N TYR B 40 9.15 2.95 -10.87
CA TYR B 40 9.66 3.29 -9.55
C TYR B 40 9.00 2.49 -8.43
N ALA B 41 7.81 1.97 -8.67
CA ALA B 41 7.10 1.21 -7.63
C ALA B 41 7.42 -0.28 -7.72
N TRP B 42 8.40 -0.64 -8.55
CA TRP B 42 8.77 -2.04 -8.72
C TRP B 42 9.14 -2.75 -7.40
N PRO B 43 9.81 -2.09 -6.42
CA PRO B 43 10.08 -2.72 -5.12
C PRO B 43 8.80 -2.97 -4.28
N PHE B 44 7.73 -2.25 -4.57
CA PHE B 44 6.49 -2.39 -3.80
C PHE B 44 5.53 -3.43 -4.41
N TYR B 45 5.70 -3.73 -5.70
CA TYR B 45 4.85 -4.74 -6.35
C TYR B 45 4.96 -6.09 -5.65
N LYS B 46 6.18 -6.45 -5.29
CA LYS B 46 6.47 -7.73 -4.68
C LYS B 46 7.25 -7.54 -3.38
N PRO B 47 7.06 -8.43 -2.39
CA PRO B 47 7.84 -8.42 -1.15
C PRO B 47 9.34 -8.30 -1.41
N VAL B 48 10.00 -7.38 -0.69
CA VAL B 48 11.43 -7.15 -0.89
C VAL B 48 12.24 -8.44 -0.78
N ASP B 49 13.05 -8.69 -1.80
CA ASP B 49 14.02 -9.76 -1.76
C ASP B 49 15.22 -9.28 -0.95
N VAL B 50 15.28 -9.74 0.29
CA VAL B 50 16.27 -9.27 1.25
C VAL B 50 17.70 -9.50 0.76
N GLU B 51 17.90 -10.53 -0.04
CA GLU B 51 19.22 -10.89 -0.52
C GLU B 51 19.65 -10.02 -1.68
N ALA B 52 18.68 -9.36 -2.31
CA ALA B 52 18.94 -8.54 -3.48
C ALA B 52 19.67 -7.25 -3.11
N LEU B 53 19.54 -6.85 -1.85
CA LEU B 53 20.25 -5.68 -1.36
C LEU B 53 21.30 -6.10 -0.35
N GLY B 54 21.09 -7.26 0.26
CA GLY B 54 22.02 -7.77 1.24
C GLY B 54 21.71 -7.28 2.64
N LEU B 55 20.44 -7.13 2.95
CA LEU B 55 20.01 -6.66 4.27
C LEU B 55 20.24 -7.76 5.30
N HIS B 56 20.56 -7.36 6.52
CA HIS B 56 20.83 -8.33 7.59
C HIS B 56 19.72 -8.33 8.62
N ASP B 57 18.96 -7.24 8.67
CA ASP B 57 17.93 -7.09 9.70
C ASP B 57 16.63 -6.52 9.10
N TYR B 58 15.89 -7.38 8.43
CA TYR B 58 14.58 -7.04 7.87
C TYR B 58 13.51 -7.13 8.95
N CYS B 59 13.37 -8.31 9.54
CA CYS B 59 12.32 -8.58 10.51
C CYS B 59 12.57 -7.87 11.83
N ASP B 60 13.81 -7.48 12.08
CA ASP B 60 14.18 -6.79 13.32
C ASP B 60 13.44 -5.46 13.43
N ILE B 61 13.43 -4.73 12.33
CA ILE B 61 12.77 -3.43 12.28
C ILE B 61 11.36 -3.57 11.73
N ILE B 62 11.24 -4.36 10.68
CA ILE B 62 9.98 -4.55 9.98
C ILE B 62 9.16 -5.65 10.64
N LYS B 63 8.26 -5.28 11.54
CA LYS B 63 7.44 -6.27 12.24
C LYS B 63 6.14 -6.54 11.48
N HIS B 64 5.69 -5.57 10.70
CA HIS B 64 4.50 -5.72 9.87
C HIS B 64 4.84 -5.50 8.39
N PRO B 65 5.57 -6.43 7.75
CA PRO B 65 5.90 -6.30 6.33
C PRO B 65 4.67 -6.47 5.44
N MET B 66 4.36 -5.45 4.66
CA MET B 66 3.25 -5.52 3.74
C MET B 66 3.78 -5.34 2.31
N ASP B 67 3.01 -5.78 1.33
CA ASP B 67 3.39 -5.63 -0.07
C ASP B 67 2.15 -5.55 -0.93
N MET B 68 2.30 -4.96 -2.13
CA MET B 68 1.17 -4.68 -2.99
C MET B 68 0.59 -5.94 -3.62
N SER B 69 1.39 -6.98 -3.79
CA SER B 69 0.89 -8.22 -4.34
C SER B 69 -0.07 -8.92 -3.37
N THR B 70 0.34 -9.04 -2.11
CA THR B 70 -0.48 -9.67 -1.09
C THR B 70 -1.72 -8.83 -0.74
N ILE B 71 -1.55 -7.52 -0.60
CA ILE B 71 -2.68 -6.65 -0.25
C ILE B 71 -3.82 -6.79 -1.27
N LYS B 72 -3.47 -6.91 -2.56
CA LYS B 72 -4.46 -7.09 -3.60
C LYS B 72 -5.15 -8.45 -3.47
N SER B 73 -4.36 -9.47 -3.14
CA SER B 73 -4.88 -10.83 -2.95
C SER B 73 -6.04 -10.84 -1.95
N LYS B 74 -5.82 -10.19 -0.81
CA LYS B 74 -6.82 -10.15 0.25
C LYS B 74 -8.03 -9.34 -0.20
N LEU B 75 -7.78 -8.32 -1.00
CA LEU B 75 -8.83 -7.48 -1.55
C LEU B 75 -9.69 -8.27 -2.56
N GLU B 76 -9.04 -9.07 -3.40
CA GLU B 76 -9.75 -9.91 -4.38
C GLU B 76 -10.61 -10.94 -3.67
N ALA B 77 -10.19 -11.34 -2.47
CA ALA B 77 -10.94 -12.27 -1.65
C ALA B 77 -12.02 -11.52 -0.86
N ARG B 78 -11.85 -10.21 -0.81
CA ARG B 78 -12.77 -9.31 -0.11
C ARG B 78 -12.76 -9.57 1.39
N GLU B 79 -11.57 -9.84 1.92
CA GLU B 79 -11.42 -10.05 3.35
C GLU B 79 -11.31 -8.71 4.07
N TYR B 80 -11.38 -7.63 3.30
CA TYR B 80 -11.39 -6.29 3.85
C TYR B 80 -12.80 -5.86 4.21
N ARG B 81 -12.93 -5.16 5.32
CA ARG B 81 -14.23 -4.74 5.81
C ARG B 81 -14.56 -3.34 5.33
N ASP B 82 -13.55 -2.55 4.98
CA ASP B 82 -13.80 -1.20 4.51
C ASP B 82 -12.58 -0.57 3.82
N ALA B 83 -12.78 0.64 3.30
CA ALA B 83 -11.74 1.35 2.58
C ALA B 83 -10.62 1.82 3.51
N GLN B 84 -11.00 2.23 4.72
CA GLN B 84 -10.03 2.69 5.71
C GLN B 84 -8.98 1.63 5.98
N GLU B 85 -9.40 0.36 6.01
CA GLU B 85 -8.46 -0.74 6.18
C GLU B 85 -7.47 -0.79 5.04
N PHE B 86 -7.98 -0.78 3.80
CA PHE B 86 -7.12 -0.82 2.61
C PHE B 86 -6.02 0.23 2.68
N GLY B 87 -6.40 1.47 2.99
CA GLY B 87 -5.45 2.56 3.06
C GLY B 87 -4.40 2.34 4.13
N ALA B 88 -4.81 1.68 5.21
CA ALA B 88 -3.92 1.41 6.32
C ALA B 88 -2.77 0.47 5.91
N ASP B 89 -3.09 -0.67 5.32
CA ASP B 89 -2.06 -1.63 4.92
C ASP B 89 -1.18 -1.10 3.78
N VAL B 90 -1.73 -0.25 2.90
CA VAL B 90 -0.90 0.37 1.86
C VAL B 90 0.16 1.26 2.51
N ARG B 91 -0.24 1.98 3.55
CA ARG B 91 0.64 2.91 4.23
C ARG B 91 1.60 2.15 5.13
N LEU B 92 1.22 0.93 5.48
CA LEU B 92 2.04 0.06 6.30
C LEU B 92 3.38 -0.22 5.63
N MET B 93 3.32 -0.71 4.39
CA MET B 93 4.53 -1.01 3.64
C MET B 93 5.28 0.26 3.24
N PHE B 94 4.55 1.33 2.94
CA PHE B 94 5.19 2.60 2.66
C PHE B 94 5.94 3.08 3.90
N SER B 95 5.36 2.83 5.07
CA SER B 95 5.97 3.20 6.34
C SER B 95 7.19 2.32 6.62
N ASN B 96 7.21 1.10 6.09
CA ASN B 96 8.34 0.18 6.28
C ASN B 96 9.64 0.85 5.87
N CYS B 97 9.70 1.33 4.64
CA CYS B 97 10.90 1.99 4.14
C CYS B 97 11.13 3.31 4.88
N TYR B 98 10.05 3.96 5.30
CA TYR B 98 10.17 5.27 5.94
C TYR B 98 10.92 5.20 7.27
N LYS B 99 10.67 4.15 8.04
CA LYS B 99 11.23 4.08 9.39
C LYS B 99 12.54 3.31 9.43
N TYR B 100 12.84 2.54 8.38
CA TYR B 100 14.11 1.80 8.36
C TYR B 100 15.12 2.47 7.42
N ASN B 101 14.66 3.42 6.63
CA ASN B 101 15.55 4.14 5.72
C ASN B 101 15.40 5.64 5.93
N PRO B 102 16.50 6.40 5.81
CA PRO B 102 16.46 7.86 5.84
C PRO B 102 15.52 8.41 4.77
N PRO B 103 14.78 9.49 5.08
CA PRO B 103 13.75 10.04 4.19
C PRO B 103 14.29 10.62 2.89
N ASP B 104 15.60 10.55 2.70
CA ASP B 104 16.23 10.97 1.46
C ASP B 104 16.71 9.77 0.64
N HIS B 105 16.38 8.56 1.09
CA HIS B 105 16.89 7.35 0.42
C HIS B 105 15.89 6.72 -0.56
N GLU B 106 16.29 6.74 -1.82
CA GLU B 106 15.77 5.89 -2.89
C GLU B 106 14.32 5.42 -2.70
N VAL B 107 14.12 4.28 -2.02
CA VAL B 107 12.79 3.68 -1.91
C VAL B 107 11.82 4.63 -1.24
N VAL B 108 12.27 5.31 -0.21
CA VAL B 108 11.38 6.18 0.54
C VAL B 108 11.02 7.37 -0.34
N ALA B 109 11.96 7.74 -1.20
CA ALA B 109 11.76 8.83 -2.14
C ALA B 109 10.76 8.42 -3.22
N MET B 110 10.87 7.17 -3.67
CA MET B 110 9.92 6.65 -4.65
C MET B 110 8.54 6.50 -4.01
N ALA B 111 8.54 6.19 -2.71
CA ALA B 111 7.32 6.07 -1.96
C ALA B 111 6.66 7.43 -1.76
N ARG B 112 7.46 8.48 -1.69
CA ARG B 112 6.95 9.85 -1.53
C ARG B 112 5.97 10.20 -2.66
N LYS B 113 6.34 9.87 -3.89
CA LYS B 113 5.47 10.14 -5.04
C LYS B 113 4.33 9.13 -5.12
N LEU B 114 4.59 7.87 -4.73
CA LEU B 114 3.53 6.85 -4.69
C LEU B 114 2.45 7.27 -3.70
N GLN B 115 2.89 7.75 -2.56
CA GLN B 115 2.00 8.26 -1.52
C GLN B 115 1.13 9.39 -2.07
N ASP B 116 1.66 10.14 -3.03
CA ASP B 116 0.91 11.23 -3.65
C ASP B 116 -0.19 10.70 -4.56
N VAL B 117 0.19 9.90 -5.55
CA VAL B 117 -0.79 9.29 -6.47
C VAL B 117 -1.81 8.44 -5.70
N PHE B 118 -1.34 7.68 -4.72
CA PHE B 118 -2.22 6.90 -3.85
C PHE B 118 -3.17 7.82 -3.08
N GLU B 119 -2.65 8.97 -2.64
CA GLU B 119 -3.45 9.94 -1.88
C GLU B 119 -4.66 10.39 -2.70
N MET B 120 -4.41 10.82 -3.94
CA MET B 120 -5.49 11.31 -4.80
C MET B 120 -6.38 10.16 -5.24
N ARG B 121 -5.78 9.01 -5.47
CA ARG B 121 -6.53 7.81 -5.84
C ARG B 121 -7.49 7.41 -4.72
N PHE B 122 -7.05 7.58 -3.47
CA PHE B 122 -7.90 7.30 -2.33
C PHE B 122 -8.85 8.47 -2.05
N ALA B 123 -8.43 9.67 -2.45
CA ALA B 123 -9.24 10.87 -2.29
C ALA B 123 -10.48 10.80 -3.18
N LYS B 124 -10.38 10.08 -4.28
CA LYS B 124 -11.51 9.89 -5.18
C LYS B 124 -12.67 9.20 -4.47
N MET B 125 -12.33 8.12 -3.75
CA MET B 125 -13.29 7.30 -2.93
C MET B 125 -14.62 8.01 -2.66
N PRO B 126 -15.65 7.76 -3.48
CA PRO B 126 -16.99 8.24 -3.20
C PRO B 126 -17.68 7.47 -2.09
N ASP B 127 -18.69 8.08 -1.50
CA ASP B 127 -19.48 7.45 -0.46
C ASP B 127 -20.63 6.67 -1.09
N GLU B 128 -21.25 7.28 -2.08
CA GLU B 128 -22.20 6.58 -2.93
C GLU B 128 -21.61 6.42 -4.33
N ASN A 1 22.66 8.06 13.62
CA ASN A 1 23.19 6.69 13.69
C ASN A 1 22.69 5.86 12.52
N PRO A 2 23.60 5.34 11.69
CA PRO A 2 23.25 4.41 10.61
C PRO A 2 22.87 3.03 11.17
N ASP A 3 21.71 2.96 11.81
CA ASP A 3 21.24 1.74 12.43
C ASP A 3 20.85 0.71 11.39
N GLY A 4 20.58 1.17 10.18
CA GLY A 4 20.23 0.28 9.10
C GLY A 4 19.76 1.05 7.88
N GLY A 5 19.34 0.34 6.86
CA GLY A 5 18.89 0.99 5.66
C GLY A 5 18.87 0.07 4.47
N SER A 7 20.06 -0.12 1.57
CA SER A 7 21.11 0.28 0.64
C SER A 7 21.30 -0.78 -0.44
N GLY A 8 20.78 -0.52 -1.64
CA GLY A 8 20.94 -1.44 -2.73
C GLY A 8 19.76 -1.44 -3.69
N ALA A 10 17.68 1.21 -7.12
CA ALA A 10 17.67 2.37 -8.00
C ALA A 10 16.38 2.40 -8.81
N PRO A 11 15.84 3.59 -9.09
CA PRO A 11 14.57 3.74 -9.81
C PRO A 11 14.73 3.66 -11.32
N ARG A 12 15.98 3.53 -11.77
CA ARG A 12 16.26 3.51 -13.19
C ARG A 12 17.36 2.51 -13.51
N ARG A 13 16.96 1.39 -14.12
CA ARG A 13 17.89 0.37 -14.61
C ARG A 13 18.82 -0.15 -13.51
N ARG A 14 18.23 -0.59 -12.42
CA ARG A 14 18.99 -1.22 -11.35
C ARG A 14 19.46 -2.61 -11.80
N ALA A 15 20.62 -3.03 -11.30
CA ALA A 15 21.19 -4.33 -11.65
C ALA A 15 21.46 -4.39 -13.15
N VAL A 16 22.25 -3.44 -13.61
CA VAL A 16 22.63 -3.37 -15.02
C VAL A 16 23.96 -4.06 -15.25
N LYS B 1 -49.32 1.35 20.09
CA LYS B 1 -48.70 1.00 18.80
C LYS B 1 -47.53 1.93 18.48
N ASP B 2 -47.00 2.58 19.51
CA ASP B 2 -45.88 3.50 19.34
C ASP B 2 -44.59 2.71 19.26
N VAL B 3 -43.90 2.81 18.12
CA VAL B 3 -42.65 2.07 17.91
C VAL B 3 -41.61 2.98 17.27
N PRO B 4 -40.75 3.61 18.09
CA PRO B 4 -39.69 4.50 17.61
C PRO B 4 -38.47 3.72 17.13
N ASP B 5 -38.64 2.93 16.08
CA ASP B 5 -37.56 2.12 15.54
C ASP B 5 -36.59 2.98 14.75
N SER B 6 -35.46 3.27 15.34
CA SER B 6 -34.42 4.03 14.67
C SER B 6 -33.09 3.31 14.87
N GLN B 7 -33.08 2.03 14.54
CA GLN B 7 -31.89 1.21 14.69
C GLN B 7 -31.39 0.79 13.32
N GLN B 8 -30.08 0.84 13.12
CA GLN B 8 -29.50 0.43 11.86
C GLN B 8 -29.46 -1.09 11.77
N HIS B 9 -29.84 -1.63 10.63
CA HIS B 9 -29.91 -3.07 10.45
C HIS B 9 -28.94 -3.51 9.36
N PRO B 10 -27.73 -3.93 9.75
CA PRO B 10 -26.73 -4.42 8.80
C PRO B 10 -27.14 -5.74 8.17
N ALA B 11 -27.17 -5.77 6.84
CA ALA B 11 -27.52 -6.98 6.13
C ALA B 11 -26.41 -8.02 6.26
N PRO B 12 -26.79 -9.28 6.57
CA PRO B 12 -25.83 -10.35 6.84
C PRO B 12 -24.89 -10.64 5.67
N GLU B 13 -23.65 -10.11 5.72
CA GLU B 13 -22.65 -10.33 4.67
C GLU B 13 -23.08 -9.69 3.36
N LYS B 14 -23.99 -8.73 3.45
CA LYS B 14 -24.47 -8.03 2.27
C LYS B 14 -24.60 -6.54 2.56
N SER B 15 -23.52 -5.95 3.04
CA SER B 15 -23.51 -4.53 3.34
C SER B 15 -23.71 -3.71 2.06
N SER B 16 -23.27 -4.28 0.94
CA SER B 16 -23.45 -3.70 -0.38
C SER B 16 -22.59 -2.44 -0.58
N LYS B 17 -22.93 -1.38 0.14
CA LYS B 17 -22.27 -0.09 0.01
C LYS B 17 -20.78 -0.21 0.33
N VAL B 18 -20.46 -0.76 1.49
CA VAL B 18 -19.08 -0.92 1.90
C VAL B 18 -18.28 -1.72 0.87
N SER B 19 -18.94 -2.70 0.25
CA SER B 19 -18.29 -3.55 -0.72
C SER B 19 -17.89 -2.76 -1.96
N GLU B 20 -18.69 -1.76 -2.34
CA GLU B 20 -18.43 -1.01 -3.55
C GLU B 20 -17.28 -0.02 -3.35
N GLN B 21 -17.10 0.46 -2.12
CA GLN B 21 -15.90 1.21 -1.77
C GLN B 21 -14.65 0.36 -2.00
N LEU B 22 -14.69 -0.89 -1.54
CA LEU B 22 -13.57 -1.81 -1.70
C LEU B 22 -13.23 -2.03 -3.17
N LYS B 23 -14.25 -2.01 -4.03
CA LYS B 23 -14.02 -2.11 -5.47
C LYS B 23 -13.21 -0.92 -5.98
N CYS B 24 -13.43 0.26 -5.41
CA CYS B 24 -12.64 1.44 -5.76
C CYS B 24 -11.18 1.20 -5.41
N CYS B 25 -10.96 0.57 -4.27
CA CYS B 25 -9.60 0.26 -3.83
C CYS B 25 -8.90 -0.68 -4.81
N SER B 26 -9.68 -1.56 -5.43
CA SER B 26 -9.16 -2.45 -6.47
C SER B 26 -8.66 -1.62 -7.65
N GLY B 27 -9.46 -0.62 -8.03
CA GLY B 27 -9.08 0.30 -9.08
C GLY B 27 -7.76 0.97 -8.80
N ILE B 28 -7.51 1.26 -7.53
CA ILE B 28 -6.27 1.89 -7.10
C ILE B 28 -5.08 0.97 -7.33
N LEU B 29 -5.19 -0.28 -6.88
CA LEU B 29 -4.09 -1.22 -7.01
C LEU B 29 -3.86 -1.61 -8.46
N LYS B 30 -4.94 -1.69 -9.24
CA LYS B 30 -4.81 -1.91 -10.68
C LYS B 30 -4.00 -0.78 -11.32
N GLU B 31 -4.23 0.42 -10.80
CA GLU B 31 -3.50 1.60 -11.27
C GLU B 31 -2.04 1.53 -10.84
N MET B 32 -1.81 1.28 -9.56
CA MET B 32 -0.46 1.33 -9.03
C MET B 32 0.37 0.13 -9.48
N PHE B 33 -0.30 -0.87 -10.07
CA PHE B 33 0.41 -2.01 -10.68
C PHE B 33 0.62 -1.79 -12.17
N ALA B 34 0.04 -0.74 -12.73
CA ALA B 34 0.23 -0.43 -14.13
C ALA B 34 1.71 -0.14 -14.41
N LYS B 35 2.17 -0.63 -15.56
CA LYS B 35 3.59 -0.63 -15.91
C LYS B 35 4.18 0.78 -15.89
N LYS B 36 3.32 1.78 -16.03
CA LYS B 36 3.73 3.17 -16.00
C LYS B 36 4.25 3.57 -14.61
N HIS B 37 3.76 2.88 -13.58
CA HIS B 37 4.19 3.19 -12.22
C HIS B 37 5.27 2.20 -11.79
N ALA B 38 5.53 1.21 -12.64
CA ALA B 38 6.42 0.11 -12.29
C ALA B 38 7.89 0.50 -12.43
N ALA B 39 8.12 1.71 -12.93
CA ALA B 39 9.48 2.22 -13.08
C ALA B 39 10.17 2.38 -11.73
N TYR B 40 9.40 2.80 -10.75
CA TYR B 40 9.95 3.11 -9.42
C TYR B 40 9.25 2.31 -8.31
N ALA B 41 8.03 1.89 -8.55
CA ALA B 41 7.27 1.19 -7.51
C ALA B 41 7.52 -0.31 -7.56
N TRP B 42 8.49 -0.73 -8.37
CA TRP B 42 8.81 -2.16 -8.51
C TRP B 42 9.14 -2.84 -7.16
N PRO B 43 9.84 -2.17 -6.19
CA PRO B 43 10.08 -2.76 -4.85
C PRO B 43 8.79 -3.02 -4.06
N PHE B 44 7.74 -2.27 -4.35
CA PHE B 44 6.49 -2.38 -3.60
C PHE B 44 5.54 -3.43 -4.19
N TYR B 45 5.62 -3.67 -5.51
CA TYR B 45 4.75 -4.66 -6.17
C TYR B 45 4.87 -6.02 -5.49
N LYS B 46 6.10 -6.42 -5.22
CA LYS B 46 6.37 -7.69 -4.59
C LYS B 46 7.33 -7.48 -3.43
N PRO B 47 7.31 -8.37 -2.41
CA PRO B 47 8.24 -8.31 -1.27
C PRO B 47 9.66 -7.98 -1.70
N VAL B 48 10.27 -7.01 -1.02
CA VAL B 48 11.65 -6.60 -1.30
C VAL B 48 12.59 -7.79 -1.32
N ASP B 49 13.35 -7.89 -2.39
CA ASP B 49 14.37 -8.92 -2.52
C ASP B 49 15.54 -8.58 -1.62
N VAL B 50 15.49 -9.08 -0.39
CA VAL B 50 16.48 -8.74 0.64
C VAL B 50 17.90 -9.10 0.19
N GLU B 51 18.02 -10.17 -0.57
CA GLU B 51 19.32 -10.65 -1.05
C GLU B 51 19.94 -9.67 -2.05
N ALA B 52 19.08 -8.86 -2.67
CA ALA B 52 19.53 -7.90 -3.66
C ALA B 52 20.32 -6.76 -3.01
N LEU B 53 19.82 -6.26 -1.89
CA LEU B 53 20.49 -5.16 -1.20
C LEU B 53 21.49 -5.71 -0.19
N GLY B 54 21.19 -6.90 0.31
CA GLY B 54 22.04 -7.52 1.31
C GLY B 54 21.74 -7.01 2.71
N LEU B 55 20.45 -6.80 3.00
CA LEU B 55 20.03 -6.32 4.32
C LEU B 55 20.32 -7.39 5.37
N HIS B 56 20.46 -6.99 6.62
CA HIS B 56 20.80 -7.93 7.68
C HIS B 56 19.85 -7.79 8.87
N ASP B 57 18.92 -6.84 8.78
CA ASP B 57 17.99 -6.59 9.88
C ASP B 57 16.67 -6.02 9.36
N TYR B 58 15.89 -6.85 8.70
CA TYR B 58 14.60 -6.42 8.21
C TYR B 58 13.51 -6.78 9.22
N CYS B 59 13.67 -7.92 9.87
CA CYS B 59 12.63 -8.44 10.76
C CYS B 59 12.64 -7.70 12.10
N ASP B 60 13.78 -7.12 12.44
CA ASP B 60 13.94 -6.41 13.69
C ASP B 60 13.20 -5.08 13.68
N ILE B 61 13.23 -4.38 12.55
CA ILE B 61 12.61 -3.07 12.44
C ILE B 61 11.18 -3.21 11.90
N ILE B 62 11.05 -4.01 10.86
CA ILE B 62 9.78 -4.20 10.19
C ILE B 62 8.96 -5.27 10.91
N LYS B 63 8.12 -4.86 11.85
CA LYS B 63 7.28 -5.81 12.58
C LYS B 63 6.02 -6.15 11.77
N HIS B 64 5.60 -5.21 10.93
CA HIS B 64 4.42 -5.41 10.09
C HIS B 64 4.78 -5.26 8.61
N PRO B 65 5.45 -6.26 7.99
CA PRO B 65 5.74 -6.22 6.56
C PRO B 65 4.48 -6.39 5.73
N MET B 66 4.38 -5.62 4.66
CA MET B 66 3.24 -5.70 3.78
C MET B 66 3.73 -5.59 2.34
N ASP B 67 3.00 -6.18 1.40
CA ASP B 67 3.38 -6.10 0.00
C ASP B 67 2.14 -5.94 -0.86
N MET B 68 2.30 -5.24 -1.98
CA MET B 68 1.19 -4.83 -2.80
C MET B 68 0.54 -6.01 -3.54
N SER B 69 1.26 -7.12 -3.65
CA SER B 69 0.71 -8.33 -4.23
C SER B 69 -0.32 -8.97 -3.28
N THR B 70 0.12 -9.25 -2.05
CA THR B 70 -0.74 -9.87 -1.05
C THR B 70 -1.99 -9.03 -0.76
N ILE B 71 -1.82 -7.73 -0.59
CA ILE B 71 -2.95 -6.86 -0.31
C ILE B 71 -4.02 -6.94 -1.42
N LYS B 72 -3.59 -6.97 -2.68
CA LYS B 72 -4.52 -7.11 -3.79
C LYS B 72 -5.22 -8.46 -3.75
N SER B 73 -4.46 -9.50 -3.42
CA SER B 73 -4.98 -10.86 -3.29
C SER B 73 -6.13 -10.90 -2.30
N LYS B 74 -5.91 -10.35 -1.11
CA LYS B 74 -6.90 -10.34 -0.05
C LYS B 74 -8.11 -9.49 -0.45
N LEU B 75 -7.84 -8.42 -1.17
CA LEU B 75 -8.91 -7.58 -1.70
C LEU B 75 -9.78 -8.36 -2.68
N GLU B 76 -9.16 -9.10 -3.60
CA GLU B 76 -9.91 -9.89 -4.58
C GLU B 76 -10.54 -11.10 -3.91
N ALA B 77 -10.02 -11.49 -2.76
CA ALA B 77 -10.64 -12.52 -1.95
C ALA B 77 -11.83 -11.94 -1.20
N ARG B 78 -11.86 -10.61 -1.14
CA ARG B 78 -12.94 -9.86 -0.50
C ARG B 78 -12.92 -10.07 1.01
N GLU B 79 -11.73 -10.12 1.59
CA GLU B 79 -11.58 -10.30 3.02
C GLU B 79 -11.56 -8.97 3.75
N TYR B 80 -11.53 -7.88 2.99
CA TYR B 80 -11.51 -6.54 3.59
C TYR B 80 -12.91 -6.12 4.01
N ARG B 81 -12.98 -5.47 5.17
CA ARG B 81 -14.26 -5.05 5.71
C ARG B 81 -14.56 -3.60 5.39
N ASP B 82 -13.54 -2.79 5.13
CA ASP B 82 -13.77 -1.38 4.80
C ASP B 82 -12.58 -0.73 4.09
N ALA B 83 -12.82 0.47 3.57
CA ALA B 83 -11.81 1.23 2.84
C ALA B 83 -10.67 1.67 3.75
N GLN B 84 -11.00 1.96 5.01
CA GLN B 84 -10.01 2.42 5.98
C GLN B 84 -8.95 1.35 6.22
N GLU B 85 -9.36 0.09 6.17
CA GLU B 85 -8.42 -1.01 6.28
C GLU B 85 -7.45 -1.02 5.11
N PHE B 86 -7.98 -1.00 3.89
CA PHE B 86 -7.15 -1.01 2.68
C PHE B 86 -6.07 0.08 2.75
N GLY B 87 -6.50 1.30 3.05
CA GLY B 87 -5.56 2.42 3.12
C GLY B 87 -4.50 2.22 4.18
N ALA B 88 -4.86 1.50 5.24
CA ALA B 88 -3.95 1.28 6.35
C ALA B 88 -2.76 0.40 5.94
N ASP B 89 -3.03 -0.79 5.39
CA ASP B 89 -1.97 -1.71 5.02
C ASP B 89 -1.11 -1.19 3.85
N VAL B 90 -1.71 -0.44 2.91
CA VAL B 90 -0.90 0.17 1.85
C VAL B 90 0.10 1.15 2.46
N ARG B 91 -0.34 1.89 3.47
CA ARG B 91 0.47 2.91 4.11
C ARG B 91 1.47 2.26 5.04
N LEU B 92 1.20 1.01 5.40
CA LEU B 92 2.08 0.23 6.27
C LEU B 92 3.43 0.05 5.62
N MET B 93 3.42 -0.56 4.44
CA MET B 93 4.66 -0.79 3.69
C MET B 93 5.30 0.52 3.25
N PHE B 94 4.48 1.52 2.93
CA PHE B 94 5.01 2.83 2.57
C PHE B 94 5.75 3.45 3.76
N SER B 95 5.19 3.30 4.97
CA SER B 95 5.83 3.86 6.15
C SER B 95 6.97 2.95 6.65
N ASN B 96 6.96 1.71 6.21
CA ASN B 96 8.03 0.76 6.54
C ASN B 96 9.38 1.29 6.06
N CYS B 97 9.44 1.74 4.80
CA CYS B 97 10.65 2.34 4.27
C CYS B 97 10.91 3.68 4.96
N TYR B 98 9.85 4.37 5.36
CA TYR B 98 10.00 5.70 5.96
C TYR B 98 10.69 5.66 7.31
N LYS B 99 10.37 4.66 8.13
CA LYS B 99 10.94 4.60 9.48
C LYS B 99 12.30 3.91 9.49
N TYR B 100 12.49 2.96 8.58
CA TYR B 100 13.72 2.18 8.55
C TYR B 100 14.76 2.86 7.65
N ASN B 101 14.31 3.79 6.83
CA ASN B 101 15.21 4.51 5.94
C ASN B 101 15.02 6.02 6.10
N PRO B 102 16.13 6.78 6.13
CA PRO B 102 16.08 8.25 6.16
C PRO B 102 15.41 8.81 4.89
N PRO B 103 14.94 10.07 4.94
CA PRO B 103 14.05 10.63 3.91
C PRO B 103 14.78 11.02 2.63
N ASP B 104 16.09 10.95 2.69
CA ASP B 104 16.93 11.25 1.52
C ASP B 104 17.27 9.97 0.75
N HIS B 105 16.82 8.84 1.27
CA HIS B 105 17.18 7.54 0.69
C HIS B 105 16.20 7.11 -0.42
N GLU B 106 16.67 6.15 -1.23
CA GLU B 106 15.98 5.70 -2.45
C GLU B 106 14.50 5.35 -2.25
N VAL B 107 14.21 4.25 -1.54
CA VAL B 107 12.82 3.74 -1.45
C VAL B 107 11.86 4.80 -0.96
N VAL B 108 12.31 5.63 -0.04
CA VAL B 108 11.41 6.60 0.57
C VAL B 108 11.09 7.69 -0.44
N ALA B 109 12.06 7.98 -1.30
CA ALA B 109 11.90 8.96 -2.36
C ALA B 109 10.94 8.44 -3.42
N MET B 110 11.00 7.13 -3.66
CA MET B 110 10.07 6.51 -4.59
C MET B 110 8.68 6.49 -3.99
N ALA B 111 8.62 6.21 -2.68
CA ALA B 111 7.36 6.21 -1.96
C ALA B 111 6.80 7.62 -1.84
N ARG B 112 7.67 8.63 -1.96
CA ARG B 112 7.24 10.03 -1.96
C ARG B 112 6.19 10.26 -3.04
N LYS B 113 6.55 9.95 -4.28
CA LYS B 113 5.67 10.15 -5.42
C LYS B 113 4.55 9.10 -5.45
N LEU B 114 4.80 7.91 -4.89
CA LEU B 114 3.75 6.90 -4.78
C LEU B 114 2.65 7.36 -3.83
N GLN B 115 3.06 7.99 -2.73
CA GLN B 115 2.09 8.52 -1.78
C GLN B 115 1.23 9.57 -2.45
N ASP B 116 1.78 10.30 -3.41
CA ASP B 116 1.02 11.30 -4.15
C ASP B 116 -0.11 10.67 -4.96
N VAL B 117 0.25 9.77 -5.88
CA VAL B 117 -0.75 9.09 -6.71
C VAL B 117 -1.75 8.32 -5.84
N PHE B 118 -1.26 7.58 -4.85
CA PHE B 118 -2.12 6.85 -3.92
C PHE B 118 -3.05 7.81 -3.18
N GLU B 119 -2.52 8.94 -2.76
CA GLU B 119 -3.29 9.94 -2.02
C GLU B 119 -4.48 10.41 -2.83
N MET B 120 -4.23 10.83 -4.07
CA MET B 120 -5.30 11.32 -4.93
C MET B 120 -6.22 10.19 -5.37
N ARG B 121 -5.71 8.98 -5.34
CA ARG B 121 -6.50 7.81 -5.67
C ARG B 121 -7.47 7.48 -4.53
N PHE B 122 -7.01 7.58 -3.29
CA PHE B 122 -7.84 7.26 -2.14
C PHE B 122 -8.72 8.45 -1.77
N ALA B 123 -8.26 9.66 -2.06
CA ALA B 123 -9.01 10.86 -1.74
C ALA B 123 -10.29 10.97 -2.56
N LYS B 124 -10.32 10.32 -3.74
CA LYS B 124 -11.49 10.40 -4.61
C LYS B 124 -12.61 9.50 -4.09
N MET B 125 -12.22 8.51 -3.26
CA MET B 125 -13.18 7.58 -2.60
C MET B 125 -14.56 8.20 -2.37
N PRO B 126 -15.55 7.93 -3.25
CA PRO B 126 -16.91 8.41 -3.05
C PRO B 126 -17.58 7.72 -1.87
N ASP B 127 -18.64 8.34 -1.36
CA ASP B 127 -19.39 7.81 -0.22
C ASP B 127 -20.17 6.57 -0.63
N GLU B 128 -20.78 6.64 -1.80
CA GLU B 128 -21.43 5.49 -2.40
C GLU B 128 -20.90 5.25 -3.80
N ASN A 1 27.08 5.24 8.88
CA ASN A 1 26.40 4.16 8.13
C ASN A 1 25.20 3.65 8.90
N PRO A 2 24.00 3.70 8.28
CA PRO A 2 22.77 3.24 8.93
C PRO A 2 22.83 1.75 9.23
N ASP A 3 22.87 1.42 10.52
CA ASP A 3 22.95 0.03 10.97
C ASP A 3 21.77 -0.75 10.44
N GLY A 4 20.61 -0.14 10.57
CA GLY A 4 19.40 -0.71 10.02
C GLY A 4 18.80 0.21 8.98
N GLY A 5 18.91 -0.19 7.73
CA GLY A 5 18.36 0.61 6.65
C GLY A 5 18.71 0.03 5.30
N SER A 7 19.87 -0.25 1.51
CA SER A 7 20.93 0.41 0.77
C SER A 7 20.81 0.15 -0.74
N GLY A 8 21.09 -1.09 -1.14
CA GLY A 8 21.09 -1.44 -2.55
C GLY A 8 19.71 -1.50 -3.16
N ALA A 10 19.22 0.03 -6.58
CA ALA A 10 19.49 -0.03 -8.02
C ALA A 10 18.23 0.30 -8.83
N PRO A 11 17.90 1.60 -8.93
CA PRO A 11 16.66 2.07 -9.57
C PRO A 11 16.67 1.97 -11.10
N ARG A 12 17.43 1.01 -11.62
CA ARG A 12 17.49 0.72 -13.06
C ARG A 12 17.83 1.96 -13.88
N ARG A 13 18.67 2.82 -13.34
CA ARG A 13 19.10 4.02 -14.05
C ARG A 13 20.59 4.26 -13.84
N ARG A 14 21.36 4.02 -14.88
CA ARG A 14 22.81 4.20 -14.82
C ARG A 14 23.30 4.81 -16.12
N ALA A 15 23.65 6.10 -16.06
CA ALA A 15 24.16 6.80 -17.23
C ALA A 15 25.64 6.48 -17.45
N VAL A 16 25.93 5.20 -17.60
CA VAL A 16 27.31 4.74 -17.76
C VAL A 16 27.64 4.55 -19.24
N LYS B 1 -37.85 9.65 11.64
CA LYS B 1 -37.29 10.15 12.93
C LYS B 1 -35.82 9.77 13.05
N ASP B 2 -34.98 10.78 13.28
CA ASP B 2 -33.53 10.59 13.45
C ASP B 2 -32.90 10.01 12.19
N VAL B 3 -32.43 10.89 11.32
CA VAL B 3 -31.83 10.48 10.05
C VAL B 3 -30.36 10.88 9.95
N PRO B 4 -30.00 12.17 10.21
CA PRO B 4 -28.61 12.62 10.11
C PRO B 4 -27.72 11.97 11.18
N ASP B 5 -26.92 11.01 10.76
CA ASP B 5 -26.02 10.30 11.67
C ASP B 5 -24.66 10.11 11.02
N SER B 6 -23.69 9.72 11.83
CA SER B 6 -22.33 9.50 11.36
C SER B 6 -22.22 8.15 10.64
N GLN B 7 -22.81 8.08 9.45
CA GLN B 7 -22.75 6.89 8.61
C GLN B 7 -23.38 5.69 9.31
N GLN B 8 -24.60 5.87 9.82
CA GLN B 8 -25.28 4.79 10.51
C GLN B 8 -26.08 3.96 9.52
N HIS B 9 -25.40 3.02 8.87
CA HIS B 9 -26.03 2.12 7.92
C HIS B 9 -25.56 0.69 8.17
N PRO B 10 -26.29 -0.08 8.99
CA PRO B 10 -25.91 -1.46 9.31
C PRO B 10 -26.07 -2.39 8.13
N ALA B 11 -24.99 -2.56 7.38
CA ALA B 11 -25.01 -3.36 6.17
C ALA B 11 -24.81 -4.84 6.48
N PRO B 12 -25.61 -5.73 5.87
CA PRO B 12 -25.50 -7.18 6.07
C PRO B 12 -24.32 -7.78 5.31
N GLU B 13 -24.32 -9.10 5.12
CA GLU B 13 -23.29 -9.76 4.29
C GLU B 13 -23.29 -9.14 2.91
N LYS B 14 -24.46 -9.03 2.31
CA LYS B 14 -24.64 -8.33 1.05
C LYS B 14 -24.69 -6.84 1.33
N SER B 15 -23.54 -6.31 1.72
CA SER B 15 -23.46 -4.96 2.23
C SER B 15 -23.69 -3.92 1.14
N SER B 16 -23.30 -4.27 -0.08
CA SER B 16 -23.45 -3.40 -1.25
C SER B 16 -22.46 -2.21 -1.18
N LYS B 17 -22.59 -1.41 -0.12
CA LYS B 17 -21.76 -0.23 0.05
C LYS B 17 -20.29 -0.60 0.21
N VAL B 18 -20.00 -1.44 1.19
CA VAL B 18 -18.65 -1.87 1.45
C VAL B 18 -18.00 -2.45 0.19
N SER B 19 -18.76 -3.29 -0.51
CA SER B 19 -18.28 -3.93 -1.72
C SER B 19 -17.91 -2.90 -2.79
N GLU B 20 -18.71 -1.84 -2.93
CA GLU B 20 -18.50 -0.87 -4.00
C GLU B 20 -17.30 0.03 -3.68
N GLN B 21 -17.09 0.32 -2.39
CA GLN B 21 -15.92 1.07 -1.95
C GLN B 21 -14.63 0.27 -2.13
N LEU B 22 -14.65 -1.02 -1.75
CA LEU B 22 -13.48 -1.86 -1.95
C LEU B 22 -13.12 -1.98 -3.44
N LYS B 23 -14.15 -1.97 -4.29
CA LYS B 23 -13.93 -2.00 -5.73
C LYS B 23 -13.31 -0.71 -6.23
N CYS B 24 -13.42 0.35 -5.45
CA CYS B 24 -12.67 1.57 -5.73
C CYS B 24 -11.19 1.31 -5.43
N CYS B 25 -10.96 0.61 -4.34
CA CYS B 25 -9.60 0.29 -3.91
C CYS B 25 -8.91 -0.68 -4.89
N SER B 26 -9.67 -1.61 -5.47
CA SER B 26 -9.12 -2.50 -6.48
C SER B 26 -8.68 -1.69 -7.69
N GLY B 27 -9.48 -0.68 -8.02
CA GLY B 27 -9.13 0.25 -9.08
C GLY B 27 -7.78 0.92 -8.83
N ILE B 28 -7.51 1.23 -7.58
CA ILE B 28 -6.26 1.88 -7.20
C ILE B 28 -5.07 0.95 -7.41
N LEU B 29 -5.20 -0.30 -6.98
CA LEU B 29 -4.10 -1.25 -7.11
C LEU B 29 -3.89 -1.64 -8.58
N LYS B 30 -4.97 -1.67 -9.36
CA LYS B 30 -4.85 -1.84 -10.80
C LYS B 30 -4.01 -0.72 -11.39
N GLU B 31 -4.25 0.49 -10.88
CA GLU B 31 -3.53 1.68 -11.32
C GLU B 31 -2.06 1.60 -10.92
N MET B 32 -1.80 1.30 -9.65
CA MET B 32 -0.45 1.35 -9.13
C MET B 32 0.39 0.17 -9.63
N PHE B 33 -0.27 -0.82 -10.22
CA PHE B 33 0.45 -1.91 -10.90
C PHE B 33 0.68 -1.61 -12.38
N ALA B 34 -0.01 -0.61 -12.91
CA ALA B 34 0.12 -0.25 -14.32
C ALA B 34 1.59 0.04 -14.64
N LYS B 35 2.00 -0.43 -15.83
CA LYS B 35 3.40 -0.42 -16.24
C LYS B 35 4.01 0.98 -16.19
N LYS B 36 3.16 2.00 -16.30
CA LYS B 36 3.61 3.39 -16.19
C LYS B 36 4.12 3.70 -14.79
N HIS B 37 3.57 3.02 -13.80
CA HIS B 37 3.97 3.25 -12.41
C HIS B 37 5.04 2.23 -12.01
N ALA B 38 5.30 1.28 -12.89
CA ALA B 38 6.23 0.20 -12.61
C ALA B 38 7.68 0.67 -12.70
N ALA B 39 7.84 1.91 -13.15
CA ALA B 39 9.16 2.51 -13.32
C ALA B 39 9.87 2.64 -11.98
N TYR B 40 9.10 2.94 -10.95
CA TYR B 40 9.67 3.23 -9.62
C TYR B 40 9.05 2.36 -8.53
N ALA B 41 7.82 1.90 -8.73
CA ALA B 41 7.13 1.16 -7.68
C ALA B 41 7.39 -0.33 -7.78
N TRP B 42 8.31 -0.72 -8.66
CA TRP B 42 8.64 -2.13 -8.82
C TRP B 42 9.05 -2.83 -7.50
N PRO B 43 9.81 -2.19 -6.57
CA PRO B 43 10.13 -2.81 -5.28
C PRO B 43 8.89 -3.00 -4.37
N PHE B 44 7.82 -2.26 -4.63
CA PHE B 44 6.60 -2.38 -3.82
C PHE B 44 5.66 -3.44 -4.37
N TYR B 45 5.79 -3.78 -5.66
CA TYR B 45 4.97 -4.84 -6.25
C TYR B 45 5.26 -6.17 -5.57
N LYS B 46 6.53 -6.45 -5.36
CA LYS B 46 6.96 -7.72 -4.80
C LYS B 46 7.88 -7.49 -3.61
N PRO B 47 7.78 -8.34 -2.56
CA PRO B 47 8.63 -8.26 -1.37
C PRO B 47 10.11 -8.08 -1.71
N VAL B 48 10.72 -7.05 -1.14
CA VAL B 48 12.13 -6.73 -1.34
C VAL B 48 13.03 -7.97 -1.18
N ASP B 49 13.90 -8.17 -2.18
CA ASP B 49 14.92 -9.19 -2.09
C ASP B 49 15.99 -8.75 -1.10
N VAL B 50 15.90 -9.27 0.11
CA VAL B 50 16.78 -8.86 1.21
C VAL B 50 18.25 -9.14 0.88
N GLU B 51 18.49 -10.20 0.13
CA GLU B 51 19.86 -10.61 -0.18
C GLU B 51 20.50 -9.64 -1.17
N ALA B 52 19.67 -8.86 -1.84
CA ALA B 52 20.14 -7.90 -2.83
C ALA B 52 20.82 -6.70 -2.18
N LEU B 53 20.39 -6.36 -0.97
CA LEU B 53 21.00 -5.23 -0.25
C LEU B 53 21.89 -5.75 0.86
N GLY B 54 21.57 -6.94 1.35
CA GLY B 54 22.33 -7.54 2.43
C GLY B 54 21.85 -7.07 3.78
N LEU B 55 20.54 -6.89 3.92
CA LEU B 55 19.96 -6.42 5.17
C LEU B 55 20.17 -7.47 6.26
N HIS B 56 20.38 -7.02 7.48
CA HIS B 56 20.67 -7.94 8.59
C HIS B 56 19.54 -7.94 9.61
N ASP B 57 18.70 -6.91 9.60
CA ASP B 57 17.65 -6.78 10.60
C ASP B 57 16.36 -6.23 10.00
N TYR B 58 15.70 -7.04 9.18
CA TYR B 58 14.43 -6.63 8.60
C TYR B 58 13.32 -6.92 9.60
N CYS B 59 13.36 -8.09 10.21
CA CYS B 59 12.29 -8.53 11.11
C CYS B 59 12.45 -7.87 12.47
N ASP B 60 13.65 -7.40 12.74
CA ASP B 60 13.97 -6.69 13.97
C ASP B 60 13.13 -5.42 14.06
N ILE B 61 13.01 -4.73 12.95
CA ILE B 61 12.25 -3.49 12.87
C ILE B 61 10.86 -3.77 12.32
N ILE B 62 10.84 -4.30 11.11
CA ILE B 62 9.62 -4.51 10.35
C ILE B 62 8.83 -5.70 10.91
N LYS B 63 7.82 -5.39 11.73
CA LYS B 63 6.98 -6.42 12.33
C LYS B 63 5.78 -6.68 11.45
N HIS B 64 5.44 -5.71 10.61
CA HIS B 64 4.30 -5.84 9.72
C HIS B 64 4.73 -5.60 8.27
N PRO B 65 5.51 -6.53 7.66
CA PRO B 65 5.90 -6.41 6.26
C PRO B 65 4.72 -6.58 5.33
N MET B 66 4.46 -5.57 4.52
CA MET B 66 3.34 -5.60 3.59
C MET B 66 3.86 -5.40 2.17
N ASP B 67 3.11 -5.89 1.19
CA ASP B 67 3.49 -5.75 -0.22
C ASP B 67 2.24 -5.69 -1.07
N MET B 68 2.36 -5.04 -2.22
CA MET B 68 1.20 -4.73 -3.06
C MET B 68 0.60 -5.99 -3.70
N SER B 69 1.38 -7.05 -3.83
CA SER B 69 0.86 -8.31 -4.33
C SER B 69 -0.09 -8.96 -3.32
N THR B 70 0.38 -9.13 -2.09
CA THR B 70 -0.41 -9.74 -1.03
C THR B 70 -1.66 -8.91 -0.70
N ILE B 71 -1.50 -7.59 -0.60
CA ILE B 71 -2.62 -6.73 -0.27
C ILE B 71 -3.78 -6.88 -1.27
N LYS B 72 -3.45 -6.97 -2.56
CA LYS B 72 -4.46 -7.14 -3.60
C LYS B 72 -5.14 -8.51 -3.47
N SER B 73 -4.36 -9.53 -3.12
CA SER B 73 -4.87 -10.88 -2.89
C SER B 73 -6.04 -10.87 -1.89
N LYS B 74 -5.80 -10.25 -0.75
CA LYS B 74 -6.80 -10.17 0.31
C LYS B 74 -8.02 -9.36 -0.14
N LEU B 75 -7.75 -8.35 -0.95
CA LEU B 75 -8.80 -7.53 -1.54
C LEU B 75 -9.67 -8.34 -2.50
N GLU B 76 -9.03 -9.19 -3.31
CA GLU B 76 -9.75 -10.04 -4.25
C GLU B 76 -10.56 -11.10 -3.50
N ALA B 77 -10.11 -11.46 -2.31
CA ALA B 77 -10.83 -12.40 -1.47
C ALA B 77 -11.96 -11.70 -0.72
N ARG B 78 -11.87 -10.37 -0.72
CA ARG B 78 -12.87 -9.50 -0.08
C ARG B 78 -12.85 -9.65 1.43
N GLU B 79 -11.67 -9.89 1.98
CA GLU B 79 -11.52 -10.02 3.43
C GLU B 79 -11.52 -8.65 4.10
N TYR B 80 -11.45 -7.60 3.28
CA TYR B 80 -11.45 -6.25 3.79
C TYR B 80 -12.86 -5.81 4.18
N ARG B 81 -12.94 -5.15 5.33
CA ARG B 81 -14.23 -4.76 5.89
C ARG B 81 -14.64 -3.36 5.45
N ASP B 82 -13.68 -2.57 4.92
CA ASP B 82 -14.00 -1.28 4.31
C ASP B 82 -12.76 -0.56 3.78
N ALA B 83 -12.95 0.67 3.30
CA ALA B 83 -11.90 1.44 2.66
C ALA B 83 -10.77 1.79 3.62
N GLN B 84 -11.11 2.14 4.85
CA GLN B 84 -10.13 2.56 5.85
C GLN B 84 -9.05 1.51 6.01
N GLU B 85 -9.46 0.24 6.03
CA GLU B 85 -8.53 -0.86 6.17
C GLU B 85 -7.54 -0.88 5.03
N PHE B 86 -8.06 -0.86 3.80
CA PHE B 86 -7.21 -0.91 2.61
C PHE B 86 -6.11 0.16 2.66
N GLY B 87 -6.50 1.37 3.04
CA GLY B 87 -5.54 2.47 3.11
C GLY B 87 -4.47 2.22 4.15
N ALA B 88 -4.85 1.56 5.22
CA ALA B 88 -3.94 1.28 6.32
C ALA B 88 -2.78 0.38 5.86
N ASP B 89 -3.09 -0.78 5.28
CA ASP B 89 -2.05 -1.70 4.86
C ASP B 89 -1.20 -1.15 3.70
N VAL B 90 -1.78 -0.32 2.84
CA VAL B 90 -0.96 0.33 1.81
C VAL B 90 0.03 1.29 2.46
N ARG B 91 -0.42 1.98 3.51
CA ARG B 91 0.42 2.94 4.21
C ARG B 91 1.45 2.22 5.05
N LEU B 92 1.14 0.97 5.38
CA LEU B 92 2.02 0.10 6.16
C LEU B 92 3.36 -0.08 5.46
N MET B 93 3.31 -0.59 4.24
CA MET B 93 4.53 -0.82 3.47
C MET B 93 5.20 0.49 3.07
N PHE B 94 4.41 1.54 2.83
CA PHE B 94 4.98 2.83 2.49
C PHE B 94 5.70 3.45 3.69
N SER B 95 5.22 3.16 4.90
CA SER B 95 5.87 3.66 6.10
C SER B 95 7.00 2.74 6.53
N ASN B 96 7.03 1.53 5.98
CA ASN B 96 8.08 0.55 6.30
C ASN B 96 9.44 1.07 5.85
N CYS B 97 9.52 1.55 4.63
CA CYS B 97 10.74 2.19 4.14
C CYS B 97 10.96 3.50 4.90
N TYR B 98 9.90 4.24 5.18
CA TYR B 98 10.01 5.52 5.89
C TYR B 98 10.70 5.37 7.24
N LYS B 99 10.25 4.42 8.05
CA LYS B 99 10.77 4.31 9.42
C LYS B 99 12.10 3.56 9.48
N TYR B 100 12.31 2.61 8.58
CA TYR B 100 13.51 1.79 8.63
C TYR B 100 14.60 2.31 7.69
N ASN B 101 14.23 3.20 6.77
CA ASN B 101 15.20 3.79 5.85
C ASN B 101 15.33 5.27 6.13
N PRO B 102 16.49 5.87 5.82
CA PRO B 102 16.68 7.33 5.91
C PRO B 102 15.88 8.06 4.83
N PRO B 103 15.34 9.25 5.15
CA PRO B 103 14.43 9.99 4.25
C PRO B 103 15.09 10.49 2.96
N ASP B 104 16.39 10.38 2.89
CA ASP B 104 17.12 10.77 1.68
C ASP B 104 17.49 9.53 0.86
N HIS B 105 16.92 8.39 1.22
CA HIS B 105 17.21 7.13 0.54
C HIS B 105 16.17 6.81 -0.55
N GLU B 106 16.59 6.00 -1.52
CA GLU B 106 15.81 5.69 -2.72
C GLU B 106 14.33 5.38 -2.46
N VAL B 107 14.05 4.25 -1.80
CA VAL B 107 12.67 3.76 -1.68
C VAL B 107 11.74 4.78 -1.05
N VAL B 108 12.24 5.52 -0.08
CA VAL B 108 11.38 6.45 0.63
C VAL B 108 11.04 7.62 -0.27
N ALA B 109 11.97 7.96 -1.16
CA ALA B 109 11.78 9.02 -2.13
C ALA B 109 10.79 8.59 -3.20
N MET B 110 10.92 7.34 -3.65
CA MET B 110 10.01 6.80 -4.64
C MET B 110 8.63 6.60 -4.01
N ALA B 111 8.62 6.36 -2.71
CA ALA B 111 7.37 6.23 -1.97
C ALA B 111 6.69 7.59 -1.79
N ARG B 112 7.48 8.67 -1.76
CA ARG B 112 6.93 10.02 -1.64
C ARG B 112 5.95 10.29 -2.76
N LYS B 113 6.32 9.89 -3.97
CA LYS B 113 5.48 10.11 -5.13
C LYS B 113 4.40 9.02 -5.27
N LEU B 114 4.65 7.83 -4.69
CA LEU B 114 3.61 6.80 -4.63
C LEU B 114 2.52 7.22 -3.67
N GLN B 115 2.95 7.69 -2.50
CA GLN B 115 2.03 8.23 -1.50
C GLN B 115 1.28 9.42 -2.07
N ASP B 116 1.88 10.06 -3.08
CA ASP B 116 1.23 11.16 -3.79
C ASP B 116 0.06 10.68 -4.64
N VAL B 117 0.36 9.81 -5.61
CA VAL B 117 -0.68 9.25 -6.48
C VAL B 117 -1.72 8.45 -5.69
N PHE B 118 -1.26 7.65 -4.73
CA PHE B 118 -2.15 6.89 -3.85
C PHE B 118 -3.10 7.82 -3.09
N GLU B 119 -2.56 8.93 -2.60
CA GLU B 119 -3.34 9.90 -1.84
C GLU B 119 -4.53 10.38 -2.66
N MET B 120 -4.25 10.83 -3.87
CA MET B 120 -5.28 11.34 -4.76
C MET B 120 -6.25 10.23 -5.13
N ARG B 121 -5.68 9.08 -5.49
CA ARG B 121 -6.46 7.91 -5.89
C ARG B 121 -7.39 7.45 -4.78
N PHE B 122 -6.92 7.46 -3.54
CA PHE B 122 -7.73 6.98 -2.43
C PHE B 122 -8.71 8.06 -1.94
N ALA B 123 -8.48 9.31 -2.32
CA ALA B 123 -9.30 10.42 -1.87
C ALA B 123 -10.68 10.44 -2.55
N LYS B 124 -10.77 9.79 -3.70
CA LYS B 124 -11.97 9.87 -4.53
C LYS B 124 -13.06 8.88 -4.14
N MET B 125 -13.32 8.70 -2.83
CA MET B 125 -14.39 7.78 -2.38
C MET B 125 -15.78 8.37 -2.64
N PRO B 126 -16.54 7.85 -3.62
CA PRO B 126 -17.96 8.19 -3.74
C PRO B 126 -18.78 7.46 -2.70
N ASP B 127 -19.91 8.04 -2.36
CA ASP B 127 -20.84 7.41 -1.42
C ASP B 127 -21.79 6.49 -2.20
N GLU B 128 -22.28 6.99 -3.32
CA GLU B 128 -23.04 6.19 -4.25
C GLU B 128 -22.56 6.47 -5.67
N ASN A 1 19.32 7.35 9.46
CA ASN A 1 19.42 5.98 10.02
C ASN A 1 20.84 5.46 9.92
N PRO A 2 21.63 5.64 10.99
CA PRO A 2 23.01 5.15 11.04
C PRO A 2 23.07 3.64 11.10
N ASP A 3 22.09 3.05 11.79
CA ASP A 3 22.04 1.61 11.98
C ASP A 3 20.93 1.00 11.12
N GLY A 4 21.34 0.28 10.09
CA GLY A 4 20.39 -0.42 9.25
C GLY A 4 19.88 0.42 8.09
N GLY A 5 19.41 -0.24 7.05
CA GLY A 5 18.85 0.45 5.91
C GLY A 5 18.95 -0.36 4.64
N SER A 7 20.41 -0.41 1.80
CA SER A 7 21.53 0.09 1.02
C SER A 7 21.43 -0.38 -0.43
N GLY A 8 21.17 0.55 -1.34
CA GLY A 8 21.04 0.20 -2.74
C GLY A 8 19.81 0.81 -3.38
N ALA A 10 18.25 1.67 -7.34
CA ALA A 10 18.32 2.77 -8.28
C ALA A 10 17.19 2.63 -9.29
N PRO A 11 16.42 3.72 -9.50
CA PRO A 11 15.27 3.74 -10.42
C PRO A 11 15.64 3.32 -11.83
N ARG A 12 16.79 3.77 -12.29
CA ARG A 12 17.30 3.37 -13.59
C ARG A 12 18.42 2.36 -13.41
N ARG A 13 18.14 1.10 -13.76
CA ARG A 13 19.09 0.00 -13.60
C ARG A 13 19.29 -0.34 -12.12
N ARG A 14 19.34 -1.63 -11.81
CA ARG A 14 19.65 -2.06 -10.45
C ARG A 14 21.16 -2.00 -10.21
N ALA A 15 21.70 -0.78 -10.31
CA ALA A 15 23.14 -0.54 -10.16
C ALA A 15 23.93 -1.26 -11.26
N VAL A 16 23.29 -1.49 -12.39
CA VAL A 16 23.91 -2.18 -13.50
C VAL A 16 23.80 -1.36 -14.79
N LYS B 1 -33.48 19.63 13.47
CA LYS B 1 -32.16 19.05 13.80
C LYS B 1 -32.21 17.53 13.71
N ASP B 2 -31.90 17.01 12.54
CA ASP B 2 -31.94 15.56 12.32
C ASP B 2 -31.00 15.16 11.19
N VAL B 3 -30.33 14.04 11.37
CA VAL B 3 -29.42 13.51 10.36
C VAL B 3 -29.81 12.08 10.00
N PRO B 4 -29.47 11.62 8.78
CA PRO B 4 -29.78 10.26 8.34
C PRO B 4 -28.84 9.23 8.96
N ASP B 5 -28.93 9.09 10.28
CA ASP B 5 -28.03 8.19 11.00
C ASP B 5 -28.51 6.74 10.91
N SER B 6 -29.76 6.52 11.29
CA SER B 6 -30.36 5.19 11.20
C SER B 6 -30.94 4.97 9.81
N GLN B 7 -31.00 6.04 9.03
CA GLN B 7 -31.42 5.95 7.64
C GLN B 7 -30.40 5.14 6.86
N GLN B 8 -29.13 5.38 7.16
CA GLN B 8 -28.05 4.62 6.58
C GLN B 8 -27.85 3.34 7.40
N HIS B 9 -28.09 2.20 6.77
CA HIS B 9 -28.05 0.92 7.45
C HIS B 9 -26.77 0.16 7.14
N PRO B 10 -25.77 0.19 8.05
CA PRO B 10 -24.52 -0.55 7.86
C PRO B 10 -24.71 -2.05 8.08
N ALA B 11 -24.61 -2.83 7.01
CA ALA B 11 -24.74 -4.27 7.09
C ALA B 11 -23.41 -4.93 6.72
N PRO B 12 -22.61 -5.34 7.72
CA PRO B 12 -21.28 -5.88 7.48
C PRO B 12 -21.26 -7.37 7.15
N GLU B 13 -21.59 -7.69 5.89
CA GLU B 13 -21.53 -9.06 5.39
C GLU B 13 -21.76 -9.06 3.88
N LYS B 14 -22.91 -8.54 3.47
CA LYS B 14 -23.24 -8.44 2.06
C LYS B 14 -23.74 -7.04 1.71
N SER B 15 -22.98 -6.04 2.14
CA SER B 15 -23.33 -4.65 1.86
C SER B 15 -22.90 -4.26 0.45
N SER B 16 -23.87 -3.78 -0.32
CA SER B 16 -23.63 -3.36 -1.69
C SER B 16 -22.78 -2.09 -1.71
N LYS B 17 -22.87 -1.31 -0.64
CA LYS B 17 -22.16 -0.05 -0.51
C LYS B 17 -20.66 -0.29 -0.32
N VAL B 18 -20.32 -1.01 0.74
CA VAL B 18 -18.92 -1.29 1.07
C VAL B 18 -18.19 -1.93 -0.10
N SER B 19 -18.89 -2.82 -0.82
CA SER B 19 -18.29 -3.51 -1.95
C SER B 19 -17.82 -2.52 -3.02
N GLU B 20 -18.49 -1.38 -3.13
CA GLU B 20 -18.12 -0.38 -4.11
C GLU B 20 -16.84 0.29 -3.69
N GLN B 21 -16.77 0.70 -2.43
CA GLN B 21 -15.56 1.34 -1.90
C GLN B 21 -14.34 0.45 -2.08
N LEU B 22 -14.46 -0.82 -1.70
CA LEU B 22 -13.36 -1.75 -1.83
C LEU B 22 -12.96 -1.93 -3.29
N LYS B 23 -13.95 -1.89 -4.18
CA LYS B 23 -13.69 -2.00 -5.61
C LYS B 23 -13.04 -0.74 -6.16
N CYS B 24 -13.29 0.40 -5.54
CA CYS B 24 -12.56 1.61 -5.89
C CYS B 24 -11.09 1.41 -5.53
N CYS B 25 -10.86 0.73 -4.41
CA CYS B 25 -9.52 0.40 -3.96
C CYS B 25 -8.88 -0.59 -4.93
N SER B 26 -9.69 -1.49 -5.48
CA SER B 26 -9.21 -2.42 -6.51
C SER B 26 -8.76 -1.64 -7.74
N GLY B 27 -9.57 -0.65 -8.10
CA GLY B 27 -9.24 0.27 -9.17
C GLY B 27 -7.89 0.93 -8.97
N ILE B 28 -7.58 1.26 -7.73
CA ILE B 28 -6.32 1.90 -7.40
C ILE B 28 -5.15 0.94 -7.67
N LEU B 29 -5.19 -0.25 -7.08
CA LEU B 29 -4.10 -1.21 -7.22
C LEU B 29 -3.94 -1.67 -8.66
N LYS B 30 -5.05 -1.72 -9.41
CA LYS B 30 -5.00 -2.02 -10.83
C LYS B 30 -4.03 -1.09 -11.54
N GLU B 31 -4.11 0.18 -11.21
CA GLU B 31 -3.26 1.18 -11.83
C GLU B 31 -1.90 1.24 -11.15
N MET B 32 -1.84 0.98 -9.85
CA MET B 32 -0.58 1.02 -9.12
C MET B 32 0.36 -0.08 -9.62
N PHE B 33 -0.20 -1.09 -10.29
CA PHE B 33 0.61 -2.14 -10.92
C PHE B 33 0.85 -1.87 -12.40
N ALA B 34 0.31 -0.77 -12.89
CA ALA B 34 0.44 -0.45 -14.31
C ALA B 34 1.89 -0.11 -14.63
N LYS B 35 2.29 -0.49 -15.84
CA LYS B 35 3.67 -0.36 -16.31
C LYS B 35 4.19 1.07 -16.15
N LYS B 36 3.30 2.05 -16.22
CA LYS B 36 3.67 3.45 -16.08
C LYS B 36 4.14 3.78 -14.66
N HIS B 37 3.63 3.05 -13.68
CA HIS B 37 4.05 3.26 -12.29
C HIS B 37 5.14 2.26 -11.93
N ALA B 38 5.38 1.30 -12.82
CA ALA B 38 6.29 0.20 -12.55
C ALA B 38 7.73 0.66 -12.59
N ALA B 39 7.95 1.84 -13.15
CA ALA B 39 9.27 2.42 -13.25
C ALA B 39 9.86 2.75 -11.88
N TYR B 40 8.97 3.04 -10.93
CA TYR B 40 9.41 3.44 -9.59
C TYR B 40 8.79 2.58 -8.48
N ALA B 41 7.62 2.01 -8.72
CA ALA B 41 6.95 1.24 -7.66
C ALA B 41 7.31 -0.24 -7.73
N TRP B 42 8.27 -0.58 -8.59
CA TRP B 42 8.68 -1.98 -8.75
C TRP B 42 9.10 -2.66 -7.44
N PRO B 43 9.82 -1.99 -6.49
CA PRO B 43 10.16 -2.61 -5.20
C PRO B 43 8.95 -2.90 -4.31
N PHE B 44 7.82 -2.22 -4.54
CA PHE B 44 6.65 -2.41 -3.70
C PHE B 44 5.70 -3.48 -4.26
N TYR B 45 5.81 -3.78 -5.56
CA TYR B 45 5.00 -4.85 -6.16
C TYR B 45 5.25 -6.18 -5.46
N LYS B 46 6.51 -6.46 -5.19
CA LYS B 46 6.92 -7.74 -4.62
C LYS B 46 7.81 -7.53 -3.40
N PRO B 47 7.73 -8.42 -2.40
CA PRO B 47 8.62 -8.41 -1.24
C PRO B 47 10.09 -8.31 -1.66
N VAL B 48 10.80 -7.33 -1.08
CA VAL B 48 12.19 -7.07 -1.47
C VAL B 48 13.07 -8.30 -1.24
N ASP B 49 14.09 -8.45 -2.06
CA ASP B 49 15.03 -9.55 -1.90
C ASP B 49 16.08 -9.17 -0.87
N VAL B 50 15.86 -9.61 0.36
CA VAL B 50 16.65 -9.20 1.51
C VAL B 50 18.13 -9.57 1.35
N GLU B 51 18.41 -10.62 0.59
CA GLU B 51 19.76 -11.13 0.46
C GLU B 51 20.52 -10.32 -0.58
N ALA B 52 19.76 -9.52 -1.32
CA ALA B 52 20.28 -8.84 -2.47
C ALA B 52 20.81 -7.45 -2.12
N LEU B 53 20.11 -6.75 -1.23
CA LEU B 53 20.61 -5.47 -0.74
C LEU B 53 21.51 -5.70 0.47
N GLY B 54 21.40 -6.90 1.04
CA GLY B 54 22.20 -7.25 2.19
C GLY B 54 21.71 -6.61 3.46
N LEU B 55 20.43 -6.80 3.77
CA LEU B 55 19.84 -6.17 4.94
C LEU B 55 20.10 -7.00 6.20
N HIS B 56 19.89 -8.30 6.10
CA HIS B 56 20.10 -9.25 7.22
C HIS B 56 19.01 -9.11 8.30
N ASP B 57 18.59 -7.89 8.59
CA ASP B 57 17.61 -7.66 9.65
C ASP B 57 16.36 -6.95 9.13
N TYR B 58 15.52 -7.68 8.42
CA TYR B 58 14.25 -7.11 7.96
C TYR B 58 13.15 -7.45 8.96
N CYS B 59 13.19 -8.66 9.50
CA CYS B 59 12.13 -9.15 10.35
C CYS B 59 12.28 -8.59 11.76
N ASP B 60 13.47 -8.10 12.08
CA ASP B 60 13.73 -7.46 13.36
C ASP B 60 13.07 -6.10 13.45
N ILE B 61 13.20 -5.30 12.40
CA ILE B 61 12.62 -3.96 12.37
C ILE B 61 11.19 -4.03 11.84
N ILE B 62 11.06 -4.62 10.67
CA ILE B 62 9.78 -4.69 9.98
C ILE B 62 8.91 -5.77 10.60
N LYS B 63 8.07 -5.40 11.55
CA LYS B 63 7.22 -6.37 12.23
C LYS B 63 5.89 -6.53 11.52
N HIS B 64 5.53 -5.54 10.72
CA HIS B 64 4.30 -5.61 9.93
C HIS B 64 4.60 -5.38 8.44
N PRO B 65 5.27 -6.34 7.76
CA PRO B 65 5.56 -6.22 6.34
C PRO B 65 4.31 -6.37 5.48
N MET B 66 4.22 -5.53 4.47
CA MET B 66 3.13 -5.62 3.50
C MET B 66 3.70 -5.47 2.11
N ASP B 67 3.02 -6.01 1.11
CA ASP B 67 3.44 -5.87 -0.28
C ASP B 67 2.21 -5.74 -1.16
N MET B 68 2.37 -4.99 -2.24
CA MET B 68 1.26 -4.63 -3.11
C MET B 68 0.60 -5.84 -3.75
N SER B 69 1.33 -6.94 -3.89
CA SER B 69 0.75 -8.17 -4.40
C SER B 69 -0.21 -8.79 -3.38
N THR B 70 0.30 -9.05 -2.17
CA THR B 70 -0.49 -9.66 -1.10
C THR B 70 -1.70 -8.82 -0.75
N ILE B 71 -1.53 -7.50 -0.67
CA ILE B 71 -2.64 -6.62 -0.32
C ILE B 71 -3.80 -6.75 -1.34
N LYS B 72 -3.47 -6.85 -2.63
CA LYS B 72 -4.49 -7.03 -3.64
C LYS B 72 -5.19 -8.40 -3.48
N SER B 73 -4.41 -9.42 -3.16
CA SER B 73 -4.93 -10.76 -2.92
C SER B 73 -6.04 -10.76 -1.88
N LYS B 74 -5.76 -10.12 -0.75
CA LYS B 74 -6.73 -10.04 0.35
C LYS B 74 -7.95 -9.23 -0.07
N LEU B 75 -7.71 -8.23 -0.90
CA LEU B 75 -8.78 -7.41 -1.44
C LEU B 75 -9.67 -8.22 -2.38
N GLU B 76 -9.07 -9.06 -3.22
CA GLU B 76 -9.83 -9.91 -4.14
C GLU B 76 -10.65 -10.93 -3.38
N ALA B 77 -10.20 -11.26 -2.18
CA ALA B 77 -10.92 -12.18 -1.30
C ALA B 77 -11.99 -11.43 -0.51
N ARG B 78 -11.82 -10.11 -0.47
CA ARG B 78 -12.73 -9.20 0.22
C ARG B 78 -12.66 -9.43 1.74
N GLU B 79 -11.45 -9.67 2.23
CA GLU B 79 -11.23 -9.81 3.66
C GLU B 79 -11.17 -8.43 4.31
N TYR B 80 -11.22 -7.40 3.49
CA TYR B 80 -11.22 -6.03 3.97
C TYR B 80 -12.61 -5.59 4.36
N ARG B 81 -12.70 -4.97 5.53
CA ARG B 81 -13.97 -4.55 6.09
C ARG B 81 -14.37 -3.21 5.50
N ASP B 82 -13.38 -2.37 5.22
CA ASP B 82 -13.65 -1.03 4.74
C ASP B 82 -12.46 -0.44 3.98
N ALA B 83 -12.69 0.72 3.37
CA ALA B 83 -11.68 1.39 2.56
C ALA B 83 -10.57 1.99 3.42
N GLN B 84 -10.88 2.28 4.68
CA GLN B 84 -9.89 2.81 5.61
C GLN B 84 -8.82 1.77 5.86
N GLU B 85 -9.26 0.53 6.02
CA GLU B 85 -8.36 -0.59 6.21
C GLU B 85 -7.37 -0.73 5.06
N PHE B 86 -7.88 -0.69 3.83
CA PHE B 86 -7.04 -0.79 2.64
C PHE B 86 -5.91 0.24 2.66
N GLY B 87 -6.28 1.48 2.93
CA GLY B 87 -5.31 2.56 2.92
C GLY B 87 -4.24 2.39 4.00
N ALA B 88 -4.60 1.70 5.06
CA ALA B 88 -3.69 1.46 6.17
C ALA B 88 -2.54 0.55 5.74
N ASP B 89 -2.86 -0.65 5.25
CA ASP B 89 -1.83 -1.60 4.84
C ASP B 89 -0.97 -1.11 3.68
N VAL B 90 -1.53 -0.24 2.82
CA VAL B 90 -0.71 0.38 1.77
C VAL B 90 0.34 1.29 2.42
N ARG B 91 -0.07 2.00 3.48
CA ARG B 91 0.81 2.91 4.16
C ARG B 91 1.81 2.13 5.01
N LEU B 92 1.42 0.92 5.36
CA LEU B 92 2.27 0.01 6.13
C LEU B 92 3.60 -0.20 5.44
N MET B 93 3.54 -0.74 4.22
CA MET B 93 4.76 -0.99 3.44
C MET B 93 5.49 0.30 3.10
N PHE B 94 4.75 1.37 2.85
CA PHE B 94 5.40 2.65 2.60
C PHE B 94 6.14 3.13 3.87
N SER B 95 5.57 2.86 5.03
CA SER B 95 6.18 3.26 6.29
C SER B 95 7.31 2.30 6.69
N ASN B 96 7.35 1.13 6.05
CA ASN B 96 8.42 0.17 6.30
C ASN B 96 9.76 0.79 5.95
N CYS B 97 9.84 1.34 4.74
CA CYS B 97 11.06 2.00 4.29
C CYS B 97 11.30 3.28 5.09
N TYR B 98 10.23 3.92 5.57
CA TYR B 98 10.35 5.20 6.27
C TYR B 98 11.12 5.08 7.59
N LYS B 99 10.90 3.99 8.33
CA LYS B 99 11.55 3.85 9.63
C LYS B 99 12.87 3.10 9.53
N TYR B 100 13.02 2.27 8.50
CA TYR B 100 14.22 1.44 8.37
C TYR B 100 15.20 2.09 7.37
N ASN B 101 14.79 3.21 6.78
CA ASN B 101 15.65 3.94 5.86
C ASN B 101 15.61 5.43 6.19
N PRO B 102 16.67 6.18 5.86
CA PRO B 102 16.68 7.63 6.01
C PRO B 102 15.87 8.31 4.91
N PRO B 103 15.26 9.47 5.21
CA PRO B 103 14.35 10.17 4.28
C PRO B 103 15.02 10.66 3.01
N ASP B 104 16.33 10.57 2.96
CA ASP B 104 17.09 10.98 1.79
C ASP B 104 17.42 9.76 0.92
N HIS B 105 16.80 8.63 1.23
CA HIS B 105 17.10 7.39 0.52
C HIS B 105 15.99 7.04 -0.48
N GLU B 106 16.41 6.35 -1.54
CA GLU B 106 15.59 6.06 -2.73
C GLU B 106 14.15 5.63 -2.42
N VAL B 107 13.99 4.45 -1.83
CA VAL B 107 12.66 3.84 -1.69
C VAL B 107 11.68 4.74 -0.97
N VAL B 108 12.16 5.50 0.00
CA VAL B 108 11.26 6.32 0.80
C VAL B 108 10.78 7.50 -0.03
N ALA B 109 11.65 7.96 -0.93
CA ALA B 109 11.33 9.04 -1.84
C ALA B 109 10.36 8.58 -2.90
N MET B 110 10.53 7.34 -3.35
CA MET B 110 9.63 6.77 -4.34
C MET B 110 8.28 6.44 -3.71
N ALA B 111 8.31 6.10 -2.42
CA ALA B 111 7.09 5.86 -1.66
C ALA B 111 6.33 7.18 -1.48
N ARG B 112 7.08 8.27 -1.28
CA ARG B 112 6.50 9.61 -1.16
C ARG B 112 5.59 9.91 -2.34
N LYS B 113 6.08 9.64 -3.56
CA LYS B 113 5.29 9.95 -4.75
C LYS B 113 4.26 8.86 -5.06
N LEU B 114 4.43 7.64 -4.51
CA LEU B 114 3.38 6.64 -4.61
C LEU B 114 2.21 7.04 -3.71
N GLN B 115 2.55 7.52 -2.52
CA GLN B 115 1.57 8.06 -1.58
C GLN B 115 0.87 9.28 -2.19
N ASP B 116 1.49 9.87 -3.21
CA ASP B 116 0.92 11.02 -3.89
C ASP B 116 -0.20 10.58 -4.84
N VAL B 117 0.13 9.75 -5.82
CA VAL B 117 -0.88 9.19 -6.72
C VAL B 117 -1.98 8.46 -5.93
N PHE B 118 -1.55 7.69 -4.93
CA PHE B 118 -2.47 7.02 -4.01
C PHE B 118 -3.41 8.03 -3.33
N GLU B 119 -2.86 9.19 -2.96
CA GLU B 119 -3.65 10.22 -2.28
C GLU B 119 -4.87 10.59 -3.10
N MET B 120 -4.64 11.01 -4.34
CA MET B 120 -5.75 11.38 -5.23
C MET B 120 -6.64 10.18 -5.52
N ARG B 121 -6.02 9.03 -5.68
CA ARG B 121 -6.74 7.81 -6.01
C ARG B 121 -7.67 7.39 -4.87
N PHE B 122 -7.22 7.59 -3.63
CA PHE B 122 -7.99 7.23 -2.46
C PHE B 122 -8.98 8.34 -2.10
N ALA B 123 -8.75 9.52 -2.65
CA ALA B 123 -9.66 10.64 -2.46
C ALA B 123 -10.98 10.40 -3.18
N LYS B 124 -10.97 9.47 -4.13
CA LYS B 124 -12.16 9.13 -4.90
C LYS B 124 -12.97 8.02 -4.20
N MET B 125 -13.04 8.11 -2.88
CA MET B 125 -13.86 7.18 -2.09
C MET B 125 -15.22 7.83 -1.81
N PRO B 126 -16.26 7.48 -2.58
CA PRO B 126 -17.53 8.17 -2.53
C PRO B 126 -18.57 7.43 -1.68
N ASP B 127 -19.63 8.14 -1.33
CA ASP B 127 -20.74 7.55 -0.60
C ASP B 127 -21.66 6.80 -1.56
N GLU B 128 -22.06 7.48 -2.62
CA GLU B 128 -22.83 6.83 -3.68
C GLU B 128 -22.00 6.73 -4.95
N ASN A 1 26.66 4.05 13.40
CA ASN A 1 25.58 4.40 12.45
C ASN A 1 24.95 3.13 11.89
N PRO A 2 23.62 2.99 12.02
CA PRO A 2 22.90 1.80 11.56
C PRO A 2 22.73 1.76 10.05
N ASP A 3 23.73 1.26 9.35
CA ASP A 3 23.66 1.12 7.90
C ASP A 3 22.88 -0.13 7.53
N GLY A 4 21.57 0.01 7.42
CA GLY A 4 20.72 -1.10 7.02
C GLY A 4 19.50 -0.63 6.26
N GLY A 5 19.50 0.63 5.88
CA GLY A 5 18.33 1.24 5.28
C GLY A 5 18.15 0.90 3.81
N SER A 7 20.04 -0.33 1.38
CA SER A 7 21.01 0.21 0.44
C SER A 7 20.94 -0.53 -0.90
N GLY A 8 20.89 0.22 -1.98
CA GLY A 8 20.81 -0.40 -3.29
C GLY A 8 19.65 0.13 -4.11
N ALA A 10 18.08 1.69 -6.65
CA ALA A 10 18.18 2.67 -7.75
C ALA A 10 16.92 2.63 -8.64
N PRO A 11 16.45 3.79 -9.11
CA PRO A 11 15.23 3.88 -9.89
C PRO A 11 15.45 3.44 -11.33
N ARG A 12 14.46 2.72 -11.87
CA ARG A 12 14.54 2.18 -13.21
C ARG A 12 15.81 1.34 -13.39
N ARG A 13 16.08 0.45 -12.43
CA ARG A 13 17.23 -0.44 -12.53
C ARG A 13 17.16 -1.25 -13.81
N ARG A 14 15.96 -1.64 -14.18
CA ARG A 14 15.73 -2.37 -15.43
C ARG A 14 14.94 -1.50 -16.40
N ALA A 15 14.09 -2.12 -17.21
CA ALA A 15 13.31 -1.41 -18.23
C ALA A 15 14.21 -0.90 -19.34
N VAL A 16 15.19 -1.71 -19.70
CA VAL A 16 16.13 -1.36 -20.74
C VAL A 16 15.75 -2.05 -22.06
N LYS B 1 -17.61 4.75 26.52
CA LYS B 1 -18.12 5.77 25.58
C LYS B 1 -19.19 5.17 24.67
N ASP B 2 -18.78 4.30 23.75
CA ASP B 2 -19.68 3.67 22.79
C ASP B 2 -20.41 4.71 21.96
N VAL B 3 -19.80 5.12 20.86
CA VAL B 3 -20.41 6.13 19.99
C VAL B 3 -20.68 5.53 18.61
N PRO B 4 -21.87 4.96 18.42
CA PRO B 4 -22.25 4.33 17.15
C PRO B 4 -22.68 5.34 16.10
N ASP B 5 -21.71 6.10 15.61
CA ASP B 5 -21.98 7.09 14.58
C ASP B 5 -21.56 6.55 13.22
N SER B 6 -20.88 5.41 13.23
CA SER B 6 -20.45 4.76 12.00
C SER B 6 -20.95 3.33 12.00
N GLN B 7 -21.12 2.76 10.80
CA GLN B 7 -21.64 1.40 10.64
C GLN B 7 -23.07 1.32 11.16
N GLN B 8 -23.84 2.38 10.94
CA GLN B 8 -25.20 2.46 11.43
C GLN B 8 -26.14 1.65 10.54
N HIS B 9 -25.67 1.32 9.35
CA HIS B 9 -26.41 0.46 8.44
C HIS B 9 -25.58 -0.78 8.14
N PRO B 10 -25.66 -1.79 9.03
CA PRO B 10 -24.84 -3.00 8.92
C PRO B 10 -25.38 -3.98 7.88
N ALA B 11 -24.97 -3.80 6.64
CA ALA B 11 -25.37 -4.70 5.58
C ALA B 11 -24.43 -5.90 5.54
N PRO B 12 -24.93 -7.08 5.13
CA PRO B 12 -24.11 -8.30 5.04
C PRO B 12 -23.10 -8.23 3.88
N GLU B 13 -22.58 -9.38 3.47
CA GLU B 13 -21.66 -9.44 2.32
C GLU B 13 -22.32 -8.81 1.10
N LYS B 14 -23.62 -9.06 0.95
CA LYS B 14 -24.39 -8.45 -0.12
C LYS B 14 -24.76 -7.02 0.26
N SER B 15 -23.75 -6.16 0.24
CA SER B 15 -23.93 -4.75 0.56
C SER B 15 -23.67 -3.91 -0.67
N SER B 16 -24.57 -3.00 -0.96
CA SER B 16 -24.42 -2.11 -2.09
C SER B 16 -23.61 -0.88 -1.66
N LYS B 17 -22.98 -0.98 -0.50
CA LYS B 17 -22.13 0.07 0.00
C LYS B 17 -20.67 -0.40 0.04
N VAL B 18 -20.39 -1.41 0.86
CA VAL B 18 -19.03 -1.89 1.07
C VAL B 18 -18.38 -2.36 -0.24
N SER B 19 -19.12 -3.16 -1.00
CA SER B 19 -18.60 -3.74 -2.24
C SER B 19 -18.14 -2.66 -3.22
N GLU B 20 -18.80 -1.50 -3.16
CA GLU B 20 -18.47 -0.38 -4.03
C GLU B 20 -17.12 0.18 -3.65
N GLN B 21 -17.02 0.56 -2.37
CA GLN B 21 -15.78 1.12 -1.82
C GLN B 21 -14.58 0.21 -2.09
N LEU B 22 -14.71 -1.08 -1.78
CA LEU B 22 -13.59 -2.01 -1.94
C LEU B 22 -13.11 -2.10 -3.38
N LYS B 23 -14.03 -2.27 -4.32
CA LYS B 23 -13.68 -2.31 -5.73
C LYS B 23 -13.06 -1.00 -6.23
N CYS B 24 -13.38 0.13 -5.58
CA CYS B 24 -12.68 1.38 -5.89
C CYS B 24 -11.21 1.25 -5.51
N CYS B 25 -10.98 0.60 -4.37
CA CYS B 25 -9.64 0.35 -3.88
C CYS B 25 -8.90 -0.61 -4.83
N SER B 26 -9.67 -1.52 -5.43
CA SER B 26 -9.12 -2.42 -6.45
C SER B 26 -8.62 -1.60 -7.63
N GLY B 27 -9.43 -0.62 -8.02
CA GLY B 27 -9.05 0.30 -9.07
C GLY B 27 -7.73 0.99 -8.79
N ILE B 28 -7.50 1.29 -7.52
CA ILE B 28 -6.26 1.95 -7.10
C ILE B 28 -5.06 1.04 -7.32
N LEU B 29 -5.17 -0.21 -6.89
CA LEU B 29 -4.07 -1.16 -7.02
C LEU B 29 -3.82 -1.52 -8.49
N LYS B 30 -4.90 -1.62 -9.27
CA LYS B 30 -4.76 -1.83 -10.71
C LYS B 30 -3.99 -0.68 -11.35
N GLU B 31 -4.17 0.51 -10.80
CA GLU B 31 -3.46 1.69 -11.26
C GLU B 31 -2.00 1.63 -10.85
N MET B 32 -1.74 1.35 -9.58
CA MET B 32 -0.38 1.40 -9.08
C MET B 32 0.44 0.21 -9.56
N PHE B 33 -0.23 -0.79 -10.14
CA PHE B 33 0.46 -1.90 -10.80
C PHE B 33 0.66 -1.65 -12.29
N ALA B 34 0.07 -0.57 -12.80
CA ALA B 34 0.22 -0.23 -14.20
C ALA B 34 1.68 0.04 -14.53
N LYS B 35 2.10 -0.39 -15.72
CA LYS B 35 3.50 -0.38 -16.14
C LYS B 35 4.10 1.02 -16.06
N LYS B 36 3.26 2.03 -16.17
CA LYS B 36 3.68 3.43 -16.05
C LYS B 36 4.21 3.73 -14.65
N HIS B 37 3.76 2.97 -13.67
CA HIS B 37 4.20 3.16 -12.29
C HIS B 37 5.28 2.15 -11.94
N ALA B 38 5.53 1.22 -12.85
CA ALA B 38 6.44 0.12 -12.59
C ALA B 38 7.90 0.53 -12.75
N ALA B 39 8.11 1.76 -13.17
CA ALA B 39 9.45 2.29 -13.35
C ALA B 39 10.14 2.52 -12.01
N TYR B 40 9.34 2.89 -11.02
CA TYR B 40 9.87 3.26 -9.71
C TYR B 40 9.23 2.45 -8.57
N ALA B 41 8.00 2.00 -8.76
CA ALA B 41 7.29 1.30 -7.70
C ALA B 41 7.54 -0.20 -7.77
N TRP B 42 8.49 -0.61 -8.62
CA TRP B 42 8.81 -2.03 -8.78
C TRP B 42 9.18 -2.72 -7.43
N PRO B 43 9.91 -2.06 -6.49
CA PRO B 43 10.17 -2.69 -5.17
C PRO B 43 8.92 -2.93 -4.33
N PHE B 44 7.85 -2.17 -4.58
CA PHE B 44 6.62 -2.30 -3.80
C PHE B 44 5.67 -3.34 -4.37
N TYR B 45 5.74 -3.59 -5.69
CA TYR B 45 4.82 -4.55 -6.34
C TYR B 45 4.90 -5.92 -5.67
N LYS B 46 6.11 -6.35 -5.39
CA LYS B 46 6.34 -7.64 -4.79
C LYS B 46 7.21 -7.48 -3.55
N PRO B 47 7.05 -8.38 -2.55
CA PRO B 47 7.85 -8.36 -1.33
C PRO B 47 9.33 -8.10 -1.60
N VAL B 48 9.92 -7.17 -0.86
CA VAL B 48 11.34 -6.88 -0.97
C VAL B 48 12.15 -8.17 -0.85
N ASP B 49 13.03 -8.40 -1.82
CA ASP B 49 13.93 -9.53 -1.75
C ASP B 49 14.98 -9.24 -0.70
N VAL B 50 14.67 -9.69 0.50
CA VAL B 50 15.50 -9.51 1.68
C VAL B 50 16.96 -9.80 1.41
N GLU B 51 17.20 -10.87 0.69
CA GLU B 51 18.55 -11.37 0.54
C GLU B 51 19.34 -10.51 -0.45
N ALA B 52 18.64 -9.75 -1.27
CA ALA B 52 19.29 -8.94 -2.31
C ALA B 52 20.06 -7.77 -1.70
N LEU B 53 19.43 -7.05 -0.78
CA LEU B 53 20.09 -5.92 -0.13
C LEU B 53 20.69 -6.37 1.20
N GLY B 54 20.35 -7.58 1.60
CA GLY B 54 20.89 -8.16 2.81
C GLY B 54 20.35 -7.53 4.06
N LEU B 55 19.03 -7.32 4.11
CA LEU B 55 18.41 -6.70 5.27
C LEU B 55 18.22 -7.76 6.36
N HIS B 56 19.22 -7.90 7.20
CA HIS B 56 19.23 -8.95 8.20
C HIS B 56 18.41 -8.56 9.43
N ASP B 57 18.37 -7.26 9.73
CA ASP B 57 17.55 -6.79 10.87
C ASP B 57 16.18 -6.39 10.37
N TYR B 58 15.58 -7.35 9.68
CA TYR B 58 14.29 -7.18 9.05
C TYR B 58 13.18 -7.10 10.09
N CYS B 59 13.05 -8.17 10.87
CA CYS B 59 11.99 -8.29 11.86
C CYS B 59 12.26 -7.38 13.06
N ASP B 60 13.47 -6.86 13.14
CA ASP B 60 13.85 -5.96 14.21
C ASP B 60 13.16 -4.63 14.06
N ILE B 61 13.12 -4.14 12.83
CA ILE B 61 12.48 -2.87 12.55
C ILE B 61 11.08 -3.10 12.00
N ILE B 62 10.99 -3.91 10.96
CA ILE B 62 9.75 -4.16 10.26
C ILE B 62 8.92 -5.20 11.01
N LYS B 63 8.02 -4.73 11.85
CA LYS B 63 7.22 -5.62 12.69
C LYS B 63 5.93 -5.98 11.97
N HIS B 64 5.57 -5.18 10.98
CA HIS B 64 4.35 -5.40 10.20
C HIS B 64 4.65 -5.27 8.70
N PRO B 65 5.35 -6.26 8.08
CA PRO B 65 5.63 -6.22 6.64
C PRO B 65 4.39 -6.40 5.79
N MET B 66 4.28 -5.60 4.72
CA MET B 66 3.17 -5.69 3.79
C MET B 66 3.70 -5.50 2.38
N ASP B 67 2.99 -6.01 1.38
CA ASP B 67 3.40 -5.84 -0.01
C ASP B 67 2.18 -5.75 -0.91
N MET B 68 2.36 -5.04 -2.03
CA MET B 68 1.26 -4.72 -2.94
C MET B 68 0.63 -5.95 -3.59
N SER B 69 1.38 -7.04 -3.67
CA SER B 69 0.85 -8.30 -4.19
C SER B 69 -0.15 -8.91 -3.20
N THR B 70 0.33 -9.17 -1.98
CA THR B 70 -0.47 -9.79 -0.95
C THR B 70 -1.74 -8.97 -0.63
N ILE B 71 -1.60 -7.65 -0.54
CA ILE B 71 -2.73 -6.79 -0.24
C ILE B 71 -3.84 -6.90 -1.29
N LYS B 72 -3.46 -6.92 -2.58
CA LYS B 72 -4.44 -7.06 -3.65
C LYS B 72 -5.16 -8.40 -3.57
N SER B 73 -4.39 -9.45 -3.26
CA SER B 73 -4.93 -10.79 -3.09
C SER B 73 -6.08 -10.81 -2.08
N LYS B 74 -5.81 -10.27 -0.89
CA LYS B 74 -6.80 -10.23 0.18
C LYS B 74 -8.03 -9.43 -0.25
N LEU B 75 -7.77 -8.38 -1.01
CA LEU B 75 -8.82 -7.54 -1.55
C LEU B 75 -9.72 -8.32 -2.52
N GLU B 76 -9.12 -9.12 -3.39
CA GLU B 76 -9.88 -9.95 -4.32
C GLU B 76 -10.72 -10.98 -3.57
N ALA B 77 -10.19 -11.46 -2.45
CA ALA B 77 -10.87 -12.46 -1.63
C ALA B 77 -11.98 -11.81 -0.80
N ARG B 78 -11.92 -10.49 -0.71
CA ARG B 78 -12.91 -9.69 0.02
C ARG B 78 -12.81 -9.93 1.52
N GLU B 79 -11.59 -10.16 1.99
CA GLU B 79 -11.36 -10.30 3.42
C GLU B 79 -11.34 -8.92 4.06
N TYR B 80 -11.27 -7.90 3.23
CA TYR B 80 -11.34 -6.53 3.70
C TYR B 80 -12.77 -6.13 3.97
N ARG B 81 -12.99 -5.51 5.11
CA ARG B 81 -14.33 -5.16 5.51
C ARG B 81 -14.66 -3.73 5.12
N ASP B 82 -13.65 -2.90 4.88
CA ASP B 82 -13.91 -1.52 4.46
C ASP B 82 -12.68 -0.85 3.84
N ALA B 83 -12.91 0.36 3.32
CA ALA B 83 -11.90 1.11 2.60
C ALA B 83 -10.83 1.68 3.54
N GLN B 84 -11.19 1.91 4.80
CA GLN B 84 -10.25 2.44 5.78
C GLN B 84 -9.14 1.43 6.00
N GLU B 85 -9.54 0.17 6.10
CA GLU B 85 -8.60 -0.92 6.24
C GLU B 85 -7.58 -0.92 5.12
N PHE B 86 -8.07 -0.90 3.88
CA PHE B 86 -7.21 -0.90 2.69
C PHE B 86 -6.12 0.18 2.78
N GLY B 87 -6.54 1.41 3.06
CA GLY B 87 -5.60 2.51 3.14
C GLY B 87 -4.54 2.29 4.20
N ALA B 88 -4.91 1.59 5.25
CA ALA B 88 -4.01 1.33 6.36
C ALA B 88 -2.83 0.44 5.94
N ASP B 89 -3.12 -0.74 5.38
CA ASP B 89 -2.06 -1.67 5.00
C ASP B 89 -1.19 -1.14 3.86
N VAL B 90 -1.75 -0.31 2.97
CA VAL B 90 -0.93 0.30 1.93
C VAL B 90 0.10 1.24 2.56
N ARG B 91 -0.33 1.97 3.58
CA ARG B 91 0.54 2.92 4.26
C ARG B 91 1.57 2.17 5.10
N LEU B 92 1.21 0.96 5.50
CA LEU B 92 2.08 0.10 6.30
C LEU B 92 3.43 -0.11 5.59
N MET B 93 3.37 -0.64 4.39
CA MET B 93 4.58 -0.92 3.63
C MET B 93 5.28 0.38 3.20
N PHE B 94 4.50 1.41 2.87
CA PHE B 94 5.10 2.69 2.50
C PHE B 94 5.86 3.28 3.69
N SER B 95 5.30 3.15 4.88
CA SER B 95 5.95 3.67 6.08
C SER B 95 7.01 2.71 6.62
N ASN B 96 7.07 1.51 6.05
CA ASN B 96 8.11 0.55 6.40
C ASN B 96 9.47 1.09 5.98
N CYS B 97 9.56 1.58 4.76
CA CYS B 97 10.80 2.19 4.28
C CYS B 97 11.03 3.53 4.99
N TYR B 98 9.94 4.24 5.33
CA TYR B 98 10.06 5.56 5.95
C TYR B 98 10.74 5.50 7.32
N LYS B 99 10.50 4.42 8.07
CA LYS B 99 11.04 4.33 9.42
C LYS B 99 12.36 3.57 9.46
N TYR B 100 12.63 2.76 8.44
CA TYR B 100 13.86 1.98 8.42
C TYR B 100 14.93 2.67 7.57
N ASN B 101 14.50 3.45 6.61
CA ASN B 101 15.43 4.08 5.68
C ASN B 101 15.38 5.60 5.84
N PRO B 102 16.53 6.27 5.71
CA PRO B 102 16.61 7.73 5.76
C PRO B 102 15.76 8.37 4.65
N PRO B 103 15.11 9.51 4.93
CA PRO B 103 14.15 10.15 4.02
C PRO B 103 14.75 10.63 2.70
N ASP B 104 16.06 10.52 2.57
CA ASP B 104 16.74 10.90 1.34
C ASP B 104 17.13 9.66 0.53
N HIS B 105 16.74 8.49 1.03
CA HIS B 105 17.10 7.24 0.38
C HIS B 105 16.09 6.87 -0.72
N GLU B 106 16.54 6.04 -1.66
CA GLU B 106 15.79 5.69 -2.87
C GLU B 106 14.32 5.34 -2.62
N VAL B 107 14.07 4.21 -1.96
CA VAL B 107 12.69 3.70 -1.84
C VAL B 107 11.78 4.70 -1.17
N VAL B 108 12.28 5.44 -0.20
CA VAL B 108 11.45 6.37 0.53
C VAL B 108 11.12 7.57 -0.34
N ALA B 109 12.06 7.91 -1.22
CA ALA B 109 11.89 9.00 -2.16
C ALA B 109 10.90 8.59 -3.25
N MET B 110 11.04 7.36 -3.73
CA MET B 110 10.13 6.84 -4.74
C MET B 110 8.75 6.64 -4.13
N ALA B 111 8.71 6.36 -2.84
CA ALA B 111 7.45 6.25 -2.12
C ALA B 111 6.78 7.61 -1.95
N ARG B 112 7.59 8.68 -1.92
CA ARG B 112 7.06 10.04 -1.80
C ARG B 112 6.04 10.32 -2.91
N LYS B 113 6.43 10.02 -4.16
CA LYS B 113 5.55 10.25 -5.30
C LYS B 113 4.44 9.20 -5.39
N LEU B 114 4.72 7.96 -4.93
CA LEU B 114 3.67 6.94 -4.85
C LEU B 114 2.58 7.39 -3.89
N GLN B 115 3.01 7.91 -2.75
CA GLN B 115 2.11 8.44 -1.73
C GLN B 115 1.26 9.58 -2.30
N ASP B 116 1.82 10.30 -3.27
CA ASP B 116 1.10 11.39 -3.94
C ASP B 116 -0.06 10.84 -4.76
N VAL B 117 0.27 10.03 -5.77
CA VAL B 117 -0.75 9.43 -6.63
C VAL B 117 -1.74 8.57 -5.83
N PHE B 118 -1.23 7.77 -4.88
CA PHE B 118 -2.08 6.96 -4.02
C PHE B 118 -3.06 7.83 -3.23
N GLU B 119 -2.58 8.97 -2.72
CA GLU B 119 -3.41 9.85 -1.93
C GLU B 119 -4.61 10.31 -2.72
N MET B 120 -4.37 10.86 -3.91
CA MET B 120 -5.45 11.34 -4.77
C MET B 120 -6.40 10.19 -5.12
N ARG B 121 -5.82 9.02 -5.27
CA ARG B 121 -6.59 7.83 -5.62
C ARG B 121 -7.57 7.46 -4.49
N PHE B 122 -7.10 7.55 -3.24
CA PHE B 122 -7.93 7.18 -2.11
C PHE B 122 -8.76 8.37 -1.60
N ALA B 123 -8.24 9.58 -1.80
CA ALA B 123 -8.89 10.79 -1.32
C ALA B 123 -10.26 10.99 -1.94
N LYS B 124 -10.49 10.41 -3.12
CA LYS B 124 -11.80 10.50 -3.75
C LYS B 124 -12.80 9.66 -2.97
N MET B 125 -12.71 8.33 -3.15
CA MET B 125 -13.57 7.36 -2.45
C MET B 125 -15.01 7.85 -2.29
N PRO B 126 -15.82 7.71 -3.34
CA PRO B 126 -17.22 8.15 -3.31
C PRO B 126 -18.06 7.29 -2.36
N ASP B 127 -19.16 7.86 -1.90
CA ASP B 127 -20.08 7.14 -1.02
C ASP B 127 -20.67 5.95 -1.76
N GLU B 128 -21.16 6.17 -2.96
CA GLU B 128 -21.60 5.09 -3.83
C GLU B 128 -21.01 5.27 -5.21
N ASN A 1 26.99 -1.04 13.85
CA ASN A 1 25.94 -2.07 14.06
C ASN A 1 24.56 -1.50 13.71
N PRO A 2 24.14 -0.31 14.25
CA PRO A 2 22.87 0.30 13.88
C PRO A 2 22.97 0.99 12.52
N ASP A 3 23.30 0.20 11.51
CA ASP A 3 23.52 0.72 10.17
C ASP A 3 22.46 0.19 9.22
N GLY A 4 21.31 -0.16 9.80
CA GLY A 4 20.24 -0.75 9.01
C GLY A 4 19.66 0.22 8.01
N GLY A 5 19.58 -0.23 6.77
CA GLY A 5 18.99 0.55 5.70
C GLY A 5 18.94 -0.24 4.42
N SER A 7 20.04 -0.30 1.39
CA SER A 7 21.03 0.18 0.45
C SER A 7 21.15 -0.75 -0.75
N GLY A 8 21.01 -0.20 -1.94
CA GLY A 8 21.06 -0.99 -3.16
C GLY A 8 20.03 -0.53 -4.16
N ALA A 10 18.54 0.77 -6.94
CA ALA A 10 18.74 1.54 -8.17
C ALA A 10 17.51 1.40 -9.06
N PRO A 11 16.74 2.50 -9.23
CA PRO A 11 15.43 2.47 -9.89
C PRO A 11 15.51 2.36 -11.40
N ARG A 12 16.51 1.62 -11.88
CA ARG A 12 16.74 1.42 -13.31
C ARG A 12 17.17 2.72 -13.99
N ARG A 13 18.29 2.66 -14.72
CA ARG A 13 18.86 3.82 -15.41
C ARG A 13 19.56 4.76 -14.43
N ARG A 14 18.99 4.93 -13.25
CA ARG A 14 19.55 5.80 -12.22
C ARG A 14 20.10 4.99 -11.06
N ALA A 15 20.97 5.61 -10.28
CA ALA A 15 21.56 4.98 -9.09
C ALA A 15 22.24 6.03 -8.23
N VAL A 16 22.41 5.75 -6.95
CA VAL A 16 23.07 6.68 -6.05
C VAL A 16 24.60 6.57 -6.17
N LYS B 1 -25.39 5.73 31.83
CA LYS B 1 -24.19 4.86 31.92
C LYS B 1 -24.26 3.72 30.91
N ASP B 2 -25.46 3.45 30.42
CA ASP B 2 -25.68 2.35 29.48
C ASP B 2 -26.27 2.86 28.18
N VAL B 3 -25.41 3.23 27.25
CA VAL B 3 -25.86 3.72 25.96
C VAL B 3 -25.33 2.85 24.83
N PRO B 4 -26.21 2.44 23.91
CA PRO B 4 -25.83 1.66 22.74
C PRO B 4 -25.13 2.52 21.69
N ASP B 5 -24.35 1.88 20.83
CA ASP B 5 -23.64 2.60 19.78
C ASP B 5 -23.78 1.88 18.45
N SER B 6 -23.69 2.64 17.38
CA SER B 6 -23.69 2.07 16.04
C SER B 6 -22.29 2.18 15.44
N GLN B 7 -21.41 1.30 15.88
CA GLN B 7 -19.99 1.39 15.53
C GLN B 7 -19.72 0.79 14.15
N GLN B 8 -20.65 1.04 13.22
CA GLN B 8 -20.52 0.64 11.83
C GLN B 8 -20.30 -0.87 11.70
N HIS B 9 -21.40 -1.61 11.70
CA HIS B 9 -21.33 -3.06 11.52
C HIS B 9 -22.14 -3.48 10.31
N PRO B 10 -21.54 -3.42 9.11
CA PRO B 10 -22.19 -3.84 7.87
C PRO B 10 -22.38 -5.35 7.81
N ALA B 11 -23.40 -5.79 7.10
CA ALA B 11 -23.67 -7.21 6.94
C ALA B 11 -22.68 -7.82 5.94
N PRO B 12 -21.99 -8.89 6.33
CA PRO B 12 -20.97 -9.51 5.47
C PRO B 12 -21.59 -10.21 4.25
N GLU B 13 -20.78 -10.48 3.22
CA GLU B 13 -21.22 -11.14 1.99
C GLU B 13 -22.11 -10.25 1.13
N LYS B 14 -23.04 -9.55 1.75
CA LYS B 14 -23.93 -8.66 1.02
C LYS B 14 -24.12 -7.36 1.79
N SER B 15 -23.10 -6.53 1.79
CA SER B 15 -23.15 -5.25 2.48
C SER B 15 -23.61 -4.17 1.52
N SER B 16 -23.45 -4.44 0.23
CA SER B 16 -23.78 -3.49 -0.84
C SER B 16 -22.81 -2.30 -0.83
N LYS B 17 -22.94 -1.45 0.18
CA LYS B 17 -22.14 -0.23 0.28
C LYS B 17 -20.65 -0.56 0.30
N VAL B 18 -20.25 -1.35 1.28
CA VAL B 18 -18.85 -1.73 1.47
C VAL B 18 -18.25 -2.32 0.19
N SER B 19 -19.03 -3.17 -0.48
CA SER B 19 -18.58 -3.84 -1.69
C SER B 19 -18.20 -2.83 -2.79
N GLU B 20 -18.86 -1.68 -2.80
CA GLU B 20 -18.61 -0.67 -3.83
C GLU B 20 -17.31 0.05 -3.54
N GLN B 21 -17.16 0.48 -2.28
CA GLN B 21 -15.93 1.14 -1.85
C GLN B 21 -14.70 0.26 -2.06
N LEU B 22 -14.79 -1.02 -1.71
CA LEU B 22 -13.67 -1.93 -1.91
C LEU B 22 -13.38 -2.11 -3.40
N LYS B 23 -14.42 -2.14 -4.22
CA LYS B 23 -14.23 -2.24 -5.67
C LYS B 23 -13.43 -1.04 -6.19
N CYS B 24 -13.57 0.09 -5.49
CA CYS B 24 -12.83 1.29 -5.85
C CYS B 24 -11.35 1.13 -5.49
N CYS B 25 -11.08 0.43 -4.39
CA CYS B 25 -9.69 0.24 -3.96
C CYS B 25 -8.98 -0.70 -4.93
N SER B 26 -9.74 -1.60 -5.54
CA SER B 26 -9.21 -2.49 -6.57
C SER B 26 -8.71 -1.66 -7.74
N GLY B 27 -9.49 -0.66 -8.11
CA GLY B 27 -9.10 0.26 -9.16
C GLY B 27 -7.78 0.94 -8.87
N ILE B 28 -7.57 1.30 -7.60
CA ILE B 28 -6.35 1.98 -7.19
C ILE B 28 -5.13 1.07 -7.38
N LEU B 29 -5.24 -0.18 -6.91
CA LEU B 29 -4.12 -1.11 -7.02
C LEU B 29 -3.85 -1.49 -8.48
N LYS B 30 -4.91 -1.64 -9.28
CA LYS B 30 -4.74 -1.90 -10.70
C LYS B 30 -4.01 -0.75 -11.37
N GLU B 31 -4.21 0.46 -10.85
CA GLU B 31 -3.53 1.64 -11.33
C GLU B 31 -2.06 1.61 -10.92
N MET B 32 -1.78 1.34 -9.65
CA MET B 32 -0.42 1.41 -9.16
C MET B 32 0.41 0.24 -9.64
N PHE B 33 -0.23 -0.78 -10.22
CA PHE B 33 0.48 -1.88 -10.87
C PHE B 33 0.72 -1.59 -12.35
N ALA B 34 0.05 -0.59 -12.89
CA ALA B 34 0.19 -0.23 -14.29
C ALA B 34 1.63 0.13 -14.60
N LYS B 35 2.05 -0.23 -15.81
CA LYS B 35 3.44 -0.12 -16.25
C LYS B 35 3.99 1.28 -16.08
N LYS B 36 3.11 2.27 -16.12
CA LYS B 36 3.53 3.66 -15.95
C LYS B 36 4.06 3.93 -14.54
N HIS B 37 3.61 3.17 -13.57
CA HIS B 37 4.08 3.34 -12.20
C HIS B 37 5.18 2.33 -11.89
N ALA B 38 5.41 1.41 -12.82
CA ALA B 38 6.33 0.31 -12.61
C ALA B 38 7.78 0.73 -12.75
N ALA B 39 7.98 1.96 -13.21
CA ALA B 39 9.32 2.50 -13.40
C ALA B 39 10.03 2.68 -12.05
N TYR B 40 9.26 2.99 -11.03
CA TYR B 40 9.82 3.28 -9.71
C TYR B 40 9.13 2.49 -8.59
N ALA B 41 7.94 1.96 -8.84
CA ALA B 41 7.22 1.25 -7.80
C ALA B 41 7.46 -0.26 -7.87
N TRP B 42 8.40 -0.66 -8.73
CA TRP B 42 8.71 -2.08 -8.89
C TRP B 42 9.08 -2.79 -7.56
N PRO B 43 9.81 -2.13 -6.60
CA PRO B 43 10.08 -2.76 -5.30
C PRO B 43 8.82 -2.97 -4.43
N PHE B 44 7.76 -2.23 -4.70
CA PHE B 44 6.53 -2.34 -3.91
C PHE B 44 5.55 -3.34 -4.51
N TYR B 45 5.69 -3.65 -5.81
CA TYR B 45 4.82 -4.64 -6.45
C TYR B 45 4.96 -5.99 -5.76
N LYS B 46 6.19 -6.36 -5.46
CA LYS B 46 6.49 -7.67 -4.90
C LYS B 46 7.32 -7.51 -3.62
N PRO B 47 7.11 -8.40 -2.63
CA PRO B 47 7.89 -8.41 -1.39
C PRO B 47 9.39 -8.28 -1.63
N VAL B 48 10.02 -7.35 -0.92
CA VAL B 48 11.45 -7.11 -1.07
C VAL B 48 12.26 -8.38 -0.81
N ASP B 49 13.18 -8.67 -1.72
CA ASP B 49 14.13 -9.76 -1.53
C ASP B 49 15.26 -9.26 -0.64
N VAL B 50 15.16 -9.58 0.63
CA VAL B 50 16.07 -9.06 1.65
C VAL B 50 17.51 -9.44 1.37
N GLU B 51 17.70 -10.60 0.77
CA GLU B 51 19.03 -11.12 0.50
C GLU B 51 19.69 -10.35 -0.64
N ALA B 52 18.88 -9.66 -1.44
CA ALA B 52 19.38 -8.89 -2.56
C ALA B 52 20.17 -7.67 -2.08
N LEU B 53 19.70 -7.04 -1.02
CA LEU B 53 20.37 -5.86 -0.49
C LEU B 53 21.26 -6.23 0.69
N GLY B 54 20.96 -7.37 1.32
CA GLY B 54 21.72 -7.81 2.47
C GLY B 54 21.37 -7.00 3.70
N LEU B 55 20.08 -6.86 3.97
CA LEU B 55 19.60 -5.98 5.04
C LEU B 55 19.95 -6.52 6.42
N HIS B 56 19.95 -7.85 6.57
CA HIS B 56 20.32 -8.50 7.84
C HIS B 56 19.23 -8.38 8.91
N ASP B 57 18.68 -7.19 9.09
CA ASP B 57 17.72 -6.95 10.16
C ASP B 57 16.43 -6.36 9.63
N TYR B 58 15.58 -7.20 9.06
CA TYR B 58 14.29 -6.74 8.58
C TYR B 58 13.22 -6.93 9.65
N CYS B 59 13.33 -8.03 10.40
CA CYS B 59 12.30 -8.37 11.38
C CYS B 59 12.52 -7.59 12.68
N ASP B 60 13.74 -7.09 12.86
CA ASP B 60 14.07 -6.28 14.03
C ASP B 60 13.36 -4.93 13.98
N ILE B 61 13.16 -4.42 12.77
CA ILE B 61 12.54 -3.12 12.58
C ILE B 61 11.11 -3.27 12.05
N ILE B 62 10.99 -3.99 10.95
CA ILE B 62 9.72 -4.18 10.26
C ILE B 62 8.88 -5.21 11.00
N LYS B 63 7.99 -4.74 11.85
CA LYS B 63 7.13 -5.62 12.64
C LYS B 63 5.84 -5.95 11.89
N HIS B 64 5.45 -5.03 11.01
CA HIS B 64 4.23 -5.19 10.23
C HIS B 64 4.53 -5.09 8.73
N PRO B 65 5.15 -6.12 8.12
CA PRO B 65 5.46 -6.09 6.68
C PRO B 65 4.21 -6.22 5.81
N MET B 66 4.19 -5.46 4.73
CA MET B 66 3.10 -5.51 3.76
C MET B 66 3.68 -5.34 2.36
N ASP B 67 2.98 -5.84 1.35
CA ASP B 67 3.37 -5.67 -0.05
C ASP B 67 2.14 -5.60 -0.93
N MET B 68 2.28 -4.98 -2.10
CA MET B 68 1.13 -4.70 -2.96
C MET B 68 0.55 -5.96 -3.59
N SER B 69 1.34 -7.01 -3.67
CA SER B 69 0.83 -8.30 -4.16
C SER B 69 -0.13 -8.91 -3.14
N THR B 70 0.34 -9.05 -1.90
CA THR B 70 -0.45 -9.65 -0.83
C THR B 70 -1.75 -8.90 -0.60
N ILE B 71 -1.68 -7.57 -0.47
CA ILE B 71 -2.86 -6.75 -0.22
C ILE B 71 -3.94 -6.97 -1.28
N LYS B 72 -3.56 -6.93 -2.56
CA LYS B 72 -4.51 -7.09 -3.65
C LYS B 72 -5.16 -8.48 -3.59
N SER B 73 -4.36 -9.49 -3.24
CA SER B 73 -4.84 -10.84 -3.09
C SER B 73 -6.01 -10.90 -2.11
N LYS B 74 -5.81 -10.31 -0.94
CA LYS B 74 -6.82 -10.29 0.11
C LYS B 74 -8.03 -9.48 -0.33
N LEU B 75 -7.76 -8.42 -1.07
CA LEU B 75 -8.81 -7.60 -1.65
C LEU B 75 -9.68 -8.42 -2.60
N GLU B 76 -9.04 -9.23 -3.45
CA GLU B 76 -9.78 -10.08 -4.38
C GLU B 76 -10.50 -11.21 -3.64
N ALA B 77 -10.01 -11.53 -2.46
CA ALA B 77 -10.69 -12.50 -1.60
C ALA B 77 -11.87 -11.84 -0.91
N ARG B 78 -11.87 -10.50 -0.96
CA ARG B 78 -12.93 -9.67 -0.41
C ARG B 78 -12.99 -9.80 1.11
N GLU B 79 -11.83 -10.05 1.72
CA GLU B 79 -11.76 -10.21 3.15
C GLU B 79 -11.64 -8.86 3.84
N TYR B 80 -11.51 -7.80 3.05
CA TYR B 80 -11.43 -6.47 3.61
C TYR B 80 -12.80 -6.00 4.07
N ARG B 81 -12.85 -5.52 5.31
CA ARG B 81 -14.09 -5.13 5.94
C ARG B 81 -14.51 -3.74 5.46
N ASP B 82 -13.55 -2.89 5.10
CA ASP B 82 -13.86 -1.54 4.65
C ASP B 82 -12.67 -0.88 3.95
N ALA B 83 -12.94 0.27 3.33
CA ALA B 83 -11.93 1.00 2.56
C ALA B 83 -10.87 1.62 3.46
N GLN B 84 -11.24 1.94 4.71
CA GLN B 84 -10.28 2.51 5.66
C GLN B 84 -9.17 1.52 5.93
N GLU B 85 -9.56 0.25 6.00
CA GLU B 85 -8.61 -0.82 6.22
C GLU B 85 -7.61 -0.92 5.07
N PHE B 86 -8.11 -0.89 3.84
CA PHE B 86 -7.26 -0.96 2.65
C PHE B 86 -6.14 0.07 2.72
N GLY B 87 -6.51 1.33 2.97
CA GLY B 87 -5.53 2.40 3.02
C GLY B 87 -4.48 2.19 4.10
N ALA B 88 -4.91 1.55 5.19
CA ALA B 88 -4.04 1.32 6.32
C ALA B 88 -2.83 0.44 5.95
N ASP B 89 -3.09 -0.72 5.35
CA ASP B 89 -2.00 -1.63 5.00
C ASP B 89 -1.16 -1.11 3.82
N VAL B 90 -1.74 -0.31 2.92
CA VAL B 90 -0.93 0.30 1.87
C VAL B 90 0.09 1.27 2.47
N ARG B 91 -0.35 2.01 3.48
CA ARG B 91 0.50 3.04 4.08
C ARG B 91 1.46 2.38 5.06
N LEU B 92 1.15 1.14 5.42
CA LEU B 92 2.00 0.33 6.29
C LEU B 92 3.35 0.12 5.63
N MET B 93 3.33 -0.43 4.42
CA MET B 93 4.56 -0.71 3.69
C MET B 93 5.26 0.57 3.26
N PHE B 94 4.48 1.59 2.89
CA PHE B 94 5.09 2.87 2.55
C PHE B 94 5.80 3.47 3.77
N SER B 95 5.21 3.30 4.95
CA SER B 95 5.83 3.79 6.18
C SER B 95 6.95 2.86 6.65
N ASN B 96 6.94 1.62 6.16
CA ASN B 96 7.99 0.65 6.49
C ASN B 96 9.36 1.17 6.05
N CYS B 97 9.44 1.60 4.80
CA CYS B 97 10.70 2.15 4.29
C CYS B 97 11.01 3.48 4.98
N TYR B 98 9.97 4.23 5.38
CA TYR B 98 10.16 5.56 5.97
C TYR B 98 10.87 5.50 7.31
N LYS B 99 10.62 4.46 8.10
CA LYS B 99 11.23 4.37 9.43
C LYS B 99 12.53 3.58 9.42
N TYR B 100 12.70 2.71 8.43
CA TYR B 100 13.90 1.88 8.35
C TYR B 100 14.91 2.48 7.37
N ASN B 101 14.51 3.55 6.70
CA ASN B 101 15.39 4.25 5.78
C ASN B 101 15.28 5.75 6.02
N PRO B 102 16.34 6.50 5.70
CA PRO B 102 16.30 7.97 5.76
C PRO B 102 15.39 8.52 4.66
N PRO B 103 14.68 9.63 4.94
CA PRO B 103 13.65 10.17 4.03
C PRO B 103 14.19 10.73 2.73
N ASP B 104 15.50 10.77 2.60
CA ASP B 104 16.14 11.21 1.37
C ASP B 104 16.57 10.00 0.55
N HIS B 105 16.42 8.81 1.15
CA HIS B 105 16.88 7.57 0.52
C HIS B 105 15.97 7.15 -0.63
N GLU B 106 16.56 6.42 -1.55
CA GLU B 106 15.94 6.02 -2.82
C GLU B 106 14.49 5.50 -2.69
N VAL B 107 14.29 4.35 -2.02
CA VAL B 107 12.96 3.75 -1.99
C VAL B 107 11.93 4.65 -1.35
N VAL B 108 12.34 5.37 -0.31
CA VAL B 108 11.39 6.22 0.38
C VAL B 108 11.05 7.43 -0.49
N ALA B 109 11.99 7.80 -1.34
CA ALA B 109 11.77 8.84 -2.33
C ALA B 109 10.79 8.36 -3.39
N MET B 110 11.00 7.12 -3.82
CA MET B 110 10.10 6.50 -4.80
C MET B 110 8.72 6.32 -4.18
N ALA B 111 8.68 6.06 -2.87
CA ALA B 111 7.43 5.93 -2.16
C ALA B 111 6.80 7.30 -1.88
N ARG B 112 7.63 8.33 -1.75
CA ARG B 112 7.14 9.69 -1.52
C ARG B 112 6.18 10.10 -2.64
N LYS B 113 6.59 9.86 -3.88
CA LYS B 113 5.73 10.15 -5.03
C LYS B 113 4.56 9.15 -5.10
N LEU B 114 4.81 7.88 -4.76
CA LEU B 114 3.76 6.86 -4.76
C LEU B 114 2.65 7.24 -3.79
N GLN B 115 3.03 7.61 -2.59
CA GLN B 115 2.07 8.03 -1.57
C GLN B 115 1.25 9.21 -2.06
N ASP B 116 1.82 10.02 -2.95
CA ASP B 116 1.11 11.17 -3.49
C ASP B 116 0.03 10.75 -4.49
N VAL B 117 0.42 9.96 -5.50
CA VAL B 117 -0.55 9.44 -6.46
C VAL B 117 -1.61 8.57 -5.75
N PHE B 118 -1.16 7.71 -4.84
CA PHE B 118 -2.06 6.93 -4.00
C PHE B 118 -2.98 7.85 -3.18
N GLU B 119 -2.39 8.91 -2.63
CA GLU B 119 -3.13 9.87 -1.81
C GLU B 119 -4.34 10.39 -2.56
N MET B 120 -4.12 10.91 -3.76
CA MET B 120 -5.20 11.47 -4.57
C MET B 120 -6.17 10.38 -5.01
N ARG B 121 -5.62 9.20 -5.30
CA ARG B 121 -6.43 8.06 -5.71
C ARG B 121 -7.41 7.65 -4.59
N PHE B 122 -6.96 7.73 -3.35
CA PHE B 122 -7.78 7.37 -2.21
C PHE B 122 -8.57 8.59 -1.70
N ALA B 123 -8.04 9.77 -1.95
CA ALA B 123 -8.68 11.02 -1.54
C ALA B 123 -10.05 11.16 -2.18
N LYS B 124 -10.26 10.51 -3.32
CA LYS B 124 -11.57 10.46 -3.93
C LYS B 124 -12.51 9.62 -3.07
N MET B 125 -12.45 8.31 -3.24
CA MET B 125 -13.33 7.36 -2.54
C MET B 125 -14.74 7.92 -2.39
N PRO B 126 -15.52 7.90 -3.48
CA PRO B 126 -16.86 8.47 -3.50
C PRO B 126 -17.83 7.73 -2.60
N ASP B 127 -18.89 8.41 -2.19
CA ASP B 127 -19.90 7.81 -1.33
C ASP B 127 -20.97 7.14 -2.17
N GLU B 128 -21.05 7.54 -3.44
CA GLU B 128 -21.97 6.93 -4.38
C GLU B 128 -21.22 5.94 -5.28
N ASN A 1 24.39 -1.02 15.88
CA ASN A 1 24.00 -0.85 14.46
C ASN A 1 24.68 0.37 13.85
N PRO A 2 25.51 0.18 12.82
CA PRO A 2 26.22 1.28 12.15
C PRO A 2 25.29 2.11 11.25
N ASP A 3 24.27 1.47 10.69
CA ASP A 3 23.33 2.15 9.81
C ASP A 3 21.96 1.47 9.85
N GLY A 4 21.84 0.31 9.21
CA GLY A 4 20.59 -0.42 9.23
C GLY A 4 19.56 0.16 8.29
N GLY A 5 19.43 -0.44 7.11
CA GLY A 5 18.45 0.02 6.16
C GLY A 5 18.66 -0.55 4.78
N SER A 7 19.99 -0.26 1.89
CA SER A 7 21.01 0.31 1.02
C SER A 7 21.35 -0.67 -0.10
N GLY A 8 20.88 -0.39 -1.31
CA GLY A 8 21.18 -1.25 -2.43
C GLY A 8 20.03 -1.37 -3.41
N ALA A 10 18.53 -0.04 -7.27
CA ALA A 10 18.77 0.60 -8.55
C ALA A 10 17.46 0.74 -9.33
N PRO A 11 16.85 1.93 -9.31
CA PRO A 11 15.59 2.19 -10.04
C PRO A 11 15.74 1.98 -11.54
N ARG A 12 14.62 1.97 -12.25
CA ARG A 12 14.64 1.82 -13.69
C ARG A 12 15.10 3.12 -14.35
N ARG A 13 16.41 3.32 -14.32
CA ARG A 13 17.02 4.48 -14.95
C ARG A 13 17.61 4.08 -16.29
N ARG A 14 17.66 5.03 -17.21
CA ARG A 14 18.19 4.75 -18.53
C ARG A 14 19.70 4.89 -18.53
N ALA A 15 20.37 3.83 -18.07
CA ALA A 15 21.81 3.81 -18.00
C ALA A 15 22.43 3.66 -19.39
N VAL A 16 23.71 3.94 -19.49
CA VAL A 16 24.43 3.78 -20.74
C VAL A 16 25.13 2.42 -20.76
N LYS B 1 -15.02 14.19 5.27
CA LYS B 1 -15.68 12.86 5.28
C LYS B 1 -14.72 11.77 4.81
N ASP B 2 -13.88 11.30 5.71
CA ASP B 2 -12.91 10.26 5.37
C ASP B 2 -13.39 8.92 5.89
N VAL B 3 -14.70 8.73 5.83
CA VAL B 3 -15.33 7.50 6.34
C VAL B 3 -16.42 7.05 5.39
N PRO B 4 -16.10 6.15 4.45
CA PRO B 4 -17.07 5.62 3.49
C PRO B 4 -17.91 4.50 4.10
N ASP B 5 -18.51 4.79 5.23
CA ASP B 5 -19.28 3.79 5.95
C ASP B 5 -20.76 3.90 5.59
N SER B 6 -21.36 5.03 5.92
CA SER B 6 -22.74 5.34 5.54
C SER B 6 -23.70 4.23 6.00
N GLN B 7 -23.80 4.06 7.31
CA GLN B 7 -24.67 3.04 7.88
C GLN B 7 -26.03 3.63 8.24
N GLN B 8 -26.27 4.86 7.77
CA GLN B 8 -27.54 5.54 8.01
C GLN B 8 -28.72 4.71 7.52
N HIS B 9 -28.55 4.09 6.36
CA HIS B 9 -29.54 3.18 5.81
C HIS B 9 -29.04 1.74 5.95
N PRO B 10 -29.47 1.03 7.02
CA PRO B 10 -29.02 -0.35 7.29
C PRO B 10 -29.07 -1.23 6.05
N ALA B 11 -27.93 -1.85 5.72
CA ALA B 11 -27.83 -2.68 4.55
C ALA B 11 -28.65 -3.96 4.72
N PRO B 12 -29.45 -4.33 3.70
CA PRO B 12 -30.31 -5.52 3.76
C PRO B 12 -29.51 -6.83 3.73
N GLU B 13 -29.13 -7.35 4.91
CA GLU B 13 -28.36 -8.60 5.01
C GLU B 13 -26.98 -8.47 4.36
N LYS B 14 -26.94 -8.60 3.04
CA LYS B 14 -25.68 -8.51 2.30
C LYS B 14 -25.29 -7.06 2.12
N SER B 15 -24.25 -6.64 2.84
CA SER B 15 -23.74 -5.29 2.74
C SER B 15 -22.88 -5.11 1.49
N SER B 16 -23.54 -5.03 0.34
CA SER B 16 -22.85 -4.90 -0.94
C SER B 16 -22.26 -3.50 -1.09
N LYS B 17 -22.70 -2.59 -0.23
CA LYS B 17 -22.14 -1.24 -0.17
C LYS B 17 -20.61 -1.33 -0.03
N VAL B 18 -20.18 -2.15 0.92
CA VAL B 18 -18.77 -2.35 1.18
C VAL B 18 -18.02 -2.79 -0.07
N SER B 19 -18.67 -3.61 -0.89
CA SER B 19 -18.06 -4.11 -2.12
C SER B 19 -17.72 -2.95 -3.07
N GLU B 20 -18.56 -1.91 -3.05
CA GLU B 20 -18.37 -0.76 -3.92
C GLU B 20 -17.10 -0.03 -3.53
N GLN B 21 -17.02 0.28 -2.25
CA GLN B 21 -15.88 0.99 -1.70
C GLN B 21 -14.56 0.23 -1.92
N LEU B 22 -14.57 -1.08 -1.72
CA LEU B 22 -13.38 -1.88 -1.96
C LEU B 22 -13.03 -1.88 -3.44
N LYS B 23 -14.05 -1.84 -4.30
CA LYS B 23 -13.86 -1.78 -5.74
C LYS B 23 -13.19 -0.47 -6.16
N CYS B 24 -13.32 0.56 -5.33
CA CYS B 24 -12.57 1.78 -5.55
C CYS B 24 -11.10 1.51 -5.26
N CYS B 25 -10.88 0.75 -4.18
CA CYS B 25 -9.54 0.41 -3.73
C CYS B 25 -8.86 -0.54 -4.73
N SER B 26 -9.61 -1.44 -5.32
CA SER B 26 -9.08 -2.35 -6.34
C SER B 26 -8.64 -1.55 -7.56
N GLY B 27 -9.47 -0.57 -7.92
CA GLY B 27 -9.13 0.35 -9.00
C GLY B 27 -7.80 1.05 -8.75
N ILE B 28 -7.50 1.32 -7.49
CA ILE B 28 -6.25 1.95 -7.12
C ILE B 28 -5.07 1.03 -7.40
N LEU B 29 -5.08 -0.17 -6.81
CA LEU B 29 -3.97 -1.12 -6.95
C LEU B 29 -3.76 -1.50 -8.41
N LYS B 30 -4.85 -1.62 -9.16
CA LYS B 30 -4.76 -1.92 -10.58
C LYS B 30 -3.89 -0.89 -11.29
N GLU B 31 -4.05 0.37 -10.92
CA GLU B 31 -3.28 1.45 -11.53
C GLU B 31 -1.87 1.49 -10.95
N MET B 32 -1.72 1.14 -9.68
CA MET B 32 -0.39 1.17 -9.05
C MET B 32 0.52 0.12 -9.64
N PHE B 33 -0.06 -0.92 -10.24
CA PHE B 33 0.72 -1.97 -10.90
C PHE B 33 0.92 -1.69 -12.39
N ALA B 34 0.36 -0.58 -12.88
CA ALA B 34 0.49 -0.24 -14.29
C ALA B 34 1.95 0.03 -14.62
N LYS B 35 2.34 -0.34 -15.84
CA LYS B 35 3.73 -0.29 -16.28
C LYS B 35 4.33 1.11 -16.20
N LYS B 36 3.46 2.12 -16.23
CA LYS B 36 3.90 3.51 -16.08
C LYS B 36 4.40 3.77 -14.66
N HIS B 37 3.94 2.96 -13.73
CA HIS B 37 4.33 3.11 -12.33
C HIS B 37 5.37 2.07 -11.94
N ALA B 38 5.66 1.16 -12.87
CA ALA B 38 6.55 0.05 -12.59
C ALA B 38 8.02 0.45 -12.63
N ALA B 39 8.28 1.67 -13.08
CA ALA B 39 9.65 2.19 -13.19
C ALA B 39 10.30 2.33 -11.81
N TYR B 40 9.49 2.67 -10.83
CA TYR B 40 9.99 2.99 -9.50
C TYR B 40 9.29 2.21 -8.39
N ALA B 41 8.07 1.74 -8.64
CA ALA B 41 7.31 1.07 -7.59
C ALA B 41 7.55 -0.44 -7.60
N TRP B 42 8.48 -0.90 -8.45
CA TRP B 42 8.78 -2.32 -8.55
C TRP B 42 9.11 -2.98 -7.20
N PRO B 43 9.88 -2.33 -6.27
CA PRO B 43 10.13 -2.91 -4.94
C PRO B 43 8.87 -3.06 -4.08
N PHE B 44 7.84 -2.27 -4.37
CA PHE B 44 6.60 -2.31 -3.58
C PHE B 44 5.62 -3.36 -4.13
N TYR B 45 5.79 -3.76 -5.39
CA TYR B 45 4.93 -4.78 -5.99
C TYR B 45 5.05 -6.09 -5.23
N LYS B 46 6.28 -6.46 -4.89
CA LYS B 46 6.56 -7.77 -4.32
C LYS B 46 7.45 -7.64 -3.07
N PRO B 47 7.50 -8.68 -2.23
CA PRO B 47 8.45 -8.78 -1.10
C PRO B 47 9.85 -8.30 -1.50
N VAL B 48 10.46 -7.50 -0.62
CA VAL B 48 11.79 -6.95 -0.89
C VAL B 48 12.82 -8.07 -0.98
N ASP B 49 13.85 -7.85 -1.78
CA ASP B 49 14.90 -8.84 -1.97
C ASP B 49 16.02 -8.58 -0.98
N VAL B 50 15.87 -9.14 0.22
CA VAL B 50 16.77 -8.86 1.34
C VAL B 50 18.23 -9.18 1.01
N GLU B 51 18.44 -10.20 0.18
CA GLU B 51 19.77 -10.68 -0.12
C GLU B 51 20.47 -9.74 -1.10
N ALA B 52 19.67 -8.84 -1.67
CA ALA B 52 20.13 -8.01 -2.76
C ALA B 52 20.57 -6.65 -2.26
N LEU B 53 20.12 -6.29 -1.07
CA LEU B 53 20.56 -5.06 -0.42
C LEU B 53 21.54 -5.40 0.68
N GLY B 54 21.40 -6.60 1.21
CA GLY B 54 22.28 -7.06 2.27
C GLY B 54 21.78 -6.67 3.64
N LEU B 55 20.47 -6.66 3.82
CA LEU B 55 19.89 -6.26 5.11
C LEU B 55 20.18 -7.32 6.16
N HIS B 56 20.42 -6.90 7.38
CA HIS B 56 20.70 -7.83 8.47
C HIS B 56 19.69 -7.65 9.59
N ASP B 57 18.70 -6.79 9.38
CA ASP B 57 17.71 -6.50 10.40
C ASP B 57 16.42 -5.96 9.80
N TYR B 58 15.67 -6.82 9.13
CA TYR B 58 14.38 -6.41 8.58
C TYR B 58 13.28 -6.67 9.60
N CYS B 59 13.35 -7.82 10.25
CA CYS B 59 12.31 -8.23 11.18
C CYS B 59 12.44 -7.47 12.50
N ASP B 60 13.65 -6.99 12.76
CA ASP B 60 13.95 -6.23 13.97
C ASP B 60 13.24 -4.89 13.97
N ILE B 61 12.97 -4.36 12.78
CA ILE B 61 12.30 -3.06 12.66
C ILE B 61 10.92 -3.25 12.07
N ILE B 62 10.87 -3.91 10.93
CA ILE B 62 9.63 -4.12 10.20
C ILE B 62 8.81 -5.22 10.87
N LYS B 63 7.92 -4.81 11.76
CA LYS B 63 7.09 -5.77 12.50
C LYS B 63 5.88 -6.14 11.66
N HIS B 64 5.43 -5.21 10.82
CA HIS B 64 4.27 -5.44 9.97
C HIS B 64 4.63 -5.24 8.49
N PRO B 65 5.35 -6.20 7.86
CA PRO B 65 5.67 -6.10 6.43
C PRO B 65 4.43 -6.28 5.55
N MET B 66 4.40 -5.54 4.45
CA MET B 66 3.32 -5.64 3.49
C MET B 66 3.86 -5.51 2.07
N ASP B 67 3.17 -6.10 1.12
CA ASP B 67 3.53 -5.99 -0.28
C ASP B 67 2.26 -5.86 -1.11
N MET B 68 2.34 -5.11 -2.20
CA MET B 68 1.15 -4.76 -2.96
C MET B 68 0.53 -5.97 -3.66
N SER B 69 1.29 -7.04 -3.81
CA SER B 69 0.74 -8.27 -4.37
C SER B 69 -0.20 -8.95 -3.37
N THR B 70 0.30 -9.22 -2.17
CA THR B 70 -0.49 -9.86 -1.12
C THR B 70 -1.71 -9.01 -0.74
N ILE B 71 -1.52 -7.69 -0.62
CA ILE B 71 -2.60 -6.80 -0.25
C ILE B 71 -3.77 -6.90 -1.25
N LYS B 72 -3.45 -7.00 -2.54
CA LYS B 72 -4.46 -7.14 -3.57
C LYS B 72 -5.16 -8.50 -3.51
N SER B 73 -4.37 -9.55 -3.24
CA SER B 73 -4.90 -10.91 -3.10
C SER B 73 -6.06 -10.94 -2.11
N LYS B 74 -5.83 -10.38 -0.93
CA LYS B 74 -6.82 -10.34 0.13
C LYS B 74 -8.01 -9.48 -0.28
N LEU B 75 -7.74 -8.44 -1.07
CA LEU B 75 -8.78 -7.60 -1.63
C LEU B 75 -9.65 -8.38 -2.62
N GLU B 76 -9.02 -9.21 -3.46
CA GLU B 76 -9.75 -10.04 -4.42
C GLU B 76 -10.57 -11.11 -3.68
N ALA B 77 -10.17 -11.41 -2.46
CA ALA B 77 -10.91 -12.34 -1.61
C ALA B 77 -12.00 -11.61 -0.84
N ARG B 78 -11.86 -10.29 -0.80
CA ARG B 78 -12.80 -9.40 -0.12
C ARG B 78 -12.80 -9.62 1.38
N GLU B 79 -11.62 -9.92 1.92
CA GLU B 79 -11.47 -10.10 3.36
C GLU B 79 -11.42 -8.74 4.04
N TYR B 80 -11.27 -7.69 3.24
CA TYR B 80 -11.26 -6.33 3.75
C TYR B 80 -12.65 -5.89 4.16
N ARG B 81 -12.78 -5.46 5.39
CA ARG B 81 -14.08 -5.14 5.96
C ARG B 81 -14.53 -3.75 5.50
N ASP B 82 -13.59 -2.93 5.04
CA ASP B 82 -13.94 -1.62 4.46
C ASP B 82 -12.72 -0.92 3.86
N ALA B 83 -12.93 0.28 3.34
CA ALA B 83 -11.88 1.02 2.64
C ALA B 83 -10.74 1.43 3.56
N GLN B 84 -11.08 1.86 4.77
CA GLN B 84 -10.10 2.42 5.71
C GLN B 84 -9.09 1.36 6.10
N GLU B 85 -9.53 0.11 6.07
CA GLU B 85 -8.66 -1.02 6.33
C GLU B 85 -7.64 -1.18 5.19
N PHE B 86 -8.11 -1.08 3.94
CA PHE B 86 -7.24 -1.17 2.77
C PHE B 86 -6.13 -0.12 2.82
N GLY B 87 -6.56 1.15 2.89
CA GLY B 87 -5.63 2.27 2.87
C GLY B 87 -4.59 2.19 3.96
N ALA B 88 -5.03 1.72 5.13
CA ALA B 88 -4.13 1.57 6.26
C ALA B 88 -2.96 0.63 5.94
N ASP B 89 -3.26 -0.49 5.30
CA ASP B 89 -2.23 -1.48 5.00
C ASP B 89 -1.30 -1.01 3.87
N VAL B 90 -1.81 -0.21 2.93
CA VAL B 90 -0.95 0.36 1.90
C VAL B 90 0.03 1.35 2.54
N ARG B 91 -0.47 2.05 3.56
CA ARG B 91 0.32 3.01 4.31
C ARG B 91 1.32 2.28 5.19
N LEU B 92 1.05 0.99 5.39
CA LEU B 92 1.91 0.14 6.22
C LEU B 92 3.28 -0.02 5.58
N MET B 93 3.34 -0.63 4.40
CA MET B 93 4.64 -0.87 3.78
C MET B 93 5.24 0.41 3.20
N PHE B 94 4.42 1.42 2.93
CA PHE B 94 4.96 2.73 2.57
C PHE B 94 5.67 3.34 3.77
N SER B 95 5.09 3.15 4.96
CA SER B 95 5.70 3.66 6.18
C SER B 95 6.88 2.77 6.60
N ASN B 96 6.90 1.53 6.13
CA ASN B 96 7.99 0.61 6.43
C ASN B 96 9.32 1.18 5.98
N CYS B 97 9.38 1.64 4.74
CA CYS B 97 10.60 2.26 4.23
C CYS B 97 10.85 3.60 4.93
N TYR B 98 9.78 4.28 5.33
CA TYR B 98 9.91 5.61 5.95
C TYR B 98 10.58 5.53 7.32
N LYS B 99 10.16 4.56 8.14
CA LYS B 99 10.69 4.47 9.50
C LYS B 99 12.02 3.72 9.56
N TYR B 100 12.30 2.93 8.54
CA TYR B 100 13.52 2.13 8.53
C TYR B 100 14.59 2.72 7.60
N ASN B 101 14.20 3.65 6.76
CA ASN B 101 15.16 4.28 5.84
C ASN B 101 15.10 5.79 5.98
N PRO B 102 16.22 6.47 5.72
CA PRO B 102 16.29 7.93 5.77
C PRO B 102 15.54 8.57 4.59
N PRO B 103 14.97 9.77 4.80
CA PRO B 103 14.11 10.44 3.81
C PRO B 103 14.85 10.83 2.54
N ASP B 104 16.15 10.70 2.54
CA ASP B 104 16.97 11.03 1.39
C ASP B 104 17.30 9.77 0.60
N HIS B 105 16.76 8.64 1.03
CA HIS B 105 17.07 7.35 0.42
C HIS B 105 16.07 6.98 -0.68
N GLU B 106 16.55 6.16 -1.62
CA GLU B 106 15.83 5.78 -2.82
C GLU B 106 14.37 5.40 -2.58
N VAL B 107 14.12 4.27 -1.92
CA VAL B 107 12.76 3.73 -1.81
C VAL B 107 11.80 4.69 -1.15
N VAL B 108 12.27 5.45 -0.16
CA VAL B 108 11.37 6.36 0.52
C VAL B 108 11.01 7.52 -0.41
N ALA B 109 11.97 7.88 -1.25
CA ALA B 109 11.77 8.92 -2.25
C ALA B 109 10.84 8.43 -3.35
N MET B 110 10.98 7.16 -3.71
CA MET B 110 10.12 6.55 -4.71
C MET B 110 8.71 6.39 -4.14
N ALA B 111 8.65 6.16 -2.83
CA ALA B 111 7.39 6.07 -2.12
C ALA B 111 6.73 7.44 -1.99
N ARG B 112 7.56 8.49 -1.93
CA ARG B 112 7.05 9.87 -1.83
C ARG B 112 6.07 10.16 -2.95
N LYS B 113 6.44 9.81 -4.19
CA LYS B 113 5.59 10.06 -5.34
C LYS B 113 4.47 9.01 -5.44
N LEU B 114 4.71 7.78 -4.97
CA LEU B 114 3.64 6.78 -4.89
C LEU B 114 2.57 7.24 -3.91
N GLN B 115 3.02 7.72 -2.76
CA GLN B 115 2.15 8.27 -1.75
C GLN B 115 1.31 9.42 -2.32
N ASP B 116 1.89 10.16 -3.25
CA ASP B 116 1.20 11.26 -3.91
C ASP B 116 0.01 10.76 -4.72
N VAL B 117 0.26 9.88 -5.68
CA VAL B 117 -0.81 9.32 -6.50
C VAL B 117 -1.81 8.54 -5.65
N PHE B 118 -1.31 7.71 -4.72
CA PHE B 118 -2.16 6.97 -3.79
C PHE B 118 -3.08 7.91 -3.02
N GLU B 119 -2.50 9.02 -2.55
CA GLU B 119 -3.24 10.02 -1.79
C GLU B 119 -4.48 10.47 -2.56
N MET B 120 -4.28 10.93 -3.80
CA MET B 120 -5.38 11.42 -4.61
C MET B 120 -6.30 10.28 -5.05
N ARG B 121 -5.72 9.10 -5.23
CA ARG B 121 -6.49 7.93 -5.62
C ARG B 121 -7.46 7.51 -4.50
N PHE B 122 -7.01 7.63 -3.25
CA PHE B 122 -7.86 7.29 -2.12
C PHE B 122 -8.68 8.50 -1.66
N ALA B 123 -8.22 9.69 -2.05
CA ALA B 123 -8.88 10.93 -1.66
C ALA B 123 -10.28 11.04 -2.24
N LYS B 124 -10.56 10.33 -3.34
CA LYS B 124 -11.88 10.36 -3.93
C LYS B 124 -12.87 9.62 -3.04
N MET B 125 -13.01 8.31 -3.27
CA MET B 125 -13.84 7.43 -2.44
C MET B 125 -15.24 7.99 -2.18
N PRO B 126 -16.23 7.60 -3.00
CA PRO B 126 -17.63 7.96 -2.74
C PRO B 126 -18.14 7.29 -1.46
N ASP B 127 -19.24 7.82 -0.93
CA ASP B 127 -19.84 7.28 0.29
C ASP B 127 -20.41 5.89 0.01
N GLU B 128 -21.13 5.79 -1.08
CA GLU B 128 -21.68 4.53 -1.54
C GLU B 128 -21.47 4.39 -3.05
N ASN A 1 20.96 -0.91 15.91
CA ASN A 1 21.30 -0.83 14.47
C ASN A 1 22.07 0.46 14.20
N PRO A 2 23.35 0.34 13.84
CA PRO A 2 24.21 1.51 13.59
C PRO A 2 23.92 2.15 12.24
N ASP A 3 22.87 2.96 12.19
CA ASP A 3 22.40 3.58 10.95
C ASP A 3 22.14 2.51 9.89
N GLY A 4 21.16 1.68 10.16
CA GLY A 4 20.84 0.59 9.26
C GLY A 4 19.77 0.99 8.27
N GLY A 5 19.43 0.07 7.38
CA GLY A 5 18.39 0.32 6.43
C GLY A 5 18.67 -0.34 5.10
N SER A 7 20.43 -0.26 2.43
CA SER A 7 21.63 0.21 1.75
C SER A 7 21.70 -0.34 0.33
N GLY A 8 21.22 0.45 -0.62
CA GLY A 8 21.16 0.01 -1.99
C GLY A 8 19.76 0.08 -2.54
N ALA A 10 19.50 -0.52 -6.50
CA ALA A 10 19.68 -0.77 -7.93
C ALA A 10 18.50 -0.20 -8.71
N PRO A 11 18.30 1.13 -8.64
CA PRO A 11 17.13 1.79 -9.23
C PRO A 11 17.23 1.94 -10.75
N ARG A 12 17.59 0.85 -11.41
CA ARG A 12 17.64 0.82 -12.85
C ARG A 12 16.76 -0.33 -13.36
N ARG A 13 16.30 -1.15 -12.43
CA ARG A 13 15.41 -2.26 -12.75
C ARG A 13 13.99 -1.75 -12.95
N ARG A 14 13.32 -2.22 -13.96
CA ARG A 14 11.96 -1.77 -14.26
C ARG A 14 11.07 -2.98 -14.54
N ALA A 15 10.18 -3.28 -13.61
CA ALA A 15 9.35 -4.47 -13.69
C ALA A 15 8.06 -4.21 -14.46
N VAL A 16 8.19 -4.02 -15.76
CA VAL A 16 7.03 -3.77 -16.60
C VAL A 16 6.51 -5.07 -17.22
N LYS B 1 -22.90 -11.45 19.66
CA LYS B 1 -21.73 -10.53 19.57
C LYS B 1 -22.07 -9.31 18.74
N ASP B 2 -23.34 -9.02 18.56
CA ASP B 2 -23.77 -7.87 17.77
C ASP B 2 -23.75 -6.60 18.61
N VAL B 3 -22.59 -5.96 18.66
CA VAL B 3 -22.42 -4.74 19.42
C VAL B 3 -21.50 -3.78 18.66
N PRO B 4 -22.09 -2.80 17.98
CA PRO B 4 -21.33 -1.86 17.15
C PRO B 4 -20.39 -0.98 17.97
N ASP B 5 -19.10 -1.22 17.84
CA ASP B 5 -18.10 -0.33 18.39
C ASP B 5 -18.14 0.96 17.58
N SER B 6 -18.35 0.77 16.29
CA SER B 6 -18.60 1.85 15.36
C SER B 6 -19.08 1.25 14.04
N GLN B 7 -20.40 1.06 13.94
CA GLN B 7 -21.04 0.40 12.79
C GLN B 7 -20.73 -1.10 12.78
N GLN B 8 -21.76 -1.91 13.05
CA GLN B 8 -21.61 -3.35 13.00
C GLN B 8 -22.97 -4.00 12.67
N HIS B 9 -23.80 -3.26 11.97
CA HIS B 9 -25.11 -3.76 11.54
C HIS B 9 -25.04 -4.22 10.10
N PRO B 10 -25.02 -5.54 9.86
CA PRO B 10 -25.01 -6.09 8.51
C PRO B 10 -26.30 -5.74 7.77
N ALA B 11 -26.17 -4.93 6.73
CA ALA B 11 -27.32 -4.54 5.93
C ALA B 11 -28.02 -5.77 5.37
N PRO B 12 -29.37 -5.77 5.43
CA PRO B 12 -30.17 -6.93 4.98
C PRO B 12 -30.03 -7.17 3.49
N GLU B 13 -30.52 -8.34 3.04
CA GLU B 13 -30.38 -8.77 1.63
C GLU B 13 -28.91 -9.04 1.29
N LYS B 14 -28.12 -7.98 1.22
CA LYS B 14 -26.71 -8.10 0.92
C LYS B 14 -25.99 -6.81 1.33
N SER B 15 -24.74 -6.94 1.71
CA SER B 15 -23.95 -5.80 2.11
C SER B 15 -23.18 -5.26 0.90
N SER B 16 -23.93 -4.75 -0.07
CA SER B 16 -23.35 -4.30 -1.33
C SER B 16 -22.49 -3.06 -1.16
N LYS B 17 -22.83 -2.23 -0.17
CA LYS B 17 -22.09 -1.00 0.11
C LYS B 17 -20.59 -1.30 0.22
N VAL B 18 -20.26 -2.29 1.02
CA VAL B 18 -18.89 -2.69 1.26
C VAL B 18 -18.19 -3.06 -0.05
N SER B 19 -18.88 -3.81 -0.92
CA SER B 19 -18.31 -4.27 -2.17
C SER B 19 -17.95 -3.09 -3.07
N GLU B 20 -18.75 -2.02 -3.00
CA GLU B 20 -18.58 -0.87 -3.89
C GLU B 20 -17.29 -0.15 -3.55
N GLN B 21 -17.15 0.16 -2.28
CA GLN B 21 -15.95 0.85 -1.80
C GLN B 21 -14.68 0.03 -2.03
N LEU B 22 -14.73 -1.28 -1.80
CA LEU B 22 -13.56 -2.11 -2.02
C LEU B 22 -13.26 -2.23 -3.52
N LYS B 23 -14.30 -2.19 -4.35
CA LYS B 23 -14.09 -2.18 -5.79
C LYS B 23 -13.31 -0.92 -6.20
N CYS B 24 -13.49 0.15 -5.44
CA CYS B 24 -12.76 1.38 -5.69
C CYS B 24 -11.29 1.21 -5.31
N CYS B 25 -11.04 0.50 -4.21
CA CYS B 25 -9.65 0.29 -3.77
C CYS B 25 -8.94 -0.64 -4.75
N SER B 26 -9.71 -1.51 -5.38
CA SER B 26 -9.19 -2.39 -6.42
C SER B 26 -8.68 -1.57 -7.58
N GLY B 27 -9.47 -0.58 -7.99
CA GLY B 27 -9.06 0.32 -9.06
C GLY B 27 -7.76 1.03 -8.74
N ILE B 28 -7.54 1.32 -7.46
CA ILE B 28 -6.31 1.97 -7.02
C ILE B 28 -5.11 1.05 -7.26
N LEU B 29 -5.19 -0.20 -6.80
CA LEU B 29 -4.09 -1.14 -6.96
C LEU B 29 -3.93 -1.53 -8.43
N LYS B 30 -5.03 -1.54 -9.17
CA LYS B 30 -4.98 -1.74 -10.62
C LYS B 30 -4.11 -0.67 -11.26
N GLU B 31 -4.31 0.56 -10.80
CA GLU B 31 -3.52 1.70 -11.25
C GLU B 31 -2.06 1.54 -10.81
N MET B 32 -1.86 1.23 -9.53
CA MET B 32 -0.51 1.24 -8.96
C MET B 32 0.32 0.06 -9.48
N PHE B 33 -0.34 -0.91 -10.12
CA PHE B 33 0.36 -2.00 -10.78
C PHE B 33 0.58 -1.73 -12.26
N ALA B 34 -0.01 -0.67 -12.78
CA ALA B 34 0.15 -0.32 -14.19
C ALA B 34 1.62 -0.07 -14.50
N LYS B 35 2.04 -0.50 -15.69
CA LYS B 35 3.45 -0.52 -16.09
C LYS B 35 4.09 0.87 -16.01
N LYS B 36 3.26 1.91 -16.06
CA LYS B 36 3.74 3.28 -15.93
C LYS B 36 4.23 3.58 -14.52
N HIS B 37 3.77 2.81 -13.56
CA HIS B 37 4.19 2.98 -12.18
C HIS B 37 5.25 1.95 -11.83
N ALA B 38 5.47 1.01 -12.74
CA ALA B 38 6.37 -0.12 -12.49
C ALA B 38 7.82 0.30 -12.65
N ALA B 39 8.03 1.55 -13.03
CA ALA B 39 9.37 2.09 -13.19
C ALA B 39 10.04 2.31 -11.84
N TYR B 40 9.25 2.64 -10.85
CA TYR B 40 9.77 3.02 -9.53
C TYR B 40 9.12 2.23 -8.40
N ALA B 41 7.90 1.75 -8.59
CA ALA B 41 7.19 1.06 -7.52
C ALA B 41 7.46 -0.43 -7.52
N TRP B 42 8.40 -0.86 -8.38
CA TRP B 42 8.74 -2.28 -8.48
C TRP B 42 9.13 -2.91 -7.13
N PRO B 43 9.88 -2.23 -6.22
CA PRO B 43 10.18 -2.79 -4.89
C PRO B 43 8.94 -2.99 -4.00
N PHE B 44 7.87 -2.23 -4.26
CA PHE B 44 6.66 -2.31 -3.46
C PHE B 44 5.71 -3.40 -3.94
N TYR B 45 5.82 -3.78 -5.22
CA TYR B 45 4.96 -4.83 -5.78
C TYR B 45 5.11 -6.12 -4.97
N LYS B 46 6.34 -6.45 -4.61
CA LYS B 46 6.65 -7.70 -3.92
C LYS B 46 7.46 -7.41 -2.66
N PRO B 47 7.51 -8.34 -1.68
CA PRO B 47 8.42 -8.26 -0.53
C PRO B 47 9.84 -7.89 -0.98
N VAL B 48 10.52 -7.04 -0.20
CA VAL B 48 11.84 -6.54 -0.57
C VAL B 48 12.80 -7.69 -0.81
N ASP B 49 13.67 -7.54 -1.81
CA ASP B 49 14.68 -8.53 -2.08
C ASP B 49 15.85 -8.30 -1.13
N VAL B 50 15.84 -9.05 -0.04
CA VAL B 50 16.77 -8.84 1.06
C VAL B 50 18.22 -9.01 0.61
N GLU B 51 18.43 -9.91 -0.33
CA GLU B 51 19.78 -10.26 -0.77
C GLU B 51 20.33 -9.26 -1.76
N ALA B 52 19.44 -8.60 -2.49
CA ALA B 52 19.83 -7.62 -3.49
C ALA B 52 20.63 -6.49 -2.88
N LEU B 53 20.08 -5.85 -1.85
CA LEU B 53 20.79 -4.76 -1.18
C LEU B 53 21.84 -5.33 -0.23
N GLY B 54 21.60 -6.57 0.21
CA GLY B 54 22.51 -7.22 1.11
C GLY B 54 22.26 -6.83 2.55
N LEU B 55 20.99 -6.84 2.95
CA LEU B 55 20.63 -6.48 4.31
C LEU B 55 20.79 -7.68 5.23
N HIS B 56 20.57 -7.48 6.53
CA HIS B 56 20.64 -8.57 7.50
C HIS B 56 19.63 -8.40 8.62
N ASP B 57 18.66 -7.48 8.44
CA ASP B 57 17.70 -7.19 9.50
C ASP B 57 16.39 -6.61 8.95
N TYR B 58 15.57 -7.47 8.37
CA TYR B 58 14.21 -7.13 7.95
C TYR B 58 13.22 -7.46 9.05
N CYS B 59 13.39 -8.63 9.67
CA CYS B 59 12.50 -9.06 10.74
C CYS B 59 12.73 -8.24 12.01
N ASP B 60 13.94 -7.73 12.16
CA ASP B 60 14.33 -6.99 13.36
C ASP B 60 13.59 -5.67 13.48
N ILE B 61 13.40 -4.98 12.36
CA ILE B 61 12.72 -3.69 12.37
C ILE B 61 11.27 -3.85 11.92
N ILE B 62 11.08 -4.46 10.76
CA ILE B 62 9.77 -4.58 10.15
C ILE B 62 8.91 -5.59 10.91
N LYS B 63 8.01 -5.10 11.75
CA LYS B 63 7.15 -6.00 12.54
C LYS B 63 5.83 -6.25 11.82
N HIS B 64 5.43 -5.32 10.97
CA HIS B 64 4.18 -5.43 10.23
C HIS B 64 4.42 -5.26 8.73
N PRO B 65 5.06 -6.25 8.05
CA PRO B 65 5.33 -6.17 6.62
C PRO B 65 4.07 -6.29 5.76
N MET B 66 4.05 -5.55 4.66
CA MET B 66 2.98 -5.62 3.68
C MET B 66 3.58 -5.46 2.28
N ASP B 67 2.91 -5.99 1.27
CA ASP B 67 3.34 -5.81 -0.11
C ASP B 67 2.13 -5.68 -1.01
N MET B 68 2.33 -5.01 -2.14
CA MET B 68 1.25 -4.63 -3.03
C MET B 68 0.59 -5.83 -3.70
N SER B 69 1.33 -6.94 -3.82
CA SER B 69 0.75 -8.16 -4.35
C SER B 69 -0.18 -8.82 -3.33
N THR B 70 0.33 -9.08 -2.13
CA THR B 70 -0.46 -9.71 -1.07
C THR B 70 -1.70 -8.88 -0.72
N ILE B 71 -1.54 -7.56 -0.61
CA ILE B 71 -2.64 -6.68 -0.27
C ILE B 71 -3.78 -6.80 -1.29
N LYS B 72 -3.44 -6.89 -2.58
CA LYS B 72 -4.45 -7.05 -3.62
C LYS B 72 -5.12 -8.42 -3.51
N SER B 73 -4.32 -9.44 -3.19
CA SER B 73 -4.81 -10.81 -2.97
C SER B 73 -5.97 -10.82 -1.96
N LYS B 74 -5.74 -10.22 -0.80
CA LYS B 74 -6.74 -10.17 0.26
C LYS B 74 -7.96 -9.38 -0.20
N LEU B 75 -7.70 -8.37 -1.02
CA LEU B 75 -8.74 -7.56 -1.61
C LEU B 75 -9.59 -8.37 -2.60
N GLU B 76 -8.95 -9.19 -3.42
CA GLU B 76 -9.67 -10.06 -4.37
C GLU B 76 -10.51 -11.07 -3.61
N ALA B 77 -10.04 -11.45 -2.44
CA ALA B 77 -10.78 -12.38 -1.59
C ALA B 77 -11.90 -11.67 -0.84
N ARG B 78 -11.78 -10.35 -0.78
CA ARG B 78 -12.74 -9.47 -0.12
C ARG B 78 -12.75 -9.72 1.39
N GLU B 79 -11.57 -9.99 1.93
CA GLU B 79 -11.43 -10.18 3.37
C GLU B 79 -11.38 -8.83 4.07
N TYR B 80 -11.32 -7.76 3.27
CA TYR B 80 -11.33 -6.41 3.79
C TYR B 80 -12.74 -6.00 4.19
N ARG B 81 -12.83 -5.33 5.33
CA ARG B 81 -14.12 -4.94 5.89
C ARG B 81 -14.54 -3.58 5.33
N ASP B 82 -13.58 -2.74 4.94
CA ASP B 82 -13.91 -1.45 4.36
C ASP B 82 -12.70 -0.75 3.74
N ALA B 83 -12.93 0.45 3.21
CA ALA B 83 -11.91 1.22 2.52
C ALA B 83 -10.77 1.66 3.45
N GLN B 84 -11.12 2.05 4.67
CA GLN B 84 -10.14 2.60 5.60
C GLN B 84 -9.11 1.54 5.97
N GLU B 85 -9.52 0.28 5.89
CA GLU B 85 -8.60 -0.81 6.11
C GLU B 85 -7.58 -0.88 4.98
N PHE B 86 -8.06 -0.89 3.74
CA PHE B 86 -7.18 -0.93 2.57
C PHE B 86 -6.10 0.15 2.64
N GLY B 87 -6.53 1.38 2.84
CA GLY B 87 -5.59 2.50 2.89
C GLY B 87 -4.56 2.34 3.98
N ALA B 88 -4.94 1.66 5.07
CA ALA B 88 -4.05 1.45 6.18
C ALA B 88 -2.87 0.53 5.80
N ASP B 89 -3.16 -0.67 5.30
CA ASP B 89 -2.10 -1.61 4.95
C ASP B 89 -1.20 -1.10 3.82
N VAL B 90 -1.74 -0.27 2.92
CA VAL B 90 -0.89 0.35 1.89
C VAL B 90 0.17 1.24 2.55
N ARG B 91 -0.23 1.92 3.62
CA ARG B 91 0.66 2.82 4.33
C ARG B 91 1.65 2.02 5.16
N LEU B 92 1.26 0.78 5.48
CA LEU B 92 2.12 -0.12 6.25
C LEU B 92 3.45 -0.33 5.55
N MET B 93 3.39 -0.78 4.30
CA MET B 93 4.61 -1.02 3.53
C MET B 93 5.33 0.27 3.18
N PHE B 94 4.58 1.34 2.91
CA PHE B 94 5.20 2.63 2.66
C PHE B 94 5.91 3.14 3.91
N SER B 95 5.36 2.78 5.07
CA SER B 95 5.96 3.16 6.36
C SER B 95 7.14 2.25 6.69
N ASN B 96 7.23 1.09 6.05
CA ASN B 96 8.35 0.19 6.26
C ASN B 96 9.65 0.91 5.92
N CYS B 97 9.74 1.40 4.69
CA CYS B 97 10.91 2.12 4.23
C CYS B 97 11.10 3.41 5.03
N TYR B 98 10.00 4.04 5.43
CA TYR B 98 10.08 5.34 6.11
C TYR B 98 10.78 5.24 7.47
N LYS B 99 10.44 4.24 8.27
CA LYS B 99 10.99 4.15 9.62
C LYS B 99 12.33 3.44 9.65
N TYR B 100 12.64 2.72 8.58
CA TYR B 100 13.88 1.95 8.54
C TYR B 100 14.92 2.65 7.65
N ASN B 101 14.49 3.66 6.90
CA ASN B 101 15.39 4.37 5.99
C ASN B 101 15.23 5.88 6.18
N PRO B 102 16.32 6.65 5.99
CA PRO B 102 16.28 8.11 6.01
C PRO B 102 15.53 8.67 4.79
N PRO B 103 14.92 9.86 4.94
CA PRO B 103 14.09 10.48 3.90
C PRO B 103 14.89 10.90 2.66
N ASP B 104 16.19 10.74 2.72
CA ASP B 104 17.06 11.06 1.60
C ASP B 104 17.47 9.81 0.84
N HIS B 105 16.75 8.71 1.09
CA HIS B 105 17.08 7.43 0.48
C HIS B 105 16.07 7.06 -0.62
N GLU B 106 16.55 6.26 -1.58
CA GLU B 106 15.79 5.87 -2.78
C GLU B 106 14.35 5.44 -2.50
N VAL B 107 14.17 4.30 -1.82
CA VAL B 107 12.83 3.70 -1.67
C VAL B 107 11.87 4.67 -1.03
N VAL B 108 12.33 5.41 -0.04
CA VAL B 108 11.43 6.32 0.67
C VAL B 108 11.07 7.49 -0.23
N ALA B 109 12.01 7.88 -1.08
CA ALA B 109 11.80 8.95 -2.05
C ALA B 109 10.85 8.49 -3.14
N MET B 110 10.99 7.23 -3.54
CA MET B 110 10.08 6.66 -4.53
C MET B 110 8.69 6.46 -3.93
N ALA B 111 8.66 6.24 -2.62
CA ALA B 111 7.41 6.12 -1.90
C ALA B 111 6.70 7.46 -1.79
N ARG B 112 7.48 8.54 -1.70
CA ARG B 112 6.92 9.88 -1.61
C ARG B 112 5.99 10.18 -2.79
N LYS B 113 6.44 9.83 -3.99
CA LYS B 113 5.65 10.06 -5.20
C LYS B 113 4.52 9.04 -5.33
N LEU B 114 4.74 7.81 -4.87
CA LEU B 114 3.67 6.80 -4.84
C LEU B 114 2.56 7.24 -3.91
N GLN B 115 2.96 7.70 -2.73
CA GLN B 115 2.05 8.23 -1.72
C GLN B 115 1.17 9.33 -2.31
N ASP B 116 1.73 10.11 -3.23
CA ASP B 116 1.00 11.22 -3.85
C ASP B 116 -0.10 10.71 -4.77
N VAL B 117 0.28 9.91 -5.77
CA VAL B 117 -0.71 9.32 -6.68
C VAL B 117 -1.72 8.46 -5.92
N PHE B 118 -1.24 7.69 -4.94
CA PHE B 118 -2.12 6.90 -4.07
C PHE B 118 -3.10 7.80 -3.34
N GLU B 119 -2.59 8.93 -2.84
CA GLU B 119 -3.38 9.86 -2.05
C GLU B 119 -4.59 10.35 -2.85
N MET B 120 -4.35 10.85 -4.06
CA MET B 120 -5.44 11.36 -4.89
C MET B 120 -6.36 10.22 -5.34
N ARG B 121 -5.79 9.03 -5.42
CA ARG B 121 -6.56 7.83 -5.78
C ARG B 121 -7.56 7.48 -4.68
N PHE B 122 -7.16 7.66 -3.43
CA PHE B 122 -8.03 7.38 -2.29
C PHE B 122 -8.86 8.61 -1.94
N ALA B 123 -8.36 9.78 -2.30
CA ALA B 123 -9.01 11.05 -1.99
C ALA B 123 -10.39 11.15 -2.64
N LYS B 124 -10.63 10.38 -3.71
CA LYS B 124 -11.94 10.38 -4.34
C LYS B 124 -12.96 9.69 -3.44
N MET B 125 -12.89 8.35 -3.40
CA MET B 125 -13.76 7.51 -2.59
C MET B 125 -15.20 8.02 -2.53
N PRO B 126 -15.99 7.74 -3.57
CA PRO B 126 -17.41 8.06 -3.57
C PRO B 126 -18.19 7.16 -2.62
N ASP B 127 -19.27 7.68 -2.10
CA ASP B 127 -20.11 6.96 -1.17
C ASP B 127 -20.99 5.96 -1.91
N GLU B 128 -21.62 6.41 -2.98
CA GLU B 128 -22.36 5.53 -3.86
C GLU B 128 -21.77 5.61 -5.26
N ASN A 1 24.55 -2.51 15.21
CA ASN A 1 25.02 -2.15 13.85
C ASN A 1 24.34 -0.88 13.37
N PRO A 2 25.12 0.15 13.01
CA PRO A 2 24.59 1.38 12.43
C PRO A 2 24.01 1.15 11.04
N ASP A 3 23.05 1.98 10.66
CA ASP A 3 22.41 1.89 9.34
C ASP A 3 21.69 0.56 9.17
N GLY A 4 21.36 0.22 7.92
CA GLY A 4 20.68 -1.02 7.66
C GLY A 4 19.42 -0.83 6.85
N GLY A 5 19.01 0.42 6.71
CA GLY A 5 17.74 0.72 6.06
C GLY A 5 17.76 0.55 4.55
N SER A 7 19.89 -0.38 2.20
CA SER A 7 20.93 0.18 1.35
C SER A 7 21.25 -0.78 0.21
N GLY A 8 20.85 -0.41 -0.99
CA GLY A 8 21.05 -1.27 -2.15
C GLY A 8 19.85 -1.30 -3.06
N ALA A 10 17.95 0.79 -6.66
CA ALA A 10 18.05 1.72 -7.77
C ALA A 10 16.84 1.52 -8.67
N PRO A 11 16.26 2.63 -9.19
CA PRO A 11 15.06 2.58 -10.02
C PRO A 11 15.30 1.86 -11.34
N ARG A 12 16.57 1.82 -11.76
CA ARG A 12 16.99 1.11 -12.96
C ARG A 12 16.08 1.45 -14.14
N ARG A 13 16.12 2.71 -14.55
CA ARG A 13 15.27 3.22 -15.62
C ARG A 13 15.59 2.49 -16.92
N ARG A 14 14.54 2.05 -17.60
CA ARG A 14 14.71 1.35 -18.87
C ARG A 14 14.81 2.35 -20.01
N ALA A 15 16.00 2.93 -20.14
CA ALA A 15 16.25 3.94 -21.14
C ALA A 15 17.45 3.55 -22.00
N VAL A 16 17.68 2.26 -22.12
CA VAL A 16 18.77 1.75 -22.93
C VAL A 16 18.30 1.59 -24.38
N LYS B 1 -33.91 -6.66 24.92
CA LYS B 1 -33.48 -6.67 23.52
C LYS B 1 -32.14 -5.97 23.37
N ASP B 2 -31.32 -6.42 22.45
CA ASP B 2 -30.00 -5.83 22.22
C ASP B 2 -29.51 -6.14 20.81
N VAL B 3 -30.41 -6.01 19.85
CA VAL B 3 -30.07 -6.25 18.45
C VAL B 3 -30.04 -4.95 17.67
N PRO B 4 -28.96 -4.71 16.92
CA PRO B 4 -28.81 -3.51 16.12
C PRO B 4 -29.51 -3.62 14.76
N ASP B 5 -30.83 -3.67 14.79
CA ASP B 5 -31.63 -3.74 13.58
C ASP B 5 -32.11 -2.35 13.19
N SER B 6 -32.65 -2.23 11.99
CA SER B 6 -33.18 -0.97 11.48
C SER B 6 -32.10 0.11 11.46
N GLN B 7 -31.10 -0.11 10.61
CA GLN B 7 -29.97 0.81 10.52
C GLN B 7 -29.64 1.13 9.07
N GLN B 8 -30.47 1.98 8.47
CA GLN B 8 -30.26 2.44 7.08
C GLN B 8 -30.29 1.26 6.12
N HIS B 9 -31.28 0.37 6.31
CA HIS B 9 -31.43 -0.83 5.49
C HIS B 9 -30.18 -1.70 5.58
N PRO B 10 -30.01 -2.44 6.68
CA PRO B 10 -28.84 -3.28 6.90
C PRO B 10 -28.99 -4.65 6.22
N ALA B 11 -28.03 -4.99 5.38
CA ALA B 11 -28.06 -6.25 4.67
C ALA B 11 -26.85 -7.11 5.04
N PRO B 12 -27.07 -8.40 5.36
CA PRO B 12 -25.98 -9.31 5.72
C PRO B 12 -25.13 -9.68 4.50
N GLU B 13 -23.88 -10.10 4.74
CA GLU B 13 -22.95 -10.49 3.66
C GLU B 13 -22.70 -9.36 2.67
N LYS B 14 -23.57 -9.26 1.67
CA LYS B 14 -23.41 -8.24 0.65
C LYS B 14 -24.08 -6.94 1.09
N SER B 15 -23.27 -6.08 1.69
CA SER B 15 -23.75 -4.79 2.18
C SER B 15 -23.85 -3.77 1.04
N SER B 16 -23.39 -4.19 -0.15
CA SER B 16 -23.47 -3.38 -1.37
C SER B 16 -22.50 -2.21 -1.34
N LYS B 17 -22.72 -1.28 -0.41
CA LYS B 17 -21.90 -0.08 -0.30
C LYS B 17 -20.44 -0.45 -0.02
N VAL B 18 -20.24 -1.15 1.10
CA VAL B 18 -18.91 -1.55 1.52
C VAL B 18 -18.19 -2.26 0.38
N SER B 19 -18.89 -3.19 -0.27
CA SER B 19 -18.33 -3.98 -1.34
C SER B 19 -17.89 -3.10 -2.51
N GLU B 20 -18.65 -2.04 -2.81
CA GLU B 20 -18.36 -1.22 -3.98
C GLU B 20 -17.22 -0.24 -3.68
N GLN B 21 -17.11 0.18 -2.42
CA GLN B 21 -15.96 0.97 -1.99
C GLN B 21 -14.67 0.16 -2.10
N LEU B 22 -14.70 -1.10 -1.64
CA LEU B 22 -13.55 -1.99 -1.76
C LEU B 22 -13.14 -2.17 -3.22
N LYS B 23 -14.14 -2.27 -4.09
CA LYS B 23 -13.88 -2.41 -5.52
C LYS B 23 -13.21 -1.16 -6.08
N CYS B 24 -13.51 0.01 -5.51
CA CYS B 24 -12.81 1.24 -5.90
C CYS B 24 -11.34 1.14 -5.51
N CYS B 25 -11.09 0.50 -4.37
CA CYS B 25 -9.73 0.29 -3.90
C CYS B 25 -8.98 -0.64 -4.85
N SER B 26 -9.72 -1.58 -5.43
CA SER B 26 -9.16 -2.47 -6.44
C SER B 26 -8.67 -1.65 -7.63
N GLY B 27 -9.50 -0.69 -8.03
CA GLY B 27 -9.15 0.22 -9.10
C GLY B 27 -7.84 0.94 -8.82
N ILE B 28 -7.61 1.27 -7.55
CA ILE B 28 -6.40 1.94 -7.13
C ILE B 28 -5.18 1.05 -7.34
N LEU B 29 -5.24 -0.18 -6.84
CA LEU B 29 -4.10 -1.10 -6.96
C LEU B 29 -3.84 -1.47 -8.41
N LYS B 30 -4.91 -1.62 -9.20
CA LYS B 30 -4.76 -1.88 -10.63
C LYS B 30 -4.01 -0.73 -11.29
N GLU B 31 -4.26 0.49 -10.80
CA GLU B 31 -3.54 1.66 -11.26
C GLU B 31 -2.09 1.61 -10.79
N MET B 32 -1.88 1.30 -9.51
CA MET B 32 -0.54 1.31 -8.94
C MET B 32 0.33 0.21 -9.55
N PHE B 33 -0.32 -0.82 -10.11
CA PHE B 33 0.40 -1.90 -10.79
C PHE B 33 0.57 -1.62 -12.27
N ALA B 34 0.01 -0.51 -12.75
CA ALA B 34 0.17 -0.15 -14.15
C ALA B 34 1.63 0.09 -14.48
N LYS B 35 2.05 -0.39 -15.64
CA LYS B 35 3.44 -0.40 -16.05
C LYS B 35 4.06 1.00 -16.05
N LYS B 36 3.21 2.02 -16.14
CA LYS B 36 3.67 3.39 -16.08
C LYS B 36 4.22 3.73 -14.68
N HIS B 37 3.68 3.08 -13.66
CA HIS B 37 4.15 3.31 -12.30
C HIS B 37 5.26 2.32 -11.95
N ALA B 38 5.46 1.34 -12.82
CA ALA B 38 6.38 0.24 -12.55
C ALA B 38 7.83 0.68 -12.74
N ALA B 39 8.01 1.91 -13.21
CA ALA B 39 9.34 2.47 -13.41
C ALA B 39 10.06 2.65 -12.08
N TYR B 40 9.29 3.00 -11.05
CA TYR B 40 9.85 3.30 -9.73
C TYR B 40 9.15 2.54 -8.61
N ALA B 41 7.99 1.97 -8.89
CA ALA B 41 7.23 1.27 -7.84
C ALA B 41 7.47 -0.24 -7.90
N TRP B 42 8.34 -0.67 -8.82
CA TRP B 42 8.61 -2.10 -8.98
C TRP B 42 9.06 -2.80 -7.67
N PRO B 43 9.86 -2.15 -6.78
CA PRO B 43 10.22 -2.76 -5.49
C PRO B 43 9.01 -2.98 -4.56
N PHE B 44 7.96 -2.18 -4.73
CA PHE B 44 6.79 -2.26 -3.85
C PHE B 44 5.77 -3.30 -4.33
N TYR B 45 5.78 -3.61 -5.63
CA TYR B 45 4.86 -4.63 -6.18
C TYR B 45 5.04 -5.96 -5.47
N LYS B 46 6.27 -6.23 -5.05
CA LYS B 46 6.62 -7.49 -4.42
C LYS B 46 7.31 -7.22 -3.08
N PRO B 47 7.25 -8.18 -2.12
CA PRO B 47 7.96 -8.06 -0.84
C PRO B 47 9.45 -7.75 -1.02
N VAL B 48 9.97 -6.89 -0.15
CA VAL B 48 11.38 -6.52 -0.17
C VAL B 48 12.27 -7.76 -0.18
N ASP B 49 13.19 -7.80 -1.14
CA ASP B 49 14.10 -8.93 -1.29
C ASP B 49 15.33 -8.70 -0.42
N VAL B 50 15.32 -9.35 0.72
CA VAL B 50 16.39 -9.21 1.72
C VAL B 50 17.75 -9.49 1.12
N GLU B 51 17.80 -10.45 0.20
CA GLU B 51 19.07 -10.90 -0.39
C GLU B 51 19.59 -9.90 -1.41
N ALA B 52 18.78 -8.93 -1.78
CA ALA B 52 19.15 -7.95 -2.80
C ALA B 52 20.02 -6.84 -2.23
N LEU B 53 19.79 -6.50 -0.97
CA LEU B 53 20.49 -5.38 -0.35
C LEU B 53 21.41 -5.85 0.77
N GLY B 54 21.08 -6.98 1.36
CA GLY B 54 21.88 -7.52 2.44
C GLY B 54 21.50 -6.94 3.79
N LEU B 55 20.22 -7.00 4.12
CA LEU B 55 19.73 -6.48 5.38
C LEU B 55 19.93 -7.50 6.50
N HIS B 56 20.19 -7.04 7.71
CA HIS B 56 20.43 -7.93 8.83
C HIS B 56 19.32 -7.80 9.88
N ASP B 57 18.62 -6.69 9.89
CA ASP B 57 17.61 -6.43 10.92
C ASP B 57 16.29 -6.00 10.29
N TYR B 58 15.61 -6.98 9.70
CA TYR B 58 14.32 -6.77 9.04
C TYR B 58 13.17 -6.85 10.05
N CYS B 59 13.04 -8.00 10.69
CA CYS B 59 11.92 -8.29 11.58
C CYS B 59 12.00 -7.48 12.87
N ASP B 60 13.16 -6.92 13.15
CA ASP B 60 13.36 -6.13 14.37
C ASP B 60 12.66 -4.78 14.26
N ILE B 61 12.75 -4.16 13.10
CA ILE B 61 12.13 -2.85 12.88
C ILE B 61 10.80 -3.02 12.15
N ILE B 62 10.82 -3.85 11.14
CA ILE B 62 9.64 -4.13 10.34
C ILE B 62 8.76 -5.16 11.04
N LYS B 63 7.87 -4.68 11.92
CA LYS B 63 7.03 -5.58 12.71
C LYS B 63 5.73 -5.85 11.99
N HIS B 64 5.40 -5.01 11.01
CA HIS B 64 4.19 -5.17 10.23
C HIS B 64 4.51 -5.08 8.74
N PRO B 65 5.17 -6.11 8.15
CA PRO B 65 5.51 -6.10 6.73
C PRO B 65 4.27 -6.21 5.84
N MET B 66 4.28 -5.47 4.74
CA MET B 66 3.21 -5.52 3.76
C MET B 66 3.81 -5.40 2.36
N ASP B 67 3.08 -5.85 1.36
CA ASP B 67 3.50 -5.70 -0.02
C ASP B 67 2.28 -5.62 -0.91
N MET B 68 2.44 -4.95 -2.05
CA MET B 68 1.33 -4.61 -2.92
C MET B 68 0.71 -5.81 -3.61
N SER B 69 1.48 -6.87 -3.84
CA SER B 69 0.92 -8.07 -4.44
C SER B 69 0.00 -8.80 -3.46
N THR B 70 0.48 -9.02 -2.24
CA THR B 70 -0.31 -9.71 -1.22
C THR B 70 -1.59 -8.94 -0.87
N ILE B 71 -1.47 -7.62 -0.68
CA ILE B 71 -2.62 -6.80 -0.31
C ILE B 71 -3.76 -6.91 -1.34
N LYS B 72 -3.41 -6.92 -2.62
CA LYS B 72 -4.42 -7.03 -3.67
C LYS B 72 -5.11 -8.40 -3.63
N SER B 73 -4.32 -9.43 -3.37
CA SER B 73 -4.82 -10.80 -3.25
C SER B 73 -5.95 -10.87 -2.23
N LYS B 74 -5.72 -10.24 -1.09
CA LYS B 74 -6.69 -10.24 0.00
C LYS B 74 -7.90 -9.39 -0.35
N LEU B 75 -7.66 -8.32 -1.10
CA LEU B 75 -8.74 -7.47 -1.58
C LEU B 75 -9.66 -8.25 -2.52
N GLU B 76 -9.10 -8.99 -3.46
CA GLU B 76 -9.91 -9.77 -4.40
C GLU B 76 -10.57 -10.94 -3.70
N ALA B 77 -10.02 -11.34 -2.55
CA ALA B 77 -10.62 -12.38 -1.73
C ALA B 77 -11.75 -11.80 -0.89
N ARG B 78 -11.75 -10.47 -0.79
CA ARG B 78 -12.76 -9.70 -0.05
C ARG B 78 -12.64 -9.96 1.45
N GLU B 79 -11.40 -10.07 1.92
CA GLU B 79 -11.16 -10.23 3.35
C GLU B 79 -11.12 -8.87 4.03
N TYR B 80 -11.22 -7.81 3.25
CA TYR B 80 -11.24 -6.47 3.80
C TYR B 80 -12.65 -6.08 4.22
N ARG B 81 -12.74 -5.39 5.34
CA ARG B 81 -14.02 -5.03 5.92
C ARG B 81 -14.45 -3.63 5.49
N ASP B 82 -13.49 -2.80 5.12
CA ASP B 82 -13.80 -1.43 4.71
C ASP B 82 -12.63 -0.77 3.99
N ALA B 83 -12.90 0.39 3.39
CA ALA B 83 -11.89 1.13 2.62
C ALA B 83 -10.82 1.72 3.53
N GLN B 84 -11.17 1.94 4.80
CA GLN B 84 -10.21 2.48 5.77
C GLN B 84 -9.09 1.48 6.00
N GLU B 85 -9.48 0.21 6.05
CA GLU B 85 -8.51 -0.87 6.20
C GLU B 85 -7.52 -0.88 5.05
N PHE B 86 -8.03 -0.86 3.81
CA PHE B 86 -7.19 -0.87 2.62
C PHE B 86 -6.10 0.21 2.69
N GLY B 87 -6.52 1.43 3.00
CA GLY B 87 -5.60 2.53 3.06
C GLY B 87 -4.55 2.35 4.13
N ALA B 88 -4.95 1.69 5.22
CA ALA B 88 -4.05 1.44 6.34
C ALA B 88 -2.89 0.55 5.94
N ASP B 89 -3.18 -0.62 5.35
CA ASP B 89 -2.12 -1.56 4.99
C ASP B 89 -1.23 -1.04 3.87
N VAL B 90 -1.78 -0.31 2.89
CA VAL B 90 -0.93 0.30 1.85
C VAL B 90 0.03 1.30 2.51
N ARG B 91 -0.49 2.01 3.50
CA ARG B 91 0.29 3.02 4.21
C ARG B 91 1.28 2.33 5.14
N LEU B 92 1.06 1.05 5.36
CA LEU B 92 1.90 0.25 6.23
C LEU B 92 3.28 0.08 5.62
N MET B 93 3.37 -0.59 4.48
CA MET B 93 4.68 -0.85 3.88
C MET B 93 5.29 0.43 3.31
N PHE B 94 4.46 1.42 3.00
CA PHE B 94 5.00 2.74 2.66
C PHE B 94 5.67 3.37 3.90
N SER B 95 5.08 3.15 5.06
CA SER B 95 5.62 3.66 6.32
C SER B 95 6.84 2.84 6.76
N ASN B 96 6.83 1.56 6.45
CA ASN B 96 7.95 0.65 6.79
C ASN B 96 9.27 1.18 6.26
N CYS B 97 9.30 1.57 4.98
CA CYS B 97 10.50 2.15 4.42
C CYS B 97 10.76 3.55 4.97
N TYR B 98 9.70 4.27 5.33
CA TYR B 98 9.85 5.63 5.84
C TYR B 98 10.54 5.65 7.20
N LYS B 99 10.19 4.69 8.06
CA LYS B 99 10.71 4.69 9.42
C LYS B 99 12.06 3.99 9.52
N TYR B 100 12.28 2.97 8.70
CA TYR B 100 13.52 2.20 8.78
C TYR B 100 14.60 2.77 7.86
N ASN B 101 14.18 3.38 6.75
CA ASN B 101 15.14 3.88 5.78
C ASN B 101 15.19 5.40 5.84
N PRO B 102 16.40 5.98 5.82
CA PRO B 102 16.59 7.44 5.82
C PRO B 102 15.82 8.13 4.69
N PRO B 103 15.23 9.30 4.97
CA PRO B 103 14.37 10.02 4.01
C PRO B 103 15.10 10.48 2.75
N ASP B 104 16.41 10.35 2.76
CA ASP B 104 17.23 10.68 1.59
C ASP B 104 17.64 9.42 0.82
N HIS B 105 16.90 8.34 1.02
CA HIS B 105 17.23 7.06 0.38
C HIS B 105 16.17 6.68 -0.67
N GLU B 106 16.61 5.90 -1.66
CA GLU B 106 15.83 5.54 -2.84
C GLU B 106 14.36 5.20 -2.56
N VAL B 107 14.11 4.07 -1.88
CA VAL B 107 12.73 3.56 -1.73
C VAL B 107 11.80 4.59 -1.12
N VAL B 108 12.30 5.36 -0.17
CA VAL B 108 11.44 6.31 0.52
C VAL B 108 11.14 7.49 -0.40
N ALA B 109 12.08 7.81 -1.27
CA ALA B 109 11.92 8.87 -2.24
C ALA B 109 10.96 8.45 -3.34
N MET B 110 11.07 7.19 -3.78
CA MET B 110 10.17 6.65 -4.77
C MET B 110 8.78 6.49 -4.17
N ALA B 111 8.74 6.22 -2.88
CA ALA B 111 7.48 6.13 -2.16
C ALA B 111 6.82 7.50 -2.03
N ARG B 112 7.63 8.56 -2.00
CA ARG B 112 7.11 9.93 -1.93
C ARG B 112 6.14 10.20 -3.08
N LYS B 113 6.52 9.80 -4.29
CA LYS B 113 5.68 10.03 -5.46
C LYS B 113 4.55 8.97 -5.57
N LEU B 114 4.77 7.78 -4.99
CA LEU B 114 3.70 6.78 -4.91
C LEU B 114 2.63 7.22 -3.92
N GLN B 115 3.09 7.72 -2.78
CA GLN B 115 2.23 8.29 -1.76
C GLN B 115 1.34 9.37 -2.36
N ASP B 116 1.86 10.07 -3.37
CA ASP B 116 1.12 11.11 -4.05
C ASP B 116 -0.08 10.54 -4.82
N VAL B 117 0.19 9.66 -5.78
CA VAL B 117 -0.88 9.02 -6.55
C VAL B 117 -1.86 8.28 -5.64
N PHE B 118 -1.32 7.52 -4.68
CA PHE B 118 -2.15 6.81 -3.71
C PHE B 118 -3.04 7.79 -2.94
N GLU B 119 -2.44 8.90 -2.53
CA GLU B 119 -3.16 9.94 -1.80
C GLU B 119 -4.38 10.41 -2.58
N MET B 120 -4.13 10.90 -3.80
CA MET B 120 -5.22 11.42 -4.62
C MET B 120 -6.21 10.33 -4.99
N ARG B 121 -5.70 9.11 -5.13
CA ARG B 121 -6.53 7.96 -5.49
C ARG B 121 -7.50 7.62 -4.36
N PHE B 122 -7.04 7.73 -3.11
CA PHE B 122 -7.89 7.44 -1.96
C PHE B 122 -8.67 8.68 -1.54
N ALA B 123 -8.11 9.85 -1.85
CA ALA B 123 -8.77 11.12 -1.59
C ALA B 123 -10.09 11.22 -2.35
N LYS B 124 -10.17 10.52 -3.48
CA LYS B 124 -11.41 10.41 -4.23
C LYS B 124 -12.45 9.65 -3.41
N MET B 125 -12.37 8.31 -3.48
CA MET B 125 -13.24 7.38 -2.73
C MET B 125 -14.62 7.99 -2.41
N PRO B 126 -15.60 7.84 -3.31
CA PRO B 126 -16.93 8.37 -3.08
C PRO B 126 -17.63 7.66 -1.93
N ASP B 127 -18.64 8.32 -1.37
CA ASP B 127 -19.44 7.74 -0.29
C ASP B 127 -20.23 6.55 -0.82
N GLU B 128 -20.80 6.72 -2.00
CA GLU B 128 -21.37 5.62 -2.75
C GLU B 128 -20.66 5.51 -4.10
N ASN A 1 26.33 6.02 15.99
CA ASN A 1 25.24 6.27 15.01
C ASN A 1 24.43 5.01 14.77
N PRO A 2 23.14 5.01 15.14
CA PRO A 2 22.24 3.90 14.88
C PRO A 2 21.87 3.81 13.40
N ASP A 3 22.78 3.26 12.61
CA ASP A 3 22.57 3.17 11.18
C ASP A 3 21.82 1.90 10.81
N GLY A 4 21.50 1.77 9.54
CA GLY A 4 20.73 0.66 9.06
C GLY A 4 19.71 1.10 8.05
N GLY A 5 19.61 0.37 6.95
CA GLY A 5 18.68 0.73 5.91
C GLY A 5 18.74 -0.21 4.74
N SER A 7 20.23 -0.34 1.77
CA SER A 7 21.28 0.06 0.83
C SER A 7 21.48 -1.03 -0.23
N GLY A 8 21.07 -0.73 -1.45
CA GLY A 8 21.20 -1.69 -2.53
C GLY A 8 20.03 -1.63 -3.49
N ALA A 10 19.14 0.31 -7.12
CA ALA A 10 19.40 1.17 -8.26
C ALA A 10 18.12 1.35 -9.07
N PRO A 11 17.62 2.58 -9.16
CA PRO A 11 16.34 2.87 -9.82
C PRO A 11 16.39 2.58 -11.32
N ARG A 12 15.29 2.06 -11.84
CA ARG A 12 15.19 1.75 -13.25
C ARG A 12 14.85 3.01 -14.04
N ARG A 13 15.77 3.96 -14.02
CA ARG A 13 15.59 5.22 -14.72
C ARG A 13 16.64 5.34 -15.82
N ARG A 14 16.30 6.04 -16.89
CA ARG A 14 17.21 6.22 -18.00
C ARG A 14 16.84 7.47 -18.78
N ALA A 15 17.12 8.63 -18.20
CA ALA A 15 16.86 9.90 -18.86
C ALA A 15 17.97 10.25 -19.84
N VAL A 16 17.98 9.58 -20.97
CA VAL A 16 18.96 9.81 -22.00
C VAL A 16 18.44 10.85 -22.99
N LYS B 1 -33.75 -3.78 20.26
CA LYS B 1 -32.47 -3.95 19.53
C LYS B 1 -32.50 -3.15 18.23
N ASP B 2 -32.36 -1.84 18.36
CA ASP B 2 -32.40 -0.95 17.20
C ASP B 2 -31.62 0.32 17.51
N VAL B 3 -30.57 0.58 16.74
CA VAL B 3 -29.70 1.72 17.01
C VAL B 3 -29.93 2.86 16.02
N PRO B 4 -30.46 3.98 16.51
CA PRO B 4 -30.59 5.20 15.72
C PRO B 4 -29.31 6.01 15.76
N ASP B 5 -28.23 5.40 15.30
CA ASP B 5 -26.90 6.00 15.36
C ASP B 5 -26.63 6.83 14.10
N SER B 6 -26.39 6.14 13.00
CA SER B 6 -26.10 6.80 11.72
C SER B 6 -25.95 5.73 10.64
N GLN B 7 -27.00 5.54 9.85
CA GLN B 7 -26.99 4.51 8.81
C GLN B 7 -27.36 5.11 7.46
N GLN B 8 -27.13 4.34 6.41
CA GLN B 8 -27.52 4.74 5.06
C GLN B 8 -28.22 3.57 4.38
N HIS B 9 -29.13 2.95 5.12
CA HIS B 9 -29.88 1.78 4.64
C HIS B 9 -28.93 0.66 4.24
N PRO B 10 -28.27 0.02 5.21
CA PRO B 10 -27.30 -1.04 4.95
C PRO B 10 -27.99 -2.37 4.63
N ALA B 11 -27.51 -3.05 3.61
CA ALA B 11 -28.05 -4.36 3.26
C ALA B 11 -27.46 -5.41 4.19
N PRO B 12 -28.31 -6.28 4.76
CA PRO B 12 -27.87 -7.29 5.75
C PRO B 12 -27.08 -8.43 5.12
N GLU B 13 -26.53 -9.32 5.98
CA GLU B 13 -25.71 -10.45 5.56
C GLU B 13 -24.38 -9.98 4.97
N LYS B 14 -24.45 -9.43 3.77
CA LYS B 14 -23.29 -8.90 3.10
C LYS B 14 -23.66 -7.57 2.48
N SER B 15 -23.18 -6.49 3.08
CA SER B 15 -23.56 -5.16 2.64
C SER B 15 -22.90 -4.82 1.30
N SER B 16 -23.74 -4.62 0.30
CA SER B 16 -23.30 -4.39 -1.08
C SER B 16 -22.51 -3.08 -1.20
N LYS B 17 -22.81 -2.13 -0.32
CA LYS B 17 -22.10 -0.85 -0.29
C LYS B 17 -20.61 -1.07 -0.14
N VAL B 18 -20.25 -1.97 0.76
CA VAL B 18 -18.86 -2.31 1.02
C VAL B 18 -18.16 -2.79 -0.26
N SER B 19 -18.86 -3.61 -1.04
CA SER B 19 -18.32 -4.13 -2.29
C SER B 19 -17.93 -3.00 -3.23
N GLU B 20 -18.67 -1.90 -3.19
CA GLU B 20 -18.44 -0.77 -4.08
C GLU B 20 -17.13 -0.09 -3.71
N GLN B 21 -17.03 0.28 -2.45
CA GLN B 21 -15.84 0.94 -1.93
C GLN B 21 -14.59 0.11 -2.16
N LEU B 22 -14.68 -1.20 -1.90
CA LEU B 22 -13.53 -2.06 -2.11
C LEU B 22 -13.21 -2.19 -3.59
N LYS B 23 -14.23 -2.20 -4.43
CA LYS B 23 -14.01 -2.22 -5.87
C LYS B 23 -13.24 -0.98 -6.30
N CYS B 24 -13.42 0.12 -5.58
CA CYS B 24 -12.67 1.33 -5.85
C CYS B 24 -11.21 1.15 -5.49
N CYS B 25 -10.95 0.45 -4.37
CA CYS B 25 -9.58 0.25 -3.93
C CYS B 25 -8.85 -0.68 -4.90
N SER B 26 -9.62 -1.55 -5.56
CA SER B 26 -9.08 -2.42 -6.60
C SER B 26 -8.56 -1.55 -7.74
N GLY B 27 -9.33 -0.54 -8.08
CA GLY B 27 -8.92 0.43 -9.08
C GLY B 27 -7.59 1.08 -8.75
N ILE B 28 -7.39 1.37 -7.47
CA ILE B 28 -6.17 2.01 -7.01
C ILE B 28 -4.96 1.10 -7.20
N LEU B 29 -5.05 -0.15 -6.74
CA LEU B 29 -3.93 -1.08 -6.87
C LEU B 29 -3.71 -1.44 -8.34
N LYS B 30 -4.79 -1.54 -9.11
CA LYS B 30 -4.69 -1.74 -10.55
C LYS B 30 -3.84 -0.65 -11.16
N GLU B 31 -4.12 0.58 -10.74
CA GLU B 31 -3.41 1.76 -11.21
C GLU B 31 -1.93 1.66 -10.84
N MET B 32 -1.65 1.35 -9.58
CA MET B 32 -0.27 1.35 -9.12
C MET B 32 0.50 0.14 -9.66
N PHE B 33 -0.21 -0.83 -10.20
CA PHE B 33 0.44 -1.97 -10.88
C PHE B 33 0.64 -1.70 -12.37
N ALA B 34 0.00 -0.65 -12.88
CA ALA B 34 0.14 -0.28 -14.28
C ALA B 34 1.61 -0.06 -14.62
N LYS B 35 1.99 -0.49 -15.82
CA LYS B 35 3.38 -0.50 -16.26
C LYS B 35 4.01 0.88 -16.23
N LYS B 36 3.18 1.91 -16.30
CA LYS B 36 3.64 3.28 -16.19
C LYS B 36 4.16 3.60 -14.79
N HIS B 37 3.67 2.87 -13.81
CA HIS B 37 4.08 3.07 -12.43
C HIS B 37 5.11 2.02 -12.04
N ALA B 38 5.36 1.09 -12.94
CA ALA B 38 6.28 -0.01 -12.69
C ALA B 38 7.72 0.43 -12.81
N ALA B 39 7.90 1.66 -13.30
CA ALA B 39 9.22 2.24 -13.48
C ALA B 39 9.94 2.41 -12.14
N TYR B 40 9.17 2.71 -11.11
CA TYR B 40 9.73 3.02 -9.80
C TYR B 40 9.09 2.22 -8.67
N ALA B 41 7.85 1.78 -8.83
CA ALA B 41 7.18 1.06 -7.74
C ALA B 41 7.45 -0.43 -7.80
N TRP B 42 8.39 -0.83 -8.66
CA TRP B 42 8.78 -2.24 -8.79
C TRP B 42 9.19 -2.89 -7.46
N PRO B 43 9.88 -2.18 -6.52
CA PRO B 43 10.18 -2.74 -5.19
C PRO B 43 8.92 -3.05 -4.36
N PHE B 44 7.84 -2.32 -4.58
CA PHE B 44 6.63 -2.49 -3.78
C PHE B 44 5.69 -3.55 -4.35
N TYR B 45 5.81 -3.85 -5.64
CA TYR B 45 4.95 -4.86 -6.28
C TYR B 45 5.04 -6.20 -5.57
N LYS B 46 6.25 -6.59 -5.22
CA LYS B 46 6.50 -7.87 -4.57
C LYS B 46 7.43 -7.66 -3.37
N PRO B 47 7.33 -8.53 -2.35
CA PRO B 47 8.22 -8.50 -1.18
C PRO B 47 9.68 -8.28 -1.54
N VAL B 48 10.31 -7.31 -0.86
CA VAL B 48 11.70 -6.96 -1.10
C VAL B 48 12.62 -8.17 -1.05
N ASP B 49 13.41 -8.34 -2.11
CA ASP B 49 14.46 -9.34 -2.12
C ASP B 49 15.56 -8.90 -1.17
N VAL B 50 15.52 -9.45 0.03
CA VAL B 50 16.40 -9.02 1.12
C VAL B 50 17.87 -9.24 0.76
N GLU B 51 18.13 -10.29 0.00
CA GLU B 51 19.49 -10.67 -0.35
C GLU B 51 20.07 -9.71 -1.38
N ALA B 52 19.21 -9.02 -2.11
CA ALA B 52 19.64 -8.10 -3.16
C ALA B 52 20.37 -6.90 -2.58
N LEU B 53 20.02 -6.51 -1.36
CA LEU B 53 20.64 -5.36 -0.73
C LEU B 53 21.61 -5.83 0.36
N GLY B 54 21.35 -7.03 0.87
CA GLY B 54 22.19 -7.58 1.92
C GLY B 54 21.76 -7.12 3.29
N LEU B 55 20.45 -6.99 3.49
CA LEU B 55 19.92 -6.53 4.77
C LEU B 55 20.15 -7.61 5.82
N HIS B 56 20.64 -7.20 6.98
CA HIS B 56 20.96 -8.14 8.04
C HIS B 56 19.84 -8.19 9.08
N ASP B 57 18.92 -7.24 9.00
CA ASP B 57 17.86 -7.12 10.00
C ASP B 57 16.56 -6.59 9.38
N TYR B 58 15.80 -7.52 8.78
CA TYR B 58 14.52 -7.20 8.15
C TYR B 58 13.41 -7.22 9.20
N CYS B 59 13.19 -8.37 9.82
CA CYS B 59 12.11 -8.53 10.79
C CYS B 59 12.42 -7.79 12.10
N ASP B 60 13.69 -7.46 12.27
CA ASP B 60 14.15 -6.73 13.46
C ASP B 60 13.45 -5.38 13.56
N ILE B 61 13.31 -4.74 12.40
CA ILE B 61 12.65 -3.45 12.31
C ILE B 61 11.23 -3.64 11.77
N ILE B 62 11.15 -4.37 10.68
CA ILE B 62 9.90 -4.58 9.97
C ILE B 62 9.09 -5.68 10.66
N LYS B 63 8.13 -5.28 11.49
CA LYS B 63 7.32 -6.25 12.22
C LYS B 63 6.10 -6.65 11.39
N HIS B 64 5.57 -5.69 10.65
CA HIS B 64 4.42 -5.93 9.78
C HIS B 64 4.81 -5.73 8.31
N PRO B 65 5.55 -6.67 7.69
CA PRO B 65 5.90 -6.54 6.28
C PRO B 65 4.69 -6.69 5.37
N MET B 66 4.42 -5.65 4.60
CA MET B 66 3.29 -5.67 3.68
C MET B 66 3.81 -5.38 2.28
N ASP B 67 3.08 -5.81 1.27
CA ASP B 67 3.48 -5.60 -0.11
C ASP B 67 2.25 -5.47 -1.00
N MET B 68 2.43 -4.93 -2.19
CA MET B 68 1.33 -4.59 -3.07
C MET B 68 0.69 -5.83 -3.72
N SER B 69 1.45 -6.90 -3.89
CA SER B 69 0.90 -8.12 -4.45
C SER B 69 -0.03 -8.81 -3.43
N THR B 70 0.47 -9.01 -2.21
CA THR B 70 -0.32 -9.64 -1.15
C THR B 70 -1.56 -8.81 -0.81
N ILE B 71 -1.40 -7.49 -0.67
CA ILE B 71 -2.52 -6.63 -0.31
C ILE B 71 -3.68 -6.76 -1.31
N LYS B 72 -3.35 -6.86 -2.61
CA LYS B 72 -4.37 -7.04 -3.63
C LYS B 72 -5.04 -8.41 -3.52
N SER B 73 -4.25 -9.44 -3.18
CA SER B 73 -4.75 -10.78 -2.97
C SER B 73 -5.89 -10.78 -1.94
N LYS B 74 -5.63 -10.16 -0.80
CA LYS B 74 -6.60 -10.07 0.30
C LYS B 74 -7.84 -9.30 -0.16
N LEU B 75 -7.61 -8.30 -0.99
CA LEU B 75 -8.67 -7.51 -1.57
C LEU B 75 -9.55 -8.37 -2.49
N GLU B 76 -8.93 -9.22 -3.28
CA GLU B 76 -9.68 -10.14 -4.15
C GLU B 76 -10.48 -11.13 -3.32
N ALA B 77 -9.94 -11.50 -2.16
CA ALA B 77 -10.63 -12.42 -1.27
C ALA B 77 -11.63 -11.69 -0.40
N ARG B 78 -11.60 -10.37 -0.52
CA ARG B 78 -12.58 -9.47 0.09
C ARG B 78 -12.55 -9.57 1.59
N GLU B 79 -11.36 -9.86 2.12
CA GLU B 79 -11.16 -9.94 3.55
C GLU B 79 -11.12 -8.54 4.14
N TYR B 80 -11.27 -7.55 3.25
CA TYR B 80 -11.37 -6.17 3.67
C TYR B 80 -12.80 -5.83 4.02
N ARG B 81 -13.00 -5.24 5.18
CA ARG B 81 -14.32 -4.89 5.68
C ARG B 81 -14.73 -3.52 5.19
N ASP B 82 -13.75 -2.70 4.82
CA ASP B 82 -14.05 -1.36 4.33
C ASP B 82 -12.82 -0.66 3.73
N ALA B 83 -13.03 0.55 3.24
CA ALA B 83 -11.98 1.31 2.57
C ALA B 83 -10.90 1.80 3.54
N GLN B 84 -11.30 2.10 4.78
CA GLN B 84 -10.34 2.58 5.78
C GLN B 84 -9.28 1.51 6.03
N GLU B 85 -9.71 0.26 6.03
CA GLU B 85 -8.82 -0.85 6.20
C GLU B 85 -7.76 -0.89 5.09
N PHE B 86 -8.22 -0.83 3.83
CA PHE B 86 -7.31 -0.86 2.68
C PHE B 86 -6.23 0.21 2.79
N GLY B 87 -6.66 1.43 3.07
CA GLY B 87 -5.73 2.55 3.17
C GLY B 87 -4.70 2.36 4.27
N ALA B 88 -5.07 1.60 5.29
CA ALA B 88 -4.20 1.36 6.43
C ALA B 88 -3.01 0.47 6.06
N ASP B 89 -3.25 -0.67 5.41
CA ASP B 89 -2.17 -1.58 5.04
C ASP B 89 -1.28 -1.02 3.92
N VAL B 90 -1.83 -0.18 3.05
CA VAL B 90 -0.99 0.45 2.02
C VAL B 90 0.03 1.37 2.68
N ARG B 91 -0.40 2.05 3.75
CA ARG B 91 0.47 2.96 4.48
C ARG B 91 1.49 2.18 5.29
N LEU B 92 1.15 0.93 5.57
CA LEU B 92 2.03 0.04 6.34
C LEU B 92 3.35 -0.16 5.61
N MET B 93 3.28 -0.67 4.39
CA MET B 93 4.49 -0.93 3.60
C MET B 93 5.20 0.36 3.23
N PHE B 94 4.45 1.44 2.99
CA PHE B 94 5.07 2.72 2.69
C PHE B 94 5.77 3.28 3.94
N SER B 95 5.26 2.92 5.12
CA SER B 95 5.87 3.35 6.37
C SER B 95 7.09 2.48 6.72
N ASN B 96 7.06 1.23 6.25
CA ASN B 96 8.16 0.29 6.50
C ASN B 96 9.49 0.84 6.00
N CYS B 97 9.52 1.29 4.75
CA CYS B 97 10.72 1.89 4.20
C CYS B 97 11.01 3.23 4.87
N TYR B 98 9.96 3.94 5.29
CA TYR B 98 10.14 5.24 5.94
C TYR B 98 10.87 5.14 7.27
N LYS B 99 10.54 4.13 8.07
CA LYS B 99 11.11 4.04 9.41
C LYS B 99 12.46 3.31 9.42
N TYR B 100 12.75 2.56 8.37
CA TYR B 100 14.02 1.84 8.32
C TYR B 100 15.01 2.52 7.38
N ASN B 101 14.56 3.50 6.63
CA ASN B 101 15.42 4.18 5.67
C ASN B 101 15.38 5.69 5.89
N PRO B 102 16.50 6.37 5.61
CA PRO B 102 16.54 7.84 5.62
C PRO B 102 15.65 8.41 4.52
N PRO B 103 15.00 9.57 4.78
CA PRO B 103 13.95 10.12 3.90
C PRO B 103 14.44 10.57 2.53
N ASP B 104 15.74 10.54 2.30
CA ASP B 104 16.28 10.87 1.00
C ASP B 104 16.78 9.62 0.28
N HIS B 105 16.48 8.46 0.85
CA HIS B 105 16.92 7.20 0.28
C HIS B 105 15.97 6.73 -0.81
N GLU B 106 16.52 5.96 -1.74
CA GLU B 106 15.85 5.50 -2.96
C GLU B 106 14.37 5.13 -2.75
N VAL B 107 14.12 4.02 -2.06
CA VAL B 107 12.76 3.47 -1.95
C VAL B 107 11.79 4.48 -1.36
N VAL B 108 12.24 5.22 -0.35
CA VAL B 108 11.34 6.13 0.34
C VAL B 108 11.02 7.32 -0.55
N ALA B 109 11.98 7.67 -1.40
CA ALA B 109 11.81 8.74 -2.37
C ALA B 109 10.81 8.32 -3.45
N MET B 110 10.87 7.05 -3.81
CA MET B 110 9.91 6.51 -4.77
C MET B 110 8.53 6.45 -4.12
N ALA B 111 8.51 6.12 -2.83
CA ALA B 111 7.27 6.08 -2.07
C ALA B 111 6.70 7.49 -1.87
N ARG B 112 7.57 8.50 -1.96
CA ARG B 112 7.14 9.89 -1.86
C ARG B 112 6.10 10.20 -2.94
N LYS B 113 6.43 9.88 -4.19
CA LYS B 113 5.53 10.13 -5.30
C LYS B 113 4.39 9.08 -5.32
N LEU B 114 4.67 7.85 -4.87
CA LEU B 114 3.62 6.82 -4.77
C LEU B 114 2.53 7.24 -3.80
N GLN B 115 2.95 7.76 -2.65
CA GLN B 115 2.00 8.24 -1.64
C GLN B 115 1.16 9.39 -2.21
N ASP B 116 1.75 10.14 -3.13
CA ASP B 116 1.06 11.26 -3.78
C ASP B 116 -0.12 10.76 -4.62
N VAL B 117 0.17 9.96 -5.63
CA VAL B 117 -0.88 9.40 -6.49
C VAL B 117 -1.90 8.58 -5.67
N PHE B 118 -1.40 7.80 -4.72
CA PHE B 118 -2.27 7.04 -3.81
C PHE B 118 -3.22 7.95 -3.04
N GLU B 119 -2.72 9.09 -2.58
CA GLU B 119 -3.52 10.04 -1.82
C GLU B 119 -4.68 10.53 -2.68
N MET B 120 -4.38 10.97 -3.90
CA MET B 120 -5.40 11.43 -4.84
C MET B 120 -6.35 10.31 -5.22
N ARG B 121 -5.79 9.11 -5.35
CA ARG B 121 -6.58 7.93 -5.70
C ARG B 121 -7.59 7.59 -4.60
N PHE B 122 -7.20 7.76 -3.34
CA PHE B 122 -8.10 7.52 -2.23
C PHE B 122 -8.98 8.75 -1.99
N ALA B 123 -8.50 9.90 -2.43
CA ALA B 123 -9.23 11.16 -2.31
C ALA B 123 -10.55 11.09 -3.08
N LYS B 124 -10.59 10.25 -4.12
CA LYS B 124 -11.83 10.00 -4.83
C LYS B 124 -12.86 9.37 -3.91
N MET B 125 -12.80 8.03 -3.80
CA MET B 125 -13.67 7.22 -2.92
C MET B 125 -15.05 7.84 -2.72
N PRO B 126 -15.96 7.63 -3.67
CA PRO B 126 -17.34 8.14 -3.58
C PRO B 126 -18.12 7.48 -2.45
N ASP B 127 -19.13 8.19 -1.96
CA ASP B 127 -20.04 7.64 -0.95
C ASP B 127 -21.29 7.08 -1.62
N GLU B 128 -21.54 7.52 -2.84
CA GLU B 128 -22.68 7.03 -3.60
C GLU B 128 -22.24 6.01 -4.63
#